data_2RVQ
#
_entry.id   2RVQ
#
_cell.length_a   1.000
_cell.length_b   1.000
_cell.length_c   1.000
_cell.angle_alpha   90.00
_cell.angle_beta   90.00
_cell.angle_gamma   90.00
#
_symmetry.space_group_name_H-M   'P 1'
#
loop_
_entity.id
_entity.type
_entity.pdbx_description
1 polymer 'Histone H2A type 1-B/E'
2 polymer 'Histone H2B type 1-J'
#
loop_
_entity_poly.entity_id
_entity_poly.type
_entity_poly.pdbx_seq_one_letter_code
_entity_poly.pdbx_strand_id
1 'polypeptide(L)'
;GPGMSGRGKQGGKARAKAKTRSSRAGLQFPVGRVHRLLRKGNYSERVGAGAPVYLAAVLEYLTAEILELAGNAARDNKKT
RIIPRHLQLAIRNDEELNKLLGRVTIAQGGVLPNIQAVLLPKKTESHHKAKGK
;
C
2 'polypeptide(L)'
;GPGMPEPAKSAPAPKKGSKKAVTKAQKKDGKKRKRSRKESYSIYVYKVLKQVHPDTGISSKAMGIMNSFVNDIFERIAGE
ASRLAHYNKRSTITSREIQTAVRLLLPGELAKHAVSEGTKAVTKYTSAK
;
D
#
# COMPACT_ATOMS: atom_id res chain seq x y z
N GLY A 1 70.92 13.86 1.84
CA GLY A 1 71.68 13.48 0.63
C GLY A 1 70.88 12.54 -0.28
N PRO A 2 71.49 11.46 -0.82
CA PRO A 2 70.83 10.53 -1.75
C PRO A 2 69.67 9.74 -1.11
N GLY A 3 68.55 9.64 -1.84
CA GLY A 3 67.40 8.79 -1.50
C GLY A 3 67.65 7.29 -1.74
N MET A 4 66.89 6.43 -1.04
CA MET A 4 66.91 4.97 -1.26
C MET A 4 66.29 4.58 -2.62
N SER A 5 66.92 3.63 -3.32
CA SER A 5 66.47 3.14 -4.63
C SER A 5 65.33 2.12 -4.54
N GLY A 6 64.39 2.18 -5.51
CA GLY A 6 63.35 1.16 -5.71
C GLY A 6 63.91 -0.19 -6.18
N ARG A 7 63.22 -1.30 -5.85
CA ARG A 7 63.57 -2.66 -6.31
C ARG A 7 63.59 -2.75 -7.85
N GLY A 8 64.60 -3.42 -8.40
CA GLY A 8 64.77 -3.60 -9.86
C GLY A 8 63.71 -4.48 -10.52
N LYS A 9 63.13 -5.43 -9.77
CA LYS A 9 62.07 -6.35 -10.24
C LYS A 9 60.82 -5.60 -10.71
N GLN A 10 60.27 -6.05 -11.84
CA GLN A 10 59.07 -5.48 -12.47
C GLN A 10 57.77 -6.17 -12.01
N GLY A 11 56.61 -5.59 -12.34
CA GLY A 11 55.30 -6.02 -11.85
C GLY A 11 55.14 -5.88 -10.32
N GLY A 12 54.28 -6.71 -9.73
CA GLY A 12 53.94 -6.69 -8.30
C GLY A 12 53.15 -5.44 -7.81
N LYS A 13 52.75 -4.56 -8.72
CA LYS A 13 51.92 -3.36 -8.44
C LYS A 13 50.45 -3.73 -8.24
N ALA A 14 49.73 -2.95 -7.42
CA ALA A 14 48.28 -3.03 -7.32
C ALA A 14 47.59 -2.55 -8.62
N ARG A 15 46.62 -3.31 -9.14
CA ARG A 15 45.84 -2.93 -10.34
C ARG A 15 44.92 -1.75 -10.05
N ALA A 16 44.82 -0.81 -10.98
CA ALA A 16 43.95 0.36 -10.87
C ALA A 16 42.45 -0.04 -10.88
N LYS A 17 41.66 0.53 -9.97
CA LYS A 17 40.20 0.33 -9.92
C LYS A 17 39.49 0.99 -11.11
N ALA A 18 38.41 0.39 -11.59
CA ALA A 18 37.58 0.95 -12.65
C ALA A 18 36.94 2.29 -12.23
N LYS A 19 36.92 3.28 -13.14
CA LYS A 19 36.34 4.61 -12.87
C LYS A 19 34.83 4.54 -12.61
N THR A 20 34.37 5.26 -11.58
CA THR A 20 32.93 5.40 -11.25
C THR A 20 32.20 6.31 -12.25
N ARG A 21 30.87 6.15 -12.34
CA ARG A 21 30.02 6.96 -13.23
C ARG A 21 30.05 8.47 -12.91
N SER A 22 29.93 9.30 -13.94
CA SER A 22 29.82 10.77 -13.83
C SER A 22 28.44 11.23 -13.33
N SER A 23 27.37 10.55 -13.77
CA SER A 23 25.99 10.80 -13.32
C SER A 23 25.83 10.66 -11.80
N ARG A 24 25.23 11.67 -11.15
CA ARG A 24 25.03 11.72 -9.69
C ARG A 24 23.95 10.73 -9.23
N ALA A 25 24.13 10.14 -8.04
CA ALA A 25 23.20 9.19 -7.45
C ALA A 25 21.87 9.85 -7.04
N GLY A 26 20.76 9.42 -7.65
CA GLY A 26 19.39 9.81 -7.29
C GLY A 26 18.91 9.21 -5.96
N LEU A 27 17.82 9.76 -5.41
CA LEU A 27 17.12 9.21 -4.25
C LEU A 27 16.22 8.01 -4.64
N GLN A 28 15.98 7.08 -3.72
CA GLN A 28 15.00 6.00 -3.90
C GLN A 28 13.58 6.52 -3.62
N PHE A 29 12.72 6.48 -4.65
CA PHE A 29 11.28 6.75 -4.54
C PHE A 29 10.50 5.42 -4.56
N PRO A 30 9.34 5.33 -3.86
CA PRO A 30 8.69 4.03 -3.61
C PRO A 30 7.80 3.55 -4.76
N VAL A 31 7.23 4.43 -5.59
CA VAL A 31 6.21 4.05 -6.59
C VAL A 31 6.74 3.07 -7.65
N GLY A 32 8.02 3.17 -8.01
CA GLY A 32 8.73 2.19 -8.85
C GLY A 32 8.82 0.79 -8.24
N ARG A 33 8.84 0.68 -6.90
CA ARG A 33 8.72 -0.60 -6.16
C ARG A 33 7.26 -1.04 -6.06
N VAL A 34 6.30 -0.13 -5.87
CA VAL A 34 4.85 -0.45 -5.91
C VAL A 34 4.46 -1.10 -7.23
N HIS A 35 4.99 -0.64 -8.37
CA HIS A 35 4.87 -1.33 -9.68
C HIS A 35 5.25 -2.82 -9.59
N ARG A 36 6.40 -3.13 -8.98
CA ARG A 36 6.87 -4.52 -8.74
C ARG A 36 5.98 -5.28 -7.75
N LEU A 37 5.49 -4.64 -6.68
CA LEU A 37 4.52 -5.26 -5.75
C LEU A 37 3.22 -5.70 -6.46
N LEU A 38 2.69 -4.88 -7.37
CA LEU A 38 1.56 -5.25 -8.23
C LEU A 38 1.89 -6.47 -9.12
N ARG A 39 3.09 -6.49 -9.74
CA ARG A 39 3.59 -7.63 -10.53
C ARG A 39 3.74 -8.92 -9.69
N LYS A 40 4.32 -8.84 -8.49
CA LYS A 40 4.41 -9.95 -7.51
C LYS A 40 3.03 -10.48 -7.09
N GLY A 41 2.07 -9.58 -6.87
CA GLY A 41 0.65 -9.89 -6.66
C GLY A 41 -0.03 -10.62 -7.84
N ASN A 42 0.56 -10.51 -9.05
CA ASN A 42 0.14 -11.17 -10.29
C ASN A 42 -1.33 -10.91 -10.66
N TYR A 43 -1.81 -9.68 -10.44
CA TYR A 43 -3.20 -9.28 -10.67
C TYR A 43 -3.62 -9.39 -12.16
N SER A 44 -2.70 -9.08 -13.08
CA SER A 44 -2.86 -9.31 -14.53
C SER A 44 -1.50 -9.53 -15.25
N GLU A 45 -1.53 -9.77 -16.56
CA GLU A 45 -0.34 -10.11 -17.37
C GLU A 45 0.75 -9.02 -17.39
N ARG A 46 0.35 -7.73 -17.45
CA ARG A 46 1.24 -6.56 -17.36
C ARG A 46 0.60 -5.45 -16.52
N VAL A 47 1.43 -4.69 -15.80
CA VAL A 47 1.02 -3.54 -14.96
C VAL A 47 1.36 -2.24 -15.70
N GLY A 48 0.35 -1.42 -16.00
CA GLY A 48 0.51 -0.10 -16.60
C GLY A 48 1.29 0.88 -15.69
N ALA A 49 2.14 1.74 -16.26
CA ALA A 49 2.96 2.69 -15.51
C ALA A 49 2.15 3.61 -14.57
N GLY A 50 0.97 4.06 -15.01
CA GLY A 50 0.03 4.85 -14.21
C GLY A 50 -0.65 4.10 -13.06
N ALA A 51 -0.78 2.77 -13.14
CA ALA A 51 -1.51 1.97 -12.15
C ALA A 51 -1.02 2.14 -10.69
N PRO A 52 0.26 1.92 -10.34
CA PRO A 52 0.77 2.18 -9.00
C PRO A 52 0.61 3.64 -8.56
N VAL A 53 0.74 4.61 -9.47
CA VAL A 53 0.54 6.04 -9.17
C VAL A 53 -0.91 6.32 -8.76
N TYR A 54 -1.88 5.86 -9.54
CA TYR A 54 -3.31 6.07 -9.28
C TYR A 54 -3.73 5.30 -8.02
N LEU A 55 -3.25 4.07 -7.84
CA LEU A 55 -3.46 3.28 -6.63
C LEU A 55 -2.82 3.91 -5.39
N ALA A 56 -1.67 4.57 -5.48
CA ALA A 56 -1.09 5.34 -4.36
C ALA A 56 -2.05 6.47 -3.90
N ALA A 57 -2.64 7.21 -4.84
CA ALA A 57 -3.68 8.20 -4.53
C ALA A 57 -4.90 7.56 -3.82
N VAL A 58 -5.44 6.46 -4.37
CA VAL A 58 -6.51 5.66 -3.74
C VAL A 58 -6.14 5.26 -2.30
N LEU A 59 -4.97 4.64 -2.11
CA LEU A 59 -4.44 4.19 -0.82
C LEU A 59 -4.42 5.32 0.22
N GLU A 60 -3.89 6.50 -0.10
CA GLU A 60 -3.89 7.67 0.80
C GLU A 60 -5.28 7.91 1.41
N TYR A 61 -6.32 7.99 0.59
CA TYR A 61 -7.70 8.19 1.03
C TYR A 61 -8.30 6.99 1.80
N LEU A 62 -7.91 5.75 1.46
CA LEU A 62 -8.46 4.53 2.09
C LEU A 62 -8.27 4.44 3.61
N THR A 63 -7.30 5.13 4.23
CA THR A 63 -7.27 5.28 5.71
C THR A 63 -7.35 6.73 6.20
N ALA A 64 -7.54 7.72 5.34
CA ALA A 64 -7.66 9.13 5.75
C ALA A 64 -8.76 9.35 6.81
N GLU A 65 -9.95 8.78 6.61
CA GLU A 65 -11.05 8.85 7.60
C GLU A 65 -10.77 8.03 8.87
N ILE A 66 -10.07 6.89 8.74
CA ILE A 66 -9.59 6.06 9.87
C ILE A 66 -8.65 6.89 10.75
N LEU A 67 -7.60 7.48 10.16
CA LEU A 67 -6.64 8.38 10.82
C LEU A 67 -7.33 9.60 11.45
N GLU A 68 -8.24 10.26 10.73
CA GLU A 68 -9.03 11.38 11.25
C GLU A 68 -9.79 10.99 12.53
N LEU A 69 -10.61 9.94 12.50
CA LEU A 69 -11.43 9.54 13.65
C LEU A 69 -10.60 8.91 14.79
N ALA A 70 -9.58 8.11 14.47
CA ALA A 70 -8.65 7.57 15.47
C ALA A 70 -7.86 8.68 16.19
N GLY A 71 -7.41 9.71 15.46
CA GLY A 71 -6.81 10.92 16.05
C GLY A 71 -7.79 11.74 16.89
N ASN A 72 -9.06 11.86 16.49
CA ASN A 72 -10.12 12.42 17.33
C ASN A 72 -10.26 11.62 18.65
N ALA A 73 -10.36 10.29 18.57
CA ALA A 73 -10.40 9.42 19.76
C ALA A 73 -9.16 9.59 20.66
N ALA A 74 -7.96 9.69 20.08
CA ALA A 74 -6.72 10.00 20.82
C ALA A 74 -6.80 11.35 21.55
N ARG A 75 -7.20 12.43 20.87
CA ARG A 75 -7.43 13.77 21.48
C ARG A 75 -8.46 13.71 22.61
N ASP A 76 -9.64 13.11 22.38
CA ASP A 76 -10.69 12.91 23.38
C ASP A 76 -10.21 12.17 24.64
N ASN A 77 -9.39 11.12 24.46
CA ASN A 77 -8.80 10.33 25.55
C ASN A 77 -7.45 10.90 26.05
N LYS A 78 -7.09 12.12 25.63
CA LYS A 78 -5.87 12.88 26.02
C LYS A 78 -4.54 12.11 25.81
N LYS A 79 -4.48 11.26 24.78
CA LYS A 79 -3.28 10.45 24.42
C LYS A 79 -2.35 11.20 23.45
N THR A 80 -1.05 10.94 23.59
CA THR A 80 0.01 11.51 22.72
C THR A 80 0.13 10.80 21.37
N ARG A 81 -0.20 9.50 21.31
CA ARG A 81 -0.18 8.68 20.08
C ARG A 81 -1.47 7.87 19.90
N ILE A 82 -1.82 7.59 18.64
CA ILE A 82 -2.85 6.61 18.27
C ILE A 82 -2.40 5.19 18.64
N ILE A 83 -3.26 4.44 19.35
CA ILE A 83 -3.06 3.04 19.77
C ILE A 83 -4.21 2.14 19.25
N PRO A 84 -4.08 0.79 19.31
CA PRO A 84 -5.11 -0.13 18.79
C PRO A 84 -6.52 0.08 19.37
N ARG A 85 -6.65 0.48 20.63
CA ARG A 85 -7.94 0.81 21.28
C ARG A 85 -8.70 1.93 20.57
N HIS A 86 -8.01 2.96 20.05
CA HIS A 86 -8.62 4.01 19.23
C HIS A 86 -9.20 3.46 17.92
N LEU A 87 -8.53 2.49 17.29
CA LEU A 87 -9.02 1.80 16.09
C LEU A 87 -10.23 0.92 16.41
N GLN A 88 -10.19 0.12 17.48
CA GLN A 88 -11.34 -0.67 17.97
C GLN A 88 -12.60 0.20 18.13
N LEU A 89 -12.48 1.38 18.74
CA LEU A 89 -13.55 2.39 18.83
C LEU A 89 -13.93 2.93 17.44
N ALA A 90 -12.99 3.59 16.74
CA ALA A 90 -13.23 4.31 15.48
C ALA A 90 -13.90 3.44 14.40
N ILE A 91 -13.35 2.24 14.14
CA ILE A 91 -13.91 1.27 13.18
C ILE A 91 -15.37 0.93 13.53
N ARG A 92 -15.60 0.35 14.73
CA ARG A 92 -16.92 -0.17 15.12
C ARG A 92 -18.00 0.93 15.20
N ASN A 93 -17.63 2.15 15.58
CA ASN A 93 -18.56 3.26 15.81
C ASN A 93 -18.89 4.08 14.54
N ASP A 94 -18.23 3.87 13.40
CA ASP A 94 -18.51 4.59 12.14
C ASP A 94 -18.69 3.64 10.94
N GLU A 95 -19.89 3.65 10.34
CA GLU A 95 -20.26 2.75 9.23
C GLU A 95 -19.45 2.98 7.94
N GLU A 96 -18.93 4.18 7.70
CA GLU A 96 -18.05 4.44 6.54
C GLU A 96 -16.68 3.78 6.72
N LEU A 97 -16.20 3.67 7.96
CA LEU A 97 -15.01 2.89 8.30
C LEU A 97 -15.28 1.38 8.22
N ASN A 98 -16.47 0.90 8.62
CA ASN A 98 -16.91 -0.47 8.34
C ASN A 98 -16.94 -0.80 6.83
N LYS A 99 -17.17 0.18 5.94
CA LYS A 99 -17.07 0.01 4.47
C LYS A 99 -15.61 0.02 3.99
N LEU A 100 -14.79 0.97 4.47
CA LEU A 100 -13.35 1.04 4.16
C LEU A 100 -12.59 -0.24 4.56
N LEU A 101 -12.83 -0.81 5.74
CA LEU A 101 -12.21 -2.05 6.20
C LEU A 101 -12.95 -3.29 5.68
N GLY A 102 -12.22 -4.16 4.95
CA GLY A 102 -12.69 -5.51 4.61
C GLY A 102 -13.99 -5.54 3.78
N ARG A 103 -14.98 -6.32 4.23
CA ARG A 103 -16.27 -6.49 3.54
C ARG A 103 -17.05 -5.17 3.44
N VAL A 104 -17.41 -4.79 2.20
CA VAL A 104 -18.28 -3.63 1.91
C VAL A 104 -19.71 -3.91 2.39
N THR A 105 -20.26 -3.05 3.25
CA THR A 105 -21.66 -3.15 3.70
C THR A 105 -22.63 -2.45 2.74
N ILE A 106 -23.88 -2.91 2.67
CA ILE A 106 -24.91 -2.35 1.76
C ILE A 106 -25.27 -0.93 2.21
N ALA A 107 -25.15 0.05 1.30
CA ALA A 107 -25.37 1.47 1.60
C ALA A 107 -26.86 1.81 1.85
N GLN A 108 -27.76 1.24 1.04
CA GLN A 108 -29.22 1.40 1.18
C GLN A 108 -29.80 0.52 2.30
N GLY A 109 -30.98 0.90 2.81
CA GLY A 109 -31.59 0.30 4.02
C GLY A 109 -30.93 0.70 5.34
N GLY A 110 -30.01 1.67 5.32
CA GLY A 110 -29.40 2.27 6.51
C GLY A 110 -30.42 2.97 7.42
N VAL A 111 -30.25 2.86 8.74
CA VAL A 111 -31.16 3.43 9.75
C VAL A 111 -31.10 4.97 9.75
N LEU A 112 -32.25 5.62 9.56
CA LEU A 112 -32.40 7.09 9.63
C LEU A 112 -32.61 7.55 11.09
N PRO A 113 -32.07 8.73 11.49
CA PRO A 113 -32.15 9.21 12.88
C PRO A 113 -33.58 9.62 13.29
N ASN A 114 -34.37 10.17 12.36
CA ASN A 114 -35.77 10.54 12.60
C ASN A 114 -36.65 9.28 12.72
N ILE A 115 -37.52 9.23 13.73
CA ILE A 115 -38.45 8.11 13.96
C ILE A 115 -39.40 7.96 12.75
N GLN A 116 -39.33 6.83 12.06
CA GLN A 116 -40.21 6.50 10.93
C GLN A 116 -41.58 5.99 11.41
N ALA A 117 -42.64 6.27 10.64
CA ALA A 117 -43.97 5.71 10.90
C ALA A 117 -43.96 4.17 10.80
N VAL A 118 -44.54 3.48 11.79
CA VAL A 118 -44.69 2.01 11.77
C VAL A 118 -45.68 1.62 10.67
N LEU A 119 -45.24 0.82 9.70
CA LEU A 119 -46.11 0.25 8.67
C LEU A 119 -46.94 -0.89 9.27
N LEU A 120 -48.17 -0.57 9.68
CA LEU A 120 -49.11 -1.56 10.24
C LEU A 120 -49.48 -2.62 9.17
N PRO A 121 -49.61 -3.91 9.54
CA PRO A 121 -50.15 -4.93 8.64
C PRO A 121 -51.57 -4.57 8.20
N LYS A 122 -51.98 -4.99 6.99
CA LYS A 122 -53.35 -4.80 6.48
C LYS A 122 -54.34 -5.54 7.39
N LYS A 123 -55.13 -4.79 8.16
CA LYS A 123 -56.18 -5.33 9.05
C LYS A 123 -57.29 -5.99 8.24
N THR A 124 -57.66 -7.21 8.62
CA THR A 124 -58.89 -7.87 8.13
C THR A 124 -60.14 -7.08 8.57
N GLU A 125 -61.25 -7.21 7.85
CA GLU A 125 -62.52 -6.61 8.27
C GLU A 125 -62.95 -7.16 9.64
N SER A 126 -63.11 -6.26 10.63
CA SER A 126 -63.55 -6.62 11.98
C SER A 126 -64.91 -7.33 11.96
N HIS A 127 -65.05 -8.41 12.75
CA HIS A 127 -66.27 -9.22 12.76
C HIS A 127 -67.44 -8.45 13.40
N HIS A 128 -68.32 -7.91 12.55
CA HIS A 128 -69.57 -7.24 12.96
C HIS A 128 -70.52 -8.20 13.68
N LYS A 129 -71.37 -7.68 14.57
CA LYS A 129 -72.37 -8.47 15.32
C LYS A 129 -73.23 -9.30 14.36
N ALA A 130 -73.15 -10.63 14.48
CA ALA A 130 -73.89 -11.58 13.63
C ALA A 130 -75.41 -11.50 13.88
N LYS A 131 -76.21 -11.59 12.81
CA LYS A 131 -77.68 -11.53 12.88
C LYS A 131 -78.25 -12.78 13.55
N GLY A 132 -78.83 -12.61 14.75
CA GLY A 132 -79.51 -13.66 15.52
C GLY A 132 -80.87 -14.08 14.95
N LYS A 133 -81.50 -15.06 15.60
CA LYS A 133 -82.86 -15.56 15.31
C LYS A 133 -83.94 -14.77 16.08
N GLY B 1 18.34 49.45 -48.01
CA GLY B 1 19.16 50.62 -47.60
C GLY B 1 18.86 51.06 -46.16
N PRO B 2 19.79 51.80 -45.51
CA PRO B 2 19.71 52.19 -44.10
C PRO B 2 18.49 53.06 -43.73
N GLY B 3 17.91 53.78 -44.69
CA GLY B 3 16.68 54.57 -44.51
C GLY B 3 15.42 53.76 -44.17
N MET B 4 15.41 52.46 -44.45
CA MET B 4 14.29 51.54 -44.14
C MET B 4 14.30 51.11 -42.66
N PRO B 5 13.14 50.98 -41.99
CA PRO B 5 13.04 50.45 -40.63
C PRO B 5 13.51 48.98 -40.56
N GLU B 6 14.16 48.60 -39.46
CA GLU B 6 14.47 47.19 -39.16
C GLU B 6 13.19 46.43 -38.77
N PRO B 7 12.83 45.32 -39.44
CA PRO B 7 11.65 44.51 -39.09
C PRO B 7 11.77 43.89 -37.69
N ALA B 8 10.64 43.74 -36.98
CA ALA B 8 10.59 43.15 -35.65
C ALA B 8 11.00 41.66 -35.68
N LYS B 9 12.12 41.32 -35.02
CA LYS B 9 12.65 39.96 -34.90
C LYS B 9 12.03 39.22 -33.71
N SER B 10 11.81 37.91 -33.87
CA SER B 10 11.41 37.01 -32.77
C SER B 10 12.53 36.84 -31.73
N ALA B 11 12.17 36.47 -30.49
CA ALA B 11 13.14 36.11 -29.45
C ALA B 11 14.03 34.94 -29.91
N PRO B 12 15.38 35.02 -29.78
CA PRO B 12 16.29 33.97 -30.26
C PRO B 12 15.97 32.57 -29.71
N ALA B 13 15.85 31.58 -30.60
CA ALA B 13 15.56 30.19 -30.23
C ALA B 13 16.70 29.60 -29.36
N PRO B 14 16.40 28.96 -28.21
CA PRO B 14 17.41 28.37 -27.34
C PRO B 14 18.19 27.25 -28.03
N LYS B 15 19.51 27.22 -27.84
CA LYS B 15 20.39 26.13 -28.32
C LYS B 15 19.98 24.79 -27.69
N LYS B 16 19.83 23.74 -28.51
CA LYS B 16 19.56 22.37 -28.05
C LYS B 16 20.72 21.83 -27.21
N GLY B 17 20.42 21.22 -26.07
CA GLY B 17 21.40 20.52 -25.23
C GLY B 17 22.09 19.37 -25.98
N SER B 18 23.39 19.20 -25.77
CA SER B 18 24.17 18.07 -26.30
C SER B 18 23.64 16.72 -25.79
N LYS B 19 23.83 15.63 -26.58
CA LYS B 19 23.44 14.28 -26.20
C LYS B 19 24.31 13.79 -25.02
N LYS B 20 23.73 13.78 -23.81
CA LYS B 20 24.39 13.30 -22.58
C LYS B 20 24.71 11.81 -22.69
N ALA B 21 25.96 11.42 -22.39
CA ALA B 21 26.39 10.03 -22.40
C ALA B 21 25.66 9.20 -21.33
N VAL B 22 24.98 8.12 -21.73
CA VAL B 22 24.28 7.21 -20.81
C VAL B 22 25.31 6.27 -20.17
N THR B 23 25.58 6.49 -18.88
CA THR B 23 26.57 5.73 -18.08
C THR B 23 26.05 4.35 -17.67
N LYS B 24 26.96 3.48 -17.19
CA LYS B 24 26.59 2.16 -16.63
C LYS B 24 25.78 2.33 -15.34
N ALA B 25 24.48 2.03 -15.39
CA ALA B 25 23.60 2.03 -14.23
C ALA B 25 24.10 1.02 -13.16
N GLN B 26 24.32 1.48 -11.95
CA GLN B 26 24.77 0.64 -10.83
C GLN B 26 23.60 -0.23 -10.33
N LYS B 27 23.87 -1.49 -9.94
CA LYS B 27 22.83 -2.44 -9.51
C LYS B 27 22.30 -2.06 -8.11
N LYS B 28 21.09 -1.49 -8.06
CA LYS B 28 20.35 -1.16 -6.84
C LYS B 28 19.23 -2.19 -6.51
N ASP B 29 19.06 -3.20 -7.35
CA ASP B 29 18.23 -4.38 -7.04
C ASP B 29 18.93 -5.33 -6.06
N GLY B 30 18.19 -5.89 -5.10
CA GLY B 30 18.72 -6.80 -4.06
C GLY B 30 19.71 -6.16 -3.06
N LYS B 31 19.77 -4.82 -2.99
CA LYS B 31 20.67 -4.08 -2.09
C LYS B 31 20.38 -4.33 -0.59
N LYS B 32 21.44 -4.50 0.20
CA LYS B 32 21.37 -4.69 1.67
C LYS B 32 21.59 -3.38 2.47
N ARG B 33 22.32 -2.41 1.90
CA ARG B 33 22.61 -1.10 2.48
C ARG B 33 21.67 -0.03 1.90
N LYS B 34 20.51 0.13 2.55
CA LYS B 34 19.47 1.14 2.22
C LYS B 34 18.89 1.80 3.48
N ARG B 35 18.37 3.03 3.33
CA ARG B 35 17.59 3.75 4.37
C ARG B 35 16.07 3.68 4.14
N SER B 36 15.62 3.33 2.94
CA SER B 36 14.20 3.10 2.63
C SER B 36 13.64 1.92 3.44
N ARG B 37 12.59 2.17 4.23
CA ARG B 37 11.79 1.11 4.90
C ARG B 37 11.07 0.25 3.85
N LYS B 38 10.82 -1.03 4.15
CA LYS B 38 10.10 -1.96 3.24
C LYS B 38 8.82 -1.31 2.72
N GLU B 39 8.75 -1.13 1.40
CA GLU B 39 7.72 -0.33 0.73
C GLU B 39 6.32 -0.93 0.99
N SER B 40 5.52 -0.20 1.76
CA SER B 40 4.21 -0.59 2.28
C SER B 40 3.37 0.66 2.57
N TYR B 41 2.14 0.48 3.06
CA TYR B 41 1.20 1.58 3.30
C TYR B 41 1.66 2.61 4.36
N SER B 42 2.65 2.26 5.19
CA SER B 42 3.32 3.13 6.17
C SER B 42 3.66 4.54 5.64
N ILE B 43 3.97 4.66 4.34
CA ILE B 43 4.11 5.92 3.59
C ILE B 43 3.01 6.94 3.96
N TYR B 44 1.74 6.54 3.84
CA TYR B 44 0.59 7.44 4.02
C TYR B 44 0.07 7.49 5.46
N VAL B 45 0.30 6.43 6.26
CA VAL B 45 0.05 6.42 7.70
C VAL B 45 0.64 7.68 8.35
N TYR B 46 1.95 7.93 8.22
CA TYR B 46 2.59 9.11 8.79
C TYR B 46 2.19 10.42 8.10
N LYS B 47 2.10 10.44 6.76
CA LYS B 47 1.75 11.64 5.98
C LYS B 47 0.41 12.25 6.41
N VAL B 48 -0.68 11.48 6.35
CA VAL B 48 -2.03 11.98 6.66
C VAL B 48 -2.20 12.24 8.16
N LEU B 49 -1.60 11.39 9.02
CA LEU B 49 -1.50 11.65 10.46
C LEU B 49 -0.95 13.06 10.76
N LYS B 50 0.24 13.39 10.25
CA LYS B 50 0.88 14.71 10.48
C LYS B 50 0.11 15.87 9.84
N GLN B 51 -0.52 15.65 8.68
CA GLN B 51 -1.38 16.65 8.03
C GLN B 51 -2.61 17.02 8.87
N VAL B 52 -3.37 16.03 9.35
CA VAL B 52 -4.65 16.23 10.06
C VAL B 52 -4.45 16.49 11.56
N HIS B 53 -3.57 15.71 12.20
CA HIS B 53 -3.30 15.70 13.65
C HIS B 53 -1.79 15.88 13.94
N PRO B 54 -1.19 17.05 13.63
CA PRO B 54 0.25 17.31 13.85
C PRO B 54 0.72 17.11 15.30
N ASP B 55 -0.19 17.25 16.26
CA ASP B 55 -0.01 17.07 17.71
C ASP B 55 0.05 15.59 18.16
N THR B 56 -0.37 14.63 17.31
CA THR B 56 -0.59 13.23 17.67
C THR B 56 0.28 12.28 16.83
N GLY B 57 1.06 11.41 17.50
CA GLY B 57 1.84 10.34 16.85
C GLY B 57 1.06 9.03 16.65
N ILE B 58 1.75 7.94 16.37
CA ILE B 58 1.16 6.58 16.24
C ILE B 58 2.10 5.49 16.79
N SER B 59 1.55 4.38 17.31
CA SER B 59 2.33 3.19 17.68
C SER B 59 2.67 2.29 16.49
N SER B 60 3.73 1.49 16.60
CA SER B 60 4.08 0.46 15.62
C SER B 60 2.94 -0.55 15.40
N LYS B 61 2.24 -0.92 16.48
CA LYS B 61 1.02 -1.74 16.45
C LYS B 61 -0.08 -1.10 15.61
N ALA B 62 -0.46 0.14 15.91
CA ALA B 62 -1.49 0.87 15.19
C ALA B 62 -1.14 1.08 13.69
N MET B 63 0.12 1.43 13.37
CA MET B 63 0.63 1.45 11.99
C MET B 63 0.42 0.09 11.29
N GLY B 64 0.89 -1.01 11.89
CA GLY B 64 0.71 -2.36 11.36
C GLY B 64 -0.76 -2.73 11.09
N ILE B 65 -1.66 -2.38 12.03
CA ILE B 65 -3.10 -2.55 11.89
C ILE B 65 -3.65 -1.71 10.72
N MET B 66 -3.31 -0.43 10.60
CA MET B 66 -3.72 0.42 9.45
C MET B 66 -3.24 -0.17 8.11
N ASN B 67 -2.00 -0.67 8.03
CA ASN B 67 -1.50 -1.38 6.84
C ASN B 67 -2.38 -2.60 6.52
N SER B 68 -2.64 -3.49 7.48
CA SER B 68 -3.58 -4.62 7.31
C SER B 68 -4.98 -4.18 6.86
N PHE B 69 -5.55 -3.15 7.50
CA PHE B 69 -6.86 -2.58 7.14
C PHE B 69 -6.90 -2.15 5.66
N VAL B 70 -5.88 -1.43 5.17
CA VAL B 70 -5.78 -1.08 3.75
C VAL B 70 -5.62 -2.32 2.86
N ASN B 71 -4.77 -3.28 3.23
CA ASN B 71 -4.53 -4.50 2.45
C ASN B 71 -5.83 -5.31 2.22
N ASP B 72 -6.69 -5.44 3.24
CA ASP B 72 -7.98 -6.16 3.14
C ASP B 72 -8.96 -5.58 2.11
N ILE B 73 -8.94 -4.26 1.85
CA ILE B 73 -9.72 -3.62 0.78
C ILE B 73 -8.92 -3.54 -0.53
N PHE B 74 -7.61 -3.36 -0.49
CA PHE B 74 -6.72 -3.38 -1.66
C PHE B 74 -6.77 -4.71 -2.42
N GLU B 75 -6.80 -5.84 -1.70
CA GLU B 75 -7.03 -7.18 -2.28
C GLU B 75 -8.36 -7.26 -3.04
N ARG B 76 -9.44 -6.70 -2.46
CA ARG B 76 -10.77 -6.61 -3.11
C ARG B 76 -10.73 -5.71 -4.35
N ILE B 77 -10.10 -4.54 -4.28
CA ILE B 77 -9.87 -3.63 -5.41
C ILE B 77 -9.13 -4.35 -6.56
N ALA B 78 -8.04 -5.06 -6.27
CA ALA B 78 -7.32 -5.88 -7.24
C ALA B 78 -8.22 -6.95 -7.89
N GLY B 79 -8.99 -7.69 -7.08
CA GLY B 79 -9.98 -8.66 -7.54
C GLY B 79 -11.04 -8.05 -8.47
N GLU B 80 -11.61 -6.90 -8.12
CA GLU B 80 -12.58 -6.17 -8.95
C GLU B 80 -11.95 -5.63 -10.25
N ALA B 81 -10.74 -5.07 -10.20
CA ALA B 81 -10.01 -4.65 -11.41
C ALA B 81 -9.75 -5.84 -12.36
N SER B 82 -9.32 -6.98 -11.82
CA SER B 82 -9.20 -8.24 -12.55
C SER B 82 -10.54 -8.68 -13.18
N ARG B 83 -11.64 -8.70 -12.42
CA ARG B 83 -13.00 -8.98 -12.90
C ARG B 83 -13.39 -8.07 -14.07
N LEU B 84 -13.21 -6.75 -13.94
CA LEU B 84 -13.45 -5.79 -15.02
C LEU B 84 -12.61 -6.12 -16.27
N ALA B 85 -11.30 -6.38 -16.13
CA ALA B 85 -10.45 -6.81 -17.24
C ALA B 85 -11.00 -8.07 -17.96
N HIS B 86 -11.45 -9.09 -17.21
CA HIS B 86 -12.09 -10.29 -17.77
C HIS B 86 -13.33 -9.95 -18.62
N TYR B 87 -14.28 -9.18 -18.09
CA TYR B 87 -15.48 -8.75 -18.83
C TYR B 87 -15.14 -7.87 -20.05
N ASN B 88 -14.08 -7.07 -19.97
CA ASN B 88 -13.54 -6.28 -21.08
C ASN B 88 -12.64 -7.08 -22.05
N LYS B 89 -12.51 -8.42 -21.85
CA LYS B 89 -11.70 -9.36 -22.65
C LYS B 89 -10.20 -8.98 -22.74
N ARG B 90 -9.65 -8.37 -21.69
CA ARG B 90 -8.24 -7.95 -21.58
C ARG B 90 -7.42 -8.92 -20.72
N SER B 91 -6.18 -9.18 -21.14
CA SER B 91 -5.16 -9.88 -20.35
C SER B 91 -4.47 -8.99 -19.32
N THR B 92 -4.54 -7.66 -19.49
CA THR B 92 -3.95 -6.62 -18.64
C THR B 92 -5.02 -5.76 -17.96
N ILE B 93 -4.73 -5.25 -16.75
CA ILE B 93 -5.57 -4.26 -16.05
C ILE B 93 -5.19 -2.84 -16.51
N THR B 94 -6.17 -2.03 -16.90
CA THR B 94 -5.96 -0.63 -17.31
C THR B 94 -5.90 0.35 -16.13
N SER B 95 -5.36 1.54 -16.37
CA SER B 95 -5.40 2.69 -15.44
C SER B 95 -6.80 3.26 -15.18
N ARG B 96 -7.82 2.83 -15.95
CA ARG B 96 -9.23 3.21 -15.76
C ARG B 96 -10.01 2.15 -14.99
N GLU B 97 -9.79 0.87 -15.26
CA GLU B 97 -10.43 -0.26 -14.56
C GLU B 97 -10.21 -0.22 -13.04
N ILE B 98 -9.00 0.15 -12.58
CA ILE B 98 -8.72 0.39 -11.15
C ILE B 98 -9.60 1.47 -10.52
N GLN B 99 -9.87 2.58 -11.21
CA GLN B 99 -10.76 3.66 -10.73
C GLN B 99 -12.17 3.13 -10.51
N THR B 100 -12.72 2.43 -11.52
CA THR B 100 -14.04 1.78 -11.46
C THR B 100 -14.10 0.72 -10.36
N ALA B 101 -13.10 -0.16 -10.24
CA ALA B 101 -12.99 -1.18 -9.18
C ALA B 101 -13.13 -0.56 -7.77
N VAL B 102 -12.41 0.54 -7.52
CA VAL B 102 -12.53 1.31 -6.26
C VAL B 102 -13.94 1.89 -6.11
N ARG B 103 -14.47 2.59 -7.12
CA ARG B 103 -15.83 3.20 -7.09
C ARG B 103 -16.93 2.19 -6.74
N LEU B 104 -16.89 1.00 -7.36
CA LEU B 104 -17.82 -0.11 -7.09
C LEU B 104 -17.80 -0.58 -5.62
N LEU B 105 -16.62 -0.57 -4.97
CA LEU B 105 -16.44 -0.98 -3.58
C LEU B 105 -16.67 0.14 -2.56
N LEU B 106 -16.57 1.41 -2.95
CA LEU B 106 -16.62 2.58 -2.07
C LEU B 106 -17.85 3.47 -2.36
N PRO B 107 -19.07 3.11 -1.89
CA PRO B 107 -20.27 3.94 -2.08
C PRO B 107 -20.17 5.32 -1.40
N GLY B 108 -20.96 6.28 -1.89
CA GLY B 108 -21.04 7.65 -1.36
C GLY B 108 -19.73 8.43 -1.41
N GLU B 109 -19.43 9.17 -0.34
CA GLU B 109 -18.27 10.08 -0.26
C GLU B 109 -16.91 9.36 -0.33
N LEU B 110 -16.87 8.06 -0.02
CA LEU B 110 -15.64 7.25 -0.09
C LEU B 110 -15.03 7.24 -1.51
N ALA B 111 -15.86 7.14 -2.57
CA ALA B 111 -15.41 7.30 -3.96
C ALA B 111 -15.06 8.76 -4.31
N LYS B 112 -15.79 9.76 -3.79
CA LYS B 112 -15.46 11.19 -4.00
C LYS B 112 -14.02 11.49 -3.53
N HIS B 113 -13.63 10.97 -2.35
CA HIS B 113 -12.25 10.98 -1.87
C HIS B 113 -11.33 10.10 -2.74
N ALA B 114 -11.47 8.77 -2.66
CA ALA B 114 -10.49 7.83 -3.22
C ALA B 114 -10.36 7.84 -4.74
N VAL B 115 -11.44 8.16 -5.47
CA VAL B 115 -11.49 8.10 -6.95
C VAL B 115 -11.53 9.50 -7.56
N SER B 116 -12.51 10.35 -7.23
CA SER B 116 -12.62 11.68 -7.86
C SER B 116 -11.44 12.59 -7.50
N GLU B 117 -11.23 12.85 -6.19
CA GLU B 117 -10.03 13.57 -5.72
C GLU B 117 -8.75 12.75 -5.92
N GLY B 118 -8.81 11.42 -5.89
CA GLY B 118 -7.70 10.53 -6.30
C GLY B 118 -7.18 10.82 -7.71
N THR B 119 -8.07 10.94 -8.71
CA THR B 119 -7.72 11.29 -10.09
C THR B 119 -7.20 12.72 -10.21
N LYS B 120 -7.77 13.69 -9.49
CA LYS B 120 -7.20 15.05 -9.38
C LYS B 120 -5.77 15.05 -8.81
N ALA B 121 -5.51 14.23 -7.80
CA ALA B 121 -4.20 14.10 -7.16
C ALA B 121 -3.10 13.54 -8.08
N VAL B 122 -3.42 12.79 -9.15
CA VAL B 122 -2.44 12.31 -10.15
C VAL B 122 -1.52 13.43 -10.65
N THR B 123 -2.07 14.64 -10.88
CA THR B 123 -1.30 15.84 -11.25
C THR B 123 -0.14 16.15 -10.28
N LYS B 124 -0.34 15.95 -8.97
CA LYS B 124 0.71 16.12 -7.95
C LYS B 124 1.83 15.07 -8.14
N TYR B 125 1.45 13.80 -8.30
CA TYR B 125 2.39 12.70 -8.56
C TYR B 125 3.19 12.83 -9.87
N THR B 126 2.62 13.44 -10.92
CA THR B 126 3.35 13.68 -12.19
C THR B 126 4.24 14.93 -12.13
N SER B 127 3.80 16.02 -11.50
CA SER B 127 4.60 17.25 -11.31
C SER B 127 5.76 17.06 -10.33
N ALA B 128 5.51 16.54 -9.12
CA ALA B 128 6.53 16.30 -8.10
C ALA B 128 7.30 14.98 -8.34
N LYS B 129 8.61 14.99 -8.06
CA LYS B 129 9.49 13.81 -8.18
C LYS B 129 9.27 12.81 -7.04
N GLY A 1 43.76 14.32 -22.91
CA GLY A 1 42.37 14.52 -22.43
C GLY A 1 42.34 15.03 -20.98
N PRO A 2 41.38 15.91 -20.63
CA PRO A 2 41.23 16.44 -19.27
C PRO A 2 40.91 15.35 -18.23
N GLY A 3 41.36 15.57 -16.99
CA GLY A 3 40.97 14.76 -15.83
C GLY A 3 39.45 14.81 -15.55
N MET A 4 38.84 13.67 -15.25
CA MET A 4 37.41 13.57 -14.91
C MET A 4 37.07 14.43 -13.68
N SER A 5 35.93 15.15 -13.73
CA SER A 5 35.40 15.97 -12.64
C SER A 5 34.44 15.19 -11.71
N GLY A 6 34.22 15.70 -10.49
CA GLY A 6 33.47 15.01 -9.44
C GLY A 6 34.15 13.72 -8.98
N ARG A 7 33.45 12.58 -9.05
CA ARG A 7 34.01 11.26 -8.72
C ARG A 7 35.13 10.85 -9.69
N GLY A 8 36.15 10.16 -9.17
CA GLY A 8 37.37 9.78 -9.92
C GLY A 8 38.39 10.91 -10.15
N LYS A 9 38.15 12.12 -9.62
CA LYS A 9 39.09 13.26 -9.68
C LYS A 9 40.25 13.06 -8.71
N GLN A 10 41.49 12.97 -9.20
CA GLN A 10 42.69 12.89 -8.36
C GLN A 10 42.88 14.18 -7.55
N GLY A 11 42.99 14.07 -6.22
CA GLY A 11 42.99 15.20 -5.28
C GLY A 11 41.68 16.00 -5.22
N GLY A 12 40.59 15.50 -5.81
CA GLY A 12 39.26 16.12 -5.80
C GLY A 12 38.59 16.14 -4.42
N LYS A 13 37.68 17.09 -4.21
CA LYS A 13 36.81 17.15 -3.02
C LYS A 13 35.95 15.89 -2.91
N ALA A 14 36.11 15.13 -1.81
CA ALA A 14 35.27 13.98 -1.49
C ALA A 14 33.81 14.41 -1.24
N ARG A 15 32.83 13.67 -1.79
CA ARG A 15 31.40 14.01 -1.68
C ARG A 15 30.96 14.07 -0.20
N ALA A 16 30.29 15.15 0.18
CA ALA A 16 29.74 15.39 1.52
C ALA A 16 28.42 14.62 1.75
N LYS A 17 28.45 13.29 1.56
CA LYS A 17 27.31 12.38 1.76
C LYS A 17 26.71 12.54 3.16
N ALA A 18 25.38 12.63 3.25
CA ALA A 18 24.66 12.63 4.52
C ALA A 18 24.88 11.31 5.28
N LYS A 19 25.13 11.38 6.60
CA LYS A 19 25.29 10.18 7.46
C LYS A 19 23.93 9.50 7.66
N THR A 20 23.69 8.40 6.94
CA THR A 20 22.47 7.60 7.01
C THR A 20 22.36 6.84 8.35
N ARG A 21 21.13 6.63 8.83
CA ARG A 21 20.87 5.85 10.06
C ARG A 21 21.19 4.37 9.86
N SER A 22 21.79 3.74 10.88
CA SER A 22 22.13 2.31 10.89
C SER A 22 20.90 1.39 11.01
N SER A 23 19.81 1.89 11.60
CA SER A 23 18.52 1.21 11.70
C SER A 23 17.98 0.78 10.31
N ARG A 24 17.66 -0.51 10.16
CA ARG A 24 17.08 -1.08 8.93
C ARG A 24 15.58 -0.80 8.83
N ALA A 25 15.10 -0.52 7.61
CA ALA A 25 13.67 -0.40 7.31
C ALA A 25 12.93 -1.75 7.43
N GLY A 26 13.63 -2.88 7.21
CA GLY A 26 13.06 -4.23 7.24
C GLY A 26 11.99 -4.45 6.16
N LEU A 27 10.93 -5.19 6.50
CA LEU A 27 9.79 -5.44 5.61
C LEU A 27 8.79 -4.26 5.66
N GLN A 28 8.90 -3.36 4.68
CA GLN A 28 7.93 -2.31 4.38
C GLN A 28 7.09 -2.68 3.16
N PHE A 29 5.79 -2.36 3.19
CA PHE A 29 4.83 -2.70 2.13
C PHE A 29 3.99 -1.48 1.67
N PRO A 30 4.58 -0.55 0.90
CA PRO A 30 3.81 0.48 0.17
C PRO A 30 2.94 -0.14 -0.92
N VAL A 31 1.98 0.60 -1.47
CA VAL A 31 1.12 0.14 -2.59
C VAL A 31 1.89 -0.04 -3.90
N GLY A 32 3.06 0.59 -4.07
CA GLY A 32 4.03 0.18 -5.08
C GLY A 32 4.47 -1.28 -4.94
N ARG A 33 4.74 -1.73 -3.71
CA ARG A 33 5.05 -3.15 -3.40
C ARG A 33 3.81 -4.04 -3.53
N VAL A 34 2.63 -3.57 -3.13
CA VAL A 34 1.36 -4.29 -3.44
C VAL A 34 1.21 -4.48 -4.96
N HIS A 35 1.48 -3.47 -5.79
CA HIS A 35 1.43 -3.61 -7.25
C HIS A 35 2.46 -4.63 -7.78
N ARG A 36 3.67 -4.69 -7.23
CA ARG A 36 4.67 -5.74 -7.49
C ARG A 36 4.20 -7.15 -7.07
N LEU A 37 3.56 -7.27 -5.91
CA LEU A 37 2.91 -8.52 -5.46
C LEU A 37 1.77 -8.94 -6.40
N LEU A 38 0.93 -8.00 -6.84
CA LEU A 38 -0.14 -8.21 -7.84
C LEU A 38 0.42 -8.64 -9.20
N ARG A 39 1.51 -8.04 -9.68
CA ARG A 39 2.26 -8.46 -10.89
C ARG A 39 2.65 -9.93 -10.82
N LYS A 40 3.36 -10.33 -9.76
CA LYS A 40 3.79 -11.73 -9.54
C LYS A 40 2.61 -12.70 -9.30
N GLY A 41 1.58 -12.23 -8.59
CA GLY A 41 0.33 -12.94 -8.28
C GLY A 41 -0.70 -13.06 -9.41
N ASN A 42 -0.34 -12.67 -10.65
CA ASN A 42 -1.18 -12.71 -11.85
C ASN A 42 -2.46 -11.82 -11.80
N TYR A 43 -2.47 -10.76 -10.98
CA TYR A 43 -3.53 -9.75 -10.93
C TYR A 43 -3.31 -8.59 -11.93
N SER A 44 -2.03 -8.23 -12.19
CA SER A 44 -1.64 -7.15 -13.11
C SER A 44 -0.68 -7.67 -14.18
N GLU A 45 -0.84 -7.26 -15.44
CA GLU A 45 0.00 -7.71 -16.58
C GLU A 45 1.34 -6.96 -16.64
N ARG A 46 1.33 -5.64 -16.38
CA ARG A 46 2.54 -4.79 -16.26
C ARG A 46 2.43 -3.82 -15.08
N VAL A 47 3.56 -3.21 -14.69
CA VAL A 47 3.65 -2.12 -13.69
C VAL A 47 4.46 -0.97 -14.32
N GLY A 48 3.78 0.11 -14.70
CA GLY A 48 4.41 1.37 -15.15
C GLY A 48 5.09 2.15 -14.01
N ALA A 49 5.68 3.30 -14.32
CA ALA A 49 6.25 4.21 -13.32
C ALA A 49 5.15 4.95 -12.52
N GLY A 50 4.19 5.55 -13.21
CA GLY A 50 3.07 6.31 -12.62
C GLY A 50 1.91 5.46 -12.09
N ALA A 51 1.70 4.25 -12.63
CA ALA A 51 0.60 3.36 -12.25
C ALA A 51 0.55 3.00 -10.74
N PRO A 52 1.63 2.52 -10.08
CA PRO A 52 1.63 2.29 -8.63
C PRO A 52 1.36 3.57 -7.83
N VAL A 53 1.87 4.72 -8.27
CA VAL A 53 1.61 6.04 -7.65
C VAL A 53 0.13 6.40 -7.74
N TYR A 54 -0.52 6.14 -8.88
CA TYR A 54 -1.99 6.29 -9.02
C TYR A 54 -2.77 5.31 -8.13
N LEU A 55 -2.39 4.02 -8.07
CA LEU A 55 -3.03 3.06 -7.16
C LEU A 55 -2.88 3.48 -5.68
N ALA A 56 -1.72 4.00 -5.28
CA ALA A 56 -1.54 4.66 -3.98
C ALA A 56 -2.48 5.87 -3.84
N ALA A 57 -2.61 6.73 -4.86
CA ALA A 57 -3.56 7.85 -4.89
C ALA A 57 -5.05 7.44 -4.80
N VAL A 58 -5.39 6.17 -5.08
CA VAL A 58 -6.71 5.59 -4.76
C VAL A 58 -6.81 5.26 -3.27
N LEU A 59 -5.91 4.41 -2.77
CA LEU A 59 -5.95 3.86 -1.40
C LEU A 59 -5.65 4.93 -0.32
N GLU A 60 -4.99 6.02 -0.71
CA GLU A 60 -4.95 7.32 -0.02
C GLU A 60 -6.30 7.69 0.61
N TYR A 61 -7.41 7.61 -0.14
CA TYR A 61 -8.74 7.95 0.39
C TYR A 61 -9.15 7.05 1.57
N LEU A 62 -9.03 5.72 1.41
CA LEU A 62 -9.39 4.75 2.44
C LEU A 62 -8.58 4.97 3.73
N THR A 63 -7.26 5.11 3.61
CA THR A 63 -6.39 5.41 4.76
C THR A 63 -6.74 6.74 5.42
N ALA A 64 -7.04 7.80 4.66
CA ALA A 64 -7.49 9.07 5.21
C ALA A 64 -8.79 8.92 6.03
N GLU A 65 -9.80 8.24 5.50
CA GLU A 65 -11.04 7.93 6.25
C GLU A 65 -10.77 7.17 7.56
N ILE A 66 -9.92 6.13 7.53
CA ILE A 66 -9.49 5.40 8.73
C ILE A 66 -8.82 6.35 9.74
N LEU A 67 -7.75 7.05 9.33
CA LEU A 67 -6.93 7.87 10.23
C LEU A 67 -7.65 9.12 10.76
N GLU A 68 -8.58 9.72 10.01
CA GLU A 68 -9.43 10.81 10.50
C GLU A 68 -10.29 10.35 11.70
N LEU A 69 -11.08 9.28 11.51
CA LEU A 69 -11.93 8.73 12.58
C LEU A 69 -11.10 8.16 13.74
N ALA A 70 -9.96 7.53 13.47
CA ALA A 70 -9.02 7.08 14.51
C ALA A 70 -8.43 8.25 15.32
N GLY A 71 -8.04 9.35 14.67
CA GLY A 71 -7.63 10.60 15.32
C GLY A 71 -8.72 11.21 16.21
N ASN A 72 -9.98 11.17 15.76
CA ASN A 72 -11.13 11.57 16.57
C ASN A 72 -11.31 10.64 17.79
N ALA A 73 -11.21 9.31 17.62
CA ALA A 73 -11.22 8.36 18.75
C ALA A 73 -10.09 8.63 19.76
N ALA A 74 -8.86 8.92 19.29
CA ALA A 74 -7.75 9.36 20.14
C ALA A 74 -8.09 10.63 20.95
N ARG A 75 -8.63 11.67 20.30
CA ARG A 75 -9.15 12.89 20.97
C ARG A 75 -10.21 12.57 22.04
N ASP A 76 -11.20 11.73 21.72
CA ASP A 76 -12.24 11.27 22.66
C ASP A 76 -11.65 10.55 23.90
N ASN A 77 -10.62 9.73 23.74
CA ASN A 77 -9.89 9.09 24.83
C ASN A 77 -8.82 10.00 25.49
N LYS A 78 -8.70 11.27 25.07
CA LYS A 78 -7.69 12.26 25.53
C LYS A 78 -6.23 11.79 25.34
N LYS A 79 -5.97 11.00 24.29
CA LYS A 79 -4.65 10.43 23.95
C LYS A 79 -3.97 11.18 22.79
N THR A 80 -2.64 11.26 22.84
CA THR A 80 -1.77 11.90 21.82
C THR A 80 -1.11 10.89 20.87
N ARG A 81 -1.50 9.60 20.91
CA ARG A 81 -1.13 8.59 19.90
C ARG A 81 -2.36 7.78 19.47
N ILE A 82 -2.49 7.55 18.16
CA ILE A 82 -3.41 6.55 17.58
C ILE A 82 -2.93 5.13 17.95
N ILE A 83 -3.84 4.29 18.45
CA ILE A 83 -3.61 2.88 18.82
C ILE A 83 -4.46 1.90 17.95
N PRO A 84 -4.19 0.58 17.94
CA PRO A 84 -4.98 -0.43 17.21
C PRO A 84 -6.50 -0.31 17.38
N ARG A 85 -6.98 -0.11 18.61
CA ARG A 85 -8.42 0.03 18.92
C ARG A 85 -9.07 1.22 18.18
N HIS A 86 -8.39 2.35 18.08
CA HIS A 86 -8.85 3.51 17.28
C HIS A 86 -9.03 3.17 15.81
N LEU A 87 -8.06 2.45 15.21
CA LEU A 87 -8.11 2.00 13.82
C LEU A 87 -9.26 1.01 13.57
N GLN A 88 -9.49 0.07 14.50
CA GLN A 88 -10.65 -0.84 14.48
C GLN A 88 -11.98 -0.08 14.57
N LEU A 89 -12.14 0.80 15.57
CA LEU A 89 -13.32 1.68 15.74
C LEU A 89 -13.61 2.51 14.48
N ALA A 90 -12.59 3.14 13.89
CA ALA A 90 -12.70 3.90 12.65
C ALA A 90 -13.37 3.10 11.50
N ILE A 91 -12.93 1.86 11.28
CA ILE A 91 -13.55 0.94 10.31
C ILE A 91 -14.98 0.59 10.72
N ARG A 92 -15.16 0.05 11.95
CA ARG A 92 -16.46 -0.43 12.46
C ARG A 92 -17.56 0.64 12.42
N ASN A 93 -17.24 1.90 12.68
CA ASN A 93 -18.19 3.00 12.79
C ASN A 93 -18.51 3.69 11.44
N ASP A 94 -17.92 3.24 10.31
CA ASP A 94 -18.14 3.84 8.97
C ASP A 94 -18.61 2.81 7.93
N GLU A 95 -19.72 3.10 7.24
CA GLU A 95 -20.34 2.21 6.26
C GLU A 95 -19.38 1.83 5.12
N GLU A 96 -18.73 2.79 4.48
CA GLU A 96 -17.85 2.56 3.32
C GLU A 96 -16.59 1.76 3.70
N LEU A 97 -16.06 1.95 4.91
CA LEU A 97 -15.00 1.10 5.46
C LEU A 97 -15.51 -0.32 5.81
N ASN A 98 -16.70 -0.49 6.40
CA ASN A 98 -17.31 -1.81 6.58
C ASN A 98 -17.51 -2.55 5.23
N LYS A 99 -17.93 -1.84 4.17
CA LYS A 99 -18.04 -2.37 2.78
C LYS A 99 -16.72 -2.82 2.15
N LEU A 100 -15.57 -2.66 2.82
CA LEU A 100 -14.31 -3.30 2.44
C LEU A 100 -14.32 -4.79 2.82
N LEU A 101 -14.20 -5.07 4.11
CA LEU A 101 -14.05 -6.44 4.64
C LEU A 101 -15.38 -7.21 4.68
N GLY A 102 -16.52 -6.51 4.67
CA GLY A 102 -17.86 -7.10 4.47
C GLY A 102 -18.04 -7.85 3.14
N ARG A 103 -17.21 -7.55 2.12
CA ARG A 103 -17.16 -8.26 0.83
C ARG A 103 -16.23 -9.48 0.80
N VAL A 104 -15.58 -9.83 1.92
CA VAL A 104 -14.86 -11.11 2.08
C VAL A 104 -15.88 -12.23 2.34
N THR A 105 -16.07 -13.12 1.36
CA THR A 105 -16.93 -14.31 1.50
C THR A 105 -16.18 -15.40 2.26
N ILE A 106 -16.64 -15.74 3.47
CA ILE A 106 -16.04 -16.80 4.30
C ILE A 106 -16.53 -18.17 3.78
N ALA A 107 -15.60 -19.01 3.35
CA ALA A 107 -15.89 -20.39 2.92
C ALA A 107 -16.37 -21.26 4.11
N GLN A 108 -17.37 -22.11 3.88
CA GLN A 108 -17.94 -22.99 4.91
C GLN A 108 -16.91 -24.03 5.40
N GLY A 109 -16.55 -23.97 6.69
CA GLY A 109 -15.72 -24.97 7.36
C GLY A 109 -16.41 -26.34 7.41
N GLY A 110 -15.69 -27.40 7.04
CA GLY A 110 -16.11 -28.80 7.22
C GLY A 110 -16.13 -29.25 8.68
N VAL A 111 -16.68 -30.43 8.95
CA VAL A 111 -16.66 -31.07 10.28
C VAL A 111 -15.22 -31.33 10.73
N LEU A 112 -14.83 -30.79 11.89
CA LEU A 112 -13.51 -30.97 12.51
C LEU A 112 -13.47 -32.22 13.41
N PRO A 113 -12.28 -32.81 13.68
CA PRO A 113 -12.14 -33.96 14.58
C PRO A 113 -12.67 -33.68 15.99
N ASN A 114 -13.59 -34.52 16.47
CA ASN A 114 -14.11 -34.46 17.85
C ASN A 114 -13.08 -35.02 18.85
N ILE A 115 -12.94 -34.38 20.01
CA ILE A 115 -12.02 -34.80 21.08
C ILE A 115 -12.38 -36.20 21.59
N GLN A 116 -11.41 -37.12 21.55
CA GLN A 116 -11.54 -38.48 22.08
C GLN A 116 -10.92 -38.59 23.48
N ALA A 117 -11.38 -39.56 24.29
CA ALA A 117 -10.88 -39.79 25.65
C ALA A 117 -9.43 -40.31 25.64
N VAL A 118 -8.48 -39.50 26.14
CA VAL A 118 -7.06 -39.87 26.30
C VAL A 118 -6.79 -40.72 27.55
N LEU A 119 -7.71 -40.70 28.52
CA LEU A 119 -7.67 -41.51 29.74
C LEU A 119 -7.86 -43.00 29.43
N LEU A 120 -6.82 -43.82 29.66
CA LEU A 120 -6.89 -45.28 29.55
C LEU A 120 -7.85 -45.85 30.61
N PRO A 121 -8.84 -46.70 30.26
CA PRO A 121 -9.71 -47.36 31.24
C PRO A 121 -8.93 -48.25 32.22
N LYS A 122 -9.00 -47.93 33.51
CA LYS A 122 -8.33 -48.69 34.58
C LYS A 122 -9.05 -50.01 34.88
N LYS A 123 -8.30 -51.10 35.08
CA LYS A 123 -8.84 -52.41 35.47
C LYS A 123 -9.46 -52.37 36.87
N THR A 124 -10.59 -53.05 37.05
CA THR A 124 -11.26 -53.23 38.36
C THR A 124 -10.49 -54.21 39.26
N GLU A 125 -10.60 -54.03 40.58
CA GLU A 125 -9.91 -54.85 41.59
C GLU A 125 -10.78 -56.04 42.03
N SER A 126 -10.17 -57.21 42.21
CA SER A 126 -10.81 -58.39 42.81
C SER A 126 -10.80 -58.30 44.33
N HIS A 127 -11.98 -58.39 44.95
CA HIS A 127 -12.16 -58.37 46.41
C HIS A 127 -12.57 -59.74 46.99
N HIS A 128 -12.57 -60.79 46.16
CA HIS A 128 -12.78 -62.19 46.57
C HIS A 128 -11.61 -62.72 47.43
N LYS A 129 -10.39 -62.23 47.19
CA LYS A 129 -9.18 -62.46 48.01
C LYS A 129 -8.95 -61.33 49.02
N ALA A 130 -8.23 -61.62 50.10
CA ALA A 130 -7.88 -60.66 51.16
C ALA A 130 -6.93 -59.54 50.67
N LYS A 131 -5.97 -59.87 49.79
CA LYS A 131 -4.99 -58.93 49.23
C LYS A 131 -5.65 -57.86 48.33
N GLY A 132 -5.43 -56.59 48.65
CA GLY A 132 -6.02 -55.42 47.96
C GLY A 132 -5.18 -54.83 46.81
N LYS A 133 -4.30 -55.63 46.19
CA LYS A 133 -3.36 -55.23 45.13
C LYS A 133 -3.83 -55.67 43.73
N GLY B 1 -39.70 17.72 -10.00
CA GLY B 1 -39.56 18.55 -8.77
C GLY B 1 -40.85 18.55 -7.94
N PRO B 2 -40.95 17.71 -6.89
CA PRO B 2 -42.11 17.64 -6.00
C PRO B 2 -42.32 18.92 -5.17
N GLY B 3 -43.50 19.03 -4.54
CA GLY B 3 -43.96 20.22 -3.80
C GLY B 3 -44.17 21.46 -4.68
N MET B 4 -44.08 22.65 -4.07
CA MET B 4 -44.21 23.95 -4.76
C MET B 4 -42.84 24.64 -4.92
N PRO B 5 -42.56 25.30 -6.06
CA PRO B 5 -41.36 26.13 -6.24
C PRO B 5 -41.35 27.30 -5.25
N GLU B 6 -40.18 27.62 -4.67
CA GLU B 6 -40.02 28.78 -3.79
C GLU B 6 -40.10 30.10 -4.59
N PRO B 7 -40.84 31.13 -4.10
CA PRO B 7 -40.98 32.41 -4.80
C PRO B 7 -39.63 33.14 -4.90
N ALA B 8 -39.15 33.38 -6.12
CA ALA B 8 -37.93 34.13 -6.40
C ALA B 8 -38.16 35.64 -6.20
N LYS B 9 -37.35 36.28 -5.34
CA LYS B 9 -37.31 37.75 -5.20
C LYS B 9 -36.82 38.40 -6.49
N SER B 10 -37.49 39.46 -6.93
CA SER B 10 -37.00 40.33 -8.02
C SER B 10 -35.69 41.03 -7.64
N ALA B 11 -34.85 41.34 -8.64
CA ALA B 11 -33.62 42.11 -8.42
C ALA B 11 -33.95 43.51 -7.83
N PRO B 12 -33.26 43.97 -6.77
CA PRO B 12 -33.48 45.29 -6.19
C PRO B 12 -33.26 46.39 -7.23
N ALA B 13 -34.12 47.42 -7.22
CA ALA B 13 -33.99 48.58 -8.11
C ALA B 13 -32.62 49.27 -7.92
N PRO B 14 -31.89 49.62 -9.00
CA PRO B 14 -30.63 50.36 -8.91
C PRO B 14 -30.83 51.73 -8.23
N LYS B 15 -29.79 52.25 -7.57
CA LYS B 15 -29.81 53.56 -6.90
C LYS B 15 -29.97 54.68 -7.94
N LYS B 16 -31.17 55.28 -8.01
CA LYS B 16 -31.50 56.39 -8.93
C LYS B 16 -30.96 57.72 -8.39
N GLY B 17 -30.52 58.60 -9.31
CA GLY B 17 -29.77 59.82 -8.98
C GLY B 17 -28.38 59.59 -8.39
N SER B 18 -27.83 58.38 -8.48
CA SER B 18 -26.47 58.06 -8.01
C SER B 18 -25.40 58.73 -8.89
N LYS B 19 -24.40 59.37 -8.26
CA LYS B 19 -23.22 59.92 -8.93
C LYS B 19 -22.33 58.78 -9.47
N LYS B 20 -21.67 59.00 -10.62
CA LYS B 20 -20.73 58.03 -11.21
C LYS B 20 -19.61 57.69 -10.22
N ALA B 21 -19.52 56.41 -9.82
CA ALA B 21 -18.51 55.94 -8.89
C ALA B 21 -17.09 56.03 -9.49
N VAL B 22 -16.10 56.39 -8.67
CA VAL B 22 -14.68 56.45 -9.09
C VAL B 22 -14.11 55.03 -9.15
N THR B 23 -13.86 54.54 -10.37
CA THR B 23 -13.30 53.19 -10.60
C THR B 23 -11.83 53.16 -10.17
N LYS B 24 -11.54 52.57 -8.99
CA LYS B 24 -10.18 52.39 -8.46
C LYS B 24 -9.38 51.40 -9.31
N ALA B 25 -8.08 51.64 -9.47
CA ALA B 25 -7.18 50.74 -10.20
C ALA B 25 -7.14 49.34 -9.54
N GLN B 26 -7.50 48.30 -10.31
CA GLN B 26 -7.54 46.92 -9.84
C GLN B 26 -6.19 46.21 -10.04
N LYS B 27 -5.81 45.33 -9.11
CA LYS B 27 -4.63 44.47 -9.24
C LYS B 27 -4.81 43.44 -10.37
N LYS B 28 -3.76 43.25 -11.19
CA LYS B 28 -3.73 42.20 -12.24
C LYS B 28 -3.51 40.80 -11.66
N ASP B 29 -2.89 40.70 -10.48
CA ASP B 29 -2.81 39.48 -9.69
C ASP B 29 -4.20 38.96 -9.28
N GLY B 30 -4.47 37.68 -9.53
CA GLY B 30 -5.66 36.97 -9.03
C GLY B 30 -5.64 36.72 -7.52
N LYS B 31 -6.70 36.07 -7.00
CA LYS B 31 -6.75 35.54 -5.62
C LYS B 31 -5.59 34.56 -5.36
N LYS B 32 -5.01 34.61 -4.16
CA LYS B 32 -3.97 33.66 -3.70
C LYS B 32 -4.50 32.22 -3.78
N ARG B 33 -3.79 31.32 -4.49
CA ARG B 33 -4.18 29.91 -4.63
C ARG B 33 -3.88 29.12 -3.36
N LYS B 34 -4.90 28.98 -2.50
CA LYS B 34 -4.89 28.07 -1.34
C LYS B 34 -4.79 26.62 -1.81
N ARG B 35 -3.95 25.80 -1.17
CA ARG B 35 -3.85 24.36 -1.46
C ARG B 35 -5.14 23.64 -1.05
N SER B 36 -5.73 22.89 -1.97
CA SER B 36 -6.85 21.98 -1.69
C SER B 36 -6.40 20.81 -0.78
N ARG B 37 -7.32 20.26 0.03
CA ARG B 37 -7.02 19.13 0.91
C ARG B 37 -6.66 17.88 0.09
N LYS B 38 -5.44 17.37 0.27
CA LYS B 38 -4.95 16.12 -0.34
C LYS B 38 -5.29 14.90 0.52
N GLU B 39 -5.48 13.75 -0.11
CA GLU B 39 -5.66 12.47 0.57
C GLU B 39 -4.31 11.85 0.95
N SER B 40 -4.22 11.14 2.08
CA SER B 40 -2.95 10.67 2.66
C SER B 40 -3.07 9.37 3.47
N TYR B 41 -1.94 8.67 3.68
CA TYR B 41 -1.79 7.27 3.25
C TYR B 41 -0.76 6.46 4.09
N SER B 42 -0.50 5.17 3.81
CA SER B 42 0.45 4.35 4.58
C SER B 42 1.93 4.72 4.35
N ILE B 43 2.28 5.26 3.16
CA ILE B 43 3.54 6.02 2.97
C ILE B 43 3.50 7.33 3.78
N TYR B 44 2.37 8.04 3.71
CA TYR B 44 2.14 9.40 4.20
C TYR B 44 1.44 9.48 5.57
N VAL B 45 1.68 8.55 6.50
CA VAL B 45 0.95 8.50 7.81
C VAL B 45 1.23 9.76 8.62
N TYR B 46 2.52 10.12 8.74
CA TYR B 46 2.95 11.35 9.41
C TYR B 46 2.43 12.62 8.71
N LYS B 47 2.21 12.59 7.39
CA LYS B 47 1.51 13.67 6.66
C LYS B 47 0.07 13.82 7.13
N VAL B 48 -0.72 12.73 7.20
CA VAL B 48 -2.09 12.77 7.76
C VAL B 48 -2.08 13.40 9.15
N LEU B 49 -1.21 12.90 10.04
CA LEU B 49 -1.07 13.39 11.41
C LEU B 49 -0.74 14.89 11.44
N LYS B 50 0.29 15.33 10.72
CA LYS B 50 0.68 16.75 10.59
C LYS B 50 -0.41 17.65 10.00
N GLN B 51 -1.23 17.17 9.05
CA GLN B 51 -2.37 17.92 8.51
C GLN B 51 -3.55 18.01 9.48
N VAL B 52 -3.89 16.90 10.18
CA VAL B 52 -5.09 16.79 11.03
C VAL B 52 -4.83 17.29 12.47
N HIS B 53 -3.90 16.67 13.20
CA HIS B 53 -3.56 16.97 14.60
C HIS B 53 -2.02 16.96 14.80
N PRO B 54 -1.32 18.10 14.64
CA PRO B 54 0.15 18.17 14.73
C PRO B 54 0.77 17.65 16.04
N ASP B 55 0.02 17.73 17.14
CA ASP B 55 0.40 17.26 18.49
C ASP B 55 0.12 15.77 18.73
N THR B 56 -0.46 15.05 17.76
CA THR B 56 -0.77 13.61 17.83
C THR B 56 0.11 12.78 16.90
N GLY B 57 0.57 11.63 17.41
CA GLY B 57 1.35 10.62 16.67
C GLY B 57 0.60 9.30 16.47
N ILE B 58 1.34 8.23 16.20
CA ILE B 58 0.82 6.85 16.04
C ILE B 58 1.77 5.85 16.71
N SER B 59 1.23 4.80 17.36
CA SER B 59 2.06 3.74 17.97
C SER B 59 2.69 2.80 16.93
N SER B 60 3.80 2.15 17.28
CA SER B 60 4.40 1.08 16.47
C SER B 60 3.41 -0.07 16.21
N LYS B 61 2.58 -0.41 17.21
CA LYS B 61 1.47 -1.37 17.09
C LYS B 61 0.43 -0.92 16.07
N ALA B 62 -0.01 0.34 16.12
CA ALA B 62 -0.93 0.93 15.15
C ALA B 62 -0.34 0.99 13.73
N MET B 63 0.95 1.30 13.56
CA MET B 63 1.65 1.14 12.27
C MET B 63 1.66 -0.32 11.80
N GLY B 64 1.84 -1.29 12.71
CA GLY B 64 1.62 -2.72 12.46
C GLY B 64 0.22 -3.03 11.91
N ILE B 65 -0.83 -2.43 12.47
CA ILE B 65 -2.21 -2.54 11.95
C ILE B 65 -2.40 -1.82 10.61
N MET B 66 -1.72 -0.69 10.36
CA MET B 66 -1.66 -0.09 9.02
C MET B 66 -1.06 -1.07 7.99
N ASN B 67 -0.01 -1.82 8.35
CA ASN B 67 0.50 -2.92 7.53
C ASN B 67 -0.51 -4.09 7.41
N SER B 68 -1.30 -4.40 8.45
CA SER B 68 -2.45 -5.31 8.30
C SER B 68 -3.47 -4.79 7.26
N PHE B 69 -3.75 -3.49 7.20
CA PHE B 69 -4.59 -2.90 6.15
C PHE B 69 -3.97 -3.03 4.75
N VAL B 70 -2.65 -2.96 4.60
CA VAL B 70 -1.97 -3.36 3.36
C VAL B 70 -2.29 -4.82 3.01
N ASN B 71 -2.08 -5.73 3.95
CA ASN B 71 -2.30 -7.18 3.76
C ASN B 71 -3.78 -7.55 3.49
N ASP B 72 -4.73 -6.81 4.07
CA ASP B 72 -6.18 -7.11 4.03
C ASP B 72 -6.96 -6.18 3.10
N ILE B 73 -7.02 -4.87 3.39
CA ILE B 73 -7.84 -3.89 2.66
C ILE B 73 -7.31 -3.69 1.23
N PHE B 74 -6.02 -3.39 1.08
CA PHE B 74 -5.46 -3.09 -0.25
C PHE B 74 -5.50 -4.33 -1.17
N GLU B 75 -5.28 -5.53 -0.61
CA GLU B 75 -5.55 -6.81 -1.26
C GLU B 75 -7.03 -6.97 -1.67
N ARG B 76 -7.99 -6.67 -0.77
CA ARG B 76 -9.44 -6.72 -1.08
C ARG B 76 -9.82 -5.80 -2.23
N ILE B 77 -9.34 -4.54 -2.24
CA ILE B 77 -9.55 -3.62 -3.36
C ILE B 77 -8.95 -4.17 -4.66
N ALA B 78 -7.73 -4.72 -4.63
CA ALA B 78 -7.14 -5.39 -5.79
C ALA B 78 -8.01 -6.54 -6.32
N GLY B 79 -8.54 -7.39 -5.43
CA GLY B 79 -9.51 -8.45 -5.77
C GLY B 79 -10.79 -7.91 -6.42
N GLU B 80 -11.39 -6.86 -5.87
CA GLU B 80 -12.58 -6.22 -6.44
C GLU B 80 -12.29 -5.57 -7.81
N ALA B 81 -11.18 -4.82 -7.94
CA ALA B 81 -10.73 -4.25 -9.21
C ALA B 81 -10.43 -5.34 -10.26
N SER B 82 -9.87 -6.48 -9.86
CA SER B 82 -9.70 -7.66 -10.72
C SER B 82 -11.04 -8.20 -11.24
N ARG B 83 -12.02 -8.46 -10.34
CA ARG B 83 -13.38 -8.89 -10.72
C ARG B 83 -14.08 -7.89 -11.64
N LEU B 84 -13.95 -6.58 -11.38
CA LEU B 84 -14.44 -5.49 -12.22
C LEU B 84 -13.79 -5.53 -13.63
N ALA B 85 -12.47 -5.72 -13.70
CA ALA B 85 -11.74 -5.90 -14.96
C ALA B 85 -12.22 -7.16 -15.72
N HIS B 86 -12.45 -8.28 -15.04
CA HIS B 86 -13.03 -9.51 -15.63
C HIS B 86 -14.43 -9.30 -16.21
N TYR B 87 -15.30 -8.52 -15.54
CA TYR B 87 -16.62 -8.13 -16.06
C TYR B 87 -16.50 -7.37 -17.41
N ASN B 88 -15.48 -6.52 -17.56
CA ASN B 88 -15.11 -5.85 -18.81
C ASN B 88 -14.17 -6.69 -19.73
N LYS B 89 -14.04 -8.01 -19.47
CA LYS B 89 -13.24 -9.00 -20.24
C LYS B 89 -11.75 -8.60 -20.46
N ARG B 90 -11.18 -7.82 -19.54
CA ARG B 90 -9.79 -7.33 -19.63
C ARG B 90 -8.76 -8.44 -19.35
N SER B 91 -7.54 -8.23 -19.86
CA SER B 91 -6.34 -8.99 -19.46
C SER B 91 -5.71 -8.49 -18.16
N THR B 92 -5.86 -7.19 -17.85
CA THR B 92 -5.25 -6.51 -16.69
C THR B 92 -6.19 -5.48 -16.04
N ILE B 93 -5.81 -4.98 -14.86
CA ILE B 93 -6.43 -3.81 -14.22
C ILE B 93 -5.84 -2.54 -14.87
N THR B 94 -6.63 -1.85 -15.70
CA THR B 94 -6.20 -0.62 -16.42
C THR B 94 -6.46 0.64 -15.60
N SER B 95 -5.93 1.79 -16.05
CA SER B 95 -6.31 3.12 -15.53
C SER B 95 -7.82 3.37 -15.58
N ARG B 96 -8.52 2.88 -16.62
CA ARG B 96 -9.98 2.97 -16.76
C ARG B 96 -10.73 2.06 -15.79
N GLU B 97 -10.27 0.82 -15.60
CA GLU B 97 -10.81 -0.07 -14.56
C GLU B 97 -10.61 0.52 -13.16
N ILE B 98 -9.42 1.07 -12.87
CA ILE B 98 -9.16 1.82 -11.63
C ILE B 98 -10.14 2.98 -11.48
N GLN B 99 -10.33 3.84 -12.50
CA GLN B 99 -11.30 4.94 -12.47
C GLN B 99 -12.69 4.44 -12.00
N THR B 100 -13.24 3.41 -12.64
CA THR B 100 -14.53 2.81 -12.23
C THR B 100 -14.47 2.27 -10.80
N ALA B 101 -13.40 1.59 -10.39
CA ALA B 101 -13.23 1.13 -9.01
C ALA B 101 -13.29 2.29 -8.00
N VAL B 102 -12.58 3.41 -8.21
CA VAL B 102 -12.70 4.57 -7.30
C VAL B 102 -14.07 5.23 -7.38
N ARG B 103 -14.71 5.29 -8.56
CA ARG B 103 -16.09 5.81 -8.70
C ARG B 103 -17.14 4.97 -7.93
N LEU B 104 -16.84 3.71 -7.60
CA LEU B 104 -17.60 2.89 -6.63
C LEU B 104 -17.25 3.24 -5.17
N LEU B 105 -15.96 3.41 -4.85
CA LEU B 105 -15.48 3.83 -3.51
C LEU B 105 -15.89 5.27 -3.12
N LEU B 106 -16.11 6.15 -4.10
CA LEU B 106 -16.50 7.56 -3.95
C LEU B 106 -17.84 7.84 -4.66
N PRO B 107 -18.99 7.71 -3.96
CA PRO B 107 -20.33 7.95 -4.54
C PRO B 107 -20.63 9.41 -4.93
N GLY B 108 -19.99 10.39 -4.27
CA GLY B 108 -20.18 11.83 -4.54
C GLY B 108 -19.78 12.24 -5.96
N GLU B 109 -20.64 12.95 -6.69
CA GLU B 109 -20.42 13.30 -8.10
C GLU B 109 -19.19 14.19 -8.32
N LEU B 110 -18.92 15.13 -7.40
CA LEU B 110 -17.68 15.95 -7.41
C LEU B 110 -16.43 15.08 -7.23
N ALA B 111 -16.50 14.06 -6.37
CA ALA B 111 -15.41 13.10 -6.18
C ALA B 111 -15.22 12.20 -7.40
N LYS B 112 -16.29 11.70 -8.05
CA LYS B 112 -16.22 11.00 -9.34
C LYS B 112 -15.51 11.83 -10.42
N HIS B 113 -15.84 13.12 -10.55
CA HIS B 113 -15.13 14.06 -11.43
C HIS B 113 -13.62 14.14 -11.10
N ALA B 114 -13.26 14.31 -9.82
CA ALA B 114 -11.86 14.28 -9.37
C ALA B 114 -11.14 12.96 -9.72
N VAL B 115 -11.82 11.81 -9.67
CA VAL B 115 -11.30 10.52 -10.13
C VAL B 115 -11.06 10.49 -11.64
N SER B 116 -11.98 11.01 -12.46
CA SER B 116 -11.79 11.16 -13.92
C SER B 116 -10.61 12.09 -14.26
N GLU B 117 -10.42 13.19 -13.52
CA GLU B 117 -9.18 13.98 -13.57
C GLU B 117 -7.94 13.16 -13.13
N GLY B 118 -8.10 12.25 -12.17
CA GLY B 118 -7.11 11.22 -11.80
C GLY B 118 -6.66 10.33 -12.97
N THR B 119 -7.57 9.96 -13.87
CA THR B 119 -7.24 9.25 -15.13
C THR B 119 -6.30 10.06 -16.02
N LYS B 120 -6.44 11.39 -16.05
CA LYS B 120 -5.47 12.31 -16.69
C LYS B 120 -4.17 12.39 -15.89
N ALA B 121 -4.24 12.51 -14.57
CA ALA B 121 -3.08 12.56 -13.67
C ALA B 121 -2.13 11.36 -13.83
N VAL B 122 -2.64 10.12 -13.90
CA VAL B 122 -1.78 8.94 -14.16
C VAL B 122 -1.08 9.01 -15.52
N THR B 123 -1.76 9.48 -16.58
CA THR B 123 -1.15 9.77 -17.88
C THR B 123 -0.05 10.84 -17.77
N LYS B 124 -0.27 11.93 -17.01
CA LYS B 124 0.77 12.92 -16.71
C LYS B 124 1.97 12.31 -15.99
N TYR B 125 1.76 11.46 -14.99
CA TYR B 125 2.84 10.75 -14.26
C TYR B 125 3.71 9.90 -15.20
N THR B 126 3.14 9.20 -16.19
CA THR B 126 3.90 8.39 -17.18
C THR B 126 4.51 9.23 -18.32
N SER B 127 3.85 10.30 -18.78
CA SER B 127 4.36 11.18 -19.85
C SER B 127 5.45 12.17 -19.41
N ALA B 128 5.56 12.45 -18.11
CA ALA B 128 6.59 13.31 -17.51
C ALA B 128 8.03 12.91 -17.92
N LYS B 129 8.87 13.93 -18.16
CA LYS B 129 10.28 13.80 -18.57
C LYS B 129 11.15 13.14 -17.48
N GLY A 1 50.09 -30.96 -38.36
CA GLY A 1 51.38 -30.67 -39.04
C GLY A 1 51.21 -30.31 -40.51
N PRO A 2 52.28 -30.41 -41.33
CA PRO A 2 52.26 -30.08 -42.76
C PRO A 2 51.19 -30.82 -43.59
N GLY A 3 50.68 -30.16 -44.63
CA GLY A 3 49.61 -30.67 -45.51
C GLY A 3 48.18 -30.56 -44.97
N MET A 4 47.99 -30.22 -43.69
CA MET A 4 46.69 -29.90 -43.08
C MET A 4 46.36 -28.40 -43.24
N SER A 5 45.07 -28.06 -43.39
CA SER A 5 44.63 -26.68 -43.62
C SER A 5 44.66 -25.83 -42.33
N GLY A 6 45.47 -24.77 -42.33
CA GLY A 6 45.59 -23.80 -41.22
C GLY A 6 44.36 -22.90 -41.05
N ARG A 7 44.14 -22.41 -39.82
CA ARG A 7 43.07 -21.44 -39.49
C ARG A 7 43.25 -20.10 -40.22
N GLY A 8 42.18 -19.60 -40.84
CA GLY A 8 42.13 -18.28 -41.48
C GLY A 8 42.25 -17.10 -40.49
N LYS A 9 42.71 -15.94 -40.97
CA LYS A 9 42.78 -14.68 -40.19
C LYS A 9 41.39 -14.22 -39.70
N GLN A 10 40.38 -14.35 -40.54
CA GLN A 10 38.97 -14.10 -40.19
C GLN A 10 38.46 -15.14 -39.19
N GLY A 11 38.06 -14.69 -37.99
CA GLY A 11 37.47 -15.52 -36.94
C GLY A 11 35.98 -15.87 -37.18
N GLY A 12 35.30 -16.30 -36.11
CA GLY A 12 33.84 -16.47 -36.07
C GLY A 12 33.06 -15.14 -35.99
N LYS A 13 31.86 -15.19 -35.42
CA LYS A 13 31.03 -14.00 -35.09
C LYS A 13 31.80 -13.03 -34.18
N ALA A 14 31.97 -11.78 -34.62
CA ALA A 14 32.55 -10.71 -33.81
C ALA A 14 31.62 -10.36 -32.63
N ARG A 15 32.17 -10.24 -31.41
CA ARG A 15 31.40 -9.92 -30.20
C ARG A 15 30.94 -8.47 -30.20
N ALA A 16 29.68 -8.24 -30.55
CA ALA A 16 28.99 -6.96 -30.36
C ALA A 16 28.92 -6.60 -28.86
N LYS A 17 29.04 -5.32 -28.51
CA LYS A 17 28.91 -4.83 -27.13
C LYS A 17 27.50 -5.15 -26.60
N ALA A 18 27.43 -5.97 -25.55
CA ALA A 18 26.17 -6.35 -24.91
C ALA A 18 25.41 -5.12 -24.37
N LYS A 19 24.08 -5.09 -24.50
CA LYS A 19 23.25 -3.95 -24.07
C LYS A 19 23.40 -3.69 -22.57
N THR A 20 24.03 -2.58 -22.21
CA THR A 20 24.19 -2.11 -20.83
C THR A 20 22.85 -1.58 -20.28
N ARG A 21 22.67 -1.62 -18.95
CA ARG A 21 21.46 -1.10 -18.30
C ARG A 21 21.37 0.43 -18.45
N SER A 22 20.37 0.90 -19.20
CA SER A 22 20.15 2.32 -19.51
C SER A 22 19.65 3.11 -18.31
N SER A 23 18.83 2.50 -17.45
CA SER A 23 18.40 3.06 -16.16
C SER A 23 19.60 3.33 -15.24
N ARG A 24 19.66 4.53 -14.65
CA ARG A 24 20.76 5.01 -13.78
C ARG A 24 20.93 4.12 -12.54
N ALA A 25 22.17 3.74 -12.23
CA ALA A 25 22.52 2.96 -11.04
C ALA A 25 22.25 3.73 -9.73
N GLY A 26 21.83 3.01 -8.67
CA GLY A 26 21.49 3.57 -7.36
C GLY A 26 20.63 2.65 -6.50
N LEU A 27 20.07 3.19 -5.42
CA LEU A 27 19.22 2.46 -4.46
C LEU A 27 18.00 1.81 -5.13
N GLN A 28 17.68 0.58 -4.71
CA GLN A 28 16.53 -0.20 -5.19
C GLN A 28 15.43 -0.25 -4.12
N PHE A 29 14.16 -0.10 -4.54
CA PHE A 29 12.98 0.00 -3.67
C PHE A 29 11.88 -1.00 -4.08
N PRO A 30 10.95 -1.38 -3.17
CA PRO A 30 9.89 -2.36 -3.45
C PRO A 30 9.03 -2.04 -4.67
N VAL A 31 8.76 -0.76 -4.95
CA VAL A 31 8.00 -0.30 -6.13
C VAL A 31 8.56 -0.82 -7.46
N GLY A 32 9.89 -1.02 -7.55
CA GLY A 32 10.59 -1.65 -8.68
C GLY A 32 10.15 -3.09 -8.99
N ARG A 33 9.61 -3.80 -7.99
CA ARG A 33 8.97 -5.13 -8.13
C ARG A 33 7.45 -5.02 -8.24
N VAL A 34 6.81 -4.16 -7.43
CA VAL A 34 5.35 -3.96 -7.45
C VAL A 34 4.84 -3.58 -8.85
N HIS A 35 5.51 -2.69 -9.60
CA HIS A 35 5.05 -2.34 -10.97
C HIS A 35 5.01 -3.56 -11.92
N ARG A 36 5.98 -4.49 -11.80
CA ARG A 36 6.00 -5.77 -12.54
C ARG A 36 4.87 -6.69 -12.09
N LEU A 37 4.65 -6.84 -10.78
CA LEU A 37 3.54 -7.60 -10.20
C LEU A 37 2.16 -7.08 -10.67
N LEU A 38 1.97 -5.75 -10.76
CA LEU A 38 0.76 -5.13 -11.33
C LEU A 38 0.56 -5.51 -12.81
N ARG A 39 1.62 -5.51 -13.63
CA ARG A 39 1.53 -5.98 -15.03
C ARG A 39 1.13 -7.46 -15.10
N LYS A 40 1.84 -8.33 -14.37
CA LYS A 40 1.55 -9.78 -14.26
C LYS A 40 0.10 -10.07 -13.80
N GLY A 41 -0.39 -9.30 -12.82
CA GLY A 41 -1.76 -9.34 -12.29
C GLY A 41 -2.85 -8.77 -13.21
N ASN A 42 -2.53 -8.40 -14.46
CA ASN A 42 -3.42 -7.81 -15.47
C ASN A 42 -4.11 -6.50 -15.02
N TYR A 43 -3.46 -5.69 -14.17
CA TYR A 43 -4.00 -4.39 -13.76
C TYR A 43 -3.98 -3.39 -14.94
N SER A 44 -2.85 -3.27 -15.64
CA SER A 44 -2.78 -2.65 -16.97
C SER A 44 -1.75 -3.30 -17.90
N GLU A 45 -1.92 -3.08 -19.21
CA GLU A 45 -1.07 -3.60 -20.29
C GLU A 45 0.43 -3.27 -20.09
N ARG A 46 0.75 -2.03 -19.70
CA ARG A 46 2.09 -1.57 -19.31
C ARG A 46 2.01 -0.67 -18.07
N VAL A 47 2.85 -0.95 -17.08
CA VAL A 47 2.90 -0.24 -15.79
C VAL A 47 4.25 0.47 -15.63
N GLY A 48 4.23 1.79 -15.45
CA GLY A 48 5.42 2.59 -15.11
C GLY A 48 5.84 2.44 -13.65
N ALA A 49 7.13 2.61 -13.34
CA ALA A 49 7.64 2.56 -11.96
C ALA A 49 6.97 3.56 -11.00
N GLY A 50 6.55 4.73 -11.52
CA GLY A 50 5.76 5.73 -10.79
C GLY A 50 4.31 5.34 -10.49
N ALA A 51 3.71 4.40 -11.23
CA ALA A 51 2.31 4.01 -11.05
C ALA A 51 1.98 3.49 -9.63
N PRO A 52 2.68 2.49 -9.05
CA PRO A 52 2.48 2.10 -7.65
C PRO A 52 2.70 3.25 -6.65
N VAL A 53 3.59 4.22 -6.94
CA VAL A 53 3.76 5.43 -6.09
C VAL A 53 2.50 6.31 -6.11
N TYR A 54 1.93 6.58 -7.29
CA TYR A 54 0.67 7.33 -7.40
C TYR A 54 -0.54 6.56 -6.84
N LEU A 55 -0.64 5.24 -7.04
CA LEU A 55 -1.64 4.40 -6.39
C LEU A 55 -1.50 4.44 -4.85
N ALA A 56 -0.27 4.38 -4.32
CA ALA A 56 0.00 4.64 -2.91
C ALA A 56 -0.40 6.07 -2.48
N ALA A 57 -0.32 7.09 -3.34
CA ALA A 57 -0.82 8.44 -3.07
C ALA A 57 -2.36 8.51 -2.99
N VAL A 58 -3.11 7.72 -3.78
CA VAL A 58 -4.56 7.55 -3.59
C VAL A 58 -4.84 6.97 -2.19
N LEU A 59 -4.10 5.91 -1.82
CA LEU A 59 -4.14 5.34 -0.48
C LEU A 59 -3.74 6.33 0.62
N GLU A 60 -2.74 7.19 0.42
CA GLU A 60 -2.30 8.24 1.37
C GLU A 60 -3.47 9.13 1.84
N TYR A 61 -4.29 9.62 0.91
CA TYR A 61 -5.53 10.35 1.24
C TYR A 61 -6.48 9.50 2.10
N LEU A 62 -6.67 8.23 1.77
CA LEU A 62 -7.54 7.31 2.50
C LEU A 62 -6.99 6.92 3.88
N THR A 63 -5.67 6.80 4.04
CA THR A 63 -4.98 6.76 5.33
C THR A 63 -5.35 7.98 6.16
N ALA A 64 -5.28 9.20 5.61
CA ALA A 64 -5.72 10.41 6.29
C ALA A 64 -7.22 10.36 6.69
N GLU A 65 -8.12 9.82 5.85
CA GLU A 65 -9.53 9.61 6.19
C GLU A 65 -9.75 8.59 7.33
N ILE A 66 -9.04 7.45 7.32
CA ILE A 66 -9.03 6.49 8.45
C ILE A 66 -8.53 7.19 9.73
N LEU A 67 -7.46 7.98 9.63
CA LEU A 67 -6.91 8.76 10.73
C LEU A 67 -7.86 9.88 11.23
N GLU A 68 -8.70 10.46 10.37
CA GLU A 68 -9.78 11.38 10.76
C GLU A 68 -10.83 10.67 11.64
N LEU A 69 -11.32 9.49 11.21
CA LEU A 69 -12.21 8.64 12.00
C LEU A 69 -11.56 8.26 13.35
N ALA A 70 -10.28 7.84 13.34
CA ALA A 70 -9.51 7.55 14.54
C ALA A 70 -9.29 8.79 15.44
N GLY A 71 -9.13 9.98 14.87
CA GLY A 71 -9.10 11.26 15.57
C GLY A 71 -10.39 11.54 16.34
N ASN A 72 -11.56 11.33 15.72
CA ASN A 72 -12.86 11.40 16.42
C ASN A 72 -12.95 10.36 17.55
N ALA A 73 -12.53 9.12 17.30
CA ALA A 73 -12.43 8.10 18.35
C ALA A 73 -11.53 8.53 19.53
N ALA A 74 -10.39 9.19 19.26
CA ALA A 74 -9.53 9.76 20.30
C ALA A 74 -10.21 10.91 21.07
N ARG A 75 -10.87 11.85 20.37
CA ARG A 75 -11.70 12.94 20.96
C ARG A 75 -12.79 12.41 21.90
N ASP A 76 -13.50 11.33 21.52
CA ASP A 76 -14.48 10.65 22.38
C ASP A 76 -13.91 10.15 23.73
N ASN A 77 -12.59 9.94 23.80
CA ASN A 77 -11.84 9.56 25.01
C ASN A 77 -11.01 10.73 25.60
N LYS A 78 -11.11 11.94 25.03
CA LYS A 78 -10.29 13.14 25.33
C LYS A 78 -8.76 12.91 25.22
N LYS A 79 -8.33 12.01 24.32
CA LYS A 79 -6.92 11.63 24.09
C LYS A 79 -6.29 12.31 22.87
N THR A 80 -4.97 12.42 22.89
CA THR A 80 -4.11 12.98 21.82
C THR A 80 -3.19 11.94 21.16
N ARG A 81 -3.46 10.65 21.36
CA ARG A 81 -2.79 9.53 20.67
C ARG A 81 -3.80 8.50 20.16
N ILE A 82 -3.71 8.13 18.90
CA ILE A 82 -4.45 7.02 18.29
C ILE A 82 -3.86 5.67 18.75
N ILE A 83 -4.71 4.82 19.33
CA ILE A 83 -4.35 3.46 19.82
C ILE A 83 -5.30 2.40 19.21
N PRO A 84 -5.04 1.09 19.35
CA PRO A 84 -5.90 0.03 18.80
C PRO A 84 -7.38 0.12 19.21
N ARG A 85 -7.66 0.57 20.45
CA ARG A 85 -9.03 0.84 20.94
C ARG A 85 -9.77 1.96 20.18
N HIS A 86 -9.03 2.88 19.55
CA HIS A 86 -9.58 3.87 18.60
C HIS A 86 -9.77 3.28 17.21
N LEU A 87 -8.84 2.44 16.74
CA LEU A 87 -9.02 1.68 15.49
C LEU A 87 -10.21 0.70 15.54
N GLN A 88 -10.57 0.19 16.72
CA GLN A 88 -11.85 -0.50 16.93
C GLN A 88 -13.04 0.40 16.55
N LEU A 89 -13.16 1.57 17.18
CA LEU A 89 -14.23 2.54 16.88
C LEU A 89 -14.22 3.01 15.40
N ALA A 90 -13.03 3.30 14.85
CA ALA A 90 -12.85 3.86 13.51
C ALA A 90 -12.99 2.83 12.36
N ILE A 91 -12.51 1.60 12.56
CA ILE A 91 -12.41 0.56 11.52
C ILE A 91 -13.36 -0.62 11.86
N ARG A 92 -13.12 -1.33 12.97
CA ARG A 92 -13.87 -2.57 13.32
C ARG A 92 -15.37 -2.34 13.55
N ASN A 93 -15.78 -1.14 13.97
CA ASN A 93 -17.17 -0.76 14.23
C ASN A 93 -17.80 0.05 13.08
N ASP A 94 -17.08 0.31 11.98
CA ASP A 94 -17.61 0.98 10.79
C ASP A 94 -17.98 -0.05 9.71
N GLU A 95 -19.28 -0.15 9.40
CA GLU A 95 -19.86 -1.08 8.42
C GLU A 95 -19.13 -1.05 7.07
N GLU A 96 -18.80 0.14 6.55
CA GLU A 96 -18.09 0.31 5.28
C GLU A 96 -16.69 -0.31 5.32
N LEU A 97 -15.91 -0.02 6.37
CA LEU A 97 -14.58 -0.57 6.54
C LEU A 97 -14.60 -2.06 6.94
N ASN A 98 -15.72 -2.61 7.41
CA ASN A 98 -15.92 -4.07 7.51
C ASN A 98 -16.26 -4.71 6.15
N LYS A 99 -17.00 -4.01 5.27
CA LYS A 99 -17.29 -4.49 3.90
C LYS A 99 -16.07 -4.44 2.98
N LEU A 100 -15.14 -3.51 3.19
CA LEU A 100 -13.86 -3.42 2.47
C LEU A 100 -12.70 -4.15 3.14
N LEU A 101 -12.43 -3.89 4.43
CA LEU A 101 -11.24 -4.31 5.18
C LEU A 101 -11.63 -5.30 6.31
N GLY A 102 -10.76 -5.49 7.32
CA GLY A 102 -10.99 -6.43 8.43
C GLY A 102 -11.25 -7.87 7.93
N ARG A 103 -12.39 -8.43 8.31
CA ARG A 103 -12.99 -9.61 7.68
C ARG A 103 -14.25 -9.18 6.91
N VAL A 104 -14.25 -9.38 5.58
CA VAL A 104 -15.41 -9.10 4.72
C VAL A 104 -16.59 -9.98 5.11
N THR A 105 -17.76 -9.40 5.37
CA THR A 105 -18.98 -10.13 5.74
C THR A 105 -19.47 -11.01 4.59
N ILE A 106 -19.36 -12.33 4.73
CA ILE A 106 -19.85 -13.31 3.76
C ILE A 106 -21.36 -13.50 3.98
N ALA A 107 -22.18 -13.14 2.99
CA ALA A 107 -23.64 -13.30 3.04
C ALA A 107 -24.02 -14.79 3.22
N GLN A 108 -24.67 -15.11 4.34
CA GLN A 108 -25.07 -16.48 4.68
C GLN A 108 -26.23 -16.97 3.79
N GLY A 109 -26.21 -18.26 3.41
CA GLY A 109 -27.19 -18.86 2.48
C GLY A 109 -28.63 -18.84 3.03
N GLY A 110 -29.46 -17.95 2.49
CA GLY A 110 -30.89 -17.84 2.82
C GLY A 110 -31.69 -19.07 2.37
N VAL A 111 -32.68 -19.50 3.17
CA VAL A 111 -33.59 -20.61 2.83
C VAL A 111 -34.55 -20.18 1.71
N LEU A 112 -34.33 -20.69 0.50
CA LEU A 112 -35.21 -20.49 -0.66
C LEU A 112 -36.52 -21.29 -0.52
N PRO A 113 -37.67 -20.80 -1.02
CA PRO A 113 -38.90 -21.58 -1.09
C PRO A 113 -38.72 -22.83 -1.96
N ASN A 114 -38.85 -24.02 -1.35
CA ASN A 114 -38.71 -25.31 -2.06
C ASN A 114 -39.93 -25.58 -2.96
N ILE A 115 -39.66 -25.93 -4.23
CA ILE A 115 -40.68 -26.47 -5.15
C ILE A 115 -40.90 -27.95 -4.78
N GLN A 116 -42.14 -28.35 -4.51
CA GLN A 116 -42.49 -29.75 -4.26
C GLN A 116 -42.31 -30.56 -5.55
N ALA A 117 -41.35 -31.48 -5.57
CA ALA A 117 -41.12 -32.38 -6.70
C ALA A 117 -42.32 -33.32 -6.92
N VAL A 118 -42.84 -33.38 -8.14
CA VAL A 118 -43.94 -34.29 -8.51
C VAL A 118 -43.44 -35.74 -8.47
N LEU A 119 -44.00 -36.55 -7.57
CA LEU A 119 -43.71 -37.98 -7.50
C LEU A 119 -44.23 -38.67 -8.76
N LEU A 120 -43.33 -39.15 -9.62
CA LEU A 120 -43.69 -39.88 -10.84
C LEU A 120 -44.37 -41.21 -10.46
N PRO A 121 -45.61 -41.48 -10.94
CA PRO A 121 -46.33 -42.70 -10.58
C PRO A 121 -45.61 -43.96 -11.07
N LYS A 122 -45.58 -45.01 -10.24
CA LYS A 122 -45.07 -46.33 -10.62
C LYS A 122 -45.92 -46.90 -11.77
N LYS A 123 -45.33 -47.06 -12.96
CA LYS A 123 -46.02 -47.55 -14.16
C LYS A 123 -46.30 -49.05 -14.04
N THR A 124 -47.57 -49.43 -14.04
CA THR A 124 -48.03 -50.83 -14.03
C THR A 124 -48.59 -51.15 -15.42
N GLU A 125 -47.87 -51.97 -16.19
CA GLU A 125 -48.30 -52.39 -17.52
C GLU A 125 -49.57 -53.27 -17.44
N SER A 126 -50.60 -52.92 -18.19
CA SER A 126 -51.91 -53.60 -18.17
C SER A 126 -51.87 -55.00 -18.81
N HIS A 127 -52.54 -55.97 -18.16
CA HIS A 127 -52.67 -57.35 -18.67
C HIS A 127 -53.73 -57.47 -19.77
N HIS A 128 -54.75 -56.61 -19.74
CA HIS A 128 -55.77 -56.46 -20.80
C HIS A 128 -55.14 -55.94 -22.11
N LYS A 129 -55.43 -56.59 -23.24
CA LYS A 129 -54.85 -56.27 -24.56
C LYS A 129 -55.33 -54.94 -25.14
N ALA A 130 -54.48 -54.26 -25.91
CA ALA A 130 -54.80 -53.00 -26.59
C ALA A 130 -56.00 -53.14 -27.56
N LYS A 131 -56.83 -52.09 -27.65
CA LYS A 131 -58.06 -52.06 -28.45
C LYS A 131 -57.76 -52.20 -29.96
N GLY A 132 -58.35 -53.22 -30.60
CA GLY A 132 -58.31 -53.42 -32.06
C GLY A 132 -59.10 -52.35 -32.82
N LYS A 133 -58.52 -51.83 -33.92
CA LYS A 133 -59.15 -50.86 -34.82
C LYS A 133 -60.14 -51.52 -35.79
N GLY B 1 46.27 -16.79 24.85
CA GLY B 1 46.02 -18.10 24.20
C GLY B 1 44.54 -18.48 24.25
N PRO B 2 44.14 -19.44 25.10
CA PRO B 2 42.74 -19.86 25.26
C PRO B 2 41.82 -18.71 25.73
N GLY B 3 40.62 -18.64 25.17
CA GLY B 3 39.53 -17.78 25.66
C GLY B 3 39.04 -18.19 27.07
N MET B 4 38.61 -17.22 27.88
CA MET B 4 38.01 -17.49 29.20
C MET B 4 36.74 -18.37 29.08
N PRO B 5 36.46 -19.26 30.06
CA PRO B 5 35.26 -20.11 30.04
C PRO B 5 33.96 -19.32 29.93
N GLU B 6 33.00 -19.83 29.15
CA GLU B 6 31.67 -19.23 28.97
C GLU B 6 30.93 -19.06 30.32
N PRO B 7 30.36 -17.87 30.62
CA PRO B 7 29.61 -17.63 31.86
C PRO B 7 28.31 -18.45 31.93
N ALA B 8 27.82 -18.69 33.14
CA ALA B 8 26.57 -19.44 33.40
C ALA B 8 25.33 -18.84 32.69
N LYS B 9 25.34 -17.52 32.44
CA LYS B 9 24.29 -16.79 31.70
C LYS B 9 24.27 -17.07 30.19
N SER B 10 25.36 -17.57 29.62
CA SER B 10 25.47 -17.92 28.19
C SER B 10 24.67 -19.19 27.85
N ALA B 11 24.07 -19.23 26.66
CA ALA B 11 23.32 -20.39 26.18
C ALA B 11 24.21 -21.62 25.90
N PRO B 12 23.72 -22.86 26.13
CA PRO B 12 24.47 -24.09 25.86
C PRO B 12 24.67 -24.40 24.36
N ALA B 13 23.89 -23.77 23.47
CA ALA B 13 23.99 -23.94 22.02
C ALA B 13 25.41 -23.61 21.47
N PRO B 14 25.92 -24.38 20.48
CA PRO B 14 27.24 -24.17 19.89
C PRO B 14 27.35 -22.82 19.15
N LYS B 15 28.55 -22.22 19.18
CA LYS B 15 28.89 -20.99 18.44
C LYS B 15 29.05 -21.27 16.94
N LYS B 16 28.72 -20.28 16.09
CA LYS B 16 28.83 -20.36 14.62
C LYS B 16 30.30 -20.40 14.16
N GLY B 17 30.57 -21.17 13.09
CA GLY B 17 31.89 -21.25 12.44
C GLY B 17 32.27 -20.01 11.61
N SER B 18 31.29 -19.19 11.22
CA SER B 18 31.48 -17.95 10.46
C SER B 18 32.11 -16.80 11.27
N LYS B 19 32.71 -15.82 10.57
CA LYS B 19 33.27 -14.60 11.17
C LYS B 19 32.18 -13.76 11.87
N LYS B 20 32.51 -13.12 12.98
CA LYS B 20 31.62 -12.17 13.70
C LYS B 20 31.26 -10.97 12.81
N ALA B 21 29.99 -10.56 12.83
CA ALA B 21 29.52 -9.36 12.16
C ALA B 21 30.11 -8.08 12.79
N VAL B 22 30.41 -7.07 11.97
CA VAL B 22 30.90 -5.76 12.46
C VAL B 22 29.75 -5.02 13.17
N THR B 23 29.92 -4.73 14.46
CA THR B 23 28.92 -4.03 15.28
C THR B 23 28.84 -2.54 14.94
N LYS B 24 27.62 -1.99 14.91
CA LYS B 24 27.37 -0.55 14.70
C LYS B 24 27.56 0.24 16.00
N ALA B 25 28.18 1.41 15.92
CA ALA B 25 28.26 2.36 17.04
C ALA B 25 26.85 2.88 17.40
N GLN B 26 26.49 2.86 18.69
CA GLN B 26 25.19 3.33 19.17
C GLN B 26 25.02 4.84 18.94
N LYS B 27 23.98 5.23 18.17
CA LYS B 27 23.66 6.63 17.89
C LYS B 27 23.25 7.38 19.17
N LYS B 28 23.83 8.56 19.41
CA LYS B 28 23.57 9.40 20.59
C LYS B 28 22.09 9.84 20.65
N ASP B 29 21.49 9.71 21.82
CA ASP B 29 20.09 10.06 22.09
C ASP B 29 19.82 11.58 22.04
N GLY B 30 18.63 11.96 21.56
CA GLY B 30 18.13 13.34 21.60
C GLY B 30 17.40 13.67 22.91
N LYS B 31 16.22 14.29 22.82
CA LYS B 31 15.26 14.40 23.95
C LYS B 31 14.85 13.01 24.48
N LYS B 32 14.64 12.06 23.56
CA LYS B 32 14.37 10.63 23.81
C LYS B 32 15.42 9.74 23.14
N ARG B 33 15.54 8.49 23.61
CA ARG B 33 16.40 7.43 23.03
C ARG B 33 15.60 6.47 22.12
N LYS B 34 16.30 5.80 21.19
CA LYS B 34 15.71 4.87 20.20
C LYS B 34 15.45 3.48 20.82
N ARG B 35 14.44 3.38 21.69
CA ARG B 35 14.03 2.16 22.41
C ARG B 35 13.61 1.02 21.46
N SER B 36 12.92 1.36 20.38
CA SER B 36 12.52 0.44 19.30
C SER B 36 13.06 0.90 17.94
N ARG B 37 13.09 -0.02 16.96
CA ARG B 37 13.62 0.19 15.59
C ARG B 37 12.80 1.20 14.78
N LYS B 38 13.48 1.89 13.85
CA LYS B 38 12.90 2.78 12.82
C LYS B 38 13.03 2.22 11.39
N GLU B 39 13.40 0.94 11.27
CA GLU B 39 13.58 0.23 9.98
C GLU B 39 12.25 -0.15 9.31
N SER B 40 11.17 -0.27 10.09
CA SER B 40 9.82 -0.64 9.66
C SER B 40 9.11 0.47 8.85
N TYR B 41 8.26 0.07 7.91
CA TYR B 41 7.47 0.98 7.06
C TYR B 41 6.34 1.71 7.82
N SER B 42 5.80 1.08 8.88
CA SER B 42 4.64 1.53 9.67
C SER B 42 4.63 3.03 10.01
N ILE B 43 5.78 3.62 10.33
CA ILE B 43 5.98 5.06 10.61
C ILE B 43 5.39 5.99 9.55
N TYR B 44 5.26 5.55 8.29
CA TYR B 44 4.56 6.28 7.22
C TYR B 44 3.14 6.72 7.62
N VAL B 45 2.41 5.90 8.39
CA VAL B 45 1.08 6.25 8.92
C VAL B 45 1.14 7.51 9.79
N TYR B 46 2.17 7.67 10.65
CA TYR B 46 2.39 8.91 11.41
C TYR B 46 2.78 10.08 10.49
N LYS B 47 3.64 9.87 9.49
CA LYS B 47 3.95 10.90 8.46
C LYS B 47 2.69 11.43 7.76
N VAL B 48 1.71 10.58 7.50
CA VAL B 48 0.37 11.00 7.01
C VAL B 48 -0.42 11.73 8.11
N LEU B 49 -0.51 11.21 9.33
CA LEU B 49 -1.21 11.85 10.46
C LEU B 49 -0.78 13.31 10.66
N LYS B 50 0.52 13.61 10.59
CA LYS B 50 1.08 14.98 10.67
C LYS B 50 0.48 15.97 9.65
N GLN B 51 -0.05 15.51 8.52
CA GLN B 51 -0.69 16.36 7.50
C GLN B 51 -2.05 16.91 7.95
N VAL B 52 -2.80 16.15 8.77
CA VAL B 52 -4.18 16.46 9.19
C VAL B 52 -4.30 16.82 10.69
N HIS B 53 -3.61 16.09 11.57
CA HIS B 53 -3.61 16.30 13.02
C HIS B 53 -2.16 16.23 13.58
N PRO B 54 -1.29 17.23 13.31
CA PRO B 54 0.08 17.29 13.85
C PRO B 54 0.14 17.27 15.39
N ASP B 55 -0.93 17.68 16.06
CA ASP B 55 -1.13 17.64 17.51
C ASP B 55 -1.48 16.24 18.06
N THR B 56 -1.70 15.24 17.19
CA THR B 56 -2.09 13.87 17.55
C THR B 56 -1.00 12.86 17.15
N GLY B 57 -0.60 12.00 18.09
CA GLY B 57 0.31 10.86 17.86
C GLY B 57 -0.41 9.57 17.49
N ILE B 58 0.34 8.51 17.17
CA ILE B 58 -0.19 7.15 16.95
C ILE B 58 0.79 6.09 17.45
N SER B 59 0.30 5.01 18.07
CA SER B 59 1.16 3.92 18.59
C SER B 59 1.76 3.03 17.49
N SER B 60 2.90 2.41 17.76
CA SER B 60 3.52 1.41 16.88
C SER B 60 2.57 0.26 16.52
N LYS B 61 1.82 -0.26 17.51
CA LYS B 61 0.79 -1.29 17.33
C LYS B 61 -0.36 -0.80 16.44
N ALA B 62 -0.88 0.40 16.67
CA ALA B 62 -1.90 1.02 15.82
C ALA B 62 -1.42 1.20 14.36
N MET B 63 -0.21 1.72 14.15
CA MET B 63 0.40 1.78 12.80
C MET B 63 0.57 0.40 12.16
N GLY B 64 0.99 -0.62 12.93
CA GLY B 64 1.09 -2.02 12.48
C GLY B 64 -0.24 -2.62 12.02
N ILE B 65 -1.34 -2.34 12.74
CA ILE B 65 -2.72 -2.67 12.32
C ILE B 65 -3.05 -1.94 11.01
N MET B 66 -2.84 -0.62 10.95
CA MET B 66 -3.12 0.20 9.77
C MET B 66 -2.30 -0.20 8.53
N ASN B 67 -1.04 -0.65 8.66
CA ASN B 67 -0.21 -1.10 7.54
C ASN B 67 -0.92 -2.14 6.66
N SER B 68 -1.48 -3.19 7.28
CA SER B 68 -2.30 -4.20 6.59
C SER B 68 -3.53 -3.58 5.92
N PHE B 69 -4.35 -2.86 6.71
CA PHE B 69 -5.61 -2.27 6.24
C PHE B 69 -5.46 -1.23 5.12
N VAL B 70 -4.49 -0.32 5.20
CA VAL B 70 -4.18 0.65 4.14
C VAL B 70 -3.84 -0.05 2.82
N ASN B 71 -2.91 -1.01 2.83
CA ASN B 71 -2.53 -1.77 1.63
C ASN B 71 -3.73 -2.56 1.06
N ASP B 72 -4.53 -3.18 1.92
CA ASP B 72 -5.76 -3.89 1.54
C ASP B 72 -6.78 -3.04 0.76
N ILE B 73 -6.85 -1.71 0.95
CA ILE B 73 -7.69 -0.81 0.13
C ILE B 73 -7.44 -1.08 -1.35
N PHE B 74 -6.20 -0.95 -1.81
CA PHE B 74 -5.84 -1.22 -3.20
C PHE B 74 -5.99 -2.70 -3.53
N GLU B 75 -5.37 -3.60 -2.74
CA GLU B 75 -5.31 -5.03 -3.03
C GLU B 75 -6.71 -5.65 -3.25
N ARG B 76 -7.72 -5.17 -2.50
CA ARG B 76 -9.12 -5.62 -2.61
C ARG B 76 -9.88 -4.88 -3.71
N ILE B 77 -9.91 -3.54 -3.73
CA ILE B 77 -10.63 -2.75 -4.76
C ILE B 77 -10.07 -3.02 -6.16
N ALA B 78 -8.77 -2.79 -6.38
CA ALA B 78 -8.17 -2.96 -7.70
C ALA B 78 -8.02 -4.45 -8.08
N GLY B 79 -7.88 -5.36 -7.10
CA GLY B 79 -7.98 -6.80 -7.32
C GLY B 79 -9.35 -7.24 -7.86
N GLU B 80 -10.45 -6.76 -7.26
CA GLU B 80 -11.81 -6.97 -7.77
C GLU B 80 -12.03 -6.28 -9.13
N ALA B 81 -11.51 -5.06 -9.32
CA ALA B 81 -11.53 -4.40 -10.63
C ALA B 81 -10.78 -5.20 -11.71
N SER B 82 -9.66 -5.86 -11.35
CA SER B 82 -8.97 -6.83 -12.21
C SER B 82 -9.88 -8.01 -12.57
N ARG B 83 -10.53 -8.66 -11.58
CA ARG B 83 -11.54 -9.71 -11.82
C ARG B 83 -12.61 -9.25 -12.82
N LEU B 84 -13.20 -8.07 -12.62
CA LEU B 84 -14.15 -7.46 -13.58
C LEU B 84 -13.54 -7.33 -14.99
N ALA B 85 -12.32 -6.79 -15.11
CA ALA B 85 -11.59 -6.70 -16.37
C ALA B 85 -11.42 -8.07 -17.06
N HIS B 86 -11.10 -9.15 -16.31
CA HIS B 86 -11.00 -10.52 -16.86
C HIS B 86 -12.33 -10.97 -17.49
N TYR B 87 -13.45 -10.85 -16.78
CA TYR B 87 -14.79 -11.17 -17.30
C TYR B 87 -15.18 -10.30 -18.51
N ASN B 88 -14.77 -9.03 -18.52
CA ASN B 88 -14.96 -8.09 -19.64
C ASN B 88 -13.91 -8.23 -20.77
N LYS B 89 -13.01 -9.23 -20.68
CA LYS B 89 -11.94 -9.54 -21.66
C LYS B 89 -10.98 -8.38 -21.95
N ARG B 90 -10.70 -7.53 -20.95
CA ARG B 90 -9.78 -6.38 -21.01
C ARG B 90 -8.41 -6.67 -20.41
N SER B 91 -7.36 -6.13 -21.02
CA SER B 91 -5.97 -6.15 -20.53
C SER B 91 -5.66 -5.02 -19.52
N THR B 92 -6.44 -3.94 -19.54
CA THR B 92 -6.35 -2.79 -18.62
C THR B 92 -7.69 -2.51 -17.95
N ILE B 93 -7.66 -2.40 -16.62
CA ILE B 93 -8.80 -2.00 -15.78
C ILE B 93 -9.29 -0.59 -16.16
N THR B 94 -10.59 -0.41 -16.37
CA THR B 94 -11.20 0.92 -16.62
C THR B 94 -11.53 1.70 -15.34
N SER B 95 -11.69 3.02 -15.45
CA SER B 95 -12.22 3.88 -14.37
C SER B 95 -13.59 3.40 -13.87
N ARG B 96 -14.47 2.94 -14.78
CA ARG B 96 -15.77 2.34 -14.45
C ARG B 96 -15.64 1.03 -13.69
N GLU B 97 -14.73 0.14 -14.08
CA GLU B 97 -14.44 -1.10 -13.37
C GLU B 97 -13.91 -0.84 -11.94
N ILE B 98 -13.02 0.14 -11.76
CA ILE B 98 -12.64 0.65 -10.42
C ILE B 98 -13.89 1.12 -9.69
N GLN B 99 -14.69 2.03 -10.25
CA GLN B 99 -15.89 2.57 -9.61
C GLN B 99 -16.87 1.49 -9.17
N THR B 100 -17.11 0.45 -9.97
CA THR B 100 -17.91 -0.73 -9.60
C THR B 100 -17.27 -1.50 -8.44
N ALA B 101 -15.98 -1.83 -8.50
CA ALA B 101 -15.28 -2.51 -7.40
C ALA B 101 -15.33 -1.71 -6.09
N VAL B 102 -15.15 -0.38 -6.16
CA VAL B 102 -15.39 0.56 -5.05
C VAL B 102 -16.82 0.40 -4.51
N ARG B 103 -17.86 0.53 -5.36
CA ARG B 103 -19.28 0.41 -4.95
C ARG B 103 -19.61 -0.94 -4.30
N LEU B 104 -19.09 -2.04 -4.84
CA LEU B 104 -19.26 -3.40 -4.29
C LEU B 104 -18.70 -3.53 -2.85
N LEU B 105 -17.50 -2.99 -2.60
CA LEU B 105 -16.81 -3.10 -1.31
C LEU B 105 -17.15 -1.96 -0.32
N LEU B 106 -17.59 -0.80 -0.83
CA LEU B 106 -18.04 0.38 -0.08
C LEU B 106 -19.43 0.86 -0.59
N PRO B 107 -20.55 0.22 -0.17
CA PRO B 107 -21.90 0.65 -0.56
C PRO B 107 -22.30 2.06 -0.10
N GLY B 108 -21.72 2.59 0.97
CA GLY B 108 -21.98 3.92 1.54
C GLY B 108 -21.43 5.09 0.72
N GLU B 109 -22.24 6.13 0.54
CA GLU B 109 -21.94 7.33 -0.26
C GLU B 109 -20.64 8.03 0.18
N LEU B 110 -20.47 8.31 1.48
CA LEU B 110 -19.28 8.95 2.04
C LEU B 110 -17.99 8.19 1.68
N ALA B 111 -18.00 6.87 1.86
CA ALA B 111 -16.81 6.03 1.66
C ALA B 111 -16.44 5.90 0.16
N LYS B 112 -17.40 5.61 -0.73
CA LYS B 112 -17.12 5.59 -2.18
C LYS B 112 -16.65 6.95 -2.70
N HIS B 113 -17.28 8.04 -2.25
CA HIS B 113 -16.88 9.42 -2.55
C HIS B 113 -15.44 9.71 -2.15
N ALA B 114 -15.03 9.34 -0.92
CA ALA B 114 -13.65 9.48 -0.46
C ALA B 114 -12.63 8.79 -1.40
N VAL B 115 -12.89 7.54 -1.80
CA VAL B 115 -12.03 6.84 -2.78
C VAL B 115 -11.98 7.58 -4.12
N SER B 116 -13.14 7.89 -4.71
CA SER B 116 -13.21 8.63 -5.98
C SER B 116 -12.51 9.98 -5.93
N GLU B 117 -12.68 10.78 -4.88
CA GLU B 117 -11.97 12.05 -4.68
C GLU B 117 -10.45 11.83 -4.62
N GLY B 118 -9.97 10.88 -3.82
CA GLY B 118 -8.55 10.49 -3.76
C GLY B 118 -7.97 10.13 -5.13
N THR B 119 -8.70 9.32 -5.91
CA THR B 119 -8.33 8.98 -7.30
C THR B 119 -8.29 10.22 -8.18
N LYS B 120 -9.39 10.99 -8.28
CA LYS B 120 -9.51 12.19 -9.14
C LYS B 120 -8.43 13.24 -8.85
N ALA B 121 -8.12 13.49 -7.58
CA ALA B 121 -7.00 14.35 -7.18
C ALA B 121 -5.66 13.85 -7.77
N VAL B 122 -5.34 12.56 -7.58
CA VAL B 122 -4.11 11.94 -8.12
C VAL B 122 -4.08 11.90 -9.65
N THR B 123 -5.20 11.76 -10.35
CA THR B 123 -5.28 11.90 -11.83
C THR B 123 -4.72 13.24 -12.34
N LYS B 124 -4.78 14.32 -11.54
CA LYS B 124 -4.15 15.62 -11.84
C LYS B 124 -2.64 15.68 -11.47
N TYR B 125 -2.09 14.65 -10.85
CA TYR B 125 -0.69 14.56 -10.40
C TYR B 125 0.14 13.52 -11.20
N THR B 126 -0.48 12.44 -11.70
CA THR B 126 0.19 11.40 -12.54
C THR B 126 0.86 11.96 -13.80
N SER B 127 0.44 13.13 -14.28
CA SER B 127 1.08 13.88 -15.38
C SER B 127 2.48 14.43 -15.05
N ALA B 128 2.85 14.54 -13.78
CA ALA B 128 4.17 14.96 -13.32
C ALA B 128 5.22 13.82 -13.35
N LYS B 129 6.46 14.13 -12.95
CA LYS B 129 7.63 13.22 -12.94
C LYS B 129 8.26 13.11 -11.55
N GLY A 1 46.21 19.98 -38.58
CA GLY A 1 44.85 19.40 -38.41
C GLY A 1 43.85 19.95 -39.43
N PRO A 2 43.52 19.22 -40.50
CA PRO A 2 42.61 19.69 -41.56
C PRO A 2 41.22 20.07 -41.04
N GLY A 3 40.74 21.25 -41.40
CA GLY A 3 39.45 21.81 -40.94
C GLY A 3 39.39 22.25 -39.47
N MET A 4 40.49 22.21 -38.72
CA MET A 4 40.56 22.72 -37.33
C MET A 4 40.86 24.22 -37.33
N SER A 5 39.93 25.04 -36.83
CA SER A 5 40.06 26.51 -36.74
C SER A 5 40.78 26.98 -35.47
N GLY A 6 41.25 28.23 -35.47
CA GLY A 6 41.95 28.85 -34.33
C GLY A 6 42.15 30.37 -34.48
N ARG A 7 42.58 31.01 -33.39
CA ARG A 7 42.89 32.46 -33.34
C ARG A 7 44.26 32.78 -33.97
N GLY A 8 45.26 31.94 -33.72
CA GLY A 8 46.53 31.89 -34.47
C GLY A 8 46.36 31.37 -35.91
N LYS A 9 47.48 31.26 -36.64
CA LYS A 9 47.53 30.70 -38.02
C LYS A 9 46.97 29.27 -38.07
N GLN A 10 46.14 28.97 -39.07
CA GLN A 10 45.61 27.62 -39.33
C GLN A 10 46.71 26.68 -39.89
N GLY A 11 46.73 25.43 -39.42
CA GLY A 11 47.85 24.50 -39.63
C GLY A 11 48.80 24.46 -38.43
N GLY A 12 49.39 23.29 -38.15
CA GLY A 12 50.21 23.00 -36.97
C GLY A 12 49.42 22.77 -35.66
N LYS A 13 48.18 23.27 -35.55
CA LYS A 13 47.24 22.97 -34.45
C LYS A 13 46.72 21.52 -34.56
N ALA A 14 46.69 20.81 -33.44
CA ALA A 14 46.12 19.46 -33.34
C ALA A 14 44.59 19.47 -33.43
N ARG A 15 43.99 18.57 -34.23
CA ARG A 15 42.54 18.43 -34.37
C ARG A 15 41.93 17.67 -33.19
N ALA A 16 40.93 18.24 -32.54
CA ALA A 16 40.23 17.62 -31.40
C ALA A 16 39.39 16.41 -31.85
N LYS A 17 39.57 15.26 -31.18
CA LYS A 17 38.75 14.05 -31.38
C LYS A 17 37.36 14.22 -30.78
N ALA A 18 36.34 13.68 -31.44
CA ALA A 18 34.95 13.72 -30.96
C ALA A 18 34.79 12.95 -29.63
N LYS A 19 34.22 13.62 -28.61
CA LYS A 19 33.93 13.00 -27.30
C LYS A 19 32.84 11.93 -27.42
N THR A 20 33.02 10.79 -26.76
CA THR A 20 31.99 9.74 -26.62
C THR A 20 30.85 10.19 -25.71
N ARG A 21 29.63 9.67 -25.94
CA ARG A 21 28.46 9.96 -25.08
C ARG A 21 28.66 9.39 -23.68
N SER A 22 28.29 10.16 -22.65
CA SER A 22 28.35 9.73 -21.24
C SER A 22 27.42 8.54 -20.98
N SER A 23 27.90 7.54 -20.22
CA SER A 23 27.09 6.39 -19.81
C SER A 23 25.97 6.83 -18.85
N ARG A 24 24.71 6.66 -19.27
CA ARG A 24 23.52 7.06 -18.48
C ARG A 24 23.44 6.28 -17.16
N ALA A 25 23.24 7.00 -16.05
CA ALA A 25 23.15 6.41 -14.71
C ALA A 25 21.97 5.41 -14.60
N GLY A 26 22.25 4.22 -14.06
CA GLY A 26 21.24 3.18 -13.82
C GLY A 26 20.13 3.65 -12.87
N LEU A 27 18.87 3.61 -13.33
CA LEU A 27 17.71 4.06 -12.57
C LEU A 27 17.23 3.03 -11.55
N GLN A 28 16.68 3.52 -10.42
CA GLN A 28 15.87 2.73 -9.50
C GLN A 28 14.39 2.78 -9.90
N PHE A 29 13.67 1.67 -9.72
CA PHE A 29 12.27 1.53 -10.14
C PHE A 29 11.32 1.18 -8.97
N PRO A 30 11.03 2.10 -8.02
CA PRO A 30 10.05 1.86 -6.94
C PRO A 30 8.67 1.43 -7.49
N VAL A 31 8.19 2.09 -8.55
CA VAL A 31 6.95 1.74 -9.27
C VAL A 31 7.06 0.35 -9.91
N GLY A 32 8.17 0.06 -10.58
CA GLY A 32 8.46 -1.27 -11.16
C GLY A 32 8.46 -2.41 -10.15
N ARG A 33 8.95 -2.16 -8.92
CA ARG A 33 8.87 -3.14 -7.82
C ARG A 33 7.42 -3.40 -7.37
N VAL A 34 6.56 -2.38 -7.34
CA VAL A 34 5.11 -2.55 -7.12
C VAL A 34 4.45 -3.31 -8.29
N HIS A 35 4.81 -3.04 -9.55
CA HIS A 35 4.37 -3.85 -10.69
C HIS A 35 4.75 -5.33 -10.51
N ARG A 36 6.03 -5.63 -10.23
CA ARG A 36 6.53 -6.99 -9.97
C ARG A 36 5.75 -7.69 -8.85
N LEU A 37 5.58 -7.04 -7.69
CA LEU A 37 4.72 -7.51 -6.59
C LEU A 37 3.31 -7.92 -7.07
N LEU A 38 2.63 -7.01 -7.79
CA LEU A 38 1.27 -7.23 -8.30
C LEU A 38 1.19 -8.36 -9.34
N ARG A 39 2.16 -8.43 -10.26
CA ARG A 39 2.32 -9.50 -11.27
C ARG A 39 2.54 -10.87 -10.60
N LYS A 40 3.51 -10.98 -9.69
CA LYS A 40 3.80 -12.20 -8.91
C LYS A 40 2.60 -12.69 -8.10
N GLY A 41 1.85 -11.77 -7.49
CA GLY A 41 0.59 -12.03 -6.80
C GLY A 41 -0.60 -12.43 -7.70
N ASN A 42 -0.46 -12.33 -9.03
CA ASN A 42 -1.49 -12.57 -10.05
C ASN A 42 -2.79 -11.77 -9.82
N TYR A 43 -2.70 -10.56 -9.25
CA TYR A 43 -3.88 -9.75 -8.91
C TYR A 43 -4.64 -9.24 -10.15
N SER A 44 -3.94 -8.99 -11.27
CA SER A 44 -4.55 -8.69 -12.58
C SER A 44 -3.93 -9.52 -13.72
N GLU A 45 -4.61 -9.57 -14.87
CA GLU A 45 -4.13 -10.23 -16.09
C GLU A 45 -3.01 -9.41 -16.78
N ARG A 46 -3.15 -8.08 -16.80
CA ARG A 46 -2.11 -7.13 -17.23
C ARG A 46 -1.97 -5.99 -16.23
N VAL A 47 -0.77 -5.86 -15.65
CA VAL A 47 -0.41 -4.84 -14.65
C VAL A 47 0.50 -3.79 -15.29
N GLY A 48 0.05 -2.53 -15.29
CA GLY A 48 0.82 -1.35 -15.68
C GLY A 48 0.57 -0.19 -14.72
N ALA A 49 0.95 1.04 -15.09
CA ALA A 49 0.88 2.24 -14.25
C ALA A 49 -0.51 2.51 -13.60
N GLY A 50 -1.60 2.10 -14.27
CA GLY A 50 -2.97 2.16 -13.74
C GLY A 50 -3.21 1.38 -12.45
N ALA A 51 -2.58 0.22 -12.27
CA ALA A 51 -2.77 -0.66 -11.11
C ALA A 51 -2.30 -0.04 -9.78
N PRO A 52 -1.02 0.40 -9.61
CA PRO A 52 -0.57 1.05 -8.38
C PRO A 52 -1.28 2.40 -8.13
N VAL A 53 -1.63 3.18 -9.16
CA VAL A 53 -2.38 4.45 -8.93
C VAL A 53 -3.83 4.21 -8.49
N TYR A 54 -4.52 3.20 -9.03
CA TYR A 54 -5.80 2.73 -8.51
C TYR A 54 -5.73 2.41 -7.01
N LEU A 55 -4.75 1.56 -6.64
CA LEU A 55 -4.47 1.23 -5.24
C LEU A 55 -4.18 2.48 -4.42
N ALA A 56 -3.28 3.37 -4.84
CA ALA A 56 -2.97 4.62 -4.15
C ALA A 56 -4.21 5.50 -3.88
N ALA A 57 -5.00 5.80 -4.91
CA ALA A 57 -6.24 6.59 -4.79
C ALA A 57 -7.18 6.03 -3.70
N VAL A 58 -7.40 4.71 -3.68
CA VAL A 58 -8.23 4.01 -2.69
C VAL A 58 -7.55 3.98 -1.31
N LEU A 59 -6.34 3.43 -1.21
CA LEU A 59 -5.61 3.17 0.05
C LEU A 59 -5.27 4.45 0.81
N GLU A 60 -4.74 5.48 0.16
CA GLU A 60 -4.41 6.76 0.81
C GLU A 60 -5.66 7.38 1.45
N TYR A 61 -6.77 7.41 0.71
CA TYR A 61 -8.06 7.90 1.19
C TYR A 61 -8.60 7.07 2.37
N LEU A 62 -8.69 5.74 2.24
CA LEU A 62 -9.14 4.86 3.33
C LEU A 62 -8.24 5.00 4.58
N THR A 63 -6.92 5.06 4.42
CA THR A 63 -5.95 5.37 5.48
C THR A 63 -6.32 6.68 6.19
N ALA A 64 -6.53 7.76 5.45
CA ALA A 64 -6.96 9.06 5.99
C ALA A 64 -8.31 8.99 6.73
N GLU A 65 -9.32 8.31 6.18
CA GLU A 65 -10.63 8.13 6.84
C GLU A 65 -10.52 7.37 8.18
N ILE A 66 -9.80 6.25 8.23
CA ILE A 66 -9.51 5.53 9.48
C ILE A 66 -8.84 6.47 10.50
N LEU A 67 -7.78 7.17 10.08
CA LEU A 67 -7.06 8.15 10.92
C LEU A 67 -7.96 9.30 11.41
N GLU A 68 -8.90 9.79 10.60
CA GLU A 68 -9.85 10.83 11.01
C GLU A 68 -10.75 10.34 12.16
N LEU A 69 -11.44 9.22 11.96
CA LEU A 69 -12.30 8.58 12.96
C LEU A 69 -11.52 8.24 14.25
N ALA A 70 -10.34 7.63 14.11
CA ALA A 70 -9.48 7.27 15.24
C ALA A 70 -8.96 8.52 15.98
N GLY A 71 -8.59 9.59 15.28
CA GLY A 71 -8.26 10.88 15.87
C GLY A 71 -9.41 11.52 16.65
N ASN A 72 -10.64 11.43 16.14
CA ASN A 72 -11.84 11.86 16.88
C ASN A 72 -12.00 11.05 18.20
N ALA A 73 -11.83 9.72 18.14
CA ALA A 73 -11.80 8.88 19.35
C ALA A 73 -10.66 9.28 20.32
N ALA A 74 -9.47 9.59 19.81
CA ALA A 74 -8.36 10.13 20.61
C ALA A 74 -8.73 11.45 21.32
N ARG A 75 -9.38 12.40 20.64
CA ARG A 75 -9.93 13.63 21.25
C ARG A 75 -10.93 13.31 22.36
N ASP A 76 -11.89 12.40 22.13
CA ASP A 76 -12.86 11.94 23.14
C ASP A 76 -12.20 11.37 24.41
N ASN A 77 -11.13 10.57 24.27
CA ASN A 77 -10.33 10.05 25.38
C ASN A 77 -9.19 11.00 25.84
N LYS A 78 -9.17 12.27 25.35
CA LYS A 78 -8.18 13.32 25.67
C LYS A 78 -6.71 12.91 25.46
N LYS A 79 -6.44 12.01 24.50
CA LYS A 79 -5.10 11.50 24.17
C LYS A 79 -4.35 12.42 23.21
N THR A 80 -3.03 12.51 23.38
CA THR A 80 -2.11 13.23 22.47
C THR A 80 -1.82 12.45 21.18
N ARG A 81 -1.92 11.12 21.22
CA ARG A 81 -1.69 10.21 20.08
C ARG A 81 -2.84 9.22 19.88
N ILE A 82 -3.05 8.79 18.63
CA ILE A 82 -3.96 7.68 18.27
C ILE A 82 -3.48 6.38 18.90
N ILE A 83 -4.40 5.65 19.55
CA ILE A 83 -4.17 4.37 20.25
C ILE A 83 -4.67 3.20 19.36
N PRO A 84 -4.08 1.98 19.42
CA PRO A 84 -4.55 0.81 18.66
C PRO A 84 -6.06 0.54 18.75
N ARG A 85 -6.66 0.71 19.93
CA ARG A 85 -8.12 0.59 20.16
C ARG A 85 -8.94 1.60 19.33
N HIS A 86 -8.47 2.83 19.18
CA HIS A 86 -9.09 3.84 18.30
C HIS A 86 -9.10 3.41 16.84
N LEU A 87 -8.00 2.83 16.35
CA LEU A 87 -7.92 2.27 15.00
C LEU A 87 -8.90 1.09 14.80
N GLN A 88 -8.96 0.16 15.76
CA GLN A 88 -9.93 -0.94 15.77
C GLN A 88 -11.38 -0.42 15.71
N LEU A 89 -11.76 0.53 16.58
CA LEU A 89 -13.07 1.18 16.55
C LEU A 89 -13.34 1.85 15.19
N ALA A 90 -12.42 2.66 14.69
CA ALA A 90 -12.52 3.33 13.38
C ALA A 90 -12.80 2.35 12.23
N ILE A 91 -12.02 1.28 12.10
CA ILE A 91 -12.20 0.31 11.01
C ILE A 91 -13.50 -0.51 11.17
N ARG A 92 -13.91 -0.85 12.41
CA ARG A 92 -15.18 -1.53 12.73
C ARG A 92 -16.41 -0.68 12.43
N ASN A 93 -16.35 0.65 12.66
CA ASN A 93 -17.44 1.57 12.35
C ASN A 93 -17.70 1.70 10.84
N ASP A 94 -16.65 1.68 10.00
CA ASP A 94 -16.76 1.84 8.55
C ASP A 94 -17.24 0.55 7.83
N GLU A 95 -18.41 0.60 7.21
CA GLU A 95 -19.07 -0.57 6.60
C GLU A 95 -18.30 -1.12 5.37
N GLU A 96 -17.76 -0.24 4.51
CA GLU A 96 -17.00 -0.66 3.33
C GLU A 96 -15.67 -1.34 3.73
N LEU A 97 -14.99 -0.83 4.76
CA LEU A 97 -13.83 -1.50 5.34
C LEU A 97 -14.19 -2.86 5.97
N ASN A 98 -15.35 -3.03 6.61
CA ASN A 98 -15.84 -4.35 7.05
C ASN A 98 -16.06 -5.32 5.87
N LYS A 99 -16.57 -4.84 4.72
CA LYS A 99 -16.70 -5.64 3.49
C LYS A 99 -15.34 -6.06 2.91
N LEU A 100 -14.34 -5.17 2.96
CA LEU A 100 -12.98 -5.42 2.47
C LEU A 100 -12.14 -6.34 3.40
N LEU A 101 -12.05 -5.99 4.69
CA LEU A 101 -11.20 -6.65 5.69
C LEU A 101 -12.00 -7.67 6.52
N GLY A 102 -11.57 -8.94 6.45
CA GLY A 102 -12.06 -10.02 7.33
C GLY A 102 -11.46 -9.94 8.74
N ARG A 103 -12.25 -10.30 9.77
CA ARG A 103 -11.80 -10.36 11.17
C ARG A 103 -10.97 -11.62 11.46
N VAL A 104 -10.12 -11.55 12.49
CA VAL A 104 -9.32 -12.70 12.98
C VAL A 104 -10.23 -13.83 13.47
N THR A 105 -10.00 -15.07 13.01
CA THR A 105 -10.75 -16.26 13.43
C THR A 105 -10.51 -16.54 14.92
N ILE A 106 -11.56 -16.42 15.74
CA ILE A 106 -11.51 -16.68 17.19
C ILE A 106 -11.58 -18.20 17.43
N ALA A 107 -10.58 -18.75 18.14
CA ALA A 107 -10.47 -20.18 18.42
C ALA A 107 -11.59 -20.70 19.34
N GLN A 108 -11.93 -19.92 20.38
CA GLN A 108 -13.10 -20.15 21.24
C GLN A 108 -14.41 -20.03 20.43
N GLY A 109 -15.27 -21.05 20.50
CA GLY A 109 -16.59 -21.04 19.86
C GLY A 109 -17.51 -19.94 20.41
N GLY A 110 -18.00 -19.06 19.53
CA GLY A 110 -19.05 -18.06 19.83
C GLY A 110 -20.46 -18.66 19.81
N VAL A 111 -21.42 -17.92 19.24
CA VAL A 111 -22.76 -18.45 18.89
C VAL A 111 -22.62 -19.54 17.82
N LEU A 112 -23.20 -20.73 18.07
CA LEU A 112 -23.18 -21.87 17.15
C LEU A 112 -23.81 -21.49 15.78
N PRO A 113 -23.08 -21.57 14.65
CA PRO A 113 -23.63 -21.29 13.32
C PRO A 113 -24.74 -22.29 12.93
N ASN A 114 -25.67 -21.83 12.09
CA ASN A 114 -26.71 -22.69 11.49
C ASN A 114 -26.08 -23.78 10.60
N ILE A 115 -26.71 -24.95 10.52
CA ILE A 115 -26.27 -26.07 9.67
C ILE A 115 -26.25 -25.62 8.19
N GLN A 116 -25.06 -25.57 7.59
CA GLN A 116 -24.86 -25.17 6.19
C GLN A 116 -25.27 -26.29 5.22
N ALA A 117 -25.60 -25.92 3.98
CA ALA A 117 -25.88 -26.89 2.90
C ALA A 117 -24.68 -27.81 2.61
N VAL A 118 -24.96 -29.09 2.30
CA VAL A 118 -23.93 -30.11 2.03
C VAL A 118 -23.27 -29.97 0.64
N LEU A 119 -23.85 -29.13 -0.24
CA LEU A 119 -23.34 -28.85 -1.59
C LEU A 119 -21.98 -28.11 -1.53
N LEU A 120 -21.01 -28.58 -2.31
CA LEU A 120 -19.64 -28.03 -2.37
C LEU A 120 -19.45 -26.82 -3.31
N PRO A 121 -20.13 -26.70 -4.47
CA PRO A 121 -20.03 -25.52 -5.34
C PRO A 121 -20.42 -24.23 -4.61
N LYS A 122 -19.58 -23.20 -4.68
CA LYS A 122 -19.77 -21.91 -3.98
C LYS A 122 -20.97 -21.13 -4.56
N LYS A 123 -22.03 -20.97 -3.76
CA LYS A 123 -23.27 -20.26 -4.13
C LYS A 123 -23.21 -18.75 -3.88
N THR A 124 -22.39 -18.30 -2.94
CA THR A 124 -22.08 -16.87 -2.70
C THR A 124 -21.23 -16.33 -3.85
N GLU A 125 -21.82 -15.50 -4.72
CA GLU A 125 -21.15 -14.95 -5.90
C GLU A 125 -21.54 -13.47 -6.18
N SER A 126 -20.65 -12.74 -6.86
CA SER A 126 -20.94 -11.42 -7.43
C SER A 126 -21.95 -11.51 -8.59
N HIS A 127 -22.80 -10.49 -8.77
CA HIS A 127 -23.80 -10.44 -9.85
C HIS A 127 -23.16 -10.56 -11.24
N HIS A 128 -22.08 -9.81 -11.49
CA HIS A 128 -21.20 -9.98 -12.64
C HIS A 128 -20.11 -11.01 -12.33
N LYS A 129 -19.90 -12.00 -13.21
CA LYS A 129 -18.82 -12.99 -13.08
C LYS A 129 -17.48 -12.39 -13.52
N ALA A 130 -16.43 -12.55 -12.69
CA ALA A 130 -15.06 -12.18 -13.05
C ALA A 130 -14.49 -13.13 -14.11
N LYS A 131 -13.83 -12.59 -15.15
CA LYS A 131 -13.31 -13.36 -16.29
C LYS A 131 -12.06 -14.18 -15.88
N GLY A 132 -12.22 -15.49 -15.77
CA GLY A 132 -11.13 -16.46 -15.58
C GLY A 132 -10.30 -16.70 -16.86
N LYS A 133 -9.14 -17.35 -16.71
CA LYS A 133 -8.28 -17.80 -17.81
C LYS A 133 -8.82 -19.04 -18.54
N GLY B 1 48.28 30.53 39.50
CA GLY B 1 49.56 30.60 38.74
C GLY B 1 49.49 29.79 37.45
N PRO B 2 50.05 30.29 36.32
CA PRO B 2 50.07 29.58 35.04
C PRO B 2 50.79 28.22 35.14
N GLY B 3 50.17 27.17 34.57
CA GLY B 3 50.67 25.79 34.60
C GLY B 3 50.68 25.09 35.97
N MET B 4 50.06 25.69 37.00
CA MET B 4 49.89 25.12 38.34
C MET B 4 48.46 24.57 38.53
N PRO B 5 48.24 23.55 39.40
CA PRO B 5 46.90 23.13 39.80
C PRO B 5 46.10 24.29 40.42
N GLU B 6 44.79 24.33 40.19
CA GLU B 6 43.88 25.32 40.81
C GLU B 6 43.86 25.16 42.35
N PRO B 7 44.09 26.22 43.15
CA PRO B 7 44.04 26.15 44.61
C PRO B 7 42.64 25.76 45.13
N ALA B 8 42.58 25.24 46.37
CA ALA B 8 41.32 24.94 47.05
C ALA B 8 40.54 26.23 47.36
N LYS B 9 39.32 26.33 46.82
CA LYS B 9 38.39 27.47 46.98
C LYS B 9 37.20 27.11 47.88
N SER B 10 36.58 28.12 48.50
CA SER B 10 35.39 27.97 49.36
C SER B 10 34.10 27.65 48.57
N ALA B 11 34.02 28.07 47.31
CA ALA B 11 32.92 27.74 46.40
C ALA B 11 32.77 26.22 46.18
N PRO B 12 31.54 25.65 46.27
CA PRO B 12 31.30 24.23 46.02
C PRO B 12 31.62 23.82 44.56
N ALA B 13 32.03 22.56 44.37
CA ALA B 13 32.15 21.98 43.03
C ALA B 13 30.77 21.88 42.34
N PRO B 14 30.65 22.24 41.05
CA PRO B 14 29.40 22.10 40.30
C PRO B 14 28.94 20.64 40.22
N LYS B 15 27.63 20.41 40.29
CA LYS B 15 27.01 19.09 40.00
C LYS B 15 27.34 18.66 38.56
N LYS B 16 27.69 17.37 38.36
CA LYS B 16 28.04 16.82 37.04
C LYS B 16 26.92 17.06 36.02
N GLY B 17 27.27 17.66 34.87
CA GLY B 17 26.33 17.93 33.78
C GLY B 17 25.66 16.65 33.27
N SER B 18 24.33 16.67 33.15
CA SER B 18 23.55 15.52 32.66
C SER B 18 23.92 15.14 31.22
N LYS B 19 23.92 13.83 30.92
CA LYS B 19 24.21 13.30 29.58
C LYS B 19 23.15 13.79 28.57
N LYS B 20 23.60 14.28 27.40
CA LYS B 20 22.72 14.63 26.28
C LYS B 20 21.92 13.40 25.80
N ALA B 21 20.62 13.55 25.58
CA ALA B 21 19.78 12.50 25.02
C ALA B 21 20.26 12.13 23.60
N VAL B 22 20.46 10.83 23.33
CA VAL B 22 20.95 10.34 22.03
C VAL B 22 19.78 10.21 21.05
N THR B 23 19.53 11.27 20.29
CA THR B 23 18.60 11.27 19.15
C THR B 23 19.09 10.28 18.08
N LYS B 24 18.29 9.25 17.77
CA LYS B 24 18.65 8.22 16.78
C LYS B 24 18.79 8.84 15.39
N ALA B 25 20.00 8.82 14.83
CA ALA B 25 20.30 9.37 13.52
C ALA B 25 19.52 8.64 12.40
N GLN B 26 18.73 9.39 11.63
CA GLN B 26 17.92 8.86 10.53
C GLN B 26 18.73 8.78 9.22
N LYS B 27 18.56 7.71 8.44
CA LYS B 27 19.18 7.59 7.11
C LYS B 27 18.63 8.65 6.15
N LYS B 28 19.52 9.32 5.41
CA LYS B 28 19.19 10.34 4.40
C LYS B 28 18.33 9.78 3.26
N ASP B 29 17.57 10.63 2.58
CA ASP B 29 16.79 10.24 1.39
C ASP B 29 17.71 9.65 0.30
N GLY B 30 17.36 8.45 -0.20
CA GLY B 30 18.15 7.68 -1.16
C GLY B 30 19.34 6.89 -0.58
N LYS B 31 19.62 6.97 0.74
CA LYS B 31 20.62 6.13 1.42
C LYS B 31 20.10 4.69 1.61
N LYS B 32 18.84 4.56 2.06
CA LYS B 32 18.12 3.27 2.14
C LYS B 32 18.02 2.59 0.75
N ARG B 33 18.10 1.25 0.71
CA ARG B 33 17.74 0.45 -0.47
C ARG B 33 16.24 0.60 -0.77
N LYS B 34 15.88 0.85 -2.03
CA LYS B 34 14.48 0.97 -2.49
C LYS B 34 13.78 -0.40 -2.48
N ARG B 35 12.95 -0.65 -1.47
CA ARG B 35 12.27 -1.94 -1.20
C ARG B 35 10.74 -1.75 -1.10
N SER B 36 10.08 -1.47 -2.22
CA SER B 36 8.61 -1.42 -2.31
C SER B 36 7.96 -2.76 -1.99
N ARG B 37 6.94 -2.77 -1.13
CA ARG B 37 6.17 -3.97 -0.72
C ARG B 37 4.66 -3.65 -0.67
N LYS B 38 3.85 -4.52 -0.07
CA LYS B 38 2.42 -4.25 0.27
C LYS B 38 2.27 -3.00 1.16
N GLU B 39 3.29 -2.75 2.01
CA GLU B 39 3.46 -1.53 2.82
C GLU B 39 3.50 -0.27 1.91
N SER B 40 2.58 0.68 2.13
CA SER B 40 2.42 1.89 1.30
C SER B 40 2.26 3.17 2.15
N TYR B 41 1.04 3.72 2.27
CA TYR B 41 0.78 4.94 3.06
C TYR B 41 0.89 4.71 4.58
N SER B 42 0.97 3.45 5.01
CA SER B 42 1.42 3.01 6.33
C SER B 42 2.85 3.48 6.68
N ILE B 43 3.79 3.49 5.72
CA ILE B 43 5.18 3.96 5.90
C ILE B 43 5.18 5.44 6.35
N TYR B 44 4.35 6.26 5.68
CA TYR B 44 4.23 7.71 5.91
C TYR B 44 2.95 8.09 6.66
N VAL B 45 2.43 7.19 7.52
CA VAL B 45 1.14 7.35 8.22
C VAL B 45 1.04 8.64 9.05
N TYR B 46 2.15 9.07 9.65
CA TYR B 46 2.28 10.38 10.33
C TYR B 46 2.01 11.56 9.38
N LYS B 47 2.57 11.54 8.16
CA LYS B 47 2.31 12.56 7.12
C LYS B 47 0.85 12.54 6.64
N VAL B 48 0.22 11.37 6.57
CA VAL B 48 -1.23 11.26 6.32
C VAL B 48 -2.04 11.93 7.44
N LEU B 49 -1.75 11.59 8.72
CA LEU B 49 -2.43 12.21 9.86
C LEU B 49 -2.22 13.73 9.94
N LYS B 50 -1.03 14.24 9.60
CA LYS B 50 -0.71 15.69 9.51
C LYS B 50 -1.71 16.48 8.65
N GLN B 51 -2.23 15.88 7.58
CA GLN B 51 -3.25 16.49 6.70
C GLN B 51 -4.67 16.51 7.32
N VAL B 52 -4.90 15.75 8.40
CA VAL B 52 -6.23 15.51 9.00
C VAL B 52 -6.32 16.10 10.42
N HIS B 53 -5.45 15.67 11.34
CA HIS B 53 -5.35 16.12 12.73
C HIS B 53 -3.87 16.43 13.09
N PRO B 54 -3.30 17.55 12.60
CA PRO B 54 -1.88 17.91 12.83
C PRO B 54 -1.49 18.05 14.32
N ASP B 55 -2.45 18.32 15.20
CA ASP B 55 -2.29 18.42 16.65
C ASP B 55 -2.24 17.04 17.37
N THR B 56 -2.42 15.93 16.64
CA THR B 56 -2.44 14.55 17.16
C THR B 56 -1.33 13.71 16.52
N GLY B 57 -0.67 12.85 17.31
CA GLY B 57 0.35 11.88 16.84
C GLY B 57 -0.17 10.44 16.74
N ILE B 58 0.73 9.46 16.60
CA ILE B 58 0.41 8.02 16.47
C ILE B 58 1.29 7.18 17.39
N SER B 59 0.71 6.20 18.09
CA SER B 59 1.45 5.17 18.86
C SER B 59 2.40 4.34 17.98
N SER B 60 3.54 3.91 18.54
CA SER B 60 4.48 2.99 17.87
C SER B 60 3.82 1.66 17.46
N LYS B 61 2.86 1.16 18.25
CA LYS B 61 2.00 0.01 17.90
C LYS B 61 0.93 0.39 16.89
N ALA B 62 0.26 1.53 17.06
CA ALA B 62 -0.78 2.02 16.12
C ALA B 62 -0.26 2.19 14.68
N MET B 63 0.98 2.64 14.48
CA MET B 63 1.68 2.59 13.17
C MET B 63 1.65 1.17 12.56
N GLY B 64 2.04 0.15 13.34
CA GLY B 64 1.97 -1.27 12.96
C GLY B 64 0.55 -1.75 12.65
N ILE B 65 -0.46 -1.32 13.41
CA ILE B 65 -1.88 -1.59 13.11
C ILE B 65 -2.27 -1.03 11.74
N MET B 66 -1.93 0.22 11.43
CA MET B 66 -2.20 0.79 10.10
C MET B 66 -1.49 0.02 8.97
N ASN B 67 -0.24 -0.40 9.19
CA ASN B 67 0.47 -1.28 8.24
C ASN B 67 -0.29 -2.62 8.03
N SER B 68 -0.73 -3.27 9.11
CA SER B 68 -1.57 -4.48 9.06
C SER B 68 -2.87 -4.25 8.28
N PHE B 69 -3.64 -3.21 8.63
CA PHE B 69 -4.87 -2.81 7.93
C PHE B 69 -4.65 -2.62 6.42
N VAL B 70 -3.69 -1.76 6.04
CA VAL B 70 -3.34 -1.49 4.63
C VAL B 70 -2.99 -2.78 3.90
N ASN B 71 -2.09 -3.62 4.44
CA ASN B 71 -1.70 -4.89 3.84
C ASN B 71 -2.89 -5.86 3.68
N ASP B 72 -3.81 -5.93 4.65
CA ASP B 72 -5.04 -6.73 4.55
C ASP B 72 -5.99 -6.24 3.44
N ILE B 73 -6.35 -4.94 3.41
CA ILE B 73 -7.24 -4.41 2.36
C ILE B 73 -6.60 -4.39 0.97
N PHE B 74 -5.27 -4.20 0.86
CA PHE B 74 -4.51 -4.27 -0.38
C PHE B 74 -4.85 -5.53 -1.20
N GLU B 75 -4.81 -6.71 -0.59
CA GLU B 75 -5.05 -7.99 -1.28
C GLU B 75 -6.44 -8.04 -1.92
N ARG B 76 -7.48 -7.61 -1.19
CA ARG B 76 -8.85 -7.53 -1.70
C ARG B 76 -8.98 -6.46 -2.79
N ILE B 77 -8.54 -5.23 -2.53
CA ILE B 77 -8.64 -4.10 -3.47
C ILE B 77 -7.91 -4.40 -4.79
N ALA B 78 -6.71 -4.98 -4.74
CA ALA B 78 -5.95 -5.40 -5.92
C ALA B 78 -6.71 -6.44 -6.77
N GLY B 79 -7.38 -7.40 -6.12
CA GLY B 79 -8.33 -8.32 -6.76
C GLY B 79 -9.54 -7.59 -7.39
N GLU B 80 -10.22 -6.73 -6.62
CA GLU B 80 -11.35 -5.93 -7.12
C GLU B 80 -10.98 -5.07 -8.33
N ALA B 81 -9.79 -4.45 -8.35
CA ALA B 81 -9.29 -3.65 -9.47
C ALA B 81 -9.39 -4.41 -10.82
N SER B 82 -8.96 -5.67 -10.86
CA SER B 82 -9.04 -6.51 -12.07
C SER B 82 -10.45 -7.06 -12.32
N ARG B 83 -11.19 -7.48 -11.28
CA ARG B 83 -12.61 -7.87 -11.39
C ARG B 83 -13.42 -6.78 -12.10
N LEU B 84 -13.30 -5.52 -11.67
CA LEU B 84 -13.94 -4.35 -12.28
C LEU B 84 -13.50 -4.12 -13.74
N ALA B 85 -12.20 -4.22 -14.04
CA ALA B 85 -11.70 -4.19 -15.42
C ALA B 85 -12.32 -5.30 -16.30
N HIS B 86 -12.41 -6.53 -15.79
CA HIS B 86 -13.05 -7.68 -16.45
C HIS B 86 -14.56 -7.47 -16.67
N TYR B 87 -15.29 -6.86 -15.73
CA TYR B 87 -16.70 -6.43 -15.94
C TYR B 87 -16.82 -5.44 -17.11
N ASN B 88 -15.82 -4.58 -17.31
CA ASN B 88 -15.67 -3.68 -18.47
C ASN B 88 -15.02 -4.37 -19.70
N LYS B 89 -14.89 -5.71 -19.70
CA LYS B 89 -14.31 -6.57 -20.75
C LYS B 89 -12.83 -6.26 -21.11
N ARG B 90 -12.05 -5.74 -20.15
CA ARG B 90 -10.61 -5.38 -20.32
C ARG B 90 -9.69 -6.13 -19.35
N SER B 91 -8.53 -6.57 -19.86
CA SER B 91 -7.48 -7.28 -19.09
C SER B 91 -6.49 -6.32 -18.40
N THR B 92 -6.22 -5.16 -18.99
CA THR B 92 -5.35 -4.10 -18.45
C THR B 92 -6.12 -3.14 -17.55
N ILE B 93 -5.46 -2.60 -16.52
CA ILE B 93 -5.94 -1.47 -15.70
C ILE B 93 -5.19 -0.20 -16.11
N THR B 94 -5.89 0.85 -16.55
CA THR B 94 -5.29 2.15 -16.93
C THR B 94 -5.43 3.22 -15.84
N SER B 95 -4.62 4.28 -15.90
CA SER B 95 -4.70 5.45 -15.00
C SER B 95 -5.98 6.28 -15.18
N ARG B 96 -6.64 6.20 -16.35
CA ARG B 96 -7.91 6.89 -16.65
C ARG B 96 -9.11 6.12 -16.10
N GLU B 97 -9.12 4.80 -16.26
CA GLU B 97 -10.19 3.90 -15.77
C GLU B 97 -10.50 4.03 -14.28
N ILE B 98 -9.51 4.42 -13.46
CA ILE B 98 -9.69 4.63 -12.00
C ILE B 98 -10.84 5.60 -11.70
N GLN B 99 -11.08 6.59 -12.55
CA GLN B 99 -12.20 7.56 -12.42
C GLN B 99 -13.56 6.87 -12.30
N THR B 100 -13.76 5.73 -12.98
CA THR B 100 -14.99 4.91 -12.91
C THR B 100 -14.81 3.72 -11.96
N ALA B 101 -13.71 2.98 -12.05
CA ALA B 101 -13.47 1.79 -11.21
C ALA B 101 -13.49 2.11 -9.70
N VAL B 102 -12.97 3.28 -9.28
CA VAL B 102 -13.02 3.70 -7.86
C VAL B 102 -14.47 4.00 -7.45
N ARG B 103 -15.31 4.59 -8.33
CA ARG B 103 -16.76 4.78 -8.10
C ARG B 103 -17.53 3.45 -8.00
N LEU B 104 -17.14 2.45 -8.78
CA LEU B 104 -17.70 1.09 -8.67
C LEU B 104 -17.32 0.41 -7.34
N LEU B 105 -16.07 0.55 -6.88
CA LEU B 105 -15.63 0.01 -5.58
C LEU B 105 -16.24 0.75 -4.37
N LEU B 106 -16.08 2.07 -4.32
CA LEU B 106 -16.41 2.92 -3.16
C LEU B 106 -17.74 3.70 -3.41
N PRO B 107 -18.84 3.40 -2.70
CA PRO B 107 -20.11 4.09 -2.87
C PRO B 107 -20.09 5.57 -2.41
N GLY B 108 -20.95 6.39 -3.01
CA GLY B 108 -21.15 7.81 -2.65
C GLY B 108 -19.89 8.67 -2.72
N GLU B 109 -19.73 9.58 -1.75
CA GLU B 109 -18.63 10.57 -1.74
C GLU B 109 -17.25 9.98 -1.45
N LEU B 110 -17.18 8.73 -0.96
CA LEU B 110 -15.91 8.00 -0.76
C LEU B 110 -15.08 7.99 -2.04
N ALA B 111 -15.69 7.65 -3.18
CA ALA B 111 -15.04 7.70 -4.50
C ALA B 111 -14.72 9.12 -4.96
N LYS B 112 -15.68 10.06 -4.84
CA LYS B 112 -15.49 11.49 -5.20
C LYS B 112 -14.17 12.03 -4.64
N HIS B 113 -13.95 11.84 -3.33
CA HIS B 113 -12.72 12.23 -2.63
C HIS B 113 -11.50 11.40 -3.04
N ALA B 114 -11.61 10.06 -3.06
CA ALA B 114 -10.51 9.18 -3.49
C ALA B 114 -9.97 9.53 -4.90
N VAL B 115 -10.86 9.78 -5.87
CA VAL B 115 -10.50 10.18 -7.24
C VAL B 115 -9.92 11.61 -7.29
N SER B 116 -10.54 12.59 -6.63
CA SER B 116 -10.07 13.99 -6.65
C SER B 116 -8.71 14.20 -5.94
N GLU B 117 -8.37 13.35 -4.96
CA GLU B 117 -7.00 13.23 -4.43
C GLU B 117 -6.08 12.43 -5.38
N GLY B 118 -6.58 11.33 -5.95
CA GLY B 118 -5.87 10.44 -6.87
C GLY B 118 -5.28 11.09 -8.13
N THR B 119 -5.79 12.25 -8.58
CA THR B 119 -5.18 13.03 -9.68
C THR B 119 -3.72 13.40 -9.39
N LYS B 120 -3.38 13.74 -8.14
CA LYS B 120 -2.00 13.97 -7.68
C LYS B 120 -1.16 12.69 -7.77
N ALA B 121 -1.73 11.56 -7.34
CA ALA B 121 -1.09 10.25 -7.47
C ALA B 121 -0.78 9.90 -8.94
N VAL B 122 -1.68 10.15 -9.90
CA VAL B 122 -1.40 9.99 -11.35
C VAL B 122 -0.12 10.74 -11.74
N THR B 123 -0.02 12.04 -11.41
CA THR B 123 1.19 12.84 -11.62
C THR B 123 2.43 12.20 -10.99
N LYS B 124 2.37 11.76 -9.72
CA LYS B 124 3.47 11.06 -9.04
C LYS B 124 3.92 9.81 -9.80
N TYR B 125 2.98 8.93 -10.20
CA TYR B 125 3.31 7.70 -10.94
C TYR B 125 3.88 7.94 -12.34
N THR B 126 3.51 9.01 -13.05
CA THR B 126 4.11 9.36 -14.34
C THR B 126 5.44 10.12 -14.22
N SER B 127 5.65 10.93 -13.19
CA SER B 127 6.91 11.65 -12.95
C SER B 127 8.01 10.77 -12.31
N ALA B 128 7.63 9.76 -11.51
CA ALA B 128 8.54 8.77 -10.94
C ALA B 128 9.39 8.06 -12.00
N LYS B 129 10.69 7.89 -11.71
CA LYS B 129 11.68 7.26 -12.59
C LYS B 129 11.54 5.71 -12.63
N GLY A 1 22.15 -17.99 -55.59
CA GLY A 1 20.81 -17.38 -55.39
C GLY A 1 20.86 -15.87 -55.14
N PRO A 2 19.69 -15.23 -54.97
CA PRO A 2 19.59 -13.78 -54.75
C PRO A 2 20.34 -13.30 -53.49
N GLY A 3 21.12 -12.22 -53.62
CA GLY A 3 21.74 -11.50 -52.50
C GLY A 3 20.78 -10.52 -51.80
N MET A 4 21.30 -9.74 -50.85
CA MET A 4 20.52 -8.73 -50.09
C MET A 4 19.89 -7.65 -50.99
N SER A 5 20.54 -7.31 -52.11
CA SER A 5 20.07 -6.35 -53.13
C SER A 5 19.25 -6.97 -54.26
N GLY A 6 19.05 -8.30 -54.25
CA GLY A 6 18.41 -9.07 -55.32
C GLY A 6 19.21 -9.22 -56.63
N ARG A 7 20.49 -8.80 -56.65
CA ARG A 7 21.37 -8.80 -57.85
C ARG A 7 22.16 -10.10 -58.09
N GLY A 8 21.67 -11.23 -57.56
CA GLY A 8 22.29 -12.56 -57.68
C GLY A 8 23.66 -12.74 -56.99
N LYS A 9 24.05 -11.84 -56.08
CA LYS A 9 25.34 -11.86 -55.36
C LYS A 9 25.48 -13.09 -54.45
N GLN A 10 26.62 -13.77 -54.52
CA GLN A 10 27.06 -14.77 -53.54
C GLN A 10 27.51 -14.11 -52.22
N GLY A 11 27.36 -14.80 -51.09
CA GLY A 11 27.68 -14.28 -49.75
C GLY A 11 26.77 -13.12 -49.32
N GLY A 12 27.36 -12.08 -48.70
CA GLY A 12 26.62 -10.96 -48.11
C GLY A 12 25.67 -11.35 -46.97
N LYS A 13 25.94 -12.49 -46.31
CA LYS A 13 25.11 -13.11 -45.26
C LYS A 13 24.75 -12.14 -44.13
N ALA A 14 23.45 -12.00 -43.83
CA ALA A 14 22.95 -11.16 -42.76
C ALA A 14 23.39 -11.66 -41.37
N ARG A 15 23.89 -10.74 -40.52
CA ARG A 15 24.31 -11.04 -39.13
C ARG A 15 23.12 -11.22 -38.19
N ALA A 16 23.27 -12.08 -37.19
CA ALA A 16 22.29 -12.24 -36.12
C ALA A 16 22.20 -10.99 -35.22
N LYS A 17 20.98 -10.55 -34.91
CA LYS A 17 20.73 -9.40 -34.00
C LYS A 17 21.12 -9.73 -32.56
N ALA A 18 21.79 -8.81 -31.87
CA ALA A 18 22.02 -8.89 -30.43
C ALA A 18 20.69 -8.80 -29.65
N LYS A 19 20.53 -9.59 -28.58
CA LYS A 19 19.29 -9.62 -27.77
C LYS A 19 19.09 -8.30 -27.02
N THR A 20 18.02 -7.58 -27.37
CA THR A 20 17.64 -6.29 -26.77
C THR A 20 16.90 -6.44 -25.43
N ARG A 21 16.12 -7.52 -25.28
CA ARG A 21 15.34 -7.82 -24.07
C ARG A 21 16.21 -8.15 -22.85
N SER A 22 15.88 -7.54 -21.71
CA SER A 22 16.37 -7.87 -20.37
C SER A 22 15.22 -7.82 -19.35
N SER A 23 15.45 -8.25 -18.11
CA SER A 23 14.46 -8.14 -17.02
C SER A 23 14.15 -6.66 -16.73
N ARG A 24 12.89 -6.25 -16.93
CA ARG A 24 12.43 -4.85 -16.74
C ARG A 24 12.52 -4.42 -15.28
N ALA A 25 12.91 -3.16 -15.05
CA ALA A 25 13.10 -2.59 -13.71
C ALA A 25 11.77 -2.48 -12.94
N GLY A 26 11.68 -3.14 -11.78
CA GLY A 26 10.57 -3.00 -10.84
C GLY A 26 10.49 -1.58 -10.26
N LEU A 27 9.27 -1.07 -10.05
CA LEU A 27 9.04 0.27 -9.47
C LEU A 27 9.62 0.39 -8.04
N GLN A 28 10.42 1.42 -7.77
CA GLN A 28 11.08 1.69 -6.47
C GLN A 28 10.42 2.87 -5.71
N PHE A 29 9.10 3.01 -5.88
CA PHE A 29 8.24 4.06 -5.32
C PHE A 29 7.12 3.43 -4.48
N PRO A 30 6.25 4.19 -3.78
CA PRO A 30 5.12 3.65 -3.01
C PRO A 30 4.18 2.75 -3.85
N VAL A 31 3.97 3.10 -5.12
CA VAL A 31 3.23 2.29 -6.11
C VAL A 31 3.84 0.90 -6.38
N GLY A 32 5.12 0.70 -6.12
CA GLY A 32 5.82 -0.60 -6.29
C GLY A 32 5.25 -1.72 -5.44
N ARG A 33 4.81 -1.42 -4.20
CA ARG A 33 4.08 -2.37 -3.35
C ARG A 33 2.79 -2.86 -4.04
N VAL A 34 1.97 -1.93 -4.56
CA VAL A 34 0.77 -2.25 -5.36
C VAL A 34 1.12 -3.08 -6.60
N HIS A 35 2.13 -2.67 -7.38
CA HIS A 35 2.62 -3.34 -8.60
C HIS A 35 2.98 -4.81 -8.36
N ARG A 36 3.77 -5.09 -7.32
CA ARG A 36 4.11 -6.46 -6.88
C ARG A 36 2.88 -7.29 -6.55
N LEU A 37 1.95 -6.73 -5.75
CA LEU A 37 0.72 -7.41 -5.31
C LEU A 37 -0.23 -7.72 -6.48
N LEU A 38 -0.36 -6.83 -7.47
CA LEU A 38 -1.10 -7.09 -8.71
C LEU A 38 -0.53 -8.31 -9.48
N ARG A 39 0.80 -8.41 -9.62
CA ARG A 39 1.45 -9.57 -10.25
C ARG A 39 1.30 -10.85 -9.43
N LYS A 40 1.55 -10.78 -8.11
CA LYS A 40 1.37 -11.89 -7.14
C LYS A 40 -0.04 -12.51 -7.20
N GLY A 41 -1.07 -11.66 -7.20
CA GLY A 41 -2.49 -12.07 -7.32
C GLY A 41 -2.93 -12.54 -8.72
N ASN A 42 -2.05 -12.48 -9.74
CA ASN A 42 -2.29 -12.88 -11.13
C ASN A 42 -3.54 -12.23 -11.76
N TYR A 43 -3.79 -10.94 -11.47
CA TYR A 43 -4.95 -10.19 -11.96
C TYR A 43 -4.91 -9.90 -13.48
N SER A 44 -3.72 -9.89 -14.08
CA SER A 44 -3.50 -9.88 -15.54
C SER A 44 -2.20 -10.61 -15.92
N GLU A 45 -2.00 -10.87 -17.23
CA GLU A 45 -0.79 -11.54 -17.76
C GLU A 45 0.48 -10.72 -17.48
N ARG A 46 0.44 -9.40 -17.73
CA ARG A 46 1.50 -8.43 -17.41
C ARG A 46 0.89 -7.12 -16.88
N VAL A 47 1.51 -6.56 -15.84
CA VAL A 47 1.07 -5.33 -15.15
C VAL A 47 2.02 -4.17 -15.48
N GLY A 48 1.53 -3.14 -16.17
CA GLY A 48 2.24 -1.90 -16.46
C GLY A 48 2.26 -0.90 -15.29
N ALA A 49 2.90 0.26 -15.48
CA ALA A 49 3.07 1.28 -14.45
C ALA A 49 1.80 2.12 -14.16
N GLY A 50 0.90 2.29 -15.14
CA GLY A 50 -0.34 3.07 -14.97
C GLY A 50 -1.32 2.49 -13.95
N ALA A 51 -1.53 1.17 -13.97
CA ALA A 51 -2.45 0.46 -13.06
C ALA A 51 -2.21 0.74 -11.56
N PRO A 52 -1.02 0.48 -10.98
CA PRO A 52 -0.76 0.78 -9.57
C PRO A 52 -0.85 2.28 -9.23
N VAL A 53 -0.48 3.19 -10.14
CA VAL A 53 -0.65 4.65 -9.96
C VAL A 53 -2.13 5.02 -9.81
N TYR A 54 -3.00 4.54 -10.70
CA TYR A 54 -4.44 4.80 -10.64
C TYR A 54 -5.10 4.20 -9.38
N LEU A 55 -4.64 3.03 -8.91
CA LEU A 55 -5.04 2.48 -7.59
C LEU A 55 -4.52 3.34 -6.43
N ALA A 56 -3.27 3.79 -6.44
CA ALA A 56 -2.70 4.66 -5.41
C ALA A 56 -3.49 5.96 -5.23
N ALA A 57 -3.93 6.57 -6.34
CA ALA A 57 -4.83 7.74 -6.36
C ALA A 57 -6.16 7.52 -5.60
N VAL A 58 -6.59 6.27 -5.39
CA VAL A 58 -7.72 5.88 -4.52
C VAL A 58 -7.23 5.57 -3.09
N LEU A 59 -6.25 4.67 -2.98
CA LEU A 59 -5.72 4.14 -1.72
C LEU A 59 -5.33 5.24 -0.71
N GLU A 60 -4.64 6.29 -1.17
CA GLU A 60 -4.21 7.43 -0.34
C GLU A 60 -5.36 7.98 0.51
N TYR A 61 -6.50 8.32 -0.11
CA TYR A 61 -7.69 8.83 0.58
C TYR A 61 -8.37 7.77 1.47
N LEU A 62 -8.49 6.51 1.00
CA LEU A 62 -9.05 5.43 1.81
C LEU A 62 -8.28 5.26 3.14
N THR A 63 -6.95 5.17 3.10
CA THR A 63 -6.08 5.12 4.30
C THR A 63 -6.30 6.34 5.20
N ALA A 64 -6.28 7.54 4.60
CA ALA A 64 -6.45 8.81 5.29
C ALA A 64 -7.69 8.87 6.19
N GLU A 65 -8.85 8.45 5.68
CA GLU A 65 -10.12 8.45 6.42
C GLU A 65 -10.05 7.64 7.72
N ILE A 66 -9.29 6.54 7.76
CA ILE A 66 -9.18 5.70 8.97
C ILE A 66 -8.40 6.44 10.07
N LEU A 67 -7.40 7.25 9.72
CA LEU A 67 -6.67 8.10 10.67
C LEU A 67 -7.59 9.18 11.27
N GLU A 68 -8.40 9.86 10.47
CA GLU A 68 -9.42 10.80 10.98
C GLU A 68 -10.44 10.10 11.90
N LEU A 69 -11.06 9.02 11.42
CA LEU A 69 -12.06 8.25 12.18
C LEU A 69 -11.46 7.66 13.48
N ALA A 70 -10.21 7.21 13.48
CA ALA A 70 -9.52 6.75 14.69
C ALA A 70 -9.22 7.90 15.67
N GLY A 71 -8.85 9.08 15.18
CA GLY A 71 -8.78 10.31 15.99
C GLY A 71 -10.12 10.66 16.66
N ASN A 72 -11.22 10.58 15.91
CA ASN A 72 -12.57 10.77 16.45
C ASN A 72 -12.94 9.66 17.47
N ALA A 73 -12.61 8.40 17.20
CA ALA A 73 -12.78 7.31 18.16
C ALA A 73 -12.01 7.59 19.47
N ALA A 74 -10.75 8.03 19.39
CA ALA A 74 -9.95 8.44 20.56
C ALA A 74 -10.62 9.58 21.36
N ARG A 75 -11.10 10.64 20.68
CA ARG A 75 -11.89 11.73 21.28
C ARG A 75 -13.17 11.23 21.98
N ASP A 76 -13.96 10.38 21.32
CA ASP A 76 -15.17 9.76 21.90
C ASP A 76 -14.88 8.92 23.16
N ASN A 77 -13.75 8.18 23.18
CA ASN A 77 -13.27 7.42 24.34
C ASN A 77 -12.44 8.28 25.32
N LYS A 78 -12.34 9.61 25.09
CA LYS A 78 -11.59 10.61 25.89
C LYS A 78 -10.12 10.24 26.16
N LYS A 79 -9.45 9.63 25.15
CA LYS A 79 -8.05 9.19 25.20
C LYS A 79 -7.09 10.19 24.53
N THR A 80 -5.86 10.25 25.01
CA THR A 80 -4.79 11.13 24.51
C THR A 80 -4.01 10.53 23.33
N ARG A 81 -3.92 9.19 23.25
CA ARG A 81 -3.25 8.42 22.19
C ARG A 81 -4.23 7.49 21.47
N ILE A 82 -4.10 7.38 20.15
CA ILE A 82 -4.84 6.43 19.30
C ILE A 82 -4.28 5.01 19.52
N ILE A 83 -5.11 4.06 19.96
CA ILE A 83 -4.74 2.65 20.16
C ILE A 83 -5.17 1.77 18.96
N PRO A 84 -4.64 0.55 18.77
CA PRO A 84 -5.02 -0.34 17.66
C PRO A 84 -6.53 -0.61 17.58
N ARG A 85 -7.23 -0.71 18.73
CA ARG A 85 -8.71 -0.82 18.78
C ARG A 85 -9.43 0.38 18.15
N HIS A 86 -8.92 1.61 18.28
CA HIS A 86 -9.47 2.79 17.60
C HIS A 86 -9.35 2.67 16.08
N LEU A 87 -8.21 2.23 15.56
CA LEU A 87 -8.01 1.94 14.12
C LEU A 87 -8.96 0.82 13.65
N GLN A 88 -9.14 -0.23 14.44
CA GLN A 88 -10.06 -1.34 14.15
C GLN A 88 -11.54 -0.88 14.13
N LEU A 89 -11.98 -0.07 15.09
CA LEU A 89 -13.30 0.56 15.09
C LEU A 89 -13.46 1.48 13.87
N ALA A 90 -12.51 2.38 13.63
CA ALA A 90 -12.51 3.33 12.52
C ALA A 90 -12.76 2.66 11.16
N ILE A 91 -12.17 1.50 10.88
CA ILE A 91 -12.47 0.74 9.66
C ILE A 91 -13.86 0.08 9.69
N ARG A 92 -14.24 -0.59 10.79
CA ARG A 92 -15.52 -1.34 10.88
C ARG A 92 -16.77 -0.44 10.96
N ASN A 93 -16.62 0.83 11.31
CA ASN A 93 -17.68 1.84 11.30
C ASN A 93 -18.34 2.03 9.92
N ASP A 94 -17.62 1.81 8.81
CA ASP A 94 -18.15 1.95 7.44
C ASP A 94 -17.87 0.72 6.56
N GLU A 95 -18.94 0.13 6.00
CA GLU A 95 -18.89 -1.11 5.21
C GLU A 95 -18.04 -0.97 3.94
N GLU A 96 -18.24 0.11 3.15
CA GLU A 96 -17.49 0.34 1.92
C GLU A 96 -16.00 0.46 2.20
N LEU A 97 -15.55 1.33 3.10
CA LEU A 97 -14.16 1.39 3.57
C LEU A 97 -13.63 -0.01 3.97
N ASN A 98 -14.37 -0.80 4.77
CA ASN A 98 -13.94 -2.15 5.16
C ASN A 98 -13.73 -3.12 3.98
N LYS A 99 -14.48 -2.97 2.88
CA LYS A 99 -14.34 -3.79 1.67
C LYS A 99 -13.26 -3.25 0.72
N LEU A 100 -13.31 -1.96 0.42
CA LEU A 100 -12.37 -1.20 -0.43
C LEU A 100 -10.92 -1.26 0.07
N LEU A 101 -10.73 -1.10 1.37
CA LEU A 101 -9.44 -0.97 2.05
C LEU A 101 -9.26 -2.12 3.07
N GLY A 102 -10.09 -2.14 4.12
CA GLY A 102 -10.07 -3.13 5.20
C GLY A 102 -8.83 -3.12 6.11
N ARG A 103 -8.81 -4.11 7.00
CA ARG A 103 -7.73 -4.47 7.95
C ARG A 103 -7.71 -6.01 8.15
N VAL A 104 -6.78 -6.49 8.98
CA VAL A 104 -6.88 -7.81 9.63
C VAL A 104 -8.19 -7.96 10.42
N THR A 105 -8.77 -9.16 10.46
CA THR A 105 -9.94 -9.48 11.30
C THR A 105 -9.48 -9.93 12.69
N ILE A 106 -9.67 -9.10 13.72
CA ILE A 106 -9.29 -9.40 15.11
C ILE A 106 -10.42 -10.21 15.78
N ALA A 107 -10.14 -11.48 16.11
CA ALA A 107 -11.08 -12.34 16.84
C ALA A 107 -11.40 -11.79 18.24
N GLN A 108 -12.69 -11.71 18.58
CA GLN A 108 -13.19 -11.22 19.87
C GLN A 108 -13.40 -12.35 20.88
N GLY A 109 -13.17 -12.08 22.18
CA GLY A 109 -13.30 -13.06 23.27
C GLY A 109 -12.23 -14.17 23.22
N GLY A 110 -12.52 -15.28 22.53
CA GLY A 110 -11.70 -16.49 22.50
C GLY A 110 -11.59 -17.21 23.86
N VAL A 111 -10.50 -17.95 24.06
CA VAL A 111 -10.21 -18.73 25.27
C VAL A 111 -8.86 -18.30 25.86
N LEU A 112 -8.86 -17.91 27.14
CA LEU A 112 -7.64 -17.60 27.90
C LEU A 112 -7.04 -18.88 28.54
N PRO A 113 -5.71 -19.00 28.64
CA PRO A 113 -5.06 -20.11 29.35
C PRO A 113 -5.47 -20.17 30.82
N ASN A 114 -5.75 -21.38 31.33
CA ASN A 114 -6.00 -21.61 32.75
C ASN A 114 -4.72 -21.33 33.57
N ILE A 115 -4.86 -20.66 34.72
CA ILE A 115 -3.72 -20.31 35.59
C ILE A 115 -3.17 -21.58 36.26
N GLN A 116 -1.92 -21.92 35.96
CA GLN A 116 -1.18 -23.03 36.60
C GLN A 116 -0.15 -22.46 37.59
N ALA A 117 -0.13 -23.00 38.82
CA ALA A 117 0.84 -22.61 39.85
C ALA A 117 2.27 -22.97 39.43
N VAL A 118 3.21 -22.03 39.57
CA VAL A 118 4.64 -22.25 39.30
C VAL A 118 5.25 -23.03 40.46
N LEU A 119 5.47 -24.33 40.27
CA LEU A 119 6.05 -25.22 41.29
C LEU A 119 7.55 -24.93 41.45
N LEU A 120 7.97 -24.61 42.68
CA LEU A 120 9.36 -24.28 43.01
C LEU A 120 10.15 -25.54 43.45
N PRO A 121 11.44 -25.65 43.11
CA PRO A 121 12.28 -26.77 43.53
C PRO A 121 12.38 -26.90 45.05
N LYS A 122 12.35 -28.13 45.57
CA LYS A 122 12.51 -28.44 47.01
C LYS A 122 13.88 -28.02 47.54
N LYS A 123 13.93 -27.58 48.81
CA LYS A 123 15.19 -27.38 49.55
C LYS A 123 15.87 -28.73 49.82
N THR A 124 17.19 -28.79 49.62
CA THR A 124 18.04 -29.98 49.81
C THR A 124 19.12 -29.76 50.86
N GLU A 125 19.70 -30.83 51.40
CA GLU A 125 20.87 -30.77 52.28
C GLU A 125 22.09 -30.20 51.51
N SER A 126 22.63 -29.07 51.97
CA SER A 126 23.80 -28.41 51.38
C SER A 126 25.10 -29.21 51.55
N HIS A 127 26.09 -28.96 50.69
CA HIS A 127 27.44 -29.54 50.81
C HIS A 127 28.07 -29.18 52.17
N HIS A 128 28.56 -30.18 52.90
CA HIS A 128 29.04 -30.02 54.28
C HIS A 128 30.20 -29.01 54.39
N LYS A 129 29.98 -27.93 55.14
CA LYS A 129 30.99 -26.88 55.38
C LYS A 129 32.18 -27.44 56.18
N ALA A 130 33.38 -27.37 55.61
CA ALA A 130 34.61 -27.85 56.24
C ALA A 130 34.94 -27.08 57.54
N LYS A 131 35.57 -27.76 58.51
CA LYS A 131 35.99 -27.17 59.79
C LYS A 131 37.13 -26.17 59.61
N GLY A 132 37.05 -25.04 60.31
CA GLY A 132 37.97 -23.89 60.16
C GLY A 132 37.69 -23.03 58.92
N LYS A 133 37.99 -21.73 59.01
CA LYS A 133 37.74 -20.70 57.99
C LYS A 133 39.05 -20.26 57.29
N GLY B 1 17.18 3.53 12.68
CA GLY B 1 16.51 3.32 14.00
C GLY B 1 14.99 3.40 13.88
N PRO B 2 14.28 2.25 13.86
CA PRO B 2 12.81 2.19 13.70
C PRO B 2 12.02 2.41 15.01
N GLY B 3 12.70 2.48 16.16
CA GLY B 3 12.10 2.64 17.50
C GLY B 3 11.46 1.36 18.08
N MET B 4 11.61 0.21 17.40
CA MET B 4 11.14 -1.09 17.88
C MET B 4 11.94 -1.59 19.10
N PRO B 5 11.34 -2.36 20.03
CA PRO B 5 12.04 -2.92 21.20
C PRO B 5 13.08 -4.00 20.83
N GLU B 6 12.80 -4.80 19.79
CA GLU B 6 13.73 -5.83 19.29
C GLU B 6 14.98 -5.21 18.62
N PRO B 7 16.15 -5.87 18.65
CA PRO B 7 17.35 -5.43 17.93
C PRO B 7 17.10 -5.27 16.43
N ALA B 8 17.38 -4.08 15.88
CA ALA B 8 17.16 -3.77 14.47
C ALA B 8 18.14 -4.53 13.56
N LYS B 9 17.62 -5.17 12.49
CA LYS B 9 18.42 -5.82 11.44
C LYS B 9 19.24 -4.79 10.65
N SER B 10 20.38 -5.22 10.10
CA SER B 10 21.25 -4.35 9.28
C SER B 10 20.55 -3.93 7.98
N ALA B 11 20.27 -2.63 7.85
CA ALA B 11 19.53 -2.03 6.74
C ALA B 11 20.06 -0.62 6.39
N PRO B 12 19.93 -0.16 5.13
CA PRO B 12 20.19 1.23 4.75
C PRO B 12 19.26 2.22 5.47
N ALA B 13 19.72 3.46 5.65
CA ALA B 13 18.90 4.56 6.16
C ALA B 13 17.73 4.89 5.20
N PRO B 14 16.54 5.30 5.70
CA PRO B 14 15.40 5.67 4.85
C PRO B 14 15.73 6.83 3.89
N LYS B 15 15.22 6.76 2.65
CA LYS B 15 15.42 7.81 1.63
C LYS B 15 14.86 9.16 2.12
N LYS B 16 15.73 10.19 2.13
CA LYS B 16 15.48 11.53 2.72
C LYS B 16 15.03 11.53 4.19
N GLY B 17 15.28 10.44 4.93
CA GLY B 17 15.05 10.32 6.37
C GLY B 17 16.14 10.97 7.24
N SER B 18 16.26 10.53 8.50
CA SER B 18 17.33 10.95 9.41
C SER B 18 18.69 10.43 8.94
N LYS B 19 19.67 11.33 8.81
CA LYS B 19 21.04 11.03 8.33
C LYS B 19 21.95 10.59 9.49
N LYS B 20 22.59 9.43 9.36
CA LYS B 20 23.55 8.88 10.36
C LYS B 20 24.73 9.82 10.65
N ALA B 21 25.15 10.59 9.63
CA ALA B 21 26.22 11.59 9.74
C ALA B 21 25.87 12.84 10.58
N VAL B 22 24.59 13.07 10.90
CA VAL B 22 24.09 14.26 11.61
C VAL B 22 23.74 13.89 13.06
N THR B 23 24.45 14.51 14.01
CA THR B 23 24.24 14.32 15.47
C THR B 23 24.00 15.68 16.13
N LYS B 24 22.74 15.97 16.46
CA LYS B 24 22.24 17.23 17.05
C LYS B 24 22.90 18.49 16.46
N ALA B 25 22.67 18.72 15.16
CA ALA B 25 23.11 19.93 14.46
C ALA B 25 22.66 21.21 15.20
N GLN B 26 23.55 22.21 15.31
CA GLN B 26 23.29 23.46 16.02
C GLN B 26 22.10 24.21 15.40
N LYS B 27 21.00 24.36 16.17
CA LYS B 27 19.82 25.13 15.76
C LYS B 27 20.18 26.61 15.58
N LYS B 28 19.75 27.22 14.47
CA LYS B 28 19.93 28.64 14.20
C LYS B 28 19.10 29.48 15.17
N ASP B 29 19.77 30.25 16.04
CA ASP B 29 19.11 31.22 16.91
C ASP B 29 18.64 32.47 16.13
N GLY B 30 17.48 33.02 16.50
CA GLY B 30 16.81 34.10 15.75
C GLY B 30 16.24 33.69 14.38
N LYS B 31 16.18 32.38 14.07
CA LYS B 31 15.52 31.83 12.87
C LYS B 31 14.02 32.20 12.85
N LYS B 32 13.56 32.77 11.74
CA LYS B 32 12.13 33.09 11.51
C LYS B 32 11.31 31.82 11.35
N ARG B 33 10.17 31.73 12.06
CA ARG B 33 9.18 30.63 11.89
C ARG B 33 8.62 30.66 10.47
N LYS B 34 8.71 29.54 9.74
CA LYS B 34 8.13 29.40 8.39
C LYS B 34 6.61 29.62 8.42
N ARG B 35 6.10 30.45 7.49
CA ARG B 35 4.66 30.67 7.32
C ARG B 35 3.94 29.37 6.96
N SER B 36 2.78 29.11 7.58
CA SER B 36 1.94 27.97 7.23
C SER B 36 1.30 28.19 5.84
N ARG B 37 1.56 27.28 4.90
CA ARG B 37 1.06 27.32 3.52
C ARG B 37 0.33 26.01 3.18
N LYS B 38 -0.87 26.14 2.60
CA LYS B 38 -1.85 25.08 2.27
C LYS B 38 -2.23 24.18 3.47
N GLU B 39 -3.44 24.38 3.98
CA GLU B 39 -4.08 23.48 4.95
C GLU B 39 -4.81 22.35 4.18
N SER B 40 -4.70 21.10 4.67
CA SER B 40 -5.02 19.91 3.86
C SER B 40 -5.63 18.73 4.64
N TYR B 41 -6.56 18.02 4.01
CA TYR B 41 -6.73 16.55 3.94
C TYR B 41 -6.63 15.69 5.23
N SER B 42 -7.46 14.65 5.30
CA SER B 42 -7.33 13.50 6.24
C SER B 42 -5.93 12.83 6.23
N ILE B 43 -5.12 13.04 5.18
CA ILE B 43 -3.69 12.64 5.12
C ILE B 43 -2.83 13.51 6.06
N TYR B 44 -2.93 14.83 5.94
CA TYR B 44 -2.02 15.79 6.58
C TYR B 44 -2.40 16.09 8.04
N VAL B 45 -3.69 15.99 8.43
CA VAL B 45 -4.12 16.12 9.84
C VAL B 45 -3.26 15.28 10.80
N TYR B 46 -2.94 14.04 10.43
CA TYR B 46 -2.08 13.13 11.19
C TYR B 46 -0.69 13.73 11.50
N LYS B 47 0.01 14.20 10.45
CA LYS B 47 1.33 14.86 10.58
C LYS B 47 1.23 16.15 11.38
N VAL B 48 0.29 17.03 11.02
CA VAL B 48 0.09 18.33 11.69
C VAL B 48 -0.19 18.14 13.19
N LEU B 49 -1.07 17.21 13.58
CA LEU B 49 -1.39 16.90 14.97
C LEU B 49 -0.12 16.61 15.80
N LYS B 50 0.76 15.72 15.31
CA LYS B 50 2.06 15.41 15.93
C LYS B 50 2.94 16.66 16.08
N GLN B 51 2.99 17.51 15.05
CA GLN B 51 3.78 18.76 15.07
C GLN B 51 3.24 19.79 16.09
N VAL B 52 1.93 20.06 16.11
CA VAL B 52 1.34 21.10 16.98
C VAL B 52 1.18 20.68 18.44
N HIS B 53 0.97 19.38 18.71
CA HIS B 53 0.81 18.80 20.05
C HIS B 53 1.89 17.72 20.29
N PRO B 54 3.07 18.08 20.84
CA PRO B 54 4.15 17.12 21.14
C PRO B 54 3.75 15.98 22.08
N ASP B 55 2.75 16.21 22.94
CA ASP B 55 2.14 15.22 23.84
C ASP B 55 1.28 14.17 23.11
N THR B 56 0.96 14.38 21.83
CA THR B 56 0.25 13.42 20.97
C THR B 56 1.23 12.73 20.01
N GLY B 57 1.35 11.41 20.14
CA GLY B 57 2.24 10.57 19.32
C GLY B 57 1.69 9.15 19.10
N ILE B 58 2.52 8.27 18.55
CA ILE B 58 2.16 6.88 18.21
C ILE B 58 3.23 5.87 18.68
N SER B 59 2.80 4.63 18.96
CA SER B 59 3.71 3.50 19.23
C SER B 59 4.46 3.04 17.97
N SER B 60 5.72 2.62 18.13
CA SER B 60 6.50 1.95 17.08
C SER B 60 5.81 0.65 16.60
N LYS B 61 5.24 -0.13 17.52
CA LYS B 61 4.42 -1.31 17.18
C LYS B 61 3.18 -0.93 16.37
N ALA B 62 2.49 0.14 16.75
CA ALA B 62 1.34 0.68 15.98
C ALA B 62 1.75 1.14 14.56
N MET B 63 2.95 1.72 14.39
CA MET B 63 3.51 1.99 13.05
C MET B 63 3.84 0.70 12.27
N GLY B 64 4.41 -0.32 12.91
CA GLY B 64 4.57 -1.66 12.32
C GLY B 64 3.25 -2.28 11.85
N ILE B 65 2.20 -2.13 12.65
CA ILE B 65 0.81 -2.49 12.33
C ILE B 65 0.30 -1.69 11.12
N MET B 66 0.45 -0.36 11.09
CA MET B 66 0.15 0.48 9.91
C MET B 66 0.90 0.03 8.65
N ASN B 67 2.18 -0.35 8.74
CA ASN B 67 2.96 -0.90 7.61
C ASN B 67 2.38 -2.25 7.14
N SER B 68 2.02 -3.14 8.07
CA SER B 68 1.28 -4.39 7.76
C SER B 68 -0.02 -4.09 6.99
N PHE B 69 -0.81 -3.11 7.45
CA PHE B 69 -1.99 -2.62 6.74
C PHE B 69 -1.64 -2.13 5.32
N VAL B 70 -0.66 -1.23 5.15
CA VAL B 70 -0.21 -0.73 3.84
C VAL B 70 0.04 -1.88 2.83
N ASN B 71 0.65 -2.98 3.26
CA ASN B 71 0.79 -4.17 2.40
C ASN B 71 -0.58 -4.82 2.10
N ASP B 72 -1.38 -5.17 3.11
CA ASP B 72 -2.71 -5.80 2.94
C ASP B 72 -3.69 -5.00 2.05
N ILE B 73 -3.87 -3.71 2.33
CA ILE B 73 -4.84 -2.85 1.64
C ILE B 73 -4.54 -2.69 0.15
N PHE B 74 -3.25 -2.63 -0.21
CA PHE B 74 -2.79 -2.56 -1.61
C PHE B 74 -3.08 -3.85 -2.40
N GLU B 75 -3.25 -4.99 -1.72
CA GLU B 75 -3.78 -6.22 -2.30
C GLU B 75 -5.32 -6.18 -2.37
N ARG B 76 -5.99 -5.80 -1.27
CA ARG B 76 -7.46 -5.79 -1.17
C ARG B 76 -8.14 -4.96 -2.26
N ILE B 77 -7.62 -3.77 -2.58
CA ILE B 77 -8.19 -2.93 -3.66
C ILE B 77 -8.19 -3.64 -5.02
N ALA B 78 -7.20 -4.49 -5.33
CA ALA B 78 -7.19 -5.30 -6.55
C ALA B 78 -8.31 -6.36 -6.54
N GLY B 79 -8.59 -6.96 -5.37
CA GLY B 79 -9.76 -7.82 -5.16
C GLY B 79 -11.10 -7.11 -5.44
N GLU B 80 -11.25 -5.87 -4.99
CA GLU B 80 -12.45 -5.05 -5.30
C GLU B 80 -12.50 -4.61 -6.78
N ALA B 81 -11.37 -4.22 -7.37
CA ALA B 81 -11.28 -4.00 -8.82
C ALA B 81 -11.69 -5.26 -9.62
N SER B 82 -11.32 -6.46 -9.15
CA SER B 82 -11.78 -7.74 -9.69
C SER B 82 -13.30 -7.92 -9.56
N ARG B 83 -13.88 -7.66 -8.38
CA ARG B 83 -15.35 -7.64 -8.18
C ARG B 83 -16.06 -6.68 -9.16
N LEU B 84 -15.56 -5.46 -9.34
CA LEU B 84 -16.07 -4.51 -10.34
C LEU B 84 -15.91 -5.06 -11.78
N ALA B 85 -14.78 -5.68 -12.12
CA ALA B 85 -14.56 -6.36 -13.39
C ALA B 85 -15.58 -7.51 -13.62
N HIS B 86 -15.92 -8.30 -12.59
CA HIS B 86 -16.98 -9.33 -12.65
C HIS B 86 -18.36 -8.73 -12.98
N TYR B 87 -18.74 -7.60 -12.39
CA TYR B 87 -19.98 -6.88 -12.76
C TYR B 87 -20.01 -6.49 -14.25
N ASN B 88 -18.84 -6.18 -14.83
CA ASN B 88 -18.64 -5.89 -16.26
C ASN B 88 -18.32 -7.15 -17.11
N LYS B 89 -18.43 -8.35 -16.52
CA LYS B 89 -18.13 -9.68 -17.13
C LYS B 89 -16.72 -9.81 -17.74
N ARG B 90 -15.73 -9.09 -17.18
CA ARG B 90 -14.31 -9.11 -17.60
C ARG B 90 -13.50 -10.17 -16.83
N SER B 91 -12.55 -10.82 -17.50
CA SER B 91 -11.69 -11.88 -16.96
C SER B 91 -10.38 -11.34 -16.35
N THR B 92 -9.79 -10.31 -16.97
CA THR B 92 -8.59 -9.58 -16.53
C THR B 92 -8.95 -8.18 -15.97
N ILE B 93 -7.95 -7.41 -15.54
CA ILE B 93 -8.08 -5.99 -15.15
C ILE B 93 -7.08 -5.15 -15.95
N THR B 94 -7.53 -4.12 -16.66
CA THR B 94 -6.67 -3.14 -17.37
C THR B 94 -6.52 -1.81 -16.62
N SER B 95 -5.53 -1.00 -17.00
CA SER B 95 -5.36 0.38 -16.52
C SER B 95 -6.59 1.25 -16.80
N ARG B 96 -7.19 1.16 -17.99
CA ARG B 96 -8.41 1.90 -18.36
C ARG B 96 -9.64 1.45 -17.57
N GLU B 97 -9.75 0.16 -17.27
CA GLU B 97 -10.78 -0.37 -16.37
C GLU B 97 -10.59 0.11 -14.93
N ILE B 98 -9.33 0.19 -14.44
CA ILE B 98 -9.02 0.85 -13.15
C ILE B 98 -9.39 2.34 -13.20
N GLN B 99 -9.09 3.06 -14.28
CA GLN B 99 -9.39 4.49 -14.44
C GLN B 99 -10.88 4.82 -14.20
N THR B 100 -11.82 4.04 -14.77
CA THR B 100 -13.26 4.18 -14.46
C THR B 100 -13.58 3.68 -13.04
N ALA B 101 -12.95 2.60 -12.57
CA ALA B 101 -13.08 2.12 -11.20
C ALA B 101 -12.66 3.13 -10.12
N VAL B 102 -11.78 4.12 -10.41
CA VAL B 102 -11.40 5.19 -9.46
C VAL B 102 -12.64 5.80 -8.78
N ARG B 103 -13.66 6.22 -9.55
CA ARG B 103 -14.89 6.83 -9.02
C ARG B 103 -15.79 5.84 -8.26
N LEU B 104 -15.75 4.56 -8.61
CA LEU B 104 -16.49 3.49 -7.93
C LEU B 104 -15.82 3.10 -6.59
N LEU B 105 -14.48 3.07 -6.57
CA LEU B 105 -13.64 2.73 -5.40
C LEU B 105 -13.39 3.93 -4.47
N LEU B 106 -13.55 5.16 -4.96
CA LEU B 106 -13.57 6.41 -4.19
C LEU B 106 -14.59 7.39 -4.81
N PRO B 107 -15.80 7.53 -4.24
CA PRO B 107 -16.78 8.52 -4.66
C PRO B 107 -16.24 9.96 -4.57
N GLY B 108 -16.62 10.82 -5.53
CA GLY B 108 -16.19 12.23 -5.56
C GLY B 108 -16.54 13.01 -4.29
N GLU B 109 -17.73 12.76 -3.73
CA GLU B 109 -18.16 13.36 -2.45
C GLU B 109 -17.29 12.89 -1.27
N LEU B 110 -16.90 11.60 -1.23
CA LEU B 110 -16.00 11.05 -0.22
C LEU B 110 -14.59 11.66 -0.33
N ALA B 111 -14.05 11.78 -1.54
CA ALA B 111 -12.79 12.49 -1.79
C ALA B 111 -12.85 13.97 -1.32
N LYS B 112 -13.89 14.72 -1.74
CA LYS B 112 -14.11 16.12 -1.32
C LYS B 112 -14.23 16.26 0.19
N HIS B 113 -15.00 15.40 0.87
CA HIS B 113 -15.08 15.33 2.33
C HIS B 113 -13.70 15.10 2.97
N ALA B 114 -12.98 14.06 2.55
CA ALA B 114 -11.62 13.74 3.02
C ALA B 114 -10.64 14.92 2.85
N VAL B 115 -10.69 15.64 1.72
CA VAL B 115 -9.95 16.88 1.51
C VAL B 115 -10.41 17.97 2.49
N SER B 116 -11.64 18.47 2.34
CA SER B 116 -12.10 19.73 2.96
C SER B 116 -12.29 19.66 4.47
N GLU B 117 -12.84 18.58 5.03
CA GLU B 117 -12.96 18.43 6.48
C GLU B 117 -11.57 18.25 7.13
N GLY B 118 -10.66 17.54 6.46
CA GLY B 118 -9.24 17.49 6.82
C GLY B 118 -8.56 18.87 6.79
N THR B 119 -8.82 19.68 5.75
CA THR B 119 -8.37 21.08 5.66
C THR B 119 -8.82 21.90 6.86
N LYS B 120 -10.13 21.89 7.17
CA LYS B 120 -10.69 22.56 8.37
C LYS B 120 -10.00 22.07 9.67
N ALA B 121 -9.85 20.77 9.85
CA ALA B 121 -9.15 20.18 10.99
C ALA B 121 -7.68 20.66 11.10
N VAL B 122 -6.91 20.70 10.01
CA VAL B 122 -5.58 21.34 10.00
C VAL B 122 -5.65 22.81 10.41
N THR B 123 -6.55 23.62 9.85
CA THR B 123 -6.75 25.02 10.26
C THR B 123 -7.02 25.16 11.77
N LYS B 124 -7.87 24.30 12.34
CA LYS B 124 -8.11 24.23 13.80
C LYS B 124 -6.84 23.88 14.58
N TYR B 125 -6.10 22.84 14.16
CA TYR B 125 -4.83 22.43 14.77
C TYR B 125 -3.76 23.54 14.77
N THR B 126 -3.58 24.26 13.65
CA THR B 126 -2.60 25.35 13.52
C THR B 126 -3.10 26.72 14.02
N SER B 127 -4.34 26.80 14.51
CA SER B 127 -5.00 28.05 14.95
C SER B 127 -4.21 28.79 16.04
N ALA B 128 -4.15 30.13 15.92
CA ALA B 128 -3.52 31.02 16.90
C ALA B 128 -4.32 31.11 18.22
N LYS B 129 -3.61 31.31 19.34
CA LYS B 129 -4.19 31.49 20.70
C LYS B 129 -5.04 32.76 20.80
N GLY A 1 1.74 -14.14 -53.08
CA GLY A 1 2.96 -14.80 -53.59
C GLY A 1 3.79 -15.41 -52.45
N PRO A 2 4.48 -16.54 -52.70
CA PRO A 2 5.27 -17.25 -51.68
C PRO A 2 6.44 -16.42 -51.12
N GLY A 3 6.69 -16.54 -49.82
CA GLY A 3 7.86 -15.99 -49.12
C GLY A 3 9.18 -16.70 -49.47
N MET A 4 10.30 -16.17 -48.98
CA MET A 4 11.63 -16.79 -49.11
C MET A 4 11.70 -18.15 -48.39
N SER A 5 12.44 -19.09 -48.98
CA SER A 5 12.65 -20.46 -48.45
C SER A 5 13.71 -20.53 -47.33
N GLY A 6 13.81 -21.68 -46.67
CA GLY A 6 14.69 -21.91 -45.51
C GLY A 6 14.21 -21.25 -44.20
N ARG A 7 15.02 -21.39 -43.14
CA ARG A 7 14.76 -20.95 -41.75
C ARG A 7 13.44 -21.48 -41.13
N GLY A 8 12.88 -22.57 -41.69
CA GLY A 8 11.72 -23.28 -41.15
C GLY A 8 11.98 -24.04 -39.85
N LYS A 9 10.93 -24.57 -39.22
CA LYS A 9 11.00 -25.44 -38.03
C LYS A 9 11.88 -26.68 -38.30
N GLN A 10 12.90 -26.88 -37.46
CA GLN A 10 13.84 -28.01 -37.58
C GLN A 10 13.16 -29.34 -37.19
N GLY A 11 13.30 -30.36 -38.05
CA GLY A 11 12.78 -31.72 -37.83
C GLY A 11 13.37 -32.42 -36.58
N GLY A 12 12.56 -33.24 -35.91
CA GLY A 12 12.91 -33.90 -34.65
C GLY A 12 13.24 -32.92 -33.51
N LYS A 13 14.32 -33.18 -32.77
CA LYS A 13 14.85 -32.25 -31.76
C LYS A 13 15.64 -31.12 -32.45
N ALA A 14 15.15 -29.88 -32.32
CA ALA A 14 15.84 -28.69 -32.83
C ALA A 14 17.13 -28.37 -32.06
N ARG A 15 18.06 -27.63 -32.68
CA ARG A 15 19.23 -27.06 -32.00
C ARG A 15 18.77 -25.92 -31.07
N ALA A 16 18.70 -26.19 -29.77
CA ALA A 16 18.31 -25.21 -28.76
C ALA A 16 19.27 -24.00 -28.74
N LYS A 17 18.75 -22.79 -28.92
CA LYS A 17 19.55 -21.54 -28.91
C LYS A 17 20.10 -21.25 -27.51
N ALA A 18 21.29 -20.64 -27.45
CA ALA A 18 21.91 -20.21 -26.19
C ALA A 18 21.02 -19.21 -25.43
N LYS A 19 20.85 -19.40 -24.12
CA LYS A 19 20.06 -18.50 -23.25
C LYS A 19 20.68 -17.09 -23.20
N THR A 20 19.83 -16.07 -23.27
CA THR A 20 20.23 -14.66 -23.11
C THR A 20 20.71 -14.37 -21.68
N ARG A 21 21.63 -13.41 -21.53
CA ARG A 21 22.02 -12.86 -20.22
C ARG A 21 20.84 -12.16 -19.55
N SER A 22 20.71 -12.30 -18.23
CA SER A 22 19.66 -11.61 -17.45
C SER A 22 19.79 -10.09 -17.59
N SER A 23 18.69 -9.41 -17.97
CA SER A 23 18.67 -7.96 -18.18
C SER A 23 19.00 -7.19 -16.90
N ARG A 24 20.01 -6.30 -16.94
CA ARG A 24 20.43 -5.49 -15.78
C ARG A 24 19.27 -4.63 -15.27
N ALA A 25 18.98 -4.73 -13.97
CA ALA A 25 17.88 -3.99 -13.34
C ALA A 25 18.08 -2.46 -13.44
N GLY A 26 17.11 -1.77 -14.04
CA GLY A 26 17.02 -0.30 -14.03
C GLY A 26 16.75 0.27 -12.63
N LEU A 27 16.80 1.61 -12.51
CA LEU A 27 16.43 2.32 -11.29
C LEU A 27 15.01 1.93 -10.83
N GLN A 28 14.89 1.44 -9.59
CA GLN A 28 13.60 1.06 -8.99
C GLN A 28 12.81 2.30 -8.52
N PHE A 29 11.48 2.24 -8.64
CA PHE A 29 10.54 3.28 -8.18
C PHE A 29 9.50 2.69 -7.22
N PRO A 30 8.98 3.44 -6.24
CA PRO A 30 7.98 2.94 -5.27
C PRO A 30 6.73 2.35 -5.94
N VAL A 31 6.19 3.00 -6.97
CA VAL A 31 5.04 2.52 -7.74
C VAL A 31 5.34 1.17 -8.42
N GLY A 32 6.55 1.00 -8.97
CA GLY A 32 7.04 -0.28 -9.52
C GLY A 32 7.21 -1.39 -8.47
N ARG A 33 7.71 -1.05 -7.28
CA ARG A 33 7.76 -1.98 -6.13
C ARG A 33 6.36 -2.43 -5.70
N VAL A 34 5.41 -1.51 -5.60
CA VAL A 34 3.98 -1.82 -5.34
C VAL A 34 3.39 -2.70 -6.45
N HIS A 35 3.59 -2.37 -7.74
CA HIS A 35 3.17 -3.20 -8.89
C HIS A 35 3.56 -4.68 -8.72
N ARG A 36 4.83 -4.94 -8.35
CA ARG A 36 5.34 -6.28 -8.02
C ARG A 36 4.63 -6.90 -6.80
N LEU A 37 4.54 -6.18 -5.68
CA LEU A 37 3.84 -6.64 -4.46
C LEU A 37 2.38 -7.06 -4.72
N LEU A 38 1.63 -6.29 -5.50
CA LEU A 38 0.25 -6.60 -5.90
C LEU A 38 0.15 -7.94 -6.66
N ARG A 39 1.06 -8.19 -7.61
CA ARG A 39 1.18 -9.48 -8.34
C ARG A 39 1.56 -10.63 -7.41
N LYS A 40 2.61 -10.45 -6.59
CA LYS A 40 3.11 -11.44 -5.61
C LYS A 40 2.02 -11.86 -4.59
N GLY A 41 1.26 -10.89 -4.08
CA GLY A 41 0.08 -11.09 -3.23
C GLY A 41 -1.14 -11.72 -3.93
N ASN A 42 -1.14 -11.77 -5.27
CA ASN A 42 -2.25 -12.24 -6.12
C ASN A 42 -3.59 -11.53 -5.83
N TYR A 43 -3.54 -10.20 -5.61
CA TYR A 43 -4.70 -9.41 -5.21
C TYR A 43 -5.75 -9.22 -6.34
N SER A 44 -5.30 -9.15 -7.59
CA SER A 44 -6.14 -9.18 -8.80
C SER A 44 -5.61 -10.18 -9.84
N GLU A 45 -6.44 -10.52 -10.83
CA GLU A 45 -6.09 -11.44 -11.94
C GLU A 45 -4.83 -11.00 -12.71
N ARG A 46 -4.76 -9.71 -13.07
CA ARG A 46 -3.56 -9.04 -13.63
C ARG A 46 -3.42 -7.64 -13.03
N VAL A 47 -2.20 -7.10 -12.98
CA VAL A 47 -1.91 -5.73 -12.50
C VAL A 47 -1.33 -4.91 -13.66
N GLY A 48 -2.10 -3.96 -14.18
CA GLY A 48 -1.64 -2.96 -15.15
C GLY A 48 -0.94 -1.76 -14.49
N ALA A 49 -0.17 -0.98 -15.25
CA ALA A 49 0.61 0.16 -14.74
C ALA A 49 -0.23 1.20 -13.94
N GLY A 50 -1.48 1.45 -14.37
CA GLY A 50 -2.41 2.35 -13.68
C GLY A 50 -2.90 1.87 -12.32
N ALA A 51 -2.89 0.55 -12.05
CA ALA A 51 -3.44 -0.04 -10.83
C ALA A 51 -2.74 0.45 -9.54
N PRO A 52 -1.42 0.30 -9.33
CA PRO A 52 -0.75 0.80 -8.12
C PRO A 52 -0.97 2.31 -7.88
N VAL A 53 -1.00 3.13 -8.95
CA VAL A 53 -1.30 4.58 -8.87
C VAL A 53 -2.70 4.82 -8.31
N TYR A 54 -3.72 4.21 -8.92
CA TYR A 54 -5.11 4.27 -8.45
C TYR A 54 -5.26 3.77 -7.00
N LEU A 55 -4.72 2.59 -6.70
CA LEU A 55 -4.76 1.98 -5.37
C LEU A 55 -4.14 2.90 -4.30
N ALA A 56 -2.97 3.50 -4.56
CA ALA A 56 -2.35 4.50 -3.67
C ALA A 56 -3.24 5.74 -3.46
N ALA A 57 -3.85 6.27 -4.52
CA ALA A 57 -4.78 7.41 -4.43
C ALA A 57 -6.02 7.10 -3.55
N VAL A 58 -6.69 5.97 -3.79
CA VAL A 58 -7.84 5.51 -2.98
C VAL A 58 -7.42 5.20 -1.54
N LEU A 59 -6.28 4.54 -1.34
CA LEU A 59 -5.68 4.34 -0.03
C LEU A 59 -5.56 5.65 0.75
N GLU A 60 -4.97 6.71 0.20
CA GLU A 60 -4.88 8.00 0.90
C GLU A 60 -6.25 8.59 1.27
N TYR A 61 -7.23 8.54 0.37
CA TYR A 61 -8.62 8.90 0.66
C TYR A 61 -9.20 8.13 1.86
N LEU A 62 -9.03 6.81 1.91
CA LEU A 62 -9.47 5.96 3.04
C LEU A 62 -8.66 6.24 4.33
N THR A 63 -7.33 6.34 4.23
CA THR A 63 -6.42 6.69 5.34
C THR A 63 -6.81 8.01 6.02
N ALA A 64 -7.23 9.04 5.27
CA ALA A 64 -7.74 10.27 5.86
C ALA A 64 -8.90 10.01 6.86
N GLU A 65 -9.88 9.19 6.48
CA GLU A 65 -10.97 8.76 7.37
C GLU A 65 -10.47 7.95 8.57
N ILE A 66 -9.58 6.95 8.36
CA ILE A 66 -8.93 6.19 9.45
C ILE A 66 -8.31 7.14 10.47
N LEU A 67 -7.43 8.04 10.03
CA LEU A 67 -6.67 8.93 10.91
C LEU A 67 -7.58 9.90 11.68
N GLU A 68 -8.53 10.55 11.02
CA GLU A 68 -9.53 11.42 11.68
C GLU A 68 -10.28 10.67 12.80
N LEU A 69 -10.83 9.49 12.50
CA LEU A 69 -11.58 8.67 13.45
C LEU A 69 -10.68 8.08 14.55
N ALA A 70 -9.42 7.72 14.26
CA ALA A 70 -8.46 7.23 15.24
C ALA A 70 -8.09 8.29 16.30
N GLY A 71 -7.89 9.55 15.86
CA GLY A 71 -7.76 10.69 16.78
C GLY A 71 -8.97 10.85 17.70
N ASN A 72 -10.18 10.76 17.16
CA ASN A 72 -11.42 10.78 17.95
C ASN A 72 -11.47 9.60 18.94
N ALA A 73 -11.15 8.37 18.51
CA ALA A 73 -11.09 7.19 19.36
C ALA A 73 -10.12 7.36 20.56
N ALA A 74 -8.94 7.95 20.33
CA ALA A 74 -8.01 8.31 21.41
C ALA A 74 -8.63 9.32 22.40
N ARG A 75 -9.27 10.39 21.91
CA ARG A 75 -10.01 11.35 22.76
C ARG A 75 -11.15 10.71 23.55
N ASP A 76 -11.90 9.77 22.97
CA ASP A 76 -12.94 8.99 23.68
C ASP A 76 -12.41 8.18 24.87
N ASN A 77 -11.15 7.70 24.82
CA ASN A 77 -10.46 7.08 25.96
C ASN A 77 -9.67 8.09 26.83
N LYS A 78 -9.75 9.40 26.52
CA LYS A 78 -8.98 10.50 27.14
C LYS A 78 -7.45 10.31 27.07
N LYS A 79 -6.95 9.69 25.99
CA LYS A 79 -5.54 9.39 25.75
C LYS A 79 -4.90 10.35 24.73
N THR A 80 -3.61 10.62 24.92
CA THR A 80 -2.76 11.46 24.04
C THR A 80 -1.91 10.64 23.06
N ARG A 81 -2.04 9.31 23.06
CA ARG A 81 -1.35 8.37 22.16
C ARG A 81 -2.35 7.46 21.45
N ILE A 82 -2.37 7.52 20.11
CA ILE A 82 -3.11 6.62 19.23
C ILE A 82 -2.39 5.27 19.16
N ILE A 83 -3.09 4.19 19.50
CA ILE A 83 -2.61 2.79 19.50
C ILE A 83 -3.28 1.96 18.38
N PRO A 84 -2.80 0.74 18.04
CA PRO A 84 -3.42 -0.12 17.02
C PRO A 84 -4.93 -0.30 17.16
N ARG A 85 -5.45 -0.45 18.39
CA ARG A 85 -6.90 -0.56 18.68
C ARG A 85 -7.71 0.65 18.20
N HIS A 86 -7.16 1.87 18.31
CA HIS A 86 -7.80 3.09 17.77
C HIS A 86 -7.91 3.07 16.24
N LEU A 87 -6.88 2.58 15.54
CA LEU A 87 -6.92 2.37 14.08
C LEU A 87 -7.94 1.29 13.70
N GLN A 88 -7.98 0.16 14.41
CA GLN A 88 -9.00 -0.89 14.23
C GLN A 88 -10.43 -0.34 14.43
N LEU A 89 -10.68 0.39 15.53
CA LEU A 89 -11.95 1.09 15.78
C LEU A 89 -12.29 2.07 14.65
N ALA A 90 -11.34 2.90 14.20
CA ALA A 90 -11.52 3.80 13.07
C ALA A 90 -11.96 3.07 11.78
N ILE A 91 -11.27 1.98 11.42
CA ILE A 91 -11.65 1.11 10.28
C ILE A 91 -13.09 0.58 10.44
N ARG A 92 -13.46 0.11 11.64
CA ARG A 92 -14.81 -0.39 11.98
C ARG A 92 -15.90 0.71 12.02
N ASN A 93 -15.52 1.97 12.26
CA ASN A 93 -16.44 3.11 12.33
C ASN A 93 -16.66 3.77 10.95
N ASP A 94 -15.64 3.82 10.09
CA ASP A 94 -15.76 4.34 8.72
C ASP A 94 -16.69 3.49 7.83
N GLU A 95 -17.78 4.09 7.36
CA GLU A 95 -18.74 3.46 6.45
C GLU A 95 -18.09 2.98 5.14
N GLU A 96 -17.14 3.73 4.57
CA GLU A 96 -16.45 3.33 3.32
C GLU A 96 -15.62 2.05 3.51
N LEU A 97 -14.88 1.94 4.62
CA LEU A 97 -14.14 0.72 4.95
C LEU A 97 -15.05 -0.43 5.37
N ASN A 98 -16.20 -0.19 6.01
CA ASN A 98 -17.20 -1.24 6.24
C ASN A 98 -17.78 -1.79 4.92
N LYS A 99 -18.02 -0.93 3.92
CA LYS A 99 -18.40 -1.35 2.55
C LYS A 99 -17.29 -2.15 1.86
N LEU A 100 -16.03 -1.73 2.00
CA LEU A 100 -14.87 -2.34 1.35
C LEU A 100 -14.42 -3.68 1.98
N LEU A 101 -14.25 -3.73 3.31
CA LEU A 101 -13.73 -4.90 4.06
C LEU A 101 -14.90 -5.70 4.65
N GLY A 102 -15.22 -6.84 4.01
CA GLY A 102 -16.02 -7.91 4.62
C GLY A 102 -15.34 -8.57 5.82
N ARG A 103 -16.12 -9.11 6.77
CA ARG A 103 -15.57 -9.84 7.93
C ARG A 103 -14.80 -11.10 7.53
N VAL A 104 -15.25 -11.78 6.47
CA VAL A 104 -14.59 -12.96 5.87
C VAL A 104 -13.37 -12.52 5.04
N THR A 105 -12.22 -13.17 5.24
CA THR A 105 -10.95 -12.87 4.55
C THR A 105 -10.57 -13.88 3.47
N ILE A 106 -11.09 -15.12 3.52
CA ILE A 106 -10.80 -16.20 2.56
C ILE A 106 -12.06 -16.48 1.74
N ALA A 107 -12.09 -16.02 0.48
CA ALA A 107 -13.15 -16.33 -0.48
C ALA A 107 -13.19 -17.83 -0.81
N GLN A 108 -14.39 -18.41 -0.89
CA GLN A 108 -14.61 -19.84 -1.14
C GLN A 108 -14.78 -20.14 -2.64
N GLY A 109 -14.18 -21.23 -3.12
CA GLY A 109 -14.08 -21.56 -4.55
C GLY A 109 -13.33 -20.50 -5.38
N GLY A 110 -13.61 -20.46 -6.69
CA GLY A 110 -13.07 -19.45 -7.63
C GLY A 110 -13.63 -18.04 -7.40
N VAL A 111 -12.91 -17.01 -7.84
CA VAL A 111 -13.37 -15.61 -7.83
C VAL A 111 -14.52 -15.42 -8.85
N LEU A 112 -15.64 -14.84 -8.41
CA LEU A 112 -16.82 -14.54 -9.22
C LEU A 112 -17.18 -13.04 -9.15
N PRO A 113 -17.72 -12.44 -10.22
CA PRO A 113 -18.16 -11.04 -10.22
C PRO A 113 -19.19 -10.73 -9.12
N ASN A 114 -19.00 -9.61 -8.40
CA ASN A 114 -19.94 -9.11 -7.38
C ASN A 114 -21.21 -8.51 -8.03
N ILE A 115 -21.04 -7.71 -9.09
CA ILE A 115 -22.14 -7.18 -9.91
C ILE A 115 -22.89 -8.33 -10.60
N GLN A 116 -24.22 -8.33 -10.51
CA GLN A 116 -25.10 -9.34 -11.11
C GLN A 116 -25.59 -8.92 -12.51
N ALA A 117 -25.70 -9.87 -13.44
CA ALA A 117 -26.27 -9.64 -14.77
C ALA A 117 -27.78 -9.31 -14.71
N VAL A 118 -28.24 -8.45 -15.65
CA VAL A 118 -29.54 -7.76 -15.66
C VAL A 118 -29.73 -6.82 -14.45
N LEU A 119 -29.90 -5.52 -14.72
CA LEU A 119 -30.17 -4.50 -13.69
C LEU A 119 -31.49 -4.81 -12.94
N LEU A 120 -31.41 -4.96 -11.61
CA LEU A 120 -32.57 -5.19 -10.76
C LEU A 120 -33.44 -3.91 -10.63
N PRO A 121 -34.78 -4.01 -10.68
CA PRO A 121 -35.67 -2.90 -10.36
C PRO A 121 -35.48 -2.41 -8.91
N LYS A 122 -35.72 -1.11 -8.66
CA LYS A 122 -35.67 -0.54 -7.30
C LYS A 122 -36.80 -1.10 -6.43
N LYS A 123 -36.45 -1.97 -5.47
CA LYS A 123 -37.38 -2.54 -4.48
C LYS A 123 -37.84 -1.46 -3.47
N THR A 124 -39.05 -1.64 -2.93
CA THR A 124 -39.61 -0.74 -1.89
C THR A 124 -38.69 -0.69 -0.66
N GLU A 125 -38.25 0.51 -0.28
CA GLU A 125 -37.40 0.72 0.91
C GLU A 125 -38.16 0.31 2.19
N SER A 126 -37.50 -0.44 3.08
CA SER A 126 -38.09 -0.84 4.37
C SER A 126 -38.03 0.32 5.37
N HIS A 127 -39.19 0.91 5.66
CA HIS A 127 -39.36 1.97 6.67
C HIS A 127 -39.70 1.43 8.07
N HIS A 128 -39.81 0.09 8.21
CA HIS A 128 -40.04 -0.60 9.47
C HIS A 128 -38.78 -0.62 10.36
N LYS A 129 -38.94 -0.47 11.68
CA LYS A 129 -37.86 -0.61 12.66
C LYS A 129 -37.38 -2.08 12.73
N ALA A 130 -36.08 -2.31 12.58
CA ALA A 130 -35.48 -3.65 12.62
C ALA A 130 -35.62 -4.32 14.00
N LYS A 131 -35.76 -5.65 14.04
CA LYS A 131 -35.97 -6.44 15.26
C LYS A 131 -34.75 -6.40 16.20
N GLY A 132 -34.93 -5.79 17.38
CA GLY A 132 -33.93 -5.76 18.45
C GLY A 132 -33.72 -7.13 19.13
N LYS A 133 -32.49 -7.39 19.60
CA LYS A 133 -32.13 -8.58 20.40
C LYS A 133 -32.75 -8.53 21.81
N GLY B 1 30.26 -7.17 -39.14
CA GLY B 1 31.29 -7.95 -39.87
C GLY B 1 30.71 -8.63 -41.11
N PRO B 2 31.41 -8.60 -42.26
CA PRO B 2 30.92 -9.14 -43.54
C PRO B 2 30.84 -10.68 -43.57
N GLY B 3 31.74 -11.37 -42.86
CA GLY B 3 31.77 -12.84 -42.75
C GLY B 3 30.48 -13.40 -42.12
N MET B 4 29.80 -14.30 -42.83
CA MET B 4 28.54 -14.91 -42.36
C MET B 4 28.76 -15.93 -41.22
N PRO B 5 27.88 -15.98 -40.21
CA PRO B 5 27.92 -17.01 -39.17
C PRO B 5 27.73 -18.43 -39.73
N GLU B 6 28.35 -19.42 -39.10
CA GLU B 6 28.12 -20.85 -39.43
C GLU B 6 26.66 -21.25 -39.10
N PRO B 7 25.88 -21.80 -40.05
CA PRO B 7 24.52 -22.28 -39.78
C PRO B 7 24.55 -23.43 -38.76
N ALA B 8 23.70 -23.32 -37.72
CA ALA B 8 23.68 -24.26 -36.60
C ALA B 8 23.31 -25.69 -37.04
N LYS B 9 24.24 -26.64 -36.86
CA LYS B 9 24.01 -28.08 -37.12
C LYS B 9 22.92 -28.63 -36.20
N SER B 10 22.00 -29.43 -36.73
CA SER B 10 20.90 -30.04 -35.96
C SER B 10 21.44 -30.91 -34.82
N ALA B 11 21.04 -30.61 -33.57
CA ALA B 11 21.54 -31.31 -32.39
C ALA B 11 20.99 -32.75 -32.28
N PRO B 12 21.81 -33.74 -31.88
CA PRO B 12 21.34 -35.11 -31.65
C PRO B 12 20.26 -35.15 -30.56
N ALA B 13 19.14 -35.83 -30.83
CA ALA B 13 18.06 -36.03 -29.85
C ALA B 13 18.57 -36.84 -28.63
N PRO B 14 18.29 -36.40 -27.38
CA PRO B 14 18.77 -37.08 -26.18
C PRO B 14 18.20 -38.50 -26.05
N LYS B 15 19.08 -39.49 -25.82
CA LYS B 15 18.70 -40.88 -25.56
C LYS B 15 17.92 -40.98 -24.23
N LYS B 16 16.72 -41.56 -24.27
CA LYS B 16 15.86 -41.77 -23.08
C LYS B 16 16.43 -42.86 -22.18
N GLY B 17 16.87 -42.49 -20.98
CA GLY B 17 17.28 -43.42 -19.92
C GLY B 17 16.10 -44.15 -19.27
N SER B 18 16.41 -44.99 -18.26
CA SER B 18 15.40 -45.64 -17.39
C SER B 18 14.64 -44.64 -16.52
N LYS B 19 15.29 -43.53 -16.11
CA LYS B 19 14.68 -42.39 -15.40
C LYS B 19 13.56 -41.75 -16.21
N LYS B 20 12.36 -41.64 -15.63
CA LYS B 20 11.17 -41.02 -16.24
C LYS B 20 11.30 -39.50 -16.39
N ALA B 21 10.54 -38.92 -17.32
CA ALA B 21 10.43 -37.46 -17.49
C ALA B 21 9.87 -36.75 -16.23
N VAL B 22 8.94 -37.41 -15.52
CA VAL B 22 8.42 -36.99 -14.21
C VAL B 22 9.01 -37.89 -13.12
N THR B 23 9.83 -37.30 -12.24
CA THR B 23 10.38 -37.91 -11.01
C THR B 23 9.70 -37.33 -9.77
N LYS B 24 9.96 -37.88 -8.57
CA LYS B 24 9.47 -37.32 -7.30
C LYS B 24 10.02 -35.90 -7.09
N ALA B 25 9.15 -34.90 -7.11
CA ALA B 25 9.51 -33.50 -6.88
C ALA B 25 10.14 -33.33 -5.48
N GLN B 26 11.41 -32.89 -5.44
CA GLN B 26 12.12 -32.63 -4.19
C GLN B 26 11.52 -31.41 -3.46
N LYS B 27 11.47 -31.43 -2.13
CA LYS B 27 10.96 -30.31 -1.32
C LYS B 27 11.84 -29.07 -1.53
N LYS B 28 11.28 -28.05 -2.20
CA LYS B 28 11.97 -26.77 -2.49
C LYS B 28 12.29 -26.01 -1.21
N ASP B 29 13.43 -25.30 -1.20
CA ASP B 29 13.78 -24.39 -0.09
C ASP B 29 12.78 -23.24 0.03
N GLY B 30 12.25 -23.00 1.23
CA GLY B 30 11.39 -21.85 1.53
C GLY B 30 12.10 -20.53 1.23
N LYS B 31 11.40 -19.58 0.58
CA LYS B 31 11.92 -18.25 0.22
C LYS B 31 12.60 -17.57 1.42
N LYS B 32 13.86 -17.15 1.27
CA LYS B 32 14.67 -16.54 2.34
C LYS B 32 13.99 -15.29 2.91
N ARG B 33 13.65 -15.33 4.20
CA ARG B 33 13.07 -14.20 4.93
C ARG B 33 14.17 -13.21 5.36
N LYS B 34 14.01 -11.94 4.99
CA LYS B 34 14.87 -10.81 5.36
C LYS B 34 14.10 -9.83 6.25
N ARG B 35 14.79 -9.07 7.11
CA ARG B 35 14.17 -8.05 7.98
C ARG B 35 13.48 -6.97 7.14
N SER B 36 12.15 -6.89 7.24
CA SER B 36 11.34 -5.94 6.47
C SER B 36 11.57 -4.49 6.92
N ARG B 37 11.83 -3.58 5.97
CA ARG B 37 11.99 -2.14 6.24
C ARG B 37 10.65 -1.50 6.62
N LYS B 38 10.69 -0.55 7.57
CA LYS B 38 9.50 0.16 8.10
C LYS B 38 9.01 1.30 7.19
N GLU B 39 9.77 1.65 6.16
CA GLU B 39 9.41 2.60 5.10
C GLU B 39 8.19 2.11 4.28
N SER B 40 7.01 2.66 4.59
CA SER B 40 5.74 2.41 3.88
C SER B 40 4.82 3.64 3.99
N TYR B 41 3.51 3.48 3.75
CA TYR B 41 2.46 4.49 3.95
C TYR B 41 2.14 4.74 5.45
N SER B 42 3.18 4.71 6.29
CA SER B 42 3.12 4.38 7.73
C SER B 42 3.72 5.44 8.66
N ILE B 43 4.49 6.41 8.13
CA ILE B 43 5.31 7.34 8.96
C ILE B 43 4.73 8.76 8.92
N TYR B 44 4.54 9.36 7.73
CA TYR B 44 3.97 10.72 7.56
C TYR B 44 2.58 10.89 8.21
N VAL B 45 1.83 9.80 8.42
CA VAL B 45 0.56 9.78 9.15
C VAL B 45 0.66 10.43 10.54
N TYR B 46 1.82 10.33 11.21
CA TYR B 46 2.15 11.08 12.43
C TYR B 46 2.06 12.61 12.18
N LYS B 47 2.77 13.12 11.17
CA LYS B 47 2.76 14.55 10.79
C LYS B 47 1.37 15.04 10.37
N VAL B 48 0.58 14.22 9.68
CA VAL B 48 -0.83 14.49 9.37
C VAL B 48 -1.62 14.78 10.66
N LEU B 49 -1.62 13.86 11.64
CA LEU B 49 -2.38 14.06 12.89
C LEU B 49 -1.74 15.07 13.86
N LYS B 50 -0.42 15.30 13.82
CA LYS B 50 0.26 16.40 14.53
C LYS B 50 -0.37 17.76 14.23
N GLN B 51 -0.80 17.99 12.97
CA GLN B 51 -1.52 19.21 12.57
C GLN B 51 -2.99 19.22 13.02
N VAL B 52 -3.73 18.12 12.81
CA VAL B 52 -5.17 18.00 13.16
C VAL B 52 -5.40 18.06 14.69
N HIS B 53 -4.63 17.28 15.45
CA HIS B 53 -4.71 17.12 16.91
C HIS B 53 -3.32 17.38 17.56
N PRO B 54 -2.92 18.64 17.80
CA PRO B 54 -1.57 18.98 18.32
C PRO B 54 -1.20 18.32 19.66
N ASP B 55 -2.19 17.96 20.47
CA ASP B 55 -2.09 17.28 21.76
C ASP B 55 -2.01 15.73 21.67
N THR B 56 -2.21 15.13 20.49
CA THR B 56 -2.30 13.67 20.30
C THR B 56 -1.32 13.15 19.24
N GLY B 57 -0.46 12.20 19.64
CA GLY B 57 0.51 11.51 18.76
C GLY B 57 0.09 10.10 18.38
N ILE B 58 0.91 9.42 17.56
CA ILE B 58 0.71 8.02 17.12
C ILE B 58 1.88 7.16 17.62
N SER B 59 1.61 5.97 18.18
CA SER B 59 2.65 5.05 18.67
C SER B 59 3.46 4.39 17.55
N SER B 60 4.66 3.88 17.90
CA SER B 60 5.47 3.03 17.01
C SER B 60 4.70 1.82 16.49
N LYS B 61 3.93 1.15 17.37
CA LYS B 61 3.05 0.01 17.02
C LYS B 61 1.91 0.42 16.07
N ALA B 62 1.27 1.55 16.34
CA ALA B 62 0.21 2.12 15.49
C ALA B 62 0.73 2.50 14.09
N MET B 63 1.88 3.16 13.99
CA MET B 63 2.58 3.37 12.71
C MET B 63 2.91 2.03 12.02
N GLY B 64 3.42 1.05 12.76
CA GLY B 64 3.72 -0.30 12.28
C GLY B 64 2.53 -1.03 11.62
N ILE B 65 1.35 -1.05 12.27
CA ILE B 65 0.17 -1.78 11.77
C ILE B 65 -0.46 -1.14 10.52
N MET B 66 -0.26 0.16 10.26
CA MET B 66 -0.68 0.78 8.98
C MET B 66 -0.12 0.02 7.77
N ASN B 67 1.10 -0.52 7.84
CA ASN B 67 1.69 -1.34 6.76
C ASN B 67 0.82 -2.55 6.35
N SER B 68 0.20 -3.26 7.30
CA SER B 68 -0.73 -4.37 6.98
C SER B 68 -2.11 -3.86 6.55
N PHE B 69 -2.64 -2.79 7.15
CA PHE B 69 -3.88 -2.16 6.68
C PHE B 69 -3.80 -1.68 5.22
N VAL B 70 -2.67 -1.12 4.78
CA VAL B 70 -2.38 -0.83 3.36
C VAL B 70 -2.59 -2.05 2.48
N ASN B 71 -1.96 -3.18 2.82
CA ASN B 71 -2.07 -4.44 2.08
C ASN B 71 -3.53 -4.94 2.04
N ASP B 72 -4.25 -4.90 3.16
CA ASP B 72 -5.70 -5.22 3.21
C ASP B 72 -6.54 -4.33 2.29
N ILE B 73 -6.37 -3.00 2.36
CA ILE B 73 -7.05 -2.02 1.50
C ILE B 73 -6.76 -2.30 0.02
N PHE B 74 -5.48 -2.43 -0.35
CA PHE B 74 -5.07 -2.83 -1.70
C PHE B 74 -5.75 -4.14 -2.15
N GLU B 75 -5.67 -5.20 -1.36
CA GLU B 75 -6.28 -6.51 -1.64
C GLU B 75 -7.78 -6.38 -1.96
N ARG B 76 -8.56 -5.67 -1.13
CA ARG B 76 -10.00 -5.48 -1.36
C ARG B 76 -10.30 -4.67 -2.63
N ILE B 77 -9.68 -3.51 -2.83
CA ILE B 77 -9.93 -2.65 -4.01
C ILE B 77 -9.51 -3.39 -5.30
N ALA B 78 -8.31 -3.98 -5.32
CA ALA B 78 -7.83 -4.77 -6.45
C ALA B 78 -8.74 -5.99 -6.72
N GLY B 79 -9.21 -6.68 -5.68
CA GLY B 79 -10.22 -7.75 -5.78
C GLY B 79 -11.51 -7.29 -6.46
N GLU B 80 -12.10 -6.17 -6.00
CA GLU B 80 -13.29 -5.58 -6.64
C GLU B 80 -13.02 -5.15 -8.09
N ALA B 81 -11.91 -4.47 -8.39
CA ALA B 81 -11.51 -4.14 -9.76
C ALA B 81 -11.37 -5.40 -10.64
N SER B 82 -10.80 -6.48 -10.12
CA SER B 82 -10.72 -7.79 -10.78
C SER B 82 -12.12 -8.37 -11.05
N ARG B 83 -13.00 -8.36 -10.05
CA ARG B 83 -14.42 -8.78 -10.17
C ARG B 83 -15.18 -7.96 -11.23
N LEU B 84 -14.89 -6.67 -11.39
CA LEU B 84 -15.44 -5.84 -12.48
C LEU B 84 -14.90 -6.27 -13.87
N ALA B 85 -13.60 -6.59 -13.99
CA ALA B 85 -13.06 -7.19 -15.22
C ALA B 85 -13.69 -8.57 -15.54
N HIS B 86 -13.96 -9.39 -14.51
CA HIS B 86 -14.73 -10.66 -14.63
C HIS B 86 -16.17 -10.43 -15.08
N TYR B 87 -16.87 -9.41 -14.55
CA TYR B 87 -18.20 -8.98 -15.03
C TYR B 87 -18.16 -8.56 -16.51
N ASN B 88 -17.07 -7.90 -16.94
CA ASN B 88 -16.77 -7.59 -18.35
C ASN B 88 -16.25 -8.79 -19.16
N LYS B 89 -16.27 -10.02 -18.60
CA LYS B 89 -15.83 -11.30 -19.18
C LYS B 89 -14.40 -11.31 -19.75
N ARG B 90 -13.49 -10.51 -19.19
CA ARG B 90 -12.08 -10.44 -19.59
C ARG B 90 -11.22 -11.56 -18.98
N SER B 91 -10.08 -11.84 -19.61
CA SER B 91 -8.99 -12.71 -19.11
C SER B 91 -7.69 -11.95 -18.80
N THR B 92 -7.60 -10.67 -19.19
CA THR B 92 -6.51 -9.73 -18.91
C THR B 92 -7.09 -8.38 -18.47
N ILE B 93 -6.55 -7.78 -17.40
CA ILE B 93 -6.93 -6.44 -16.93
C ILE B 93 -5.99 -5.40 -17.58
N THR B 94 -6.54 -4.56 -18.45
CA THR B 94 -5.83 -3.52 -19.21
C THR B 94 -5.94 -2.15 -18.52
N SER B 95 -5.18 -1.16 -19.00
CA SER B 95 -5.36 0.26 -18.65
C SER B 95 -6.80 0.75 -18.90
N ARG B 96 -7.45 0.28 -19.98
CA ARG B 96 -8.85 0.57 -20.31
C ARG B 96 -9.84 -0.08 -19.34
N GLU B 97 -9.65 -1.35 -19.00
CA GLU B 97 -10.44 -2.01 -17.93
C GLU B 97 -10.29 -1.30 -16.58
N ILE B 98 -9.06 -0.88 -16.22
CA ILE B 98 -8.81 -0.06 -15.02
C ILE B 98 -9.59 1.26 -15.11
N GLN B 99 -9.48 2.04 -16.19
CA GLN B 99 -10.23 3.28 -16.40
C GLN B 99 -11.75 3.10 -16.17
N THR B 100 -12.34 2.04 -16.74
CA THR B 100 -13.74 1.66 -16.48
C THR B 100 -13.99 1.30 -15.01
N ALA B 101 -13.16 0.46 -14.40
CA ALA B 101 -13.26 0.08 -12.99
C ALA B 101 -13.22 1.30 -12.04
N VAL B 102 -12.30 2.25 -12.26
CA VAL B 102 -12.22 3.53 -11.52
C VAL B 102 -13.59 4.25 -11.52
N ARG B 103 -14.19 4.44 -12.70
CA ARG B 103 -15.51 5.09 -12.85
C ARG B 103 -16.63 4.31 -12.14
N LEU B 104 -16.66 2.98 -12.27
CA LEU B 104 -17.63 2.10 -11.61
C LEU B 104 -17.50 2.08 -10.07
N LEU B 105 -16.27 2.16 -9.55
CA LEU B 105 -15.96 2.20 -8.10
C LEU B 105 -16.20 3.60 -7.49
N LEU B 106 -16.02 4.68 -8.27
CA LEU B 106 -16.20 6.08 -7.84
C LEU B 106 -17.27 6.81 -8.69
N PRO B 107 -18.55 6.38 -8.65
CA PRO B 107 -19.63 7.02 -9.41
C PRO B 107 -19.94 8.45 -8.91
N GLY B 108 -19.92 8.66 -7.59
CA GLY B 108 -20.10 9.98 -6.96
C GLY B 108 -18.91 10.91 -7.16
N GLU B 109 -19.18 12.14 -7.62
CA GLU B 109 -18.14 13.17 -7.86
C GLU B 109 -17.36 13.51 -6.59
N LEU B 110 -18.03 13.56 -5.43
CA LEU B 110 -17.40 13.75 -4.11
C LEU B 110 -16.26 12.75 -3.86
N ALA B 111 -16.53 11.45 -4.03
CA ALA B 111 -15.55 10.38 -3.89
C ALA B 111 -14.43 10.48 -4.94
N LYS B 112 -14.79 10.68 -6.22
CA LYS B 112 -13.83 10.91 -7.32
C LYS B 112 -12.83 12.03 -7.00
N HIS B 113 -13.32 13.23 -6.66
CA HIS B 113 -12.51 14.40 -6.31
C HIS B 113 -11.63 14.14 -5.07
N ALA B 114 -12.19 13.55 -4.00
CA ALA B 114 -11.42 13.19 -2.81
C ALA B 114 -10.30 12.17 -3.10
N VAL B 115 -10.51 11.23 -4.02
CA VAL B 115 -9.46 10.31 -4.51
C VAL B 115 -8.40 11.03 -5.35
N SER B 116 -8.77 11.99 -6.22
CA SER B 116 -7.79 12.85 -6.91
C SER B 116 -6.93 13.67 -5.93
N GLU B 117 -7.52 14.22 -4.87
CA GLU B 117 -6.78 14.81 -3.74
C GLU B 117 -5.91 13.75 -3.03
N GLY B 118 -6.37 12.50 -2.94
CA GLY B 118 -5.54 11.33 -2.57
C GLY B 118 -4.31 11.15 -3.45
N THR B 119 -4.40 11.28 -4.78
CA THR B 119 -3.24 11.28 -5.69
C THR B 119 -2.24 12.39 -5.31
N LYS B 120 -2.72 13.61 -5.07
CA LYS B 120 -1.88 14.72 -4.58
C LYS B 120 -1.25 14.40 -3.22
N ALA B 121 -2.00 13.80 -2.29
CA ALA B 121 -1.49 13.34 -1.00
C ALA B 121 -0.34 12.32 -1.14
N VAL B 122 -0.43 11.38 -2.10
CA VAL B 122 0.68 10.46 -2.44
C VAL B 122 1.95 11.23 -2.85
N THR B 123 1.85 12.17 -3.80
CA THR B 123 3.00 12.94 -4.30
C THR B 123 3.51 14.02 -3.32
N LYS B 124 2.71 14.41 -2.33
CA LYS B 124 3.05 15.38 -1.27
C LYS B 124 3.66 14.73 -0.03
N TYR B 125 3.03 13.66 0.50
CA TYR B 125 3.39 13.04 1.78
C TYR B 125 4.09 11.69 1.60
N THR B 126 3.53 10.76 0.81
CA THR B 126 4.07 9.39 0.67
C THR B 126 5.47 9.35 0.05
N SER B 127 5.68 10.01 -1.09
CA SER B 127 6.97 10.01 -1.80
C SER B 127 8.05 10.89 -1.16
N ALA B 128 7.70 11.75 -0.20
CA ALA B 128 8.64 12.57 0.55
C ALA B 128 9.54 11.74 1.49
N LYS B 129 10.81 12.16 1.62
CA LYS B 129 11.84 11.52 2.47
C LYS B 129 11.65 11.84 3.96
N GLY A 1 23.94 -37.42 -6.27
CA GLY A 1 24.05 -36.05 -5.70
C GLY A 1 25.48 -35.53 -5.76
N PRO A 2 25.87 -34.76 -6.79
CA PRO A 2 27.22 -34.22 -6.97
C PRO A 2 27.63 -33.24 -5.86
N GLY A 3 28.89 -33.32 -5.43
CA GLY A 3 29.53 -32.32 -4.54
C GLY A 3 29.79 -30.96 -5.22
N MET A 4 30.23 -29.98 -4.42
CA MET A 4 30.76 -28.69 -4.91
C MET A 4 32.12 -28.86 -5.61
N SER A 5 32.49 -27.91 -6.47
CA SER A 5 33.71 -27.95 -7.29
C SER A 5 34.92 -27.43 -6.52
N GLY A 6 35.98 -28.25 -6.38
CA GLY A 6 37.26 -27.87 -5.77
C GLY A 6 38.01 -26.80 -6.58
N ARG A 7 38.60 -25.81 -5.88
CA ARG A 7 39.34 -24.68 -6.47
C ARG A 7 40.44 -25.07 -7.49
N GLY A 8 40.56 -24.27 -8.54
CA GLY A 8 41.68 -24.31 -9.50
C GLY A 8 42.99 -23.75 -8.95
N LYS A 9 44.01 -23.67 -9.81
CA LYS A 9 45.36 -23.15 -9.50
C LYS A 9 45.33 -21.69 -9.01
N GLN A 10 44.82 -20.78 -9.84
CA GLN A 10 44.72 -19.34 -9.58
C GLN A 10 43.53 -18.72 -10.33
N GLY A 11 42.80 -17.82 -9.67
CA GLY A 11 41.60 -17.16 -10.24
C GLY A 11 40.51 -18.14 -10.71
N GLY A 12 39.85 -17.80 -11.82
CA GLY A 12 38.73 -18.57 -12.39
C GLY A 12 37.37 -18.32 -11.70
N LYS A 13 36.28 -18.51 -12.45
CA LYS A 13 34.90 -18.29 -11.95
C LYS A 13 34.56 -19.26 -10.81
N ALA A 14 34.12 -18.72 -9.67
CA ALA A 14 33.59 -19.49 -8.55
C ALA A 14 32.24 -20.15 -8.90
N ARG A 15 32.09 -21.46 -8.67
CA ARG A 15 30.78 -22.13 -8.75
C ARG A 15 29.84 -21.56 -7.67
N ALA A 16 28.72 -20.98 -8.10
CA ALA A 16 27.71 -20.43 -7.20
C ALA A 16 27.11 -21.51 -6.28
N LYS A 17 27.09 -21.27 -4.97
CA LYS A 17 26.40 -22.13 -3.98
C LYS A 17 24.90 -22.20 -4.29
N ALA A 18 24.28 -23.36 -4.08
CA ALA A 18 22.84 -23.54 -4.23
C ALA A 18 22.08 -22.62 -3.26
N LYS A 19 21.26 -21.70 -3.81
CA LYS A 19 20.45 -20.75 -3.01
C LYS A 19 19.46 -21.52 -2.12
N THR A 20 19.38 -21.13 -0.85
CA THR A 20 18.34 -21.62 0.08
C THR A 20 16.94 -21.22 -0.41
N ARG A 21 15.92 -22.01 -0.09
CA ARG A 21 14.52 -21.67 -0.41
C ARG A 21 14.14 -20.33 0.25
N SER A 22 13.73 -19.36 -0.56
CA SER A 22 13.36 -18.02 -0.08
C SER A 22 12.21 -18.10 0.94
N SER A 23 12.41 -17.50 2.12
CA SER A 23 11.42 -17.53 3.20
C SER A 23 10.11 -16.88 2.77
N ARG A 24 9.00 -17.62 2.84
CA ARG A 24 7.66 -17.13 2.43
C ARG A 24 7.23 -15.92 3.27
N ALA A 25 6.71 -14.90 2.61
CA ALA A 25 6.19 -13.67 3.24
C ALA A 25 4.79 -13.82 3.86
N GLY A 26 4.21 -15.03 3.83
CA GLY A 26 2.80 -15.29 4.10
C GLY A 26 1.86 -14.71 3.03
N LEU A 27 0.59 -14.54 3.36
CA LEU A 27 -0.42 -14.00 2.45
C LEU A 27 -0.21 -12.49 2.17
N GLN A 28 0.06 -11.70 3.22
CA GLN A 28 0.30 -10.25 3.10
C GLN A 28 1.51 -9.94 2.21
N PHE A 29 1.26 -9.44 0.99
CA PHE A 29 2.28 -9.14 -0.02
C PHE A 29 1.80 -8.06 -1.00
N PRO A 30 2.59 -7.00 -1.27
CA PRO A 30 2.14 -5.84 -2.05
C PRO A 30 1.83 -6.17 -3.51
N VAL A 31 0.62 -5.85 -3.98
CA VAL A 31 0.16 -6.08 -5.37
C VAL A 31 1.04 -5.36 -6.40
N GLY A 32 1.54 -4.17 -6.06
CA GLY A 32 2.54 -3.44 -6.88
C GLY A 32 3.84 -4.19 -7.13
N ARG A 33 4.23 -5.12 -6.22
CA ARG A 33 5.33 -6.07 -6.46
C ARG A 33 4.85 -7.28 -7.27
N VAL A 34 3.68 -7.85 -6.96
CA VAL A 34 3.08 -8.96 -7.75
C VAL A 34 3.04 -8.61 -9.23
N HIS A 35 2.52 -7.45 -9.60
CA HIS A 35 2.41 -7.01 -11.01
C HIS A 35 3.79 -6.82 -11.67
N ARG A 36 4.75 -6.20 -10.99
CA ARG A 36 6.15 -6.12 -11.46
C ARG A 36 6.79 -7.51 -11.65
N LEU A 37 6.56 -8.45 -10.73
CA LEU A 37 7.01 -9.85 -10.84
C LEU A 37 6.33 -10.61 -12.01
N LEU A 38 5.03 -10.42 -12.22
CA LEU A 38 4.31 -10.96 -13.40
C LEU A 38 4.95 -10.50 -14.72
N ARG A 39 5.29 -9.19 -14.83
CA ARG A 39 6.05 -8.64 -15.96
C ARG A 39 7.46 -9.26 -16.07
N LYS A 40 8.26 -9.21 -14.99
CA LYS A 40 9.64 -9.76 -14.90
C LYS A 40 9.71 -11.22 -15.36
N GLY A 41 8.84 -12.09 -14.83
CA GLY A 41 8.72 -13.51 -15.18
C GLY A 41 8.03 -13.80 -16.52
N ASN A 42 7.58 -12.78 -17.25
CA ASN A 42 6.84 -12.88 -18.52
C ASN A 42 5.60 -13.80 -18.45
N TYR A 43 4.84 -13.70 -17.33
CA TYR A 43 3.65 -14.52 -17.09
C TYR A 43 2.44 -14.13 -17.97
N SER A 44 2.35 -12.87 -18.40
CA SER A 44 1.39 -12.39 -19.40
C SER A 44 2.02 -11.35 -20.35
N GLU A 45 1.49 -11.26 -21.58
CA GLU A 45 1.88 -10.23 -22.56
C GLU A 45 1.45 -8.81 -22.12
N ARG A 46 0.37 -8.70 -21.34
CA ARG A 46 -0.14 -7.44 -20.76
C ARG A 46 -0.49 -7.65 -19.29
N VAL A 47 0.15 -6.89 -18.40
CA VAL A 47 -0.13 -6.83 -16.95
C VAL A 47 -0.46 -5.39 -16.58
N GLY A 48 -1.64 -5.16 -16.00
CA GLY A 48 -2.18 -3.85 -15.63
C GLY A 48 -1.50 -3.17 -14.44
N ALA A 49 -0.16 -3.06 -14.42
CA ALA A 49 0.64 -2.57 -13.29
C ALA A 49 0.35 -1.12 -12.86
N GLY A 50 -0.36 -0.32 -13.66
CA GLY A 50 -0.95 0.95 -13.23
C GLY A 50 -2.01 0.79 -12.13
N ALA A 51 -2.75 -0.32 -12.10
CA ALA A 51 -3.83 -0.58 -11.16
C ALA A 51 -3.37 -0.46 -9.69
N PRO A 52 -2.38 -1.24 -9.19
CA PRO A 52 -1.86 -1.05 -7.83
C PRO A 52 -1.40 0.38 -7.51
N VAL A 53 -0.90 1.15 -8.48
CA VAL A 53 -0.48 2.56 -8.28
C VAL A 53 -1.69 3.48 -8.05
N TYR A 54 -2.73 3.41 -8.90
CA TYR A 54 -4.00 4.11 -8.64
C TYR A 54 -4.66 3.64 -7.32
N LEU A 55 -4.60 2.35 -7.01
CA LEU A 55 -5.11 1.80 -5.75
C LEU A 55 -4.30 2.28 -4.52
N ALA A 56 -3.01 2.57 -4.66
CA ALA A 56 -2.22 3.27 -3.63
C ALA A 56 -2.79 4.66 -3.31
N ALA A 57 -3.15 5.44 -4.34
CA ALA A 57 -3.87 6.71 -4.17
C ALA A 57 -5.27 6.51 -3.53
N VAL A 58 -6.01 5.44 -3.88
CA VAL A 58 -7.27 5.07 -3.20
C VAL A 58 -7.05 4.81 -1.69
N LEU A 59 -6.05 4.00 -1.33
CA LEU A 59 -5.72 3.67 0.05
C LEU A 59 -5.50 4.90 0.93
N GLU A 60 -4.93 5.98 0.40
CA GLU A 60 -4.80 7.28 1.10
C GLU A 60 -6.15 7.74 1.70
N TYR A 61 -7.21 7.73 0.89
CA TYR A 61 -8.54 8.20 1.31
C TYR A 61 -9.27 7.17 2.19
N LEU A 62 -9.15 5.87 1.90
CA LEU A 62 -9.66 4.81 2.77
C LEU A 62 -9.07 4.90 4.20
N THR A 63 -7.75 5.11 4.30
CA THR A 63 -7.04 5.22 5.59
C THR A 63 -7.21 6.57 6.28
N ALA A 64 -7.43 7.66 5.54
CA ALA A 64 -7.82 8.96 6.10
C ALA A 64 -9.09 8.87 6.97
N GLU A 65 -10.14 8.19 6.50
CA GLU A 65 -11.37 8.00 7.29
C GLU A 65 -11.12 7.22 8.60
N ILE A 66 -10.29 6.16 8.57
CA ILE A 66 -9.84 5.45 9.77
C ILE A 66 -9.15 6.43 10.74
N LEU A 67 -8.13 7.15 10.27
CA LEU A 67 -7.32 8.05 11.11
C LEU A 67 -8.09 9.27 11.64
N GLU A 68 -9.05 9.80 10.88
CA GLU A 68 -9.97 10.86 11.33
C GLU A 68 -10.85 10.40 12.50
N LEU A 69 -11.53 9.26 12.36
CA LEU A 69 -12.36 8.68 13.42
C LEU A 69 -11.52 8.25 14.64
N ALA A 70 -10.30 7.74 14.42
CA ALA A 70 -9.34 7.49 15.49
C ALA A 70 -8.96 8.79 16.24
N GLY A 71 -8.79 9.90 15.52
CA GLY A 71 -8.64 11.24 16.11
C GLY A 71 -9.81 11.64 17.02
N ASN A 72 -11.05 11.42 16.59
CA ASN A 72 -12.24 11.65 17.42
C ASN A 72 -12.21 10.77 18.68
N ALA A 73 -11.91 9.47 18.54
CA ALA A 73 -11.74 8.57 19.69
C ALA A 73 -10.64 9.06 20.67
N ALA A 74 -9.49 9.50 20.16
CA ALA A 74 -8.40 10.06 20.97
C ALA A 74 -8.81 11.34 21.72
N ARG A 75 -9.48 12.29 21.04
CA ARG A 75 -10.09 13.49 21.65
C ARG A 75 -11.04 13.14 22.80
N ASP A 76 -11.98 12.22 22.57
CA ASP A 76 -12.92 11.73 23.58
C ASP A 76 -12.23 11.09 24.80
N ASN A 77 -11.15 10.34 24.59
CA ASN A 77 -10.33 9.71 25.64
C ASN A 77 -9.21 10.65 26.18
N LYS A 78 -9.17 11.93 25.74
CA LYS A 78 -8.17 12.95 26.11
C LYS A 78 -6.70 12.53 25.90
N LYS A 79 -6.44 11.72 24.85
CA LYS A 79 -5.10 11.17 24.51
C LYS A 79 -4.34 12.06 23.52
N THR A 80 -3.01 12.05 23.64
CA THR A 80 -2.07 12.78 22.76
C THR A 80 -1.61 11.95 21.55
N ARG A 81 -1.58 10.62 21.67
CA ARG A 81 -1.16 9.68 20.61
C ARG A 81 -2.25 8.66 20.29
N ILE A 82 -2.43 8.38 19.00
CA ILE A 82 -3.30 7.29 18.49
C ILE A 82 -2.75 5.92 18.92
N ILE A 83 -3.61 5.06 19.48
CA ILE A 83 -3.30 3.67 19.88
C ILE A 83 -4.17 2.66 19.11
N PRO A 84 -3.84 1.34 19.09
CA PRO A 84 -4.64 0.31 18.41
C PRO A 84 -6.14 0.32 18.74
N ARG A 85 -6.52 0.60 20.00
CA ARG A 85 -7.92 0.72 20.43
C ARG A 85 -8.69 1.82 19.68
N HIS A 86 -8.06 2.98 19.44
CA HIS A 86 -8.66 4.06 18.61
C HIS A 86 -8.90 3.61 17.18
N LEU A 87 -7.95 2.87 16.58
CA LEU A 87 -8.07 2.30 15.23
C LEU A 87 -9.21 1.27 15.16
N GLN A 88 -9.29 0.36 16.14
CA GLN A 88 -10.40 -0.61 16.28
C GLN A 88 -11.77 0.10 16.41
N LEU A 89 -11.88 1.11 17.30
CA LEU A 89 -13.08 1.94 17.42
C LEU A 89 -13.45 2.64 16.10
N ALA A 90 -12.48 3.24 15.40
CA ALA A 90 -12.69 3.86 14.08
C ALA A 90 -13.35 2.90 13.08
N ILE A 91 -12.79 1.70 12.89
CA ILE A 91 -13.32 0.70 11.94
C ILE A 91 -14.64 0.06 12.39
N ARG A 92 -14.92 0.04 13.71
CA ARG A 92 -16.19 -0.42 14.30
C ARG A 92 -17.33 0.59 14.10
N ASN A 93 -17.05 1.88 14.31
CA ASN A 93 -18.04 2.96 14.33
C ASN A 93 -18.60 3.33 12.93
N ASP A 94 -17.88 3.02 11.85
CA ASP A 94 -18.35 3.25 10.46
C ASP A 94 -18.39 1.92 9.68
N GLU A 95 -19.60 1.50 9.28
CA GLU A 95 -19.84 0.26 8.52
C GLU A 95 -19.01 0.18 7.23
N GLU A 96 -18.80 1.29 6.52
CA GLU A 96 -17.98 1.32 5.30
C GLU A 96 -16.52 0.89 5.55
N LEU A 97 -15.97 1.13 6.75
CA LEU A 97 -14.65 0.66 7.15
C LEU A 97 -14.69 -0.83 7.58
N ASN A 98 -15.75 -1.25 8.26
CA ASN A 98 -16.00 -2.66 8.58
C ASN A 98 -16.14 -3.55 7.33
N LYS A 99 -16.65 -3.02 6.21
CA LYS A 99 -16.69 -3.69 4.89
C LYS A 99 -15.29 -3.95 4.30
N LEU A 100 -14.37 -2.98 4.41
CA LEU A 100 -12.99 -3.10 3.91
C LEU A 100 -12.22 -4.24 4.61
N LEU A 101 -12.22 -4.24 5.95
CA LEU A 101 -11.42 -5.15 6.78
C LEU A 101 -12.18 -6.44 7.16
N GLY A 102 -11.45 -7.41 7.73
CA GLY A 102 -12.04 -8.60 8.37
C GLY A 102 -12.87 -8.27 9.62
N ARG A 103 -13.98 -9.00 9.83
CA ARG A 103 -14.69 -9.04 11.12
C ARG A 103 -13.78 -9.62 12.23
N VAL A 104 -14.12 -9.35 13.50
CA VAL A 104 -13.37 -9.89 14.66
C VAL A 104 -13.41 -11.43 14.66
N THR A 105 -12.24 -12.06 14.54
CA THR A 105 -12.06 -13.52 14.59
C THR A 105 -11.86 -14.04 16.02
N ILE A 106 -12.04 -15.35 16.23
CA ILE A 106 -11.82 -16.00 17.53
C ILE A 106 -10.38 -15.86 18.02
N ALA A 107 -10.18 -15.61 19.32
CA ALA A 107 -8.87 -15.47 19.94
C ALA A 107 -8.04 -16.76 19.85
N GLN A 108 -6.76 -16.63 19.46
CA GLN A 108 -5.78 -17.73 19.36
C GLN A 108 -4.39 -17.29 19.85
N GLY A 109 -3.53 -18.25 20.21
CA GLY A 109 -2.17 -17.98 20.70
C GLY A 109 -1.39 -19.24 21.13
N GLY A 110 -0.43 -19.06 22.04
CA GLY A 110 0.56 -20.07 22.44
C GLY A 110 1.50 -20.49 21.31
N VAL A 111 2.26 -21.56 21.54
CA VAL A 111 3.17 -22.16 20.53
C VAL A 111 2.38 -23.13 19.65
N LEU A 112 2.21 -22.80 18.37
CA LEU A 112 1.53 -23.65 17.38
C LEU A 112 2.43 -24.83 16.95
N PRO A 113 1.87 -26.04 16.75
CA PRO A 113 2.63 -27.21 16.31
C PRO A 113 3.25 -27.01 14.90
N ASN A 114 4.50 -27.47 14.72
CA ASN A 114 5.24 -27.36 13.46
C ASN A 114 5.19 -28.71 12.72
N ILE A 115 4.30 -28.83 11.74
CA ILE A 115 4.14 -30.04 10.91
C ILE A 115 5.33 -30.14 9.93
N GLN A 116 6.10 -31.22 10.02
CA GLN A 116 7.19 -31.54 9.11
C GLN A 116 6.72 -32.50 7.99
N ALA A 117 7.33 -32.42 6.81
CA ALA A 117 7.14 -33.41 5.75
C ALA A 117 7.62 -34.81 6.20
N VAL A 118 6.89 -35.86 5.81
CA VAL A 118 7.27 -37.26 6.10
C VAL A 118 8.34 -37.70 5.11
N LEU A 119 9.61 -37.65 5.55
CA LEU A 119 10.78 -38.06 4.76
C LEU A 119 11.21 -39.48 5.18
N LEU A 120 11.54 -40.32 4.19
CA LEU A 120 12.06 -41.67 4.44
C LEU A 120 13.46 -41.63 5.09
N PRO A 121 13.85 -42.63 5.91
CA PRO A 121 15.17 -42.67 6.55
C PRO A 121 16.33 -42.60 5.53
N LYS A 122 17.28 -41.68 5.76
CA LYS A 122 18.54 -41.61 5.00
C LYS A 122 19.36 -42.89 5.22
N LYS A 123 20.06 -43.35 4.18
CA LYS A 123 20.98 -44.50 4.27
C LYS A 123 22.11 -44.21 5.26
N THR A 124 22.16 -44.94 6.37
CA THR A 124 23.20 -44.83 7.41
C THR A 124 24.55 -45.37 6.91
N GLU A 125 25.65 -44.90 7.51
CA GLU A 125 26.97 -45.48 7.27
C GLU A 125 27.02 -46.93 7.79
N SER A 126 27.16 -47.90 6.88
CA SER A 126 27.24 -49.32 7.21
C SER A 126 28.51 -49.67 7.99
N HIS A 127 28.41 -50.61 8.94
CA HIS A 127 29.56 -51.17 9.66
C HIS A 127 30.52 -51.86 8.68
N HIS A 128 31.84 -51.72 8.89
CA HIS A 128 32.85 -52.32 8.02
C HIS A 128 32.96 -53.83 8.24
N LYS A 129 32.27 -54.60 7.38
CA LYS A 129 32.22 -56.07 7.38
C LYS A 129 32.93 -56.63 6.14
N ALA A 130 33.62 -57.76 6.31
CA ALA A 130 34.30 -58.45 5.22
C ALA A 130 33.32 -59.06 4.19
N LYS A 131 33.67 -58.97 2.90
CA LYS A 131 32.91 -59.56 1.76
C LYS A 131 33.41 -60.95 1.35
N GLY A 132 34.28 -61.57 2.18
CA GLY A 132 35.04 -62.79 1.84
C GLY A 132 36.14 -62.60 0.79
N LYS A 133 36.45 -61.35 0.41
CA LYS A 133 37.48 -60.94 -0.56
C LYS A 133 38.31 -59.76 -0.04
N GLY B 1 34.59 -12.62 7.89
CA GLY B 1 33.50 -12.93 8.86
C GLY B 1 33.81 -12.39 10.26
N PRO B 2 32.77 -12.17 11.11
CA PRO B 2 32.94 -11.67 12.49
C PRO B 2 33.58 -12.72 13.42
N GLY B 3 33.15 -13.98 13.33
CA GLY B 3 33.81 -15.14 13.93
C GLY B 3 34.95 -15.68 13.05
N MET B 4 35.19 -17.00 13.10
CA MET B 4 36.12 -17.68 12.19
C MET B 4 35.56 -17.74 10.75
N PRO B 5 36.31 -17.30 9.72
CA PRO B 5 35.85 -17.34 8.33
C PRO B 5 35.71 -18.78 7.80
N GLU B 6 34.71 -19.00 6.93
CA GLU B 6 34.59 -20.24 6.15
C GLU B 6 35.66 -20.27 5.03
N PRO B 7 36.46 -21.34 4.89
CA PRO B 7 37.46 -21.46 3.82
C PRO B 7 36.83 -21.48 2.42
N ALA B 8 37.49 -20.88 1.44
CA ALA B 8 37.07 -20.88 0.05
C ALA B 8 37.39 -22.24 -0.62
N LYS B 9 36.42 -23.16 -0.60
CA LYS B 9 36.51 -24.48 -1.26
C LYS B 9 36.35 -24.36 -2.78
N SER B 10 35.44 -23.50 -3.23
CA SER B 10 35.30 -23.03 -4.62
C SER B 10 36.45 -22.11 -5.07
N ALA B 11 36.63 -21.96 -6.39
CA ALA B 11 37.72 -21.18 -6.98
C ALA B 11 37.82 -19.73 -6.43
N PRO B 12 39.03 -19.26 -6.03
CA PRO B 12 39.22 -17.92 -5.48
C PRO B 12 38.97 -16.82 -6.51
N ALA B 13 38.44 -15.68 -6.06
CA ALA B 13 38.36 -14.46 -6.89
C ALA B 13 39.77 -13.97 -7.30
N PRO B 14 40.01 -13.58 -8.57
CA PRO B 14 41.29 -13.02 -9.01
C PRO B 14 41.61 -11.70 -8.30
N LYS B 15 42.91 -11.43 -8.08
CA LYS B 15 43.41 -10.18 -7.46
C LYS B 15 43.23 -8.98 -8.38
N LYS B 16 43.05 -7.78 -7.81
CA LYS B 16 43.07 -6.51 -8.56
C LYS B 16 44.44 -6.29 -9.21
N GLY B 17 44.45 -5.86 -10.47
CA GLY B 17 45.64 -5.73 -11.31
C GLY B 17 46.30 -7.05 -11.76
N SER B 18 45.65 -8.21 -11.53
CA SER B 18 46.14 -9.51 -12.01
C SER B 18 46.06 -9.61 -13.54
N LYS B 19 47.16 -10.00 -14.19
CA LYS B 19 47.26 -10.16 -15.66
C LYS B 19 46.62 -11.46 -16.14
N LYS B 20 46.04 -11.44 -17.35
CA LYS B 20 45.36 -12.57 -18.03
C LYS B 20 44.22 -13.22 -17.20
N ALA B 21 43.58 -12.44 -16.31
CA ALA B 21 42.50 -12.93 -15.45
C ALA B 21 41.23 -13.34 -16.24
N VAL B 22 40.58 -14.42 -15.82
CA VAL B 22 39.36 -14.97 -16.47
C VAL B 22 38.13 -14.11 -16.15
N THR B 23 37.95 -13.76 -14.88
CA THR B 23 36.84 -12.95 -14.33
C THR B 23 37.33 -11.62 -13.74
N LYS B 24 36.40 -10.73 -13.38
CA LYS B 24 36.69 -9.50 -12.61
C LYS B 24 36.84 -9.80 -11.11
N ALA B 25 37.68 -9.03 -10.42
CA ALA B 25 37.85 -9.13 -8.97
C ALA B 25 36.52 -8.91 -8.22
N GLN B 26 36.19 -9.82 -7.28
CA GLN B 26 34.97 -9.79 -6.48
C GLN B 26 35.24 -9.20 -5.08
N LYS B 27 34.36 -8.34 -4.58
CA LYS B 27 34.46 -7.73 -3.24
C LYS B 27 34.19 -8.75 -2.13
N LYS B 28 34.91 -8.63 -1.00
CA LYS B 28 34.72 -9.42 0.22
C LYS B 28 33.96 -8.63 1.29
N ASP B 29 33.10 -9.31 2.04
CA ASP B 29 32.28 -8.74 3.12
C ASP B 29 32.19 -9.68 4.34
N GLY B 30 31.77 -9.13 5.49
CA GLY B 30 31.33 -9.90 6.67
C GLY B 30 29.95 -10.55 6.49
N LYS B 31 29.31 -10.91 7.61
CA LYS B 31 27.92 -11.43 7.66
C LYS B 31 26.89 -10.28 7.60
N LYS B 32 27.08 -9.38 6.63
CA LYS B 32 26.25 -8.19 6.34
C LYS B 32 24.95 -8.58 5.62
N ARG B 33 24.08 -9.37 6.26
CA ARG B 33 22.79 -9.78 5.70
C ARG B 33 21.92 -8.54 5.43
N LYS B 34 21.66 -8.26 4.14
CA LYS B 34 20.91 -7.08 3.68
C LYS B 34 19.43 -7.21 4.02
N ARG B 35 18.81 -6.11 4.48
CA ARG B 35 17.35 -6.01 4.64
C ARG B 35 16.66 -6.15 3.27
N SER B 36 15.55 -6.89 3.22
CA SER B 36 14.66 -6.90 2.05
C SER B 36 14.02 -5.53 1.83
N ARG B 37 13.80 -5.14 0.55
CA ARG B 37 13.20 -3.84 0.20
C ARG B 37 11.72 -3.78 0.62
N LYS B 38 11.35 -2.82 1.47
CA LYS B 38 9.97 -2.62 1.95
C LYS B 38 9.28 -1.55 1.10
N GLU B 39 8.60 -2.00 0.05
CA GLU B 39 7.90 -1.16 -0.94
C GLU B 39 6.37 -1.25 -0.85
N SER B 40 5.85 -1.98 0.14
CA SER B 40 4.41 -2.02 0.45
C SER B 40 3.85 -0.65 0.82
N TYR B 41 2.59 -0.39 0.45
CA TYR B 41 1.99 0.92 0.71
C TYR B 41 1.78 1.16 2.22
N SER B 42 2.16 2.37 2.61
CA SER B 42 2.58 2.75 3.98
C SER B 42 2.94 4.24 3.96
N ILE B 43 3.75 4.66 2.98
CA ILE B 43 4.04 6.07 2.65
C ILE B 43 2.79 6.97 2.55
N TYR B 44 1.68 6.47 1.99
CA TYR B 44 0.39 7.18 1.94
C TYR B 44 -0.20 7.37 3.34
N VAL B 45 -0.24 6.33 4.18
CA VAL B 45 -0.60 6.45 5.60
C VAL B 45 0.31 7.47 6.30
N TYR B 46 1.62 7.41 6.09
CA TYR B 46 2.59 8.33 6.72
C TYR B 46 2.35 9.80 6.30
N LYS B 47 1.99 10.07 5.04
CA LYS B 47 1.49 11.38 4.59
C LYS B 47 0.20 11.77 5.32
N VAL B 48 -0.81 10.91 5.31
CA VAL B 48 -2.12 11.13 5.97
C VAL B 48 -1.96 11.42 7.47
N LEU B 49 -1.09 10.70 8.19
CA LEU B 49 -0.77 10.96 9.59
C LEU B 49 -0.33 12.42 9.81
N LYS B 50 0.61 12.95 9.02
CA LYS B 50 1.05 14.35 9.09
C LYS B 50 -0.10 15.35 8.86
N GLN B 51 -1.03 15.04 7.94
CA GLN B 51 -2.18 15.90 7.62
C GLN B 51 -3.30 15.86 8.69
N VAL B 52 -3.68 14.66 9.16
CA VAL B 52 -4.78 14.44 10.11
C VAL B 52 -4.34 14.72 11.57
N HIS B 53 -3.09 14.38 11.91
CA HIS B 53 -2.50 14.51 13.24
C HIS B 53 -1.24 15.41 13.22
N PRO B 54 -1.38 16.74 12.96
CA PRO B 54 -0.25 17.67 12.95
C PRO B 54 0.31 17.97 14.35
N ASP B 55 -0.56 18.09 15.37
CA ASP B 55 -0.18 18.36 16.76
C ASP B 55 -0.10 17.08 17.62
N THR B 56 -1.08 16.18 17.45
CA THR B 56 -1.10 14.81 18.01
C THR B 56 -0.07 13.88 17.35
N GLY B 57 0.08 12.66 17.87
CA GLY B 57 0.97 11.62 17.33
C GLY B 57 0.32 10.23 17.23
N ILE B 58 1.13 9.18 17.08
CA ILE B 58 0.70 7.77 16.97
C ILE B 58 1.73 6.83 17.63
N SER B 59 1.32 5.68 18.14
CA SER B 59 2.25 4.64 18.65
C SER B 59 2.84 3.78 17.53
N SER B 60 4.02 3.19 17.77
CA SER B 60 4.65 2.22 16.85
C SER B 60 3.73 1.01 16.59
N LYS B 61 3.03 0.53 17.63
CA LYS B 61 1.99 -0.51 17.53
C LYS B 61 0.85 -0.08 16.61
N ALA B 62 0.30 1.12 16.78
CA ALA B 62 -0.76 1.67 15.93
C ALA B 62 -0.31 1.85 14.46
N MET B 63 0.91 2.34 14.22
CA MET B 63 1.51 2.35 12.86
C MET B 63 1.58 0.93 12.26
N GLY B 64 2.00 -0.06 13.05
CA GLY B 64 1.94 -1.48 12.69
C GLY B 64 0.55 -1.96 12.29
N ILE B 65 -0.48 -1.65 13.09
CA ILE B 65 -1.89 -1.93 12.78
C ILE B 65 -2.31 -1.28 11.45
N MET B 66 -1.99 0.01 11.23
CA MET B 66 -2.27 0.67 9.94
C MET B 66 -1.59 -0.01 8.75
N ASN B 67 -0.35 -0.48 8.89
CA ASN B 67 0.33 -1.26 7.85
C ASN B 67 -0.40 -2.59 7.60
N SER B 68 -0.76 -3.35 8.65
CA SER B 68 -1.61 -4.55 8.53
C SER B 68 -2.94 -4.26 7.81
N PHE B 69 -3.64 -3.19 8.20
CA PHE B 69 -4.84 -2.72 7.51
C PHE B 69 -4.58 -2.50 6.01
N VAL B 70 -3.56 -1.72 5.63
CA VAL B 70 -3.23 -1.52 4.21
C VAL B 70 -2.94 -2.85 3.51
N ASN B 71 -2.10 -3.73 4.07
CA ASN B 71 -1.81 -5.04 3.48
C ASN B 71 -3.10 -5.83 3.16
N ASP B 72 -4.01 -5.95 4.13
CA ASP B 72 -5.31 -6.62 3.94
C ASP B 72 -6.22 -5.90 2.91
N ILE B 73 -6.43 -4.59 3.06
CA ILE B 73 -7.29 -3.78 2.18
C ILE B 73 -6.77 -3.77 0.74
N PHE B 74 -5.47 -3.57 0.53
CA PHE B 74 -4.84 -3.44 -0.80
C PHE B 74 -5.15 -4.64 -1.71
N GLU B 75 -4.91 -5.85 -1.21
CA GLU B 75 -5.23 -7.10 -1.91
C GLU B 75 -6.73 -7.25 -2.20
N ARG B 76 -7.60 -6.89 -1.24
CA ARG B 76 -9.06 -6.86 -1.42
C ARG B 76 -9.50 -5.90 -2.51
N ILE B 77 -9.06 -4.64 -2.49
CA ILE B 77 -9.41 -3.64 -3.52
C ILE B 77 -8.78 -3.92 -4.89
N ALA B 78 -7.63 -4.61 -4.95
CA ALA B 78 -7.07 -5.12 -6.21
C ALA B 78 -7.92 -6.25 -6.82
N GLY B 79 -8.32 -7.24 -6.00
CA GLY B 79 -9.32 -8.24 -6.40
C GLY B 79 -10.65 -7.61 -6.82
N GLU B 80 -11.08 -6.55 -6.13
CA GLU B 80 -12.26 -5.78 -6.52
C GLU B 80 -12.08 -5.05 -7.85
N ALA B 81 -10.93 -4.41 -8.11
CA ALA B 81 -10.63 -3.75 -9.39
C ALA B 81 -10.77 -4.69 -10.60
N SER B 82 -10.28 -5.93 -10.52
CA SER B 82 -10.51 -6.93 -11.58
C SER B 82 -11.97 -7.40 -11.63
N ARG B 83 -12.62 -7.69 -10.49
CA ARG B 83 -14.07 -8.00 -10.44
C ARG B 83 -14.96 -6.91 -11.05
N LEU B 84 -14.68 -5.63 -10.82
CA LEU B 84 -15.38 -4.49 -11.44
C LEU B 84 -15.29 -4.53 -12.98
N ALA B 85 -14.18 -5.01 -13.56
CA ALA B 85 -14.08 -5.27 -14.99
C ALA B 85 -14.91 -6.52 -15.41
N HIS B 86 -14.83 -7.62 -14.66
CA HIS B 86 -15.62 -8.85 -14.88
C HIS B 86 -17.14 -8.63 -14.84
N TYR B 87 -17.64 -7.79 -13.93
CA TYR B 87 -19.06 -7.38 -13.83
C TYR B 87 -19.59 -6.76 -15.15
N ASN B 88 -18.70 -6.10 -15.90
CA ASN B 88 -18.97 -5.50 -17.22
C ASN B 88 -18.51 -6.41 -18.38
N LYS B 89 -18.20 -7.69 -18.11
CA LYS B 89 -17.71 -8.72 -19.04
C LYS B 89 -16.46 -8.30 -19.85
N ARG B 90 -15.62 -7.43 -19.29
CA ARG B 90 -14.38 -6.94 -19.92
C ARG B 90 -13.29 -8.02 -19.90
N SER B 91 -12.53 -8.13 -20.99
CA SER B 91 -11.48 -9.15 -21.20
C SER B 91 -10.18 -8.87 -20.43
N THR B 92 -9.84 -7.57 -20.26
CA THR B 92 -8.65 -7.07 -19.56
C THR B 92 -9.01 -5.87 -18.67
N ILE B 93 -8.02 -5.14 -18.15
CA ILE B 93 -8.18 -3.84 -17.49
C ILE B 93 -7.18 -2.81 -18.05
N THR B 94 -7.68 -1.79 -18.75
CA THR B 94 -6.89 -0.68 -19.36
C THR B 94 -6.58 0.46 -18.38
N SER B 95 -5.68 1.37 -18.77
CA SER B 95 -5.39 2.64 -18.06
C SER B 95 -6.65 3.46 -17.73
N ARG B 96 -7.59 3.59 -18.68
CA ARG B 96 -8.88 4.28 -18.48
C ARG B 96 -9.82 3.46 -17.59
N GLU B 97 -9.89 2.15 -17.78
CA GLU B 97 -10.70 1.25 -16.94
C GLU B 97 -10.24 1.20 -15.48
N ILE B 98 -8.95 1.40 -15.20
CA ILE B 98 -8.43 1.63 -13.83
C ILE B 98 -9.06 2.89 -13.21
N GLN B 99 -9.08 4.02 -13.92
CA GLN B 99 -9.75 5.25 -13.45
C GLN B 99 -11.26 5.01 -13.21
N THR B 100 -11.92 4.24 -14.07
CA THR B 100 -13.30 3.75 -13.85
C THR B 100 -13.41 2.92 -12.55
N ALA B 101 -12.51 1.96 -12.31
CA ALA B 101 -12.47 1.20 -11.05
C ALA B 101 -12.32 2.10 -9.81
N VAL B 102 -11.42 3.10 -9.84
CA VAL B 102 -11.28 4.11 -8.77
C VAL B 102 -12.60 4.80 -8.43
N ARG B 103 -13.36 5.30 -9.42
CA ARG B 103 -14.67 5.95 -9.17
C ARG B 103 -15.81 5.01 -8.79
N LEU B 104 -15.64 3.69 -8.98
CA LEU B 104 -16.54 2.65 -8.49
C LEU B 104 -16.19 2.21 -7.05
N LEU B 105 -14.91 2.29 -6.65
CA LEU B 105 -14.45 2.04 -5.27
C LEU B 105 -14.75 3.20 -4.32
N LEU B 106 -14.46 4.45 -4.73
CA LEU B 106 -14.63 5.66 -3.90
C LEU B 106 -15.83 6.51 -4.36
N PRO B 107 -16.74 6.91 -3.44
CA PRO B 107 -17.88 7.79 -3.76
C PRO B 107 -17.51 9.27 -3.84
N GLY B 108 -18.35 10.06 -4.52
CA GLY B 108 -18.25 11.53 -4.60
C GLY B 108 -16.90 12.05 -5.11
N GLU B 109 -16.40 13.14 -4.50
CA GLU B 109 -15.14 13.80 -4.91
C GLU B 109 -13.89 12.95 -4.69
N LEU B 110 -13.92 12.01 -3.73
CA LEU B 110 -12.80 11.09 -3.43
C LEU B 110 -12.34 10.30 -4.67
N ALA B 111 -13.28 9.96 -5.57
CA ALA B 111 -12.98 9.41 -6.90
C ALA B 111 -11.98 10.28 -7.69
N LYS B 112 -12.34 11.54 -7.94
CA LYS B 112 -11.50 12.52 -8.66
C LYS B 112 -10.16 12.73 -7.96
N HIS B 113 -10.17 12.90 -6.63
CA HIS B 113 -8.97 13.02 -5.80
C HIS B 113 -8.00 11.84 -6.02
N ALA B 114 -8.47 10.60 -5.84
CA ALA B 114 -7.68 9.39 -6.06
C ALA B 114 -7.22 9.21 -7.51
N VAL B 115 -8.03 9.57 -8.51
CA VAL B 115 -7.58 9.61 -9.92
C VAL B 115 -6.42 10.59 -10.10
N SER B 116 -6.57 11.87 -9.72
CA SER B 116 -5.51 12.89 -9.86
C SER B 116 -4.22 12.50 -9.15
N GLU B 117 -4.29 12.07 -7.89
CA GLU B 117 -3.12 11.57 -7.15
C GLU B 117 -2.52 10.30 -7.81
N GLY B 118 -3.36 9.35 -8.24
CA GLY B 118 -2.92 8.13 -8.94
C GLY B 118 -2.19 8.41 -10.25
N THR B 119 -2.70 9.33 -11.08
CA THR B 119 -2.03 9.79 -12.31
C THR B 119 -0.66 10.37 -12.01
N LYS B 120 -0.55 11.30 -11.03
CA LYS B 120 0.74 11.84 -10.58
C LYS B 120 1.68 10.75 -10.05
N ALA B 121 1.18 9.81 -9.24
CA ALA B 121 1.95 8.66 -8.74
C ALA B 121 2.53 7.82 -9.89
N VAL B 122 1.72 7.44 -10.89
CA VAL B 122 2.20 6.75 -12.12
C VAL B 122 3.34 7.56 -12.76
N THR B 123 3.13 8.84 -13.06
CA THR B 123 4.16 9.72 -13.64
C THR B 123 5.46 9.73 -12.82
N LYS B 124 5.38 9.96 -11.49
CA LYS B 124 6.54 9.95 -10.58
C LYS B 124 7.29 8.62 -10.59
N TYR B 125 6.56 7.50 -10.56
CA TYR B 125 7.15 6.15 -10.54
C TYR B 125 7.81 5.76 -11.88
N THR B 126 7.26 6.19 -13.03
CA THR B 126 7.88 5.94 -14.36
C THR B 126 9.03 6.91 -14.68
N SER B 127 9.00 8.16 -14.21
CA SER B 127 10.08 9.14 -14.40
C SER B 127 11.31 8.92 -13.50
N ALA B 128 11.18 8.10 -12.44
CA ALA B 128 12.27 7.74 -11.53
C ALA B 128 13.52 7.19 -12.26
N LYS B 129 14.70 7.64 -11.84
CA LYS B 129 16.01 7.28 -12.42
C LYS B 129 16.43 5.84 -12.10
N GLY A 1 41.90 7.58 -36.67
CA GLY A 1 41.56 6.21 -36.22
C GLY A 1 42.16 5.12 -37.11
N PRO A 2 41.44 4.63 -38.15
CA PRO A 2 41.84 3.46 -38.96
C PRO A 2 43.23 3.53 -39.64
N GLY A 3 43.75 4.74 -39.90
CA GLY A 3 45.11 4.95 -40.42
C GLY A 3 46.26 4.50 -39.49
N MET A 4 45.99 4.32 -38.19
CA MET A 4 46.97 3.86 -37.19
C MET A 4 47.13 2.32 -37.20
N SER A 5 48.24 1.82 -36.62
CA SER A 5 48.50 0.39 -36.44
C SER A 5 47.50 -0.29 -35.48
N GLY A 6 47.36 -1.61 -35.58
CA GLY A 6 46.33 -2.40 -34.91
C GLY A 6 44.90 -2.10 -35.40
N ARG A 7 43.91 -2.18 -34.50
CA ARG A 7 42.49 -1.92 -34.80
C ARG A 7 42.17 -0.43 -34.91
N GLY A 8 41.27 -0.07 -35.85
CA GLY A 8 40.72 1.28 -36.02
C GLY A 8 39.72 1.70 -34.93
N LYS A 9 39.03 2.83 -35.14
CA LYS A 9 37.98 3.36 -34.24
C LYS A 9 36.87 2.34 -34.01
N GLN A 10 36.55 2.07 -32.74
CA GLN A 10 35.50 1.13 -32.32
C GLN A 10 34.25 1.87 -31.80
N GLY A 11 33.07 1.30 -32.06
CA GLY A 11 31.79 1.76 -31.50
C GLY A 11 31.70 1.59 -29.97
N GLY A 12 30.98 2.50 -29.30
CA GLY A 12 30.62 2.39 -27.88
C GLY A 12 29.80 1.11 -27.57
N LYS A 13 29.89 0.62 -26.32
CA LYS A 13 29.18 -0.59 -25.85
C LYS A 13 27.68 -0.55 -26.19
N ALA A 14 27.19 -1.58 -26.88
CA ALA A 14 25.78 -1.71 -27.24
C ALA A 14 24.88 -1.83 -26.00
N ARG A 15 23.83 -1.00 -25.92
CA ARG A 15 22.88 -1.00 -24.79
C ARG A 15 22.07 -2.29 -24.74
N ALA A 16 21.98 -2.91 -23.56
CA ALA A 16 21.17 -4.11 -23.34
C ALA A 16 19.66 -3.81 -23.49
N LYS A 17 18.93 -4.71 -24.17
CA LYS A 17 17.47 -4.60 -24.34
C LYS A 17 16.73 -4.76 -23.00
N ALA A 18 15.77 -3.88 -22.73
CA ALA A 18 14.91 -3.95 -21.53
C ALA A 18 14.00 -5.20 -21.58
N LYS A 19 13.82 -5.87 -20.43
CA LYS A 19 12.99 -7.09 -20.31
C LYS A 19 11.49 -6.75 -20.33
N THR A 20 10.80 -7.10 -21.42
CA THR A 20 9.35 -6.83 -21.61
C THR A 20 8.49 -7.51 -20.55
N ARG A 21 7.68 -6.73 -19.82
CA ARG A 21 6.75 -7.16 -18.76
C ARG A 21 7.36 -8.07 -17.68
N SER A 22 8.65 -7.88 -17.36
CA SER A 22 9.38 -8.73 -16.40
C SER A 22 8.75 -8.71 -14.99
N SER A 23 8.40 -9.89 -14.49
CA SER A 23 7.93 -10.14 -13.12
C SER A 23 9.10 -10.53 -12.20
N ARG A 24 9.07 -10.10 -10.93
CA ARG A 24 10.14 -10.41 -9.96
C ARG A 24 10.13 -11.90 -9.59
N ALA A 25 11.22 -12.61 -9.87
CA ALA A 25 11.39 -14.02 -9.55
C ALA A 25 11.55 -14.27 -8.04
N GLY A 26 10.94 -15.34 -7.53
CA GLY A 26 10.99 -15.77 -6.12
C GLY A 26 9.64 -16.20 -5.55
N LEU A 27 9.59 -16.35 -4.22
CA LEU A 27 8.40 -16.81 -3.48
C LEU A 27 7.54 -15.66 -2.91
N GLN A 28 7.96 -14.40 -3.10
CA GLN A 28 7.27 -13.21 -2.59
C GLN A 28 6.48 -12.47 -3.69
N PHE A 29 5.42 -11.77 -3.27
CA PHE A 29 4.48 -11.09 -4.17
C PHE A 29 4.39 -9.58 -3.83
N PRO A 30 5.45 -8.79 -4.11
CA PRO A 30 5.39 -7.33 -4.03
C PRO A 30 4.37 -6.77 -5.02
N VAL A 31 3.84 -5.57 -4.75
CA VAL A 31 2.79 -4.96 -5.61
C VAL A 31 3.23 -4.80 -7.07
N GLY A 32 4.53 -4.56 -7.33
CA GLY A 32 5.12 -4.53 -8.68
C GLY A 32 5.01 -5.84 -9.47
N ARG A 33 5.09 -7.00 -8.80
CA ARG A 33 4.82 -8.32 -9.41
C ARG A 33 3.35 -8.42 -9.82
N VAL A 34 2.45 -7.99 -8.94
CA VAL A 34 1.00 -7.94 -9.20
C VAL A 34 0.66 -6.93 -10.31
N HIS A 35 1.36 -5.79 -10.42
CA HIS A 35 1.21 -4.84 -11.55
C HIS A 35 1.46 -5.51 -12.91
N ARG A 36 2.42 -6.43 -13.03
CA ARG A 36 2.61 -7.25 -14.26
C ARG A 36 1.42 -8.20 -14.52
N LEU A 37 0.93 -8.91 -13.50
CA LEU A 37 -0.27 -9.76 -13.59
C LEU A 37 -1.52 -8.94 -14.02
N LEU A 38 -1.68 -7.74 -13.47
CA LEU A 38 -2.72 -6.78 -13.84
C LEU A 38 -2.54 -6.21 -15.26
N ARG A 39 -1.30 -5.97 -15.70
CA ARG A 39 -0.97 -5.56 -17.10
C ARG A 39 -1.40 -6.61 -18.12
N LYS A 40 -1.24 -7.91 -17.84
CA LYS A 40 -1.82 -9.00 -18.66
C LYS A 40 -3.34 -8.86 -18.81
N GLY A 41 -4.03 -8.48 -17.73
CA GLY A 41 -5.46 -8.11 -17.70
C GLY A 41 -5.79 -6.71 -18.26
N ASN A 42 -4.84 -6.00 -18.86
CA ASN A 42 -4.94 -4.63 -19.38
C ASN A 42 -5.45 -3.58 -18.34
N TYR A 43 -5.24 -3.81 -17.04
CA TYR A 43 -5.67 -2.95 -15.93
C TYR A 43 -5.28 -1.47 -16.11
N SER A 44 -4.00 -1.21 -16.42
CA SER A 44 -3.48 0.14 -16.71
C SER A 44 -2.89 0.23 -18.12
N GLU A 45 -3.04 1.39 -18.76
CA GLU A 45 -2.47 1.70 -20.07
C GLU A 45 -0.94 1.88 -20.01
N ARG A 46 -0.39 2.30 -18.86
CA ARG A 46 1.06 2.47 -18.61
C ARG A 46 1.44 1.98 -17.20
N VAL A 47 2.49 1.15 -17.10
CA VAL A 47 3.07 0.67 -15.82
C VAL A 47 4.53 1.12 -15.72
N GLY A 48 4.76 2.23 -15.00
CA GLY A 48 6.10 2.77 -14.72
C GLY A 48 6.81 2.05 -13.57
N ALA A 49 8.16 2.03 -13.60
CA ALA A 49 8.98 1.41 -12.55
C ALA A 49 8.69 1.92 -11.13
N GLY A 50 8.31 3.20 -10.97
CA GLY A 50 7.92 3.82 -9.70
C GLY A 50 6.48 3.53 -9.22
N ALA A 51 5.62 2.92 -10.05
CA ALA A 51 4.22 2.63 -9.71
C ALA A 51 4.01 1.90 -8.36
N PRO A 52 4.88 0.94 -7.93
CA PRO A 52 4.81 0.34 -6.59
C PRO A 52 4.82 1.33 -5.43
N VAL A 53 5.56 2.44 -5.56
CA VAL A 53 5.61 3.52 -4.57
C VAL A 53 4.47 4.52 -4.80
N TYR A 54 4.23 4.92 -6.05
CA TYR A 54 3.22 5.94 -6.40
C TYR A 54 1.78 5.49 -6.08
N LEU A 55 1.36 4.30 -6.50
CA LEU A 55 0.03 3.76 -6.17
C LEU A 55 -0.12 3.47 -4.67
N ALA A 56 0.94 2.97 -4.00
CA ALA A 56 0.94 2.85 -2.54
C ALA A 56 0.71 4.21 -1.85
N ALA A 57 1.39 5.29 -2.27
CA ALA A 57 1.16 6.65 -1.76
C ALA A 57 -0.31 7.08 -1.93
N VAL A 58 -0.91 6.88 -3.12
CA VAL A 58 -2.35 7.11 -3.33
C VAL A 58 -3.20 6.35 -2.30
N LEU A 59 -2.94 5.06 -2.11
CA LEU A 59 -3.68 4.22 -1.15
C LEU A 59 -3.44 4.66 0.32
N GLU A 60 -2.25 5.15 0.65
CA GLU A 60 -1.94 5.80 1.93
C GLU A 60 -2.77 7.08 2.17
N TYR A 61 -3.17 7.80 1.13
CA TYR A 61 -4.12 8.93 1.24
C TYR A 61 -5.58 8.50 1.49
N LEU A 62 -5.90 7.20 1.45
CA LEU A 62 -7.22 6.65 1.78
C LEU A 62 -7.34 6.38 3.29
N THR A 63 -6.30 5.79 3.89
CA THR A 63 -6.25 5.52 5.34
C THR A 63 -6.29 6.79 6.19
N ALA A 64 -5.99 7.96 5.61
CA ALA A 64 -6.25 9.28 6.20
C ALA A 64 -7.71 9.46 6.69
N GLU A 65 -8.72 8.96 5.96
CA GLU A 65 -10.13 9.02 6.42
C GLU A 65 -10.35 8.12 7.65
N ILE A 66 -9.83 6.90 7.62
CA ILE A 66 -9.85 5.96 8.75
C ILE A 66 -9.16 6.60 9.97
N LEU A 67 -8.04 7.29 9.78
CA LEU A 67 -7.32 8.03 10.82
C LEU A 67 -8.12 9.20 11.40
N GLU A 68 -8.77 10.03 10.57
CA GLU A 68 -9.66 11.11 11.06
C GLU A 68 -10.85 10.55 11.86
N LEU A 69 -11.49 9.48 11.37
CA LEU A 69 -12.52 8.74 12.11
C LEU A 69 -11.97 8.16 13.44
N ALA A 70 -10.74 7.63 13.45
CA ALA A 70 -10.07 7.18 14.66
C ALA A 70 -9.77 8.34 15.64
N GLY A 71 -9.49 9.55 15.13
CA GLY A 71 -9.44 10.79 15.93
C GLY A 71 -10.76 11.07 16.68
N ASN A 72 -11.91 10.89 16.01
CA ASN A 72 -13.22 10.98 16.66
C ASN A 72 -13.40 9.87 17.71
N ALA A 73 -13.01 8.62 17.41
CA ALA A 73 -13.02 7.53 18.38
C ALA A 73 -12.13 7.81 19.62
N ALA A 74 -10.93 8.38 19.43
CA ALA A 74 -10.05 8.85 20.50
C ALA A 74 -10.72 9.93 21.38
N ARG A 75 -11.31 10.97 20.78
CA ARG A 75 -12.14 11.98 21.48
C ARG A 75 -13.27 11.34 22.29
N ASP A 76 -14.04 10.41 21.72
CA ASP A 76 -15.09 9.65 22.43
C ASP A 76 -14.58 8.88 23.66
N ASN A 77 -13.34 8.35 23.60
CA ASN A 77 -12.66 7.69 24.72
C ASN A 77 -11.86 8.66 25.62
N LYS A 78 -11.94 9.99 25.39
CA LYS A 78 -11.17 11.05 26.06
C LYS A 78 -9.64 10.87 26.01
N LYS A 79 -9.12 10.29 24.93
CA LYS A 79 -7.69 9.99 24.70
C LYS A 79 -7.05 10.91 23.65
N THR A 80 -5.73 11.08 23.77
CA THR A 80 -4.88 11.91 22.88
C THR A 80 -3.84 11.09 22.10
N ARG A 81 -4.01 9.76 22.02
CA ARG A 81 -3.19 8.84 21.20
C ARG A 81 -4.09 7.93 20.37
N ILE A 82 -3.88 7.87 19.05
CA ILE A 82 -4.48 6.88 18.16
C ILE A 82 -3.83 5.51 18.40
N ILE A 83 -4.65 4.50 18.70
CA ILE A 83 -4.25 3.09 18.85
C ILE A 83 -5.06 2.19 17.90
N PRO A 84 -4.66 0.92 17.66
CA PRO A 84 -5.42 -0.02 16.80
C PRO A 84 -6.90 -0.15 17.13
N ARG A 85 -7.29 -0.06 18.41
CA ARG A 85 -8.71 -0.07 18.86
C ARG A 85 -9.53 1.11 18.31
N HIS A 86 -8.93 2.31 18.19
CA HIS A 86 -9.57 3.47 17.55
C HIS A 86 -9.74 3.28 16.04
N LEU A 87 -8.73 2.69 15.38
CA LEU A 87 -8.81 2.32 13.96
C LEU A 87 -9.86 1.22 13.72
N GLN A 88 -9.95 0.22 14.63
CA GLN A 88 -11.03 -0.77 14.65
C GLN A 88 -12.41 -0.09 14.75
N LEU A 89 -12.62 0.83 15.71
CA LEU A 89 -13.86 1.62 15.82
C LEU A 89 -14.16 2.45 14.55
N ALA A 90 -13.14 3.04 13.92
CA ALA A 90 -13.28 3.74 12.65
C ALA A 90 -13.80 2.82 11.51
N ILE A 91 -13.18 1.65 11.32
CA ILE A 91 -13.60 0.69 10.27
C ILE A 91 -14.90 -0.06 10.59
N ARG A 92 -15.22 -0.30 11.87
CA ARG A 92 -16.43 -1.03 12.33
C ARG A 92 -17.74 -0.55 11.70
N ASN A 93 -17.85 0.76 11.45
CA ASN A 93 -19.03 1.41 10.87
C ASN A 93 -19.29 1.07 9.39
N ASP A 94 -18.32 0.46 8.68
CA ASP A 94 -18.44 0.09 7.25
C ASP A 94 -18.01 -1.38 7.00
N GLU A 95 -18.84 -2.15 6.29
CA GLU A 95 -18.59 -3.60 6.08
C GLU A 95 -17.28 -3.88 5.33
N GLU A 96 -17.01 -3.20 4.21
CA GLU A 96 -15.79 -3.39 3.44
C GLU A 96 -14.53 -3.02 4.23
N LEU A 97 -14.52 -1.87 4.92
CA LEU A 97 -13.40 -1.50 5.80
C LEU A 97 -13.24 -2.46 6.99
N ASN A 98 -14.31 -2.97 7.58
CA ASN A 98 -14.23 -4.01 8.61
C ASN A 98 -13.58 -5.30 8.08
N LYS A 99 -14.00 -5.76 6.89
CA LYS A 99 -13.41 -6.92 6.18
C LYS A 99 -11.95 -6.70 5.75
N LEU A 100 -11.58 -5.46 5.41
CA LEU A 100 -10.23 -5.05 5.02
C LEU A 100 -9.17 -5.53 6.03
N LEU A 101 -9.40 -5.32 7.33
CA LEU A 101 -8.53 -5.80 8.40
C LEU A 101 -8.59 -7.33 8.49
N GLY A 102 -7.52 -7.98 8.02
CA GLY A 102 -7.23 -9.41 8.17
C GLY A 102 -5.72 -9.66 8.16
N ARG A 103 -5.33 -10.90 7.81
CA ARG A 103 -3.92 -11.28 7.56
C ARG A 103 -3.61 -11.26 6.06
N VAL A 104 -2.39 -10.87 5.71
CA VAL A 104 -1.92 -10.84 4.31
C VAL A 104 -1.72 -12.27 3.80
N THR A 105 -2.45 -12.63 2.75
CA THR A 105 -2.39 -13.94 2.06
C THR A 105 -2.01 -13.77 0.58
N ILE A 106 -1.45 -14.83 -0.02
CA ILE A 106 -1.13 -14.84 -1.46
C ILE A 106 -2.42 -14.92 -2.27
N ALA A 107 -2.71 -13.87 -3.06
CA ALA A 107 -3.93 -13.78 -3.87
C ALA A 107 -3.91 -14.79 -5.03
N GLN A 108 -4.99 -15.58 -5.16
CA GLN A 108 -5.17 -16.61 -6.22
C GLN A 108 -6.08 -16.14 -7.37
N GLY A 109 -6.51 -14.87 -7.35
CA GLY A 109 -7.24 -14.21 -8.45
C GLY A 109 -6.32 -13.65 -9.56
N GLY A 110 -6.76 -12.56 -10.20
CA GLY A 110 -6.08 -11.91 -11.32
C GLY A 110 -5.90 -12.83 -12.55
N VAL A 111 -4.83 -12.61 -13.31
CA VAL A 111 -4.42 -13.49 -14.43
C VAL A 111 -3.47 -14.57 -13.92
N LEU A 112 -3.80 -15.83 -14.22
CA LEU A 112 -2.99 -17.02 -13.85
C LEU A 112 -2.27 -17.61 -15.07
N PRO A 113 -1.15 -18.35 -14.89
CA PRO A 113 -0.47 -19.07 -15.98
C PRO A 113 -1.39 -20.05 -16.70
N ASN A 114 -1.41 -20.03 -18.04
CA ASN A 114 -2.19 -20.96 -18.85
C ASN A 114 -1.55 -22.37 -18.81
N ILE A 115 -2.33 -23.37 -18.36
CA ILE A 115 -1.85 -24.75 -18.12
C ILE A 115 -1.44 -25.45 -19.43
N GLN A 116 -2.23 -25.27 -20.49
CA GLN A 116 -2.04 -25.90 -21.80
C GLN A 116 -1.59 -24.90 -22.88
N ALA A 117 -0.86 -25.36 -23.88
CA ALA A 117 -0.55 -24.60 -25.09
C ALA A 117 -1.83 -24.31 -25.92
N VAL A 118 -1.91 -23.13 -26.54
CA VAL A 118 -3.06 -22.74 -27.38
C VAL A 118 -3.06 -23.55 -28.68
N LEU A 119 -4.11 -24.35 -28.88
CA LEU A 119 -4.31 -25.17 -30.08
C LEU A 119 -5.31 -24.47 -31.01
N LEU A 120 -4.84 -24.05 -32.21
CA LEU A 120 -5.71 -23.55 -33.28
C LEU A 120 -6.60 -24.67 -33.84
N PRO A 121 -7.83 -24.38 -34.34
CA PRO A 121 -8.70 -25.39 -34.93
C PRO A 121 -8.03 -26.16 -36.08
N LYS A 122 -7.88 -27.48 -35.92
CA LYS A 122 -7.28 -28.36 -36.94
C LYS A 122 -8.16 -28.44 -38.19
N LYS A 123 -7.54 -28.28 -39.38
CA LYS A 123 -8.16 -28.69 -40.66
C LYS A 123 -8.40 -30.20 -40.65
N THR A 124 -9.56 -30.67 -41.09
CA THR A 124 -9.89 -32.11 -41.13
C THR A 124 -8.94 -32.83 -42.08
N GLU A 125 -8.07 -33.68 -41.54
CA GLU A 125 -7.07 -34.43 -42.31
C GLU A 125 -7.73 -35.64 -43.00
N SER A 126 -8.07 -35.50 -44.28
CA SER A 126 -8.52 -36.60 -45.13
C SER A 126 -7.45 -37.72 -45.15
N HIS A 127 -7.86 -38.97 -44.98
CA HIS A 127 -6.93 -40.11 -44.89
C HIS A 127 -6.09 -40.25 -46.16
N HIS A 128 -4.79 -39.98 -46.07
CA HIS A 128 -3.88 -39.96 -47.22
C HIS A 128 -3.53 -41.37 -47.68
N LYS A 129 -3.72 -41.65 -48.98
CA LYS A 129 -3.33 -42.91 -49.62
C LYS A 129 -1.82 -43.17 -49.43
N ALA A 130 -1.47 -44.31 -48.84
CA ALA A 130 -0.09 -44.64 -48.50
C ALA A 130 0.80 -44.80 -49.76
N LYS A 131 2.03 -44.27 -49.71
CA LYS A 131 3.01 -44.35 -50.80
C LYS A 131 3.66 -45.74 -50.96
N GLY A 132 3.60 -46.57 -49.92
CA GLY A 132 4.35 -47.83 -49.83
C GLY A 132 5.87 -47.65 -49.70
N LYS A 133 6.30 -46.53 -49.11
CA LYS A 133 7.70 -46.10 -48.93
C LYS A 133 8.09 -46.03 -47.45
N GLY B 1 30.40 19.32 -27.49
CA GLY B 1 30.66 18.93 -26.09
C GLY B 1 29.49 18.14 -25.51
N PRO B 2 29.60 16.81 -25.36
CA PRO B 2 28.51 15.95 -24.85
C PRO B 2 28.03 16.31 -23.44
N GLY B 3 26.71 16.38 -23.24
CA GLY B 3 26.07 16.53 -21.93
C GLY B 3 26.28 15.31 -21.01
N MET B 4 26.26 15.54 -19.69
CA MET B 4 26.28 14.45 -18.69
C MET B 4 25.09 13.49 -18.85
N PRO B 5 25.24 12.17 -18.62
CA PRO B 5 24.16 11.20 -18.74
C PRO B 5 22.96 11.51 -17.84
N GLU B 6 21.74 11.41 -18.41
CA GLU B 6 20.49 11.56 -17.65
C GLU B 6 20.19 10.32 -16.77
N PRO B 7 19.55 10.46 -15.60
CA PRO B 7 19.21 9.32 -14.73
C PRO B 7 18.35 8.26 -15.42
N ALA B 8 18.72 6.98 -15.24
CA ALA B 8 17.92 5.84 -15.72
C ALA B 8 16.59 5.71 -14.95
N LYS B 9 15.51 5.31 -15.65
CA LYS B 9 14.17 5.13 -15.06
C LYS B 9 14.14 3.85 -14.20
N SER B 10 13.93 4.01 -12.89
CA SER B 10 13.98 2.94 -11.88
C SER B 10 12.93 3.14 -10.76
N ALA B 11 12.70 2.10 -9.97
CA ALA B 11 11.90 2.19 -8.73
C ALA B 11 12.63 3.04 -7.65
N PRO B 12 11.93 3.90 -6.88
CA PRO B 12 12.53 4.68 -5.80
C PRO B 12 13.24 3.81 -4.75
N ALA B 13 14.53 4.07 -4.54
CA ALA B 13 15.41 3.37 -3.60
C ALA B 13 16.34 4.37 -2.87
N PRO B 14 16.81 4.08 -1.64
CA PRO B 14 17.81 4.90 -0.94
C PRO B 14 19.10 5.03 -1.77
N LYS B 15 19.56 6.27 -1.98
CA LYS B 15 20.80 6.61 -2.70
C LYS B 15 21.97 6.79 -1.71
N LYS B 16 22.59 7.98 -1.68
CA LYS B 16 23.67 8.36 -0.74
C LYS B 16 23.11 9.06 0.50
N GLY B 17 23.90 9.09 1.57
CA GLY B 17 23.56 9.70 2.87
C GLY B 17 24.56 9.29 3.96
N SER B 18 24.26 9.63 5.22
CA SER B 18 25.11 9.35 6.40
C SER B 18 25.53 7.87 6.53
N LYS B 19 24.67 6.94 6.07
CA LYS B 19 24.93 5.48 6.01
C LYS B 19 26.23 5.11 5.27
N LYS B 20 26.73 5.95 4.33
CA LYS B 20 28.01 5.73 3.63
C LYS B 20 29.23 5.64 4.57
N ALA B 21 29.15 6.25 5.75
CA ALA B 21 30.19 6.22 6.78
C ALA B 21 30.27 4.89 7.57
N VAL B 22 29.28 3.99 7.41
CA VAL B 22 29.28 2.66 8.06
C VAL B 22 30.21 1.71 7.30
N THR B 23 31.38 1.41 7.89
CA THR B 23 32.32 0.40 7.39
C THR B 23 31.72 -1.01 7.59
N LYS B 24 31.65 -1.81 6.52
CA LYS B 24 31.12 -3.19 6.59
C LYS B 24 32.03 -4.07 7.47
N ALA B 25 31.45 -4.68 8.52
CA ALA B 25 32.17 -5.53 9.46
C ALA B 25 32.78 -6.77 8.77
N GLN B 26 34.04 -7.09 9.11
CA GLN B 26 34.78 -8.22 8.55
C GLN B 26 34.57 -9.54 9.32
N LYS B 27 33.93 -9.49 10.50
CA LYS B 27 33.43 -10.65 11.26
C LYS B 27 32.40 -11.44 10.42
N LYS B 28 32.43 -12.78 10.50
CA LYS B 28 31.46 -13.67 9.84
C LYS B 28 30.04 -13.42 10.37
N ASP B 29 29.09 -13.23 9.46
CA ASP B 29 27.66 -13.14 9.81
C ASP B 29 27.08 -14.50 10.23
N GLY B 30 26.42 -14.54 11.41
CA GLY B 30 25.60 -15.67 11.84
C GLY B 30 24.26 -15.77 11.11
N LYS B 31 23.30 -16.46 11.72
CA LYS B 31 21.91 -16.60 11.21
C LYS B 31 21.15 -15.26 11.19
N LYS B 32 21.49 -14.35 12.13
CA LYS B 32 20.78 -13.11 12.51
C LYS B 32 19.35 -13.35 13.04
N ARG B 33 18.86 -12.45 13.89
CA ARG B 33 17.45 -12.42 14.35
C ARG B 33 16.55 -11.83 13.26
N LYS B 34 15.31 -12.33 13.16
CA LYS B 34 14.31 -11.92 12.15
C LYS B 34 14.02 -10.42 12.21
N ARG B 35 14.24 -9.71 11.09
CA ARG B 35 13.92 -8.27 10.94
C ARG B 35 12.41 -8.05 10.87
N SER B 36 11.92 -6.97 11.49
CA SER B 36 10.53 -6.52 11.40
C SER B 36 10.19 -5.93 10.01
N ARG B 37 8.89 -5.91 9.66
CA ARG B 37 8.40 -5.28 8.42
C ARG B 37 8.62 -3.77 8.46
N LYS B 38 9.28 -3.22 7.43
CA LYS B 38 9.64 -1.80 7.32
C LYS B 38 8.42 -0.89 7.14
N GLU B 39 8.55 0.36 7.55
CA GLU B 39 7.56 1.42 7.33
C GLU B 39 7.79 2.09 5.96
N SER B 40 7.46 1.37 4.88
CA SER B 40 7.38 1.91 3.51
C SER B 40 6.28 2.97 3.41
N TYR B 41 5.18 2.75 4.12
CA TYR B 41 4.07 3.69 4.32
C TYR B 41 4.25 4.38 5.68
N SER B 42 3.21 4.89 6.34
CA SER B 42 3.29 5.78 7.53
C SER B 42 3.85 7.19 7.25
N ILE B 43 4.82 7.30 6.33
CA ILE B 43 5.46 8.51 5.81
C ILE B 43 4.49 9.69 5.66
N TYR B 44 3.29 9.46 5.09
CA TYR B 44 2.23 10.46 4.94
C TYR B 44 1.10 10.31 5.96
N VAL B 45 0.75 9.08 6.38
CA VAL B 45 -0.26 8.83 7.44
C VAL B 45 -0.02 9.71 8.67
N TYR B 46 1.22 9.71 9.21
CA TYR B 46 1.57 10.47 10.41
C TYR B 46 1.42 11.99 10.22
N LYS B 47 1.85 12.52 9.06
CA LYS B 47 1.80 13.94 8.71
C LYS B 47 0.39 14.55 8.81
N VAL B 48 -0.65 13.79 8.45
CA VAL B 48 -2.08 14.21 8.56
C VAL B 48 -2.38 14.78 9.95
N LEU B 49 -2.13 14.02 11.02
CA LEU B 49 -2.38 14.45 12.40
C LEU B 49 -1.25 15.34 12.95
N LYS B 50 0.03 15.07 12.64
CA LYS B 50 1.18 15.93 13.01
C LYS B 50 0.91 17.42 12.72
N GLN B 51 0.33 17.71 11.54
CA GLN B 51 -0.02 19.07 11.11
C GLN B 51 -1.36 19.56 11.66
N VAL B 52 -2.45 18.78 11.53
CA VAL B 52 -3.82 19.22 11.86
C VAL B 52 -4.11 19.19 13.37
N HIS B 53 -3.69 18.13 14.07
CA HIS B 53 -3.92 17.89 15.50
C HIS B 53 -2.57 17.61 16.22
N PRO B 54 -1.67 18.61 16.36
CA PRO B 54 -0.35 18.43 16.98
C PRO B 54 -0.40 17.91 18.43
N ASP B 55 -1.53 18.08 19.11
CA ASP B 55 -1.83 17.56 20.45
C ASP B 55 -2.15 16.04 20.47
N THR B 56 -2.34 15.40 19.31
CA THR B 56 -2.69 13.97 19.18
C THR B 56 -1.54 13.14 18.60
N GLY B 57 -1.08 12.14 19.36
CA GLY B 57 -0.08 11.15 18.94
C GLY B 57 -0.68 9.94 18.20
N ILE B 58 0.18 9.11 17.59
CA ILE B 58 -0.19 7.83 16.95
C ILE B 58 0.82 6.75 17.38
N SER B 59 0.35 5.57 17.79
CA SER B 59 1.23 4.47 18.19
C SER B 59 1.93 3.77 17.01
N SER B 60 3.07 3.12 17.27
CA SER B 60 3.76 2.25 16.30
C SER B 60 2.84 1.14 15.77
N LYS B 61 2.00 0.57 16.63
CA LYS B 61 0.97 -0.43 16.27
C LYS B 61 -0.11 0.15 15.36
N ALA B 62 -0.63 1.34 15.68
CA ALA B 62 -1.59 2.06 14.84
C ALA B 62 -1.03 2.36 13.44
N MET B 63 0.20 2.87 13.36
CA MET B 63 0.91 3.03 12.09
C MET B 63 1.08 1.67 11.38
N GLY B 64 1.50 0.62 12.08
CA GLY B 64 1.60 -0.75 11.56
C GLY B 64 0.31 -1.29 10.91
N ILE B 65 -0.85 -1.16 11.55
CA ILE B 65 -2.12 -1.64 10.97
C ILE B 65 -2.58 -0.74 9.81
N MET B 66 -2.36 0.57 9.87
CA MET B 66 -2.58 1.47 8.72
C MET B 66 -1.66 1.16 7.53
N ASN B 67 -0.42 0.76 7.77
CA ASN B 67 0.47 0.24 6.72
C ASN B 67 -0.12 -1.04 6.09
N SER B 68 -0.60 -1.98 6.91
CA SER B 68 -1.30 -3.18 6.46
C SER B 68 -2.49 -2.84 5.53
N PHE B 69 -3.34 -1.88 5.93
CA PHE B 69 -4.47 -1.40 5.11
C PHE B 69 -4.06 -0.99 3.68
N VAL B 70 -2.90 -0.36 3.46
CA VAL B 70 -2.43 -0.01 2.10
C VAL B 70 -2.32 -1.25 1.20
N ASN B 71 -1.64 -2.31 1.66
CA ASN B 71 -1.58 -3.61 0.95
C ASN B 71 -2.98 -4.24 0.80
N ASP B 72 -3.78 -4.25 1.87
CA ASP B 72 -5.16 -4.77 1.83
C ASP B 72 -6.03 -4.07 0.76
N ILE B 73 -6.03 -2.73 0.70
CA ILE B 73 -6.79 -1.98 -0.31
C ILE B 73 -6.31 -2.32 -1.71
N PHE B 74 -4.99 -2.37 -1.95
CA PHE B 74 -4.44 -2.78 -3.24
C PHE B 74 -4.96 -4.16 -3.68
N GLU B 75 -4.87 -5.16 -2.80
CA GLU B 75 -5.36 -6.53 -3.04
C GLU B 75 -6.88 -6.56 -3.30
N ARG B 76 -7.69 -5.86 -2.51
CA ARG B 76 -9.14 -5.71 -2.75
C ARG B 76 -9.43 -5.06 -4.10
N ILE B 77 -8.81 -3.93 -4.44
CA ILE B 77 -8.96 -3.25 -5.74
C ILE B 77 -8.61 -4.19 -6.90
N ALA B 78 -7.45 -4.85 -6.86
CA ALA B 78 -7.02 -5.82 -7.87
C ALA B 78 -8.06 -6.95 -8.07
N GLY B 79 -8.53 -7.55 -6.96
CA GLY B 79 -9.57 -8.58 -6.96
C GLY B 79 -10.91 -8.11 -7.54
N GLU B 80 -11.45 -7.00 -7.05
CA GLU B 80 -12.71 -6.43 -7.55
C GLU B 80 -12.65 -6.03 -9.02
N ALA B 81 -11.58 -5.35 -9.46
CA ALA B 81 -11.38 -4.98 -10.85
C ALA B 81 -11.40 -6.22 -11.77
N SER B 82 -10.68 -7.28 -11.40
CA SER B 82 -10.73 -8.59 -12.10
C SER B 82 -12.15 -9.17 -12.12
N ARG B 83 -12.81 -9.28 -10.97
CA ARG B 83 -14.19 -9.82 -10.85
C ARG B 83 -15.21 -9.04 -11.66
N LEU B 84 -15.11 -7.71 -11.74
CA LEU B 84 -15.96 -6.86 -12.59
C LEU B 84 -15.74 -7.11 -14.09
N ALA B 85 -14.48 -7.26 -14.53
CA ALA B 85 -14.18 -7.69 -15.90
C ALA B 85 -14.79 -9.07 -16.23
N HIS B 86 -14.63 -10.05 -15.32
CA HIS B 86 -15.26 -11.38 -15.42
C HIS B 86 -16.79 -11.31 -15.48
N TYR B 87 -17.44 -10.51 -14.63
CA TYR B 87 -18.88 -10.25 -14.66
C TYR B 87 -19.36 -9.69 -16.01
N ASN B 88 -18.61 -8.75 -16.60
CA ASN B 88 -18.84 -8.23 -17.96
C ASN B 88 -18.32 -9.14 -19.09
N LYS B 89 -17.85 -10.35 -18.77
CA LYS B 89 -17.32 -11.39 -19.69
C LYS B 89 -16.21 -10.89 -20.64
N ARG B 90 -15.25 -10.12 -20.11
CA ARG B 90 -14.05 -9.64 -20.83
C ARG B 90 -12.75 -9.93 -20.06
N SER B 91 -11.66 -10.09 -20.79
CA SER B 91 -10.29 -10.20 -20.26
C SER B 91 -9.73 -8.82 -19.86
N THR B 92 -9.90 -7.81 -20.72
CA THR B 92 -9.57 -6.41 -20.44
C THR B 92 -10.39 -5.85 -19.27
N ILE B 93 -9.69 -5.46 -18.20
CA ILE B 93 -10.19 -4.60 -17.13
C ILE B 93 -10.27 -3.16 -17.64
N THR B 94 -11.41 -2.47 -17.49
CA THR B 94 -11.60 -1.07 -17.92
C THR B 94 -11.38 -0.05 -16.79
N SER B 95 -11.11 1.21 -17.16
CA SER B 95 -11.09 2.35 -16.23
C SER B 95 -12.43 2.52 -15.50
N ARG B 96 -13.57 2.31 -16.19
CA ARG B 96 -14.92 2.33 -15.60
C ARG B 96 -15.13 1.22 -14.58
N GLU B 97 -14.65 0.00 -14.86
CA GLU B 97 -14.66 -1.12 -13.90
C GLU B 97 -13.81 -0.80 -12.65
N ILE B 98 -12.63 -0.20 -12.82
CA ILE B 98 -11.81 0.30 -11.70
C ILE B 98 -12.56 1.39 -10.91
N GLN B 99 -13.24 2.34 -11.57
CA GLN B 99 -14.11 3.33 -10.92
C GLN B 99 -15.25 2.66 -10.11
N THR B 100 -15.86 1.59 -10.62
CA THR B 100 -16.82 0.76 -9.86
C THR B 100 -16.16 0.06 -8.67
N ALA B 101 -14.98 -0.54 -8.81
CA ALA B 101 -14.21 -1.09 -7.69
C ALA B 101 -13.94 -0.03 -6.61
N VAL B 102 -13.56 1.19 -6.99
CA VAL B 102 -13.46 2.36 -6.10
C VAL B 102 -14.79 2.63 -5.39
N ARG B 103 -15.92 2.79 -6.11
CA ARG B 103 -17.25 3.01 -5.49
C ARG B 103 -17.59 1.94 -4.45
N LEU B 104 -17.39 0.67 -4.79
CA LEU B 104 -17.65 -0.49 -3.92
C LEU B 104 -16.78 -0.47 -2.64
N LEU B 105 -15.46 -0.32 -2.78
CA LEU B 105 -14.48 -0.48 -1.69
C LEU B 105 -14.28 0.78 -0.85
N LEU B 106 -14.42 1.97 -1.47
CA LEU B 106 -14.08 3.28 -0.92
C LEU B 106 -15.31 4.23 -0.95
N PRO B 107 -16.45 3.87 -0.32
CA PRO B 107 -17.66 4.71 -0.31
C PRO B 107 -17.48 6.06 0.42
N GLY B 108 -16.55 6.14 1.38
CA GLY B 108 -16.19 7.37 2.09
C GLY B 108 -15.72 8.50 1.16
N GLU B 109 -16.23 9.71 1.36
CA GLU B 109 -16.02 10.86 0.48
C GLU B 109 -14.54 11.21 0.28
N LEU B 110 -13.77 11.34 1.38
CA LEU B 110 -12.34 11.63 1.34
C LEU B 110 -11.60 10.53 0.56
N ALA B 111 -11.78 9.25 0.90
CA ALA B 111 -11.17 8.13 0.18
C ALA B 111 -11.49 8.15 -1.32
N LYS B 112 -12.77 8.26 -1.72
CA LYS B 112 -13.20 8.36 -3.12
C LYS B 112 -12.47 9.47 -3.88
N HIS B 113 -12.45 10.69 -3.33
CA HIS B 113 -11.74 11.84 -3.92
C HIS B 113 -10.22 11.62 -3.97
N ALA B 114 -9.63 11.09 -2.89
CA ALA B 114 -8.19 10.85 -2.76
C ALA B 114 -7.65 9.81 -3.77
N VAL B 115 -8.42 8.80 -4.19
CA VAL B 115 -8.01 7.94 -5.33
C VAL B 115 -8.18 8.63 -6.68
N SER B 116 -9.28 9.34 -6.93
CA SER B 116 -9.49 10.11 -8.19
C SER B 116 -8.41 11.17 -8.43
N GLU B 117 -8.14 12.03 -7.45
CA GLU B 117 -7.00 12.97 -7.48
C GLU B 117 -5.66 12.22 -7.40
N GLY B 118 -5.61 11.08 -6.72
CA GLY B 118 -4.46 10.17 -6.65
C GLY B 118 -3.95 9.71 -8.03
N THR B 119 -4.84 9.38 -8.97
CA THR B 119 -4.44 9.08 -10.37
C THR B 119 -3.64 10.23 -10.98
N LYS B 120 -4.07 11.49 -10.77
CA LYS B 120 -3.32 12.70 -11.17
C LYS B 120 -1.99 12.82 -10.42
N ALA B 121 -1.98 12.55 -9.11
CA ALA B 121 -0.75 12.51 -8.31
C ALA B 121 0.29 11.51 -8.86
N VAL B 122 -0.12 10.28 -9.22
CA VAL B 122 0.76 9.31 -9.92
C VAL B 122 1.37 9.94 -11.18
N THR B 123 0.57 10.58 -12.05
CA THR B 123 1.08 11.32 -13.22
C THR B 123 2.10 12.41 -12.85
N LYS B 124 1.82 13.20 -11.81
CA LYS B 124 2.76 14.21 -11.25
C LYS B 124 4.06 13.62 -10.69
N TYR B 125 4.09 12.32 -10.36
CA TYR B 125 5.30 11.60 -9.93
C TYR B 125 6.04 10.96 -11.12
N THR B 126 5.33 10.29 -12.04
CA THR B 126 5.95 9.72 -13.27
C THR B 126 6.53 10.78 -14.21
N SER B 127 6.03 12.01 -14.20
CA SER B 127 6.58 13.14 -14.96
C SER B 127 7.94 13.66 -14.45
N ALA B 128 8.36 13.30 -13.23
CA ALA B 128 9.68 13.64 -12.69
C ALA B 128 10.83 12.98 -13.47
N LYS B 129 11.97 13.67 -13.56
CA LYS B 129 13.19 13.22 -14.27
C LYS B 129 13.84 11.99 -13.62
N GLY A 1 60.45 2.69 -15.86
CA GLY A 1 61.05 3.73 -14.98
C GLY A 1 60.72 3.48 -13.51
N PRO A 2 59.81 4.27 -12.89
CA PRO A 2 59.48 4.20 -11.46
C PRO A 2 58.72 2.94 -11.03
N GLY A 3 58.06 2.25 -11.96
CA GLY A 3 57.15 1.12 -11.69
C GLY A 3 55.73 1.58 -11.28
N MET A 4 54.78 0.65 -11.35
CA MET A 4 53.36 0.92 -11.05
C MET A 4 53.16 1.35 -9.58
N SER A 5 52.48 2.50 -9.38
CA SER A 5 52.21 3.09 -8.06
C SER A 5 51.06 2.38 -7.33
N GLY A 6 49.96 2.10 -8.03
CA GLY A 6 48.90 1.19 -7.59
C GLY A 6 49.36 -0.28 -7.50
N ARG A 7 48.48 -1.15 -6.97
CA ARG A 7 48.71 -2.62 -6.88
C ARG A 7 48.99 -3.22 -8.27
N GLY A 8 50.09 -3.96 -8.40
CA GLY A 8 50.51 -4.62 -9.64
C GLY A 8 49.45 -5.58 -10.20
N LYS A 9 49.14 -5.47 -11.50
CA LYS A 9 48.13 -6.30 -12.20
C LYS A 9 48.57 -7.77 -12.31
N GLN A 10 47.61 -8.69 -12.26
CA GLN A 10 47.84 -10.14 -12.37
C GLN A 10 48.17 -10.61 -13.81
N GLY A 11 47.76 -9.84 -14.83
CA GLY A 11 47.89 -10.19 -16.26
C GLY A 11 46.92 -11.28 -16.75
N GLY A 12 45.99 -11.73 -15.91
CA GLY A 12 44.90 -12.65 -16.26
C GLY A 12 43.77 -12.01 -17.09
N LYS A 13 42.71 -12.78 -17.36
CA LYS A 13 41.50 -12.35 -18.08
C LYS A 13 40.74 -11.25 -17.31
N ALA A 14 40.14 -10.30 -18.03
CA ALA A 14 39.25 -9.29 -17.47
C ALA A 14 37.95 -9.92 -16.93
N ARG A 15 37.50 -9.52 -15.73
CA ARG A 15 36.25 -9.99 -15.11
C ARG A 15 35.01 -9.48 -15.87
N ALA A 16 33.99 -10.32 -15.99
CA ALA A 16 32.73 -9.98 -16.66
C ALA A 16 31.95 -8.89 -15.89
N LYS A 17 31.39 -7.91 -16.62
CA LYS A 17 30.52 -6.85 -16.06
C LYS A 17 29.19 -7.43 -15.57
N ALA A 18 28.67 -6.89 -14.47
CA ALA A 18 27.34 -7.24 -13.95
C ALA A 18 26.23 -6.76 -14.92
N LYS A 19 25.37 -7.69 -15.37
CA LYS A 19 24.25 -7.39 -16.28
C LYS A 19 23.20 -6.49 -15.61
N THR A 20 22.73 -5.48 -16.33
CA THR A 20 21.65 -4.58 -15.89
C THR A 20 20.28 -5.30 -15.87
N ARG A 21 19.39 -4.88 -14.95
CA ARG A 21 18.01 -5.38 -14.87
C ARG A 21 17.17 -4.92 -16.06
N SER A 22 16.31 -5.80 -16.57
CA SER A 22 15.39 -5.51 -17.69
C SER A 22 14.14 -4.70 -17.28
N SER A 23 13.80 -4.71 -15.99
CA SER A 23 12.77 -3.84 -15.38
C SER A 23 13.16 -2.35 -15.35
N ARG A 24 12.17 -1.47 -15.19
CA ARG A 24 12.34 -0.01 -15.14
C ARG A 24 13.33 0.43 -14.04
N ALA A 25 14.39 1.14 -14.42
CA ALA A 25 15.32 1.78 -13.50
C ALA A 25 14.72 3.05 -12.86
N GLY A 26 14.99 3.30 -11.58
CA GLY A 26 14.46 4.43 -10.83
C GLY A 26 14.86 4.47 -9.35
N LEU A 27 14.35 5.47 -8.63
CA LEU A 27 14.62 5.71 -7.20
C LEU A 27 13.79 4.78 -6.28
N GLN A 28 14.21 4.63 -5.02
CA GLN A 28 13.39 4.04 -3.97
C GLN A 28 12.41 5.10 -3.42
N PHE A 29 11.23 5.19 -4.03
CA PHE A 29 10.11 5.98 -3.52
C PHE A 29 9.38 5.23 -2.38
N PRO A 30 8.70 5.94 -1.46
CA PRO A 30 7.64 5.36 -0.63
C PRO A 30 6.61 4.59 -1.46
N VAL A 31 6.03 3.52 -0.90
CA VAL A 31 5.15 2.52 -1.57
C VAL A 31 5.83 1.70 -2.68
N GLY A 32 6.89 2.18 -3.34
CA GLY A 32 7.67 1.40 -4.33
C GLY A 32 8.19 0.06 -3.79
N ARG A 33 8.68 0.03 -2.54
CA ARG A 33 9.06 -1.22 -1.85
C ARG A 33 7.86 -2.15 -1.60
N VAL A 34 6.71 -1.60 -1.23
CA VAL A 34 5.44 -2.36 -1.10
C VAL A 34 5.07 -2.99 -2.45
N HIS A 35 5.18 -2.25 -3.56
CA HIS A 35 4.95 -2.78 -4.91
C HIS A 35 5.91 -3.93 -5.28
N ARG A 36 7.21 -3.82 -4.96
CA ARG A 36 8.19 -4.92 -5.10
C ARG A 36 7.77 -6.17 -4.29
N LEU A 37 7.39 -5.99 -3.02
CA LEU A 37 6.88 -7.07 -2.16
C LEU A 37 5.56 -7.69 -2.68
N LEU A 38 4.64 -6.86 -3.19
CA LEU A 38 3.39 -7.28 -3.85
C LEU A 38 3.67 -8.20 -5.05
N ARG A 39 4.62 -7.81 -5.92
CA ARG A 39 5.09 -8.64 -7.05
C ARG A 39 5.83 -9.91 -6.59
N LYS A 40 6.71 -9.84 -5.60
CA LYS A 40 7.38 -11.00 -4.95
C LYS A 40 6.35 -12.06 -4.50
N GLY A 41 5.26 -11.62 -3.88
CA GLY A 41 4.11 -12.44 -3.48
C GLY A 41 3.25 -13.03 -4.62
N ASN A 42 3.58 -12.76 -5.89
CA ASN A 42 2.79 -13.10 -7.09
C ASN A 42 1.31 -12.66 -6.99
N TYR A 43 1.06 -11.47 -6.43
CA TYR A 43 -0.28 -10.96 -6.11
C TYR A 43 -1.24 -10.97 -7.33
N SER A 44 -0.79 -10.42 -8.47
CA SER A 44 -1.54 -10.41 -9.74
C SER A 44 -0.69 -10.99 -10.88
N GLU A 45 -1.35 -11.59 -11.87
CA GLU A 45 -0.72 -12.16 -13.07
C GLU A 45 -0.41 -11.10 -14.14
N ARG A 46 -1.02 -9.90 -14.05
CA ARG A 46 -0.79 -8.76 -14.95
C ARG A 46 -0.68 -7.45 -14.17
N VAL A 47 0.43 -6.71 -14.35
CA VAL A 47 0.75 -5.48 -13.62
C VAL A 47 1.14 -4.37 -14.60
N GLY A 48 0.26 -3.37 -14.76
CA GLY A 48 0.49 -2.17 -15.58
C GLY A 48 1.55 -1.21 -15.01
N ALA A 49 2.18 -0.39 -15.86
CA ALA A 49 3.18 0.59 -15.46
C ALA A 49 2.71 1.59 -14.37
N GLY A 50 1.42 1.96 -14.39
CA GLY A 50 0.78 2.82 -13.39
C GLY A 50 0.49 2.18 -12.03
N ALA A 51 0.63 0.86 -11.88
CA ALA A 51 0.24 0.13 -10.66
C ALA A 51 0.86 0.65 -9.35
N PRO A 52 2.16 1.06 -9.26
CA PRO A 52 2.71 1.71 -8.07
C PRO A 52 1.95 2.98 -7.67
N VAL A 53 1.53 3.78 -8.66
CA VAL A 53 0.77 5.03 -8.46
C VAL A 53 -0.63 4.74 -7.93
N TYR A 54 -1.36 3.79 -8.53
CA TYR A 54 -2.68 3.37 -8.05
C TYR A 54 -2.62 2.76 -6.65
N LEU A 55 -1.64 1.88 -6.37
CA LEU A 55 -1.36 1.37 -5.03
C LEU A 55 -1.15 2.53 -4.03
N ALA A 56 -0.24 3.46 -4.33
CA ALA A 56 0.01 4.65 -3.49
C ALA A 56 -1.25 5.49 -3.26
N ALA A 57 -2.05 5.75 -4.28
CA ALA A 57 -3.33 6.44 -4.17
C ALA A 57 -4.28 5.74 -3.17
N VAL A 58 -4.53 4.44 -3.35
CA VAL A 58 -5.39 3.64 -2.47
C VAL A 58 -4.90 3.61 -1.02
N LEU A 59 -3.58 3.51 -0.81
CA LEU A 59 -2.92 3.62 0.49
C LEU A 59 -3.12 5.00 1.17
N GLU A 60 -3.51 6.04 0.43
CA GLU A 60 -3.86 7.37 0.96
C GLU A 60 -5.39 7.59 1.05
N TYR A 61 -6.19 6.96 0.17
CA TYR A 61 -7.66 7.05 0.17
C TYR A 61 -8.29 6.65 1.52
N LEU A 62 -8.00 5.44 2.03
CA LEU A 62 -8.59 4.95 3.29
C LEU A 62 -8.03 5.67 4.52
N THR A 63 -6.72 5.96 4.52
CA THR A 63 -6.03 6.50 5.71
C THR A 63 -6.53 7.88 6.11
N ALA A 64 -7.00 8.69 5.16
CA ALA A 64 -7.74 9.92 5.43
C ALA A 64 -8.93 9.71 6.40
N GLU A 65 -9.76 8.69 6.16
CA GLU A 65 -10.92 8.39 7.02
C GLU A 65 -10.53 7.65 8.30
N ILE A 66 -9.60 6.68 8.22
CA ILE A 66 -9.07 5.98 9.42
C ILE A 66 -8.54 6.99 10.44
N LEU A 67 -7.69 7.93 10.04
CA LEU A 67 -7.02 8.86 10.94
C LEU A 67 -7.98 9.90 11.54
N GLU A 68 -9.00 10.35 10.81
CA GLU A 68 -10.08 11.18 11.35
C GLU A 68 -10.79 10.48 12.52
N LEU A 69 -11.25 9.24 12.31
CA LEU A 69 -11.94 8.45 13.34
C LEU A 69 -11.00 8.03 14.49
N ALA A 70 -9.77 7.61 14.19
CA ALA A 70 -8.77 7.25 15.20
C ALA A 70 -8.32 8.44 16.06
N GLY A 71 -8.20 9.64 15.48
CA GLY A 71 -7.99 10.89 16.20
C GLY A 71 -9.08 11.16 17.24
N ASN A 72 -10.35 10.93 16.89
CA ASN A 72 -11.48 11.00 17.83
C ASN A 72 -11.40 9.90 18.91
N ALA A 73 -11.09 8.64 18.56
CA ALA A 73 -10.88 7.57 19.54
C ALA A 73 -9.78 7.93 20.55
N ALA A 74 -8.64 8.46 20.09
CA ALA A 74 -7.57 9.00 20.95
C ALA A 74 -8.06 10.15 21.86
N ARG A 75 -8.75 11.16 21.29
CA ARG A 75 -9.37 12.28 22.02
C ARG A 75 -10.30 11.81 23.15
N ASP A 76 -11.21 10.88 22.88
CA ASP A 76 -12.10 10.26 23.88
C ASP A 76 -11.35 9.60 25.06
N ASN A 77 -10.16 9.04 24.79
CA ASN A 77 -9.27 8.45 25.81
C ASN A 77 -8.25 9.46 26.37
N LYS A 78 -8.34 10.74 26.01
CA LYS A 78 -7.42 11.85 26.35
C LYS A 78 -5.94 11.58 26.00
N LYS A 79 -5.69 10.83 24.92
CA LYS A 79 -4.34 10.43 24.45
C LYS A 79 -3.81 11.30 23.31
N THR A 80 -2.49 11.41 23.22
CA THR A 80 -1.76 12.19 22.20
C THR A 80 -1.16 11.33 21.07
N ARG A 81 -1.21 10.00 21.18
CA ARG A 81 -0.76 9.03 20.15
C ARG A 81 -1.87 8.01 19.83
N ILE A 82 -2.16 7.82 18.55
CA ILE A 82 -3.00 6.73 18.01
C ILE A 82 -2.29 5.38 18.21
N ILE A 83 -2.96 4.44 18.87
CA ILE A 83 -2.52 3.04 19.09
C ILE A 83 -3.50 2.05 18.41
N PRO A 84 -3.16 0.74 18.28
CA PRO A 84 -4.05 -0.27 17.69
C PRO A 84 -5.47 -0.33 18.28
N ARG A 85 -5.64 -0.12 19.59
CA ARG A 85 -6.97 -0.03 20.23
C ARG A 85 -7.80 1.14 19.71
N HIS A 86 -7.19 2.30 19.44
CA HIS A 86 -7.85 3.44 18.79
C HIS A 86 -8.25 3.12 17.34
N LEU A 87 -7.41 2.40 16.60
CA LEU A 87 -7.73 1.92 15.24
C LEU A 87 -8.90 0.93 15.24
N GLN A 88 -8.91 -0.04 16.17
CA GLN A 88 -10.04 -0.95 16.39
C GLN A 88 -11.34 -0.19 16.70
N LEU A 89 -11.31 0.75 17.65
CA LEU A 89 -12.45 1.63 17.95
C LEU A 89 -12.90 2.45 16.72
N ALA A 90 -11.97 3.05 15.98
CA ALA A 90 -12.25 3.80 14.75
C ALA A 90 -13.08 2.99 13.75
N ILE A 91 -12.65 1.76 13.42
CA ILE A 91 -13.38 0.89 12.48
C ILE A 91 -14.69 0.37 13.10
N ARG A 92 -14.71 -0.01 14.38
CA ARG A 92 -15.93 -0.42 15.11
C ARG A 92 -17.04 0.64 15.05
N ASN A 93 -16.67 1.92 15.22
CA ASN A 93 -17.62 3.03 15.35
C ASN A 93 -18.07 3.64 14.00
N ASP A 94 -17.48 3.24 12.86
CA ASP A 94 -17.83 3.78 11.53
C ASP A 94 -18.12 2.66 10.51
N GLU A 95 -19.36 2.61 10.00
CA GLU A 95 -19.79 1.56 9.05
C GLU A 95 -19.09 1.65 7.69
N GLU A 96 -18.79 2.85 7.18
CA GLU A 96 -18.12 3.02 5.88
C GLU A 96 -16.69 2.46 5.89
N LEU A 97 -15.92 2.68 6.97
CA LEU A 97 -14.65 1.98 7.18
C LEU A 97 -14.83 0.46 7.06
N ASN A 98 -15.82 -0.15 7.72
CA ASN A 98 -16.08 -1.60 7.62
C ASN A 98 -16.58 -2.09 6.24
N LYS A 99 -17.02 -1.19 5.35
CA LYS A 99 -17.37 -1.53 3.94
C LYS A 99 -16.13 -1.53 3.04
N LEU A 100 -15.23 -0.57 3.24
CA LEU A 100 -13.94 -0.46 2.54
C LEU A 100 -12.93 -1.52 3.02
N LEU A 101 -12.71 -1.58 4.34
CA LEU A 101 -11.91 -2.56 5.06
C LEU A 101 -12.81 -3.76 5.41
N GLY A 102 -12.81 -4.78 4.56
CA GLY A 102 -13.74 -5.92 4.69
C GLY A 102 -13.23 -7.22 4.08
N ARG A 103 -11.96 -7.57 4.31
CA ARG A 103 -11.31 -8.83 3.86
C ARG A 103 -10.67 -9.64 5.00
N VAL A 104 -10.89 -9.22 6.25
CA VAL A 104 -10.54 -9.98 7.48
C VAL A 104 -11.67 -10.97 7.78
N THR A 105 -11.35 -12.26 7.92
CA THR A 105 -12.34 -13.33 8.21
C THR A 105 -13.04 -13.09 9.55
N ILE A 106 -14.37 -13.07 9.56
CA ILE A 106 -15.19 -12.89 10.77
C ILE A 106 -15.28 -14.23 11.52
N ALA A 107 -14.77 -14.27 12.75
CA ALA A 107 -14.80 -15.45 13.62
C ALA A 107 -16.18 -15.65 14.29
N GLN A 108 -16.56 -16.91 14.53
CA GLN A 108 -17.80 -17.28 15.23
C GLN A 108 -17.70 -17.10 16.75
N GLY A 109 -18.85 -17.00 17.42
CA GLY A 109 -18.95 -16.68 18.86
C GLY A 109 -18.73 -15.20 19.21
N GLY A 110 -18.60 -14.32 18.21
CA GLY A 110 -18.61 -12.86 18.37
C GLY A 110 -19.93 -12.30 18.92
N VAL A 111 -19.91 -11.05 19.40
CA VAL A 111 -21.11 -10.36 19.92
C VAL A 111 -22.23 -10.20 18.88
N LEU A 112 -23.48 -10.22 19.33
CA LEU A 112 -24.63 -9.83 18.49
C LEU A 112 -24.59 -8.33 18.16
N PRO A 113 -25.15 -7.88 17.01
CA PRO A 113 -25.25 -6.46 16.66
C PRO A 113 -26.01 -5.66 17.72
N ASN A 114 -25.43 -4.55 18.19
CA ASN A 114 -26.09 -3.62 19.11
C ASN A 114 -27.25 -2.90 18.41
N ILE A 115 -28.39 -2.75 19.09
CA ILE A 115 -29.55 -2.00 18.58
C ILE A 115 -29.25 -0.49 18.67
N GLN A 116 -29.15 0.16 17.52
CA GLN A 116 -28.92 1.60 17.37
C GLN A 116 -30.09 2.26 16.62
N ALA A 117 -30.41 3.51 16.96
CA ALA A 117 -31.31 4.34 16.16
C ALA A 117 -30.74 4.58 14.75
N VAL A 118 -31.59 4.49 13.71
CA VAL A 118 -31.17 4.70 12.31
C VAL A 118 -30.86 6.18 12.09
N LEU A 119 -29.58 6.52 11.96
CA LEU A 119 -29.12 7.90 11.76
C LEU A 119 -29.36 8.35 10.32
N LEU A 120 -30.29 9.28 10.12
CA LEU A 120 -30.60 9.87 8.82
C LEU A 120 -29.62 11.03 8.49
N PRO A 121 -29.22 11.23 7.23
CA PRO A 121 -28.47 12.42 6.80
C PRO A 121 -29.25 13.71 7.08
N LYS A 122 -28.54 14.82 7.37
CA LYS A 122 -29.12 16.15 7.63
C LYS A 122 -29.53 16.84 6.32
N LYS A 123 -30.59 16.32 5.68
CA LYS A 123 -31.21 16.88 4.47
C LYS A 123 -31.68 18.33 4.71
N THR A 124 -31.41 19.21 3.76
CA THR A 124 -31.89 20.61 3.79
C THR A 124 -33.41 20.71 3.59
N GLU A 125 -34.02 21.78 4.09
CA GLU A 125 -35.46 22.04 3.98
C GLU A 125 -35.90 22.15 2.50
N SER A 126 -36.94 21.40 2.12
CA SER A 126 -37.36 21.20 0.72
C SER A 126 -38.28 22.30 0.15
N HIS A 127 -38.76 23.22 0.99
CA HIS A 127 -39.65 24.33 0.61
C HIS A 127 -39.04 25.69 1.00
N HIS A 128 -39.23 26.71 0.14
CA HIS A 128 -38.76 28.09 0.37
C HIS A 128 -39.24 28.69 1.69
N LYS A 129 -40.50 28.41 2.07
CA LYS A 129 -41.09 28.84 3.35
C LYS A 129 -40.53 28.10 4.58
N ALA A 130 -40.11 26.85 4.40
CA ALA A 130 -39.51 26.03 5.47
C ALA A 130 -38.06 26.44 5.78
N LYS A 131 -37.26 26.80 4.76
CA LYS A 131 -35.91 27.39 4.92
C LYS A 131 -35.94 28.64 5.81
N GLY A 132 -35.13 28.63 6.88
CA GLY A 132 -34.90 29.78 7.76
C GLY A 132 -34.14 30.93 7.08
N LYS A 133 -34.39 32.17 7.52
CA LYS A 133 -33.66 33.39 7.08
C LYS A 133 -32.17 33.33 7.45
N GLY B 1 4.96 -4.31 22.91
CA GLY B 1 6.07 -4.72 22.01
C GLY B 1 5.65 -5.85 21.08
N PRO B 2 5.50 -5.62 19.76
CA PRO B 2 5.26 -6.66 18.75
C PRO B 2 6.43 -7.65 18.60
N GLY B 3 6.20 -8.76 17.90
CA GLY B 3 7.17 -9.85 17.69
C GLY B 3 7.41 -10.76 18.90
N MET B 4 6.77 -10.48 20.04
CA MET B 4 6.69 -11.32 21.24
C MET B 4 5.23 -11.38 21.76
N PRO B 5 4.82 -12.43 22.49
CA PRO B 5 3.51 -12.48 23.13
C PRO B 5 3.28 -11.30 24.09
N GLU B 6 2.07 -10.73 24.04
CA GLU B 6 1.61 -9.70 25.01
C GLU B 6 1.44 -10.28 26.42
N PRO B 7 1.47 -9.48 27.51
CA PRO B 7 1.35 -9.99 28.89
C PRO B 7 0.09 -10.82 29.17
N ALA B 8 -1.03 -10.49 28.51
CA ALA B 8 -2.31 -11.20 28.61
C ALA B 8 -2.39 -12.48 27.74
N LYS B 9 -1.45 -12.70 26.80
CA LYS B 9 -1.41 -13.86 25.89
C LYS B 9 -0.60 -14.99 26.51
N SER B 10 -1.24 -16.14 26.74
CA SER B 10 -0.60 -17.37 27.22
C SER B 10 0.36 -17.98 26.18
N ALA B 11 1.42 -18.66 26.65
CA ALA B 11 2.31 -19.43 25.79
C ALA B 11 1.58 -20.59 25.08
N PRO B 12 1.96 -20.99 23.84
CA PRO B 12 1.31 -22.07 23.11
C PRO B 12 1.23 -23.38 23.91
N ALA B 13 0.02 -23.93 24.06
CA ALA B 13 -0.23 -25.12 24.86
C ALA B 13 0.41 -26.39 24.23
N PRO B 14 1.02 -27.28 25.03
CA PRO B 14 1.58 -28.54 24.53
C PRO B 14 0.52 -29.47 23.92
N LYS B 15 0.85 -30.09 22.78
CA LYS B 15 0.01 -31.06 22.05
C LYS B 15 0.63 -32.47 22.09
N LYS B 16 -0.19 -33.51 22.00
CA LYS B 16 0.24 -34.92 21.98
C LYS B 16 1.11 -35.22 20.75
N GLY B 17 2.24 -35.92 20.97
CA GLY B 17 3.25 -36.27 19.96
C GLY B 17 4.67 -36.31 20.54
N SER B 18 5.67 -36.33 19.66
CA SER B 18 7.09 -36.30 20.05
C SER B 18 7.50 -34.90 20.57
N LYS B 19 8.15 -34.85 21.74
CA LYS B 19 8.64 -33.61 22.38
C LYS B 19 9.80 -33.01 21.57
N LYS B 20 9.68 -31.73 21.18
CA LYS B 20 10.75 -30.97 20.51
C LYS B 20 11.94 -30.75 21.45
N ALA B 21 13.16 -30.92 20.95
CA ALA B 21 14.39 -30.60 21.68
C ALA B 21 14.51 -29.08 21.95
N VAL B 22 14.99 -28.71 23.14
CA VAL B 22 15.22 -27.30 23.50
C VAL B 22 16.45 -26.76 22.75
N THR B 23 16.24 -25.80 21.85
CA THR B 23 17.30 -25.22 21.01
C THR B 23 18.21 -24.24 21.78
N LYS B 24 19.50 -24.24 21.42
CA LYS B 24 20.51 -23.29 21.93
C LYS B 24 20.70 -22.14 20.93
N ALA B 25 21.02 -20.94 21.41
CA ALA B 25 21.23 -19.75 20.56
C ALA B 25 22.37 -19.96 19.55
N GLN B 26 22.02 -20.01 18.26
CA GLN B 26 22.97 -20.14 17.15
C GLN B 26 23.58 -18.79 16.76
N LYS B 27 24.68 -18.80 15.98
CA LYS B 27 25.16 -17.61 15.24
C LYS B 27 24.07 -17.14 14.27
N LYS B 28 23.64 -15.88 14.39
CA LYS B 28 22.55 -15.29 13.60
C LYS B 28 22.84 -15.34 12.09
N ASP B 29 21.94 -15.97 11.32
CA ASP B 29 21.98 -15.94 9.86
C ASP B 29 21.51 -14.59 9.29
N GLY B 30 22.13 -14.14 8.20
CA GLY B 30 21.90 -12.81 7.61
C GLY B 30 22.41 -11.62 8.44
N LYS B 31 23.18 -11.87 9.51
CA LYS B 31 23.85 -10.83 10.32
C LYS B 31 24.86 -10.03 9.46
N LYS B 32 24.72 -8.70 9.47
CA LYS B 32 25.57 -7.75 8.73
C LYS B 32 25.89 -6.53 9.60
N ARG B 33 27.19 -6.23 9.79
CA ARG B 33 27.67 -5.10 10.64
C ARG B 33 27.30 -3.74 10.03
N LYS B 34 27.50 -3.57 8.72
CA LYS B 34 27.02 -2.41 7.95
C LYS B 34 25.49 -2.47 7.82
N ARG B 35 24.78 -1.58 8.52
CA ARG B 35 23.31 -1.44 8.44
C ARG B 35 22.89 -0.99 7.03
N SER B 36 21.96 -1.72 6.42
CA SER B 36 21.29 -1.32 5.19
C SER B 36 20.37 -0.10 5.41
N ARG B 37 20.08 0.66 4.35
CA ARG B 37 19.14 1.80 4.40
C ARG B 37 17.75 1.31 4.83
N LYS B 38 17.23 1.82 5.94
CA LYS B 38 15.88 1.50 6.46
C LYS B 38 14.82 1.84 5.42
N GLU B 39 13.92 0.89 5.14
CA GLU B 39 12.89 1.01 4.11
C GLU B 39 11.94 2.20 4.39
N SER B 40 11.82 3.11 3.42
CA SER B 40 11.05 4.37 3.54
C SER B 40 9.55 4.23 3.21
N TYR B 41 9.02 3.00 3.18
CA TYR B 41 7.58 2.73 3.19
C TYR B 41 6.91 3.14 4.53
N SER B 42 5.58 2.94 4.64
CA SER B 42 4.75 3.27 5.82
C SER B 42 4.60 4.78 6.12
N ILE B 43 5.59 5.61 5.78
CA ILE B 43 5.62 7.07 5.99
C ILE B 43 4.42 7.82 5.39
N TYR B 44 3.77 7.28 4.34
CA TYR B 44 2.55 7.87 3.77
C TYR B 44 1.44 8.05 4.83
N VAL B 45 1.35 7.15 5.81
CA VAL B 45 0.46 7.30 6.98
C VAL B 45 0.74 8.63 7.72
N TYR B 46 2.01 8.93 8.00
CA TYR B 46 2.43 10.18 8.64
C TYR B 46 2.18 11.41 7.75
N LYS B 47 2.49 11.33 6.45
CA LYS B 47 2.19 12.41 5.48
C LYS B 47 0.69 12.76 5.43
N VAL B 48 -0.18 11.75 5.37
CA VAL B 48 -1.64 11.93 5.47
C VAL B 48 -2.03 12.49 6.84
N LEU B 49 -1.49 11.95 7.95
CA LEU B 49 -1.75 12.45 9.31
C LEU B 49 -1.47 13.96 9.45
N LYS B 50 -0.31 14.43 8.96
CA LYS B 50 0.06 15.86 8.93
C LYS B 50 -1.00 16.75 8.26
N GLN B 51 -1.58 16.28 7.15
CA GLN B 51 -2.63 16.97 6.40
C GLN B 51 -4.01 16.90 7.09
N VAL B 52 -4.36 15.72 7.63
CA VAL B 52 -5.72 15.38 8.11
C VAL B 52 -5.94 15.78 9.57
N HIS B 53 -5.08 15.30 10.48
CA HIS B 53 -5.22 15.49 11.94
C HIS B 53 -3.84 15.55 12.64
N PRO B 54 -3.05 16.62 12.45
CA PRO B 54 -1.70 16.74 13.02
C PRO B 54 -1.66 16.79 14.56
N ASP B 55 -2.77 17.12 15.24
CA ASP B 55 -2.85 17.29 16.70
C ASP B 55 -2.56 16.01 17.51
N THR B 56 -2.80 14.83 16.93
CA THR B 56 -2.51 13.51 17.54
C THR B 56 -1.51 12.75 16.68
N GLY B 57 -0.39 12.28 17.27
CA GLY B 57 0.59 11.42 16.60
C GLY B 57 0.11 9.98 16.41
N ILE B 58 0.99 9.08 15.96
CA ILE B 58 0.72 7.63 15.80
C ILE B 58 1.92 6.77 16.23
N SER B 59 1.70 5.51 16.62
CA SER B 59 2.78 4.55 16.90
C SER B 59 3.21 3.74 15.65
N SER B 60 4.43 3.21 15.67
CA SER B 60 4.93 2.31 14.61
C SER B 60 4.08 1.04 14.48
N LYS B 61 3.62 0.46 15.60
CA LYS B 61 2.66 -0.66 15.63
C LYS B 61 1.33 -0.28 14.97
N ALA B 62 0.76 0.88 15.31
CA ALA B 62 -0.46 1.41 14.69
C ALA B 62 -0.31 1.63 13.17
N MET B 63 0.80 2.23 12.71
CA MET B 63 1.14 2.30 11.28
C MET B 63 1.15 0.90 10.63
N GLY B 64 1.79 -0.10 11.27
CA GLY B 64 1.74 -1.51 10.85
C GLY B 64 0.32 -2.08 10.69
N ILE B 65 -0.57 -1.82 11.66
CA ILE B 65 -2.00 -2.20 11.57
C ILE B 65 -2.69 -1.48 10.39
N MET B 66 -2.45 -0.17 10.20
CA MET B 66 -2.99 0.57 9.06
C MET B 66 -2.52 0.03 7.71
N ASN B 67 -1.28 -0.45 7.60
CA ASN B 67 -0.77 -1.10 6.39
C ASN B 67 -1.60 -2.36 6.06
N SER B 68 -1.97 -3.16 7.06
CA SER B 68 -2.96 -4.25 6.88
C SER B 68 -4.33 -3.71 6.44
N PHE B 69 -4.88 -2.69 7.11
CA PHE B 69 -6.20 -2.09 6.77
C PHE B 69 -6.29 -1.68 5.29
N VAL B 70 -5.27 -1.00 4.74
CA VAL B 70 -5.29 -0.54 3.33
C VAL B 70 -5.10 -1.66 2.31
N ASN B 71 -4.41 -2.76 2.66
CA ASN B 71 -4.37 -3.96 1.81
C ASN B 71 -5.80 -4.52 1.58
N ASP B 72 -6.69 -4.42 2.57
CA ASP B 72 -8.08 -4.92 2.46
C ASP B 72 -8.93 -4.14 1.43
N ILE B 73 -8.92 -2.80 1.45
CA ILE B 73 -9.58 -2.02 0.37
C ILE B 73 -8.87 -2.25 -0.97
N PHE B 74 -7.53 -2.28 -1.02
CA PHE B 74 -6.79 -2.55 -2.25
C PHE B 74 -7.20 -3.90 -2.88
N GLU B 75 -7.35 -4.95 -2.07
CA GLU B 75 -7.86 -6.24 -2.52
C GLU B 75 -9.30 -6.17 -3.06
N ARG B 76 -10.21 -5.42 -2.43
CA ARG B 76 -11.55 -5.17 -2.98
C ARG B 76 -11.51 -4.39 -4.31
N ILE B 77 -10.71 -3.32 -4.40
CA ILE B 77 -10.53 -2.55 -5.65
C ILE B 77 -9.98 -3.43 -6.76
N ALA B 78 -8.87 -4.14 -6.53
CA ALA B 78 -8.28 -5.06 -7.50
C ALA B 78 -9.26 -6.19 -7.90
N GLY B 79 -9.99 -6.77 -6.95
CA GLY B 79 -11.04 -7.76 -7.19
C GLY B 79 -12.18 -7.26 -8.09
N GLU B 80 -12.77 -6.11 -7.76
CA GLU B 80 -13.80 -5.48 -8.60
C GLU B 80 -13.26 -5.06 -9.97
N ALA B 81 -12.05 -4.50 -10.04
CA ALA B 81 -11.39 -4.17 -11.31
C ALA B 81 -11.12 -5.43 -12.17
N SER B 82 -10.71 -6.54 -11.56
CA SER B 82 -10.58 -7.86 -12.20
C SER B 82 -11.94 -8.35 -12.75
N ARG B 83 -13.01 -8.27 -11.96
CA ARG B 83 -14.39 -8.59 -12.40
C ARG B 83 -14.82 -7.72 -13.60
N LEU B 84 -14.58 -6.41 -13.57
CA LEU B 84 -14.77 -5.51 -14.72
C LEU B 84 -13.95 -5.96 -15.94
N ALA B 85 -12.66 -6.31 -15.75
CA ALA B 85 -11.83 -6.87 -16.81
C ALA B 85 -12.45 -8.15 -17.42
N HIS B 86 -12.97 -9.08 -16.61
CA HIS B 86 -13.70 -10.27 -17.08
C HIS B 86 -14.91 -9.91 -17.95
N TYR B 87 -15.78 -9.01 -17.50
CA TYR B 87 -16.90 -8.48 -18.31
C TYR B 87 -16.43 -7.87 -19.64
N ASN B 88 -15.30 -7.16 -19.64
CA ASN B 88 -14.66 -6.57 -20.83
C ASN B 88 -13.79 -7.56 -21.63
N LYS B 89 -13.73 -8.85 -21.23
CA LYS B 89 -12.91 -9.93 -21.82
C LYS B 89 -11.40 -9.61 -21.91
N ARG B 90 -10.87 -8.87 -20.93
CA ARG B 90 -9.45 -8.49 -20.79
C ARG B 90 -8.73 -9.31 -19.71
N SER B 91 -7.44 -9.59 -19.96
CA SER B 91 -6.51 -10.19 -18.99
C SER B 91 -5.89 -9.12 -18.07
N THR B 92 -5.32 -8.06 -18.66
CA THR B 92 -4.74 -6.91 -17.95
C THR B 92 -5.81 -5.90 -17.52
N ILE B 93 -5.83 -5.54 -16.24
CA ILE B 93 -6.72 -4.51 -15.67
C ILE B 93 -6.35 -3.11 -16.18
N THR B 94 -7.33 -2.30 -16.61
CA THR B 94 -7.11 -0.93 -17.13
C THR B 94 -7.18 0.16 -16.05
N SER B 95 -6.62 1.34 -16.35
CA SER B 95 -6.76 2.58 -15.57
C SER B 95 -8.23 2.91 -15.26
N ARG B 96 -9.11 2.82 -16.27
CA ARG B 96 -10.56 3.06 -16.13
C ARG B 96 -11.21 2.04 -15.21
N GLU B 97 -10.89 0.75 -15.37
CA GLU B 97 -11.41 -0.32 -14.51
C GLU B 97 -11.04 -0.12 -13.04
N ILE B 98 -9.81 0.33 -12.73
CA ILE B 98 -9.41 0.75 -11.37
C ILE B 98 -10.27 1.92 -10.87
N GLN B 99 -10.38 3.02 -11.64
CA GLN B 99 -11.19 4.19 -11.27
C GLN B 99 -12.67 3.83 -11.01
N THR B 100 -13.27 2.99 -11.86
CA THR B 100 -14.62 2.45 -11.66
C THR B 100 -14.69 1.57 -10.41
N ALA B 101 -13.75 0.66 -10.18
CA ALA B 101 -13.70 -0.16 -8.95
C ALA B 101 -13.63 0.68 -7.66
N VAL B 102 -12.83 1.75 -7.64
CA VAL B 102 -12.84 2.77 -6.57
C VAL B 102 -14.26 3.33 -6.36
N ARG B 103 -14.92 3.78 -7.43
CA ARG B 103 -16.29 4.34 -7.39
C ARG B 103 -17.38 3.31 -7.03
N LEU B 104 -17.20 2.02 -7.33
CA LEU B 104 -18.08 0.94 -6.87
C LEU B 104 -18.05 0.78 -5.33
N LEU B 105 -16.88 0.95 -4.69
CA LEU B 105 -16.74 0.98 -3.23
C LEU B 105 -17.14 2.32 -2.60
N LEU B 106 -16.98 3.42 -3.34
CA LEU B 106 -17.31 4.80 -2.94
C LEU B 106 -18.43 5.40 -3.84
N PRO B 107 -19.68 4.91 -3.78
CA PRO B 107 -20.75 5.31 -4.70
C PRO B 107 -21.33 6.71 -4.45
N GLY B 108 -21.27 7.22 -3.21
CA GLY B 108 -21.79 8.54 -2.82
C GLY B 108 -21.12 9.71 -3.56
N GLU B 109 -21.91 10.70 -3.98
CA GLU B 109 -21.45 11.86 -4.77
C GLU B 109 -20.19 12.53 -4.19
N LEU B 110 -20.24 12.96 -2.92
CA LEU B 110 -19.11 13.62 -2.25
C LEU B 110 -17.87 12.72 -2.16
N ALA B 111 -18.05 11.41 -1.94
CA ALA B 111 -16.97 10.44 -1.92
C ALA B 111 -16.31 10.30 -3.30
N LYS B 112 -17.09 10.17 -4.38
CA LYS B 112 -16.61 10.20 -5.77
C LYS B 112 -15.82 11.48 -6.08
N HIS B 113 -16.35 12.65 -5.74
CA HIS B 113 -15.66 13.94 -5.91
C HIS B 113 -14.29 13.94 -5.19
N ALA B 114 -14.28 13.69 -3.88
CA ALA B 114 -13.07 13.68 -3.05
C ALA B 114 -11.99 12.70 -3.57
N VAL B 115 -12.37 11.46 -3.88
CA VAL B 115 -11.41 10.45 -4.36
C VAL B 115 -10.90 10.74 -5.78
N SER B 116 -11.72 11.34 -6.66
CA SER B 116 -11.30 11.77 -8.00
C SER B 116 -10.29 12.92 -7.96
N GLU B 117 -10.47 13.90 -7.07
CA GLU B 117 -9.43 14.89 -6.76
C GLU B 117 -8.14 14.21 -6.23
N GLY B 118 -8.28 13.14 -5.44
CA GLY B 118 -7.18 12.24 -5.06
C GLY B 118 -6.44 11.62 -6.26
N THR B 119 -7.15 11.15 -7.28
CA THR B 119 -6.56 10.69 -8.56
C THR B 119 -5.76 11.82 -9.22
N LYS B 120 -6.35 13.01 -9.37
CA LYS B 120 -5.65 14.19 -9.93
C LYS B 120 -4.36 14.51 -9.15
N ALA B 121 -4.39 14.48 -7.82
CA ALA B 121 -3.21 14.67 -6.97
C ALA B 121 -2.06 13.69 -7.31
N VAL B 122 -2.31 12.38 -7.37
CA VAL B 122 -1.26 11.41 -7.74
C VAL B 122 -0.78 11.56 -9.20
N THR B 123 -1.67 11.93 -10.14
CA THR B 123 -1.29 12.27 -11.52
C THR B 123 -0.40 13.53 -11.59
N LYS B 124 -0.63 14.53 -10.73
CA LYS B 124 0.27 15.68 -10.56
C LYS B 124 1.64 15.28 -9.99
N TYR B 125 1.66 14.39 -8.97
CA TYR B 125 2.91 13.91 -8.36
C TYR B 125 3.87 13.20 -9.33
N THR B 126 3.36 12.50 -10.36
CA THR B 126 4.20 11.87 -11.40
C THR B 126 4.74 12.83 -12.48
N SER B 127 4.29 14.10 -12.50
CA SER B 127 4.78 15.11 -13.44
C SER B 127 6.26 15.46 -13.21
N ALA B 128 7.06 15.46 -14.27
CA ALA B 128 8.48 15.81 -14.24
C ALA B 128 8.71 17.33 -14.37
N LYS B 129 9.68 17.87 -13.61
CA LYS B 129 10.08 19.29 -13.62
C LYS B 129 10.80 19.69 -14.93
N GLY A 1 43.00 -42.67 -9.09
CA GLY A 1 42.61 -41.55 -8.20
C GLY A 1 41.10 -41.47 -8.02
N PRO A 2 40.38 -40.60 -8.76
CA PRO A 2 38.92 -40.45 -8.67
C PRO A 2 38.14 -41.75 -8.92
N GLY A 3 37.18 -42.05 -8.04
CA GLY A 3 36.23 -43.16 -8.19
C GLY A 3 35.06 -42.84 -9.14
N MET A 4 34.07 -43.75 -9.18
CA MET A 4 32.81 -43.54 -9.92
C MET A 4 31.98 -42.42 -9.28
N SER A 5 31.39 -41.55 -10.13
CA SER A 5 30.44 -40.51 -9.70
C SER A 5 29.08 -41.09 -9.26
N GLY A 6 28.42 -40.41 -8.31
CA GLY A 6 27.06 -40.74 -7.86
C GLY A 6 25.96 -40.04 -8.68
N ARG A 7 24.83 -39.74 -8.03
CA ARG A 7 23.72 -38.96 -8.62
C ARG A 7 24.01 -37.46 -8.56
N GLY A 8 24.86 -36.99 -9.50
CA GLY A 8 25.45 -35.65 -9.51
C GLY A 8 26.54 -35.40 -8.45
N LYS A 9 27.00 -36.45 -7.76
CA LYS A 9 28.07 -36.41 -6.75
C LYS A 9 29.44 -36.66 -7.40
N GLN A 10 30.36 -35.70 -7.29
CA GLN A 10 31.73 -35.77 -7.82
C GLN A 10 32.74 -35.58 -6.67
N GLY A 11 33.45 -36.64 -6.29
CA GLY A 11 34.25 -36.68 -5.06
C GLY A 11 33.38 -36.55 -3.80
N GLY A 12 32.32 -37.35 -3.71
CA GLY A 12 31.20 -37.16 -2.79
C GLY A 12 30.27 -35.99 -3.17
N LYS A 13 29.31 -35.64 -2.31
CA LYS A 13 28.42 -34.48 -2.55
C LYS A 13 29.20 -33.17 -2.37
N ALA A 14 29.25 -32.35 -3.41
CA ALA A 14 29.89 -31.03 -3.37
C ALA A 14 29.16 -30.08 -2.41
N ARG A 15 29.90 -29.38 -1.54
CA ARG A 15 29.35 -28.39 -0.59
C ARG A 15 28.68 -27.23 -1.34
N ALA A 16 27.44 -26.92 -0.98
CA ALA A 16 26.70 -25.78 -1.53
C ALA A 16 27.39 -24.44 -1.16
N LYS A 17 27.80 -23.66 -2.18
CA LYS A 17 28.43 -22.35 -1.99
C LYS A 17 27.46 -21.34 -1.35
N ALA A 18 27.95 -20.52 -0.42
CA ALA A 18 27.16 -19.45 0.20
C ALA A 18 26.74 -18.40 -0.85
N LYS A 19 25.44 -18.16 -0.99
CA LYS A 19 24.88 -17.18 -1.93
C LYS A 19 25.30 -15.75 -1.55
N THR A 20 25.72 -14.96 -2.55
CA THR A 20 25.99 -13.52 -2.40
C THR A 20 24.71 -12.72 -2.13
N ARG A 21 24.83 -11.49 -1.61
CA ARG A 21 23.69 -10.59 -1.35
C ARG A 21 22.97 -10.23 -2.65
N SER A 22 21.78 -10.80 -2.86
CA SER A 22 20.97 -10.63 -4.07
C SER A 22 20.11 -9.36 -4.05
N SER A 23 19.77 -8.86 -2.85
CA SER A 23 19.13 -7.55 -2.66
C SER A 23 20.02 -6.42 -3.21
N ARG A 24 19.52 -5.66 -4.19
CA ARG A 24 20.25 -4.57 -4.86
C ARG A 24 20.43 -3.36 -3.92
N ALA A 25 21.67 -2.99 -3.65
CA ALA A 25 22.01 -1.84 -2.82
C ALA A 25 21.60 -0.50 -3.46
N GLY A 26 21.16 0.46 -2.63
CA GLY A 26 20.64 1.76 -3.07
C GLY A 26 19.66 2.38 -2.06
N LEU A 27 19.16 3.58 -2.36
CA LEU A 27 18.18 4.29 -1.53
C LEU A 27 16.79 3.61 -1.57
N GLN A 28 16.15 3.53 -0.40
CA GLN A 28 14.72 3.19 -0.28
C GLN A 28 13.86 4.46 -0.36
N PHE A 29 12.73 4.39 -1.07
CA PHE A 29 11.77 5.49 -1.21
C PHE A 29 10.36 5.06 -0.76
N PRO A 30 9.50 6.00 -0.30
CA PRO A 30 8.09 5.73 0.05
C PRO A 30 7.30 4.97 -1.03
N VAL A 31 7.50 5.32 -2.31
CA VAL A 31 6.88 4.63 -3.47
C VAL A 31 7.30 3.14 -3.58
N GLY A 32 8.54 2.82 -3.18
CA GLY A 32 9.06 1.45 -3.17
C GLY A 32 8.27 0.50 -2.26
N ARG A 33 7.76 1.00 -1.12
CA ARG A 33 6.96 0.19 -0.16
C ARG A 33 5.65 -0.28 -0.79
N VAL A 34 4.88 0.63 -1.40
CA VAL A 34 3.58 0.29 -2.04
C VAL A 34 3.76 -0.57 -3.30
N HIS A 35 4.83 -0.31 -4.08
CA HIS A 35 5.28 -1.16 -5.19
C HIS A 35 5.58 -2.59 -4.74
N ARG A 36 6.42 -2.77 -3.70
CA ARG A 36 6.77 -4.08 -3.12
C ARG A 36 5.56 -4.82 -2.54
N LEU A 37 4.66 -4.13 -1.84
CA LEU A 37 3.39 -4.72 -1.35
C LEU A 37 2.55 -5.30 -2.50
N LEU A 38 2.36 -4.58 -3.60
CA LEU A 38 1.69 -5.13 -4.79
C LEU A 38 2.47 -6.32 -5.40
N ARG A 39 3.79 -6.19 -5.58
CA ARG A 39 4.67 -7.24 -6.13
C ARG A 39 4.56 -8.56 -5.36
N LYS A 40 4.67 -8.51 -4.02
CA LYS A 40 4.55 -9.67 -3.13
C LYS A 40 3.12 -10.20 -3.02
N GLY A 41 2.12 -9.31 -3.04
CA GLY A 41 0.69 -9.66 -3.13
C GLY A 41 0.33 -10.44 -4.40
N ASN A 42 1.01 -10.17 -5.52
CA ASN A 42 0.87 -10.86 -6.82
C ASN A 42 -0.58 -10.88 -7.37
N TYR A 43 -1.34 -9.80 -7.12
CA TYR A 43 -2.76 -9.72 -7.44
C TYR A 43 -3.07 -9.59 -8.95
N SER A 44 -2.13 -9.07 -9.74
CA SER A 44 -2.21 -8.93 -11.21
C SER A 44 -0.99 -9.53 -11.92
N GLU A 45 -1.12 -9.78 -13.23
CA GLU A 45 -0.07 -10.41 -14.06
C GLU A 45 1.21 -9.55 -14.16
N ARG A 46 1.04 -8.24 -14.43
CA ARG A 46 2.13 -7.25 -14.53
C ARG A 46 2.05 -6.22 -13.41
N VAL A 47 3.18 -5.98 -12.74
CA VAL A 47 3.28 -5.10 -11.56
C VAL A 47 3.92 -3.77 -11.97
N GLY A 48 3.08 -2.77 -12.23
CA GLY A 48 3.48 -1.38 -12.46
C GLY A 48 4.02 -0.69 -11.20
N ALA A 49 4.99 0.23 -11.35
CA ALA A 49 5.53 1.04 -10.24
C ALA A 49 4.57 2.15 -9.79
N GLY A 50 4.19 3.07 -10.69
CA GLY A 50 3.25 4.17 -10.42
C GLY A 50 1.82 3.75 -10.06
N ALA A 51 1.29 2.65 -10.61
CA ALA A 51 -0.07 2.17 -10.37
C ALA A 51 -0.44 2.04 -8.86
N PRO A 52 0.26 1.24 -8.02
CA PRO A 52 0.00 1.20 -6.58
C PRO A 52 0.19 2.56 -5.90
N VAL A 53 1.12 3.41 -6.34
CA VAL A 53 1.29 4.79 -5.82
C VAL A 53 0.04 5.64 -6.07
N TYR A 54 -0.57 5.56 -7.25
CA TYR A 54 -1.81 6.29 -7.55
C TYR A 54 -3.06 5.67 -6.93
N LEU A 55 -3.20 4.35 -6.89
CA LEU A 55 -4.23 3.67 -6.06
C LEU A 55 -4.10 4.12 -4.60
N ALA A 56 -2.88 4.18 -4.07
CA ALA A 56 -2.59 4.75 -2.76
C ALA A 56 -2.93 6.25 -2.66
N ALA A 57 -2.71 7.06 -3.69
CA ALA A 57 -3.14 8.46 -3.74
C ALA A 57 -4.65 8.62 -3.53
N VAL A 58 -5.48 7.76 -4.14
CA VAL A 58 -6.93 7.67 -3.84
C VAL A 58 -7.18 7.30 -2.37
N LEU A 59 -6.56 6.20 -1.92
CA LEU A 59 -6.80 5.63 -0.60
C LEU A 59 -6.30 6.52 0.56
N GLU A 60 -5.36 7.44 0.32
CA GLU A 60 -4.97 8.49 1.29
C GLU A 60 -6.19 9.22 1.86
N TYR A 61 -7.11 9.67 1.00
CA TYR A 61 -8.32 10.39 1.44
C TYR A 61 -9.25 9.52 2.31
N LEU A 62 -9.26 8.20 2.10
CA LEU A 62 -9.96 7.25 2.97
C LEU A 62 -9.23 7.05 4.31
N THR A 63 -7.93 6.76 4.28
CA THR A 63 -7.15 6.51 5.51
C THR A 63 -6.90 7.77 6.35
N ALA A 64 -7.00 8.97 5.76
CA ALA A 64 -7.12 10.23 6.49
C ALA A 64 -8.37 10.27 7.38
N GLU A 65 -9.54 9.80 6.90
CA GLU A 65 -10.74 9.65 7.73
C GLU A 65 -10.54 8.60 8.84
N ILE A 66 -9.85 7.48 8.56
CA ILE A 66 -9.42 6.54 9.62
C ILE A 66 -8.58 7.27 10.67
N LEU A 67 -7.52 8.00 10.29
CA LEU A 67 -6.67 8.74 11.23
C LEU A 67 -7.39 9.89 11.95
N GLU A 68 -8.40 10.53 11.36
CA GLU A 68 -9.26 11.50 12.03
C GLU A 68 -10.08 10.84 13.15
N LEU A 69 -10.82 9.76 12.83
CA LEU A 69 -11.60 8.99 13.80
C LEU A 69 -10.69 8.34 14.88
N ALA A 70 -9.54 7.79 14.49
CA ALA A 70 -8.53 7.27 15.40
C ALA A 70 -7.93 8.37 16.28
N GLY A 71 -7.71 9.58 15.75
CA GLY A 71 -7.35 10.78 16.52
C GLY A 71 -8.39 11.15 17.58
N ASN A 72 -9.68 11.07 17.25
CA ASN A 72 -10.77 11.24 18.23
C ASN A 72 -10.72 10.14 19.32
N ALA A 73 -10.52 8.87 18.96
CA ALA A 73 -10.28 7.79 19.91
C ALA A 73 -9.04 8.06 20.80
N ALA A 74 -7.93 8.54 20.23
CA ALA A 74 -6.73 8.93 20.96
C ALA A 74 -7.01 10.06 21.97
N ARG A 75 -7.71 11.14 21.57
CA ARG A 75 -8.21 12.21 22.47
C ARG A 75 -9.04 11.64 23.63
N ASP A 76 -10.01 10.77 23.35
CA ASP A 76 -10.82 10.10 24.38
C ASP A 76 -10.01 9.26 25.38
N ASN A 77 -8.92 8.62 24.91
CA ASN A 77 -7.97 7.86 25.74
C ASN A 77 -6.83 8.75 26.33
N LYS A 78 -6.85 10.07 26.09
CA LYS A 78 -5.80 11.05 26.47
C LYS A 78 -4.39 10.72 25.95
N LYS A 79 -4.30 10.10 24.77
CA LYS A 79 -3.05 9.69 24.10
C LYS A 79 -2.70 10.61 22.93
N THR A 80 -1.39 10.70 22.63
CA THR A 80 -0.80 11.43 21.50
C THR A 80 -0.23 10.51 20.41
N ARG A 81 -0.53 9.20 20.45
CA ARG A 81 -0.14 8.24 19.41
C ARG A 81 -1.31 7.34 19.02
N ILE A 82 -1.60 7.28 17.72
CA ILE A 82 -2.59 6.34 17.15
C ILE A 82 -2.01 4.92 17.19
N ILE A 83 -2.78 3.98 17.76
CA ILE A 83 -2.44 2.55 17.89
C ILE A 83 -3.50 1.66 17.19
N PRO A 84 -3.24 0.35 16.97
CA PRO A 84 -4.21 -0.60 16.41
C PRO A 84 -5.63 -0.51 16.98
N ARG A 85 -5.78 -0.37 18.30
CA ARG A 85 -7.10 -0.23 18.97
C ARG A 85 -7.88 1.01 18.49
N HIS A 86 -7.21 2.15 18.30
CA HIS A 86 -7.80 3.37 17.73
C HIS A 86 -8.22 3.17 16.27
N LEU A 87 -7.39 2.49 15.47
CA LEU A 87 -7.71 2.14 14.08
C LEU A 87 -8.92 1.18 14.00
N GLN A 88 -8.98 0.16 14.86
CA GLN A 88 -10.13 -0.73 15.01
C GLN A 88 -11.41 0.05 15.34
N LEU A 89 -11.39 0.93 16.35
CA LEU A 89 -12.51 1.83 16.67
C LEU A 89 -12.91 2.70 15.46
N ALA A 90 -11.94 3.32 14.77
CA ALA A 90 -12.18 4.11 13.57
C ALA A 90 -12.93 3.32 12.48
N ILE A 91 -12.43 2.13 12.09
CA ILE A 91 -13.10 1.30 11.07
C ILE A 91 -14.46 0.72 11.53
N ARG A 92 -14.62 0.46 12.84
CA ARG A 92 -15.90 0.02 13.45
C ARG A 92 -16.97 1.11 13.39
N ASN A 93 -16.61 2.37 13.66
CA ASN A 93 -17.56 3.47 13.81
C ASN A 93 -18.11 4.07 12.50
N ASP A 94 -17.59 3.68 11.32
CA ASP A 94 -18.09 4.13 10.00
C ASP A 94 -18.48 2.94 9.12
N GLU A 95 -19.73 2.88 8.67
CA GLU A 95 -20.26 1.81 7.80
C GLU A 95 -19.41 1.62 6.53
N GLU A 96 -18.94 2.70 5.90
CA GLU A 96 -18.10 2.64 4.69
C GLU A 96 -16.73 1.98 4.95
N LEU A 97 -16.18 2.10 6.18
CA LEU A 97 -14.95 1.41 6.57
C LEU A 97 -15.22 -0.08 6.88
N ASN A 98 -16.30 -0.41 7.61
CA ASN A 98 -16.75 -1.80 7.82
C ASN A 98 -16.95 -2.56 6.48
N LYS A 99 -17.60 -1.93 5.48
CA LYS A 99 -17.83 -2.49 4.13
C LYS A 99 -16.53 -2.91 3.40
N LEU A 100 -15.40 -2.27 3.74
CA LEU A 100 -14.08 -2.58 3.20
C LEU A 100 -13.37 -3.63 4.09
N LEU A 101 -12.48 -3.23 5.01
CA LEU A 101 -11.86 -4.18 5.94
C LEU A 101 -12.89 -4.67 6.98
N GLY A 102 -13.23 -5.96 6.91
CA GLY A 102 -14.21 -6.63 7.78
C GLY A 102 -15.22 -7.48 7.00
N ARG A 103 -15.53 -7.11 5.76
CA ARG A 103 -16.40 -7.89 4.84
C ARG A 103 -15.72 -9.22 4.44
N VAL A 104 -14.45 -9.16 4.06
CA VAL A 104 -13.61 -10.34 3.80
C VAL A 104 -13.09 -10.92 5.11
N THR A 105 -13.22 -12.24 5.30
CA THR A 105 -12.62 -12.96 6.44
C THR A 105 -11.11 -13.04 6.25
N ILE A 106 -10.34 -12.31 7.08
CA ILE A 106 -8.88 -12.29 7.00
C ILE A 106 -8.29 -13.56 7.63
N ALA A 107 -7.55 -14.35 6.85
CA ALA A 107 -6.94 -15.60 7.30
C ALA A 107 -5.74 -15.37 8.24
N GLN A 108 -4.93 -14.33 7.96
CA GLN A 108 -3.81 -13.90 8.80
C GLN A 108 -4.27 -13.24 10.12
N GLY A 109 -3.40 -13.22 11.13
CA GLY A 109 -3.70 -12.75 12.49
C GLY A 109 -4.56 -13.70 13.34
N GLY A 110 -4.92 -14.87 12.81
CA GLY A 110 -5.46 -15.99 13.58
C GLY A 110 -4.42 -16.66 14.51
N VAL A 111 -4.84 -17.71 15.23
CA VAL A 111 -3.96 -18.46 16.15
C VAL A 111 -3.01 -19.36 15.33
N LEU A 112 -1.71 -19.02 15.33
CA LEU A 112 -0.65 -19.86 14.77
C LEU A 112 -0.39 -21.10 15.66
N PRO A 113 0.06 -22.24 15.10
CA PRO A 113 0.40 -23.44 15.87
C PRO A 113 1.43 -23.17 16.99
N ASN A 114 1.18 -23.70 18.19
CA ASN A 114 2.02 -23.48 19.37
C ASN A 114 3.27 -24.37 19.35
N ILE A 115 4.37 -23.85 18.79
CA ILE A 115 5.65 -24.57 18.66
C ILE A 115 6.26 -24.95 20.02
N GLN A 116 6.88 -26.13 20.08
CA GLN A 116 7.56 -26.64 21.28
C GLN A 116 9.06 -26.30 21.32
N ALA A 117 9.66 -25.99 20.16
CA ALA A 117 10.94 -25.28 20.05
C ALA A 117 10.87 -23.86 20.64
N VAL A 118 12.02 -23.28 21.00
CA VAL A 118 12.11 -21.88 21.46
C VAL A 118 11.75 -20.92 20.31
N LEU A 119 10.73 -20.07 20.52
CA LEU A 119 10.38 -19.00 19.58
C LEU A 119 11.46 -17.90 19.64
N LEU A 120 12.31 -17.82 18.62
CA LEU A 120 13.35 -16.78 18.52
C LEU A 120 12.72 -15.37 18.37
N PRO A 121 13.28 -14.34 19.02
CA PRO A 121 12.85 -12.95 18.81
C PRO A 121 13.01 -12.53 17.34
N LYS A 122 12.09 -11.70 16.84
CA LYS A 122 12.20 -11.09 15.50
C LYS A 122 13.51 -10.31 15.38
N LYS A 123 14.34 -10.64 14.37
CA LYS A 123 15.59 -9.93 14.06
C LYS A 123 15.31 -8.46 13.78
N THR A 124 15.88 -7.55 14.57
CA THR A 124 15.71 -6.09 14.43
C THR A 124 16.13 -5.64 13.03
N GLU A 125 15.23 -4.99 12.30
CA GLU A 125 15.50 -4.56 10.91
C GLU A 125 16.54 -3.43 10.89
N SER A 126 17.73 -3.74 10.36
CA SER A 126 18.88 -2.82 10.30
C SER A 126 19.33 -2.68 8.84
N HIS A 127 19.28 -1.45 8.31
CA HIS A 127 19.63 -1.16 6.92
C HIS A 127 21.15 -0.93 6.77
N HIS A 128 21.77 -1.63 5.82
CA HIS A 128 23.21 -1.54 5.55
C HIS A 128 23.57 -0.23 4.83
N LYS A 129 24.64 0.43 5.29
CA LYS A 129 25.17 1.67 4.69
C LYS A 129 26.38 1.38 3.79
N ALA A 130 26.54 2.16 2.72
CA ALA A 130 27.70 2.07 1.83
C ALA A 130 29.02 2.45 2.56
N LYS A 131 30.12 1.74 2.27
CA LYS A 131 31.45 1.99 2.86
C LYS A 131 31.97 3.38 2.48
N GLY A 132 32.39 4.16 3.47
CA GLY A 132 33.00 5.49 3.28
C GLY A 132 34.31 5.43 2.48
N LYS A 133 34.45 6.31 1.48
CA LYS A 133 35.64 6.44 0.61
C LYS A 133 36.59 7.55 1.07
N GLY B 1 10.57 60.52 36.58
CA GLY B 1 9.88 60.61 35.26
C GLY B 1 8.36 60.59 35.40
N PRO B 2 7.64 60.08 34.38
CA PRO B 2 6.16 60.14 34.31
C PRO B 2 5.42 59.00 35.04
N GLY B 3 6.15 58.06 35.66
CA GLY B 3 5.58 56.88 36.32
C GLY B 3 5.07 55.78 35.36
N MET B 4 5.43 55.86 34.08
CA MET B 4 5.14 54.86 33.04
C MET B 4 6.26 53.80 32.94
N PRO B 5 6.00 52.59 32.41
CA PRO B 5 7.04 51.59 32.13
C PRO B 5 8.12 52.13 31.18
N GLU B 6 9.38 52.09 31.59
CA GLU B 6 10.53 52.57 30.79
C GLU B 6 10.95 51.52 29.75
N PRO B 7 11.03 51.85 28.43
CA PRO B 7 11.35 50.88 27.38
C PRO B 7 12.69 50.14 27.56
N ALA B 8 13.71 50.84 28.09
CA ALA B 8 15.05 50.29 28.34
C ALA B 8 15.16 49.43 29.62
N LYS B 9 14.16 49.43 30.50
CA LYS B 9 14.15 48.69 31.77
C LYS B 9 13.67 47.25 31.55
N SER B 10 14.53 46.28 31.88
CA SER B 10 14.27 44.84 31.72
C SER B 10 13.27 44.29 32.76
N ALA B 11 13.42 44.72 34.03
CA ALA B 11 12.48 44.41 35.11
C ALA B 11 11.07 45.00 34.85
N PRO B 12 9.98 44.31 35.25
CA PRO B 12 8.62 44.85 35.17
C PRO B 12 8.45 46.13 36.00
N ALA B 13 7.55 47.01 35.57
CA ALA B 13 7.17 48.21 36.34
C ALA B 13 6.47 47.84 37.68
N PRO B 14 6.60 48.66 38.74
CA PRO B 14 5.99 48.37 40.05
C PRO B 14 4.47 48.20 39.99
N LYS B 15 3.94 47.16 40.66
CA LYS B 15 2.50 46.92 40.79
C LYS B 15 1.94 47.75 41.96
N LYS B 16 1.18 48.81 41.63
CA LYS B 16 0.59 49.78 42.57
C LYS B 16 -0.93 49.59 42.77
N GLY B 17 -1.46 48.43 42.38
CA GLY B 17 -2.90 48.11 42.36
C GLY B 17 -3.71 48.87 41.30
N SER B 18 -3.04 49.51 40.33
CA SER B 18 -3.65 50.21 39.19
C SER B 18 -4.19 49.24 38.12
N LYS B 19 -5.18 49.69 37.33
CA LYS B 19 -5.72 48.94 36.18
C LYS B 19 -4.71 48.90 35.03
N LYS B 20 -4.51 47.72 34.42
CA LYS B 20 -3.65 47.54 33.23
C LYS B 20 -4.23 48.27 32.01
N ALA B 21 -3.36 48.83 31.16
CA ALA B 21 -3.75 49.44 29.90
C ALA B 21 -4.35 48.39 28.92
N VAL B 22 -5.41 48.77 28.21
CA VAL B 22 -6.06 47.89 27.22
C VAL B 22 -5.18 47.80 25.96
N THR B 23 -4.67 46.60 25.66
CA THR B 23 -3.80 46.33 24.50
C THR B 23 -4.58 46.30 23.18
N LYS B 24 -3.88 46.51 22.05
CA LYS B 24 -4.47 46.46 20.70
C LYS B 24 -5.08 45.09 20.41
N ALA B 25 -6.39 45.05 20.15
CA ALA B 25 -7.11 43.83 19.77
C ALA B 25 -6.54 43.25 18.45
N GLN B 26 -6.03 42.02 18.50
CA GLN B 26 -5.41 41.36 17.35
C GLN B 26 -6.45 40.91 16.32
N LYS B 27 -6.13 41.02 15.02
CA LYS B 27 -6.98 40.54 13.92
C LYS B 27 -7.17 39.01 13.98
N LYS B 28 -8.37 38.53 13.65
CA LYS B 28 -8.67 37.09 13.51
C LYS B 28 -7.84 36.47 12.39
N ASP B 29 -7.44 35.21 12.55
CA ASP B 29 -6.71 34.46 11.51
C ASP B 29 -7.60 34.16 10.29
N GLY B 30 -7.16 34.58 9.10
CA GLY B 30 -7.74 34.15 7.82
C GLY B 30 -7.55 32.64 7.58
N LYS B 31 -8.36 32.05 6.69
CA LYS B 31 -8.26 30.63 6.31
C LYS B 31 -6.86 30.29 5.79
N LYS B 32 -6.09 29.52 6.58
CA LYS B 32 -4.79 28.95 6.19
C LYS B 32 -4.95 28.01 4.99
N ARG B 33 -3.94 27.91 4.12
CA ARG B 33 -3.96 27.01 2.95
C ARG B 33 -4.09 25.54 3.39
N LYS B 34 -5.29 24.98 3.27
CA LYS B 34 -5.56 23.54 3.46
C LYS B 34 -4.96 22.75 2.30
N ARG B 35 -4.38 21.57 2.58
CA ARG B 35 -3.74 20.72 1.56
C ARG B 35 -4.79 20.15 0.59
N SER B 36 -4.82 20.67 -0.64
CA SER B 36 -5.70 20.17 -1.71
C SER B 36 -5.13 18.89 -2.33
N ARG B 37 -3.84 18.91 -2.71
CA ARG B 37 -3.06 17.74 -3.13
C ARG B 37 -2.58 16.94 -1.91
N LYS B 38 -3.15 15.75 -1.71
CA LYS B 38 -2.70 14.74 -0.73
C LYS B 38 -2.48 13.40 -1.44
N GLU B 39 -1.36 12.74 -1.17
CA GLU B 39 -0.95 11.52 -1.91
C GLU B 39 -0.39 10.42 -0.98
N SER B 40 -0.88 9.19 -1.19
CA SER B 40 -0.44 7.86 -0.70
C SER B 40 -0.82 7.42 0.74
N TYR B 41 -1.13 6.12 0.90
CA TYR B 41 -2.25 5.65 1.72
C TYR B 41 -2.00 5.27 3.20
N SER B 42 -0.75 5.21 3.63
CA SER B 42 -0.36 4.67 4.94
C SER B 42 1.07 5.16 5.25
N ILE B 43 1.99 4.76 4.36
CA ILE B 43 3.37 5.26 4.24
C ILE B 43 3.43 6.80 4.28
N TYR B 44 2.62 7.47 3.45
CA TYR B 44 2.55 8.94 3.35
C TYR B 44 1.49 9.58 4.26
N VAL B 45 0.27 9.03 4.40
CA VAL B 45 -0.87 9.68 5.10
C VAL B 45 -0.56 10.18 6.51
N TYR B 46 0.41 9.57 7.20
CA TYR B 46 1.03 10.07 8.44
C TYR B 46 1.40 11.58 8.37
N LYS B 47 1.82 12.10 7.21
CA LYS B 47 2.03 13.54 6.96
C LYS B 47 0.86 14.44 7.37
N VAL B 48 -0.39 13.97 7.25
CA VAL B 48 -1.59 14.69 7.74
C VAL B 48 -1.45 14.98 9.24
N LEU B 49 -1.13 13.97 10.05
CA LEU B 49 -0.86 14.16 11.49
C LEU B 49 0.35 15.09 11.70
N LYS B 50 1.50 14.81 11.06
CA LYS B 50 2.73 15.63 11.17
C LYS B 50 2.49 17.13 10.92
N GLN B 51 1.65 17.47 9.93
CA GLN B 51 1.31 18.86 9.59
C GLN B 51 0.22 19.45 10.51
N VAL B 52 -0.90 18.76 10.72
CA VAL B 52 -2.07 19.28 11.47
C VAL B 52 -1.79 19.32 12.98
N HIS B 53 -1.27 18.23 13.55
CA HIS B 53 -0.94 18.09 14.98
C HIS B 53 0.49 17.53 15.15
N PRO B 54 1.54 18.37 15.14
CA PRO B 54 2.94 17.93 15.21
C PRO B 54 3.28 17.04 16.43
N ASP B 55 2.61 17.24 17.57
CA ASP B 55 2.76 16.40 18.77
C ASP B 55 2.17 14.98 18.62
N THR B 56 1.28 14.76 17.66
CA THR B 56 0.56 13.49 17.46
C THR B 56 1.26 12.59 16.43
N GLY B 57 1.42 11.31 16.77
CA GLY B 57 2.08 10.30 15.93
C GLY B 57 1.27 9.02 15.70
N ILE B 58 1.89 8.02 15.08
CA ILE B 58 1.39 6.64 14.92
C ILE B 58 2.39 5.64 15.54
N SER B 59 1.97 4.40 15.83
CA SER B 59 2.89 3.30 16.17
C SER B 59 3.36 2.53 14.94
N SER B 60 4.44 1.74 15.10
CA SER B 60 4.89 0.74 14.11
C SER B 60 3.78 -0.27 13.77
N LYS B 61 3.03 -0.72 14.79
CA LYS B 61 1.86 -1.58 14.63
C LYS B 61 0.71 -0.88 13.89
N ALA B 62 0.45 0.39 14.17
CA ALA B 62 -0.55 1.20 13.47
C ALA B 62 -0.27 1.31 11.96
N MET B 63 0.99 1.58 11.57
CA MET B 63 1.44 1.48 10.17
C MET B 63 1.10 0.09 9.58
N GLY B 64 1.42 -0.99 10.29
CA GLY B 64 1.06 -2.37 9.93
C GLY B 64 -0.44 -2.60 9.69
N ILE B 65 -1.31 -2.09 10.56
CA ILE B 65 -2.78 -2.18 10.41
C ILE B 65 -3.31 -1.34 9.24
N MET B 66 -2.81 -0.11 9.05
CA MET B 66 -3.14 0.68 7.86
C MET B 66 -2.69 -0.02 6.57
N ASN B 67 -1.50 -0.64 6.55
CA ASN B 67 -1.03 -1.48 5.44
C ASN B 67 -1.95 -2.69 5.21
N SER B 68 -2.36 -3.45 6.23
CA SER B 68 -3.27 -4.60 6.04
C SER B 68 -4.66 -4.19 5.54
N PHE B 69 -5.21 -3.07 6.05
CA PHE B 69 -6.44 -2.44 5.55
C PHE B 69 -6.38 -2.19 4.03
N VAL B 70 -5.36 -1.48 3.55
CA VAL B 70 -5.23 -1.17 2.11
C VAL B 70 -4.83 -2.38 1.26
N ASN B 71 -4.07 -3.33 1.80
CA ASN B 71 -3.74 -4.60 1.14
C ASN B 71 -5.00 -5.43 0.84
N ASP B 72 -5.93 -5.53 1.79
CA ASP B 72 -7.24 -6.16 1.55
C ASP B 72 -8.02 -5.46 0.42
N ILE B 73 -8.00 -4.12 0.38
CA ILE B 73 -8.61 -3.36 -0.71
C ILE B 73 -7.90 -3.65 -2.05
N PHE B 74 -6.57 -3.71 -2.11
CA PHE B 74 -5.83 -4.12 -3.33
C PHE B 74 -6.28 -5.50 -3.85
N GLU B 75 -6.44 -6.50 -2.97
CA GLU B 75 -7.02 -7.80 -3.35
C GLU B 75 -8.42 -7.64 -3.96
N ARG B 76 -9.32 -6.88 -3.32
CA ARG B 76 -10.68 -6.60 -3.82
C ARG B 76 -10.67 -5.85 -5.15
N ILE B 77 -9.83 -4.84 -5.35
CA ILE B 77 -9.65 -4.12 -6.63
C ILE B 77 -9.35 -5.12 -7.75
N ALA B 78 -8.35 -5.99 -7.59
CA ALA B 78 -8.00 -6.99 -8.58
C ALA B 78 -9.15 -7.99 -8.87
N GLY B 79 -9.80 -8.51 -7.83
CA GLY B 79 -10.97 -9.39 -7.95
C GLY B 79 -12.13 -8.75 -8.73
N GLU B 80 -12.53 -7.54 -8.35
CA GLU B 80 -13.57 -6.78 -9.05
C GLU B 80 -13.17 -6.42 -10.49
N ALA B 81 -11.92 -6.01 -10.74
CA ALA B 81 -11.42 -5.75 -12.09
C ALA B 81 -11.49 -7.00 -12.99
N SER B 82 -11.12 -8.18 -12.47
CA SER B 82 -11.28 -9.47 -13.14
C SER B 82 -12.74 -9.75 -13.51
N ARG B 83 -13.66 -9.68 -12.52
CA ARG B 83 -15.12 -9.81 -12.74
C ARG B 83 -15.63 -8.88 -13.83
N LEU B 84 -15.37 -7.57 -13.71
CA LEU B 84 -15.79 -6.55 -14.67
C LEU B 84 -15.25 -6.81 -16.09
N ALA B 85 -13.96 -7.17 -16.24
CA ALA B 85 -13.38 -7.57 -17.53
C ALA B 85 -14.16 -8.75 -18.16
N HIS B 86 -14.48 -9.80 -17.39
CA HIS B 86 -15.29 -10.93 -17.86
C HIS B 86 -16.73 -10.51 -18.23
N TYR B 87 -17.39 -9.69 -17.42
CA TYR B 87 -18.73 -9.15 -17.70
C TYR B 87 -18.76 -8.29 -18.97
N ASN B 88 -17.67 -7.54 -19.24
CA ASN B 88 -17.45 -6.78 -20.48
C ASN B 88 -16.79 -7.62 -21.60
N LYS B 89 -16.80 -8.95 -21.48
CA LYS B 89 -16.36 -9.96 -22.48
C LYS B 89 -14.93 -9.78 -22.99
N ARG B 90 -14.03 -9.22 -22.16
CA ARG B 90 -12.60 -8.99 -22.50
C ARG B 90 -11.74 -10.24 -22.30
N SER B 91 -10.65 -10.33 -23.06
CA SER B 91 -9.59 -11.33 -22.89
C SER B 91 -8.74 -11.10 -21.63
N THR B 92 -8.49 -9.83 -21.28
CA THR B 92 -7.69 -9.41 -20.12
C THR B 92 -8.24 -8.14 -19.44
N ILE B 93 -7.73 -7.84 -18.24
CA ILE B 93 -8.04 -6.63 -17.46
C ILE B 93 -7.39 -5.39 -18.12
N THR B 94 -8.11 -4.27 -18.18
CA THR B 94 -7.61 -2.97 -18.66
C THR B 94 -7.53 -1.93 -17.53
N SER B 95 -6.83 -0.82 -17.76
CA SER B 95 -6.85 0.37 -16.92
C SER B 95 -8.28 0.87 -16.63
N ARG B 96 -9.16 0.87 -17.63
CA ARG B 96 -10.58 1.25 -17.48
C ARG B 96 -11.33 0.30 -16.55
N GLU B 97 -11.16 -1.02 -16.70
CA GLU B 97 -11.75 -1.99 -15.77
C GLU B 97 -11.23 -1.82 -14.33
N ILE B 98 -9.93 -1.56 -14.16
CA ILE B 98 -9.34 -1.22 -12.84
C ILE B 98 -9.99 0.05 -12.26
N GLN B 99 -10.06 1.16 -13.01
CA GLN B 99 -10.70 2.39 -12.54
C GLN B 99 -12.14 2.14 -12.05
N THR B 100 -12.98 1.42 -12.81
CA THR B 100 -14.33 1.04 -12.37
C THR B 100 -14.31 0.17 -11.12
N ALA B 101 -13.45 -0.86 -11.03
CA ALA B 101 -13.28 -1.69 -9.84
C ALA B 101 -12.96 -0.86 -8.57
N VAL B 102 -12.03 0.10 -8.69
CA VAL B 102 -11.70 1.06 -7.61
C VAL B 102 -12.93 1.90 -7.25
N ARG B 103 -13.61 2.51 -8.22
CA ARG B 103 -14.80 3.37 -8.01
C ARG B 103 -15.96 2.65 -7.29
N LEU B 104 -16.22 1.38 -7.62
CA LEU B 104 -17.21 0.54 -6.92
C LEU B 104 -16.91 0.42 -5.41
N LEU B 105 -15.64 0.18 -5.06
CA LEU B 105 -15.18 0.07 -3.68
C LEU B 105 -15.11 1.44 -2.98
N LEU B 106 -14.71 2.49 -3.71
CA LEU B 106 -14.40 3.84 -3.22
C LEU B 106 -15.34 4.89 -3.89
N PRO B 107 -16.59 5.05 -3.42
CA PRO B 107 -17.59 5.97 -4.00
C PRO B 107 -17.37 7.46 -3.63
N GLY B 108 -18.23 8.34 -4.16
CA GLY B 108 -18.26 9.77 -3.84
C GLY B 108 -16.99 10.54 -4.25
N GLU B 109 -16.46 11.38 -3.37
CA GLU B 109 -15.21 12.13 -3.61
C GLU B 109 -14.03 11.18 -3.91
N LEU B 110 -13.99 10.00 -3.28
CA LEU B 110 -12.98 8.97 -3.56
C LEU B 110 -13.08 8.43 -5.00
N ALA B 111 -14.27 8.43 -5.63
CA ALA B 111 -14.44 8.03 -7.02
C ALA B 111 -13.87 9.08 -8.00
N LYS B 112 -14.06 10.37 -7.70
CA LYS B 112 -13.45 11.50 -8.44
C LYS B 112 -11.92 11.40 -8.39
N HIS B 113 -11.35 11.12 -7.21
CA HIS B 113 -9.93 10.77 -7.07
C HIS B 113 -9.56 9.51 -7.87
N ALA B 114 -10.33 8.41 -7.76
CA ALA B 114 -10.06 7.14 -8.46
C ALA B 114 -9.88 7.29 -9.98
N VAL B 115 -10.79 8.01 -10.66
CA VAL B 115 -10.65 8.27 -12.10
C VAL B 115 -9.41 9.13 -12.41
N SER B 116 -9.21 10.25 -11.71
CA SER B 116 -8.06 11.15 -11.93
C SER B 116 -6.71 10.48 -11.66
N GLU B 117 -6.50 9.96 -10.45
CA GLU B 117 -5.23 9.32 -10.06
C GLU B 117 -4.95 8.06 -10.90
N GLY B 118 -5.96 7.21 -11.12
CA GLY B 118 -5.86 6.04 -11.99
C GLY B 118 -5.45 6.39 -13.43
N THR B 119 -5.88 7.54 -13.95
CA THR B 119 -5.42 8.05 -15.27
C THR B 119 -3.98 8.56 -15.20
N LYS B 120 -3.58 9.33 -14.17
CA LYS B 120 -2.19 9.80 -13.99
C LYS B 120 -1.16 8.65 -14.00
N ALA B 121 -1.49 7.50 -13.40
CA ALA B 121 -0.70 6.27 -13.50
C ALA B 121 -0.42 5.89 -14.97
N VAL B 122 -1.49 5.75 -15.77
CA VAL B 122 -1.42 5.44 -17.21
C VAL B 122 -0.62 6.51 -17.96
N THR B 123 -0.83 7.81 -17.69
CA THR B 123 -0.06 8.91 -18.29
C THR B 123 1.46 8.71 -18.14
N LYS B 124 1.95 8.37 -16.93
CA LYS B 124 3.38 8.07 -16.70
C LYS B 124 3.90 6.80 -17.41
N TYR B 125 3.01 5.93 -17.89
CA TYR B 125 3.36 4.77 -18.74
C TYR B 125 3.33 5.12 -20.23
N THR B 126 2.33 5.87 -20.71
CA THR B 126 2.25 6.31 -22.12
C THR B 126 3.32 7.35 -22.49
N SER B 127 3.83 8.12 -21.52
CA SER B 127 4.98 9.03 -21.70
C SER B 127 6.36 8.35 -21.58
N ALA B 128 6.42 7.08 -21.16
CA ALA B 128 7.67 6.29 -21.07
C ALA B 128 8.28 5.94 -22.45
N LYS B 129 9.55 5.52 -22.44
CA LYS B 129 10.33 5.11 -23.63
C LYS B 129 9.65 3.97 -24.42
#